data_2MU3
#
_entry.id   2MU3
#
_cell.length_a   1.000
_cell.length_b   1.000
_cell.length_c   1.000
_cell.angle_alpha   90.00
_cell.angle_beta   90.00
_cell.angle_gamma   90.00
#
_symmetry.space_group_name_H-M   'P 1'
#
_entity_poly.entity_id   1
_entity_poly.type   'polypeptide(L)'
_entity_poly.pdbx_seq_one_letter_code
;AGPQGGFGATGGASAGLISRVANALANTSTLRTVLRTGVSQQIASSVVQRAAQSLASTLGVDGNNLARFAVQAVSRLPAG
SDTSAYAQAFSSALFNAGVLNASNIDTLGSRVLSALLNGVSSAAQGLGINVDSGSVQSDISSSSSFLSTSSSSASYSQAS
ASSTSGAGYTGPSGPSTGPSGYPGPLGGGAPFGQSGFGG
;
_entity_poly.pdbx_strand_id   A
#
# COMPACT_ATOMS: atom_id res chain seq x y z
N ALA A 1 0.12 -7.06 16.62
CA ALA A 1 1.39 -6.72 15.97
C ALA A 1 2.56 -7.12 16.87
N GLY A 2 3.39 -8.03 16.38
CA GLY A 2 4.53 -8.47 17.17
C GLY A 2 5.80 -8.54 16.35
N PRO A 3 6.87 -7.84 16.77
CA PRO A 3 8.15 -7.85 16.07
C PRO A 3 8.89 -9.18 16.24
N GLN A 4 9.14 -9.85 15.12
CA GLN A 4 9.81 -11.15 15.11
C GLN A 4 11.18 -11.07 15.75
N GLY A 5 11.29 -11.53 17.00
CA GLY A 5 12.57 -11.53 17.68
C GLY A 5 13.14 -10.14 17.86
N GLY A 6 12.27 -9.13 17.81
CA GLY A 6 12.71 -7.77 17.96
C GLY A 6 13.09 -7.11 16.64
N PHE A 7 12.77 -7.79 15.53
CA PHE A 7 13.06 -7.26 14.18
C PHE A 7 12.42 -5.89 13.98
N GLY A 8 11.10 -5.82 14.15
CA GLY A 8 10.40 -4.55 13.99
C GLY A 8 10.56 -4.00 12.59
N ALA A 9 9.86 -4.58 11.65
CA ALA A 9 9.97 -4.17 10.27
C ALA A 9 9.05 -2.99 9.97
N THR A 10 9.63 -1.81 9.97
CA THR A 10 8.93 -0.56 9.74
C THR A 10 9.96 0.52 9.40
N GLY A 11 9.62 1.42 8.48
CA GLY A 11 10.55 2.47 8.10
C GLY A 11 9.95 3.85 8.18
N GLY A 12 10.60 4.73 8.92
CA GLY A 12 10.10 6.10 9.08
C GLY A 12 10.50 7.00 7.93
N ALA A 13 11.60 6.68 7.27
CA ALA A 13 12.08 7.48 6.13
C ALA A 13 11.13 7.35 4.95
N SER A 14 10.61 6.16 4.76
CA SER A 14 9.68 5.88 3.70
C SER A 14 8.34 6.59 3.93
N ALA A 15 8.09 7.02 5.18
CA ALA A 15 6.84 7.70 5.53
C ALA A 15 6.69 9.02 4.79
N GLY A 16 7.78 9.53 4.27
CA GLY A 16 7.72 10.75 3.50
C GLY A 16 7.29 10.49 2.07
N LEU A 17 7.78 9.42 1.49
CA LEU A 17 7.49 9.10 0.10
C LEU A 17 6.18 8.31 -0.09
N ILE A 18 5.73 7.62 0.96
CA ILE A 18 4.53 6.72 0.89
C ILE A 18 3.35 7.29 0.09
N SER A 19 2.89 8.47 0.46
CA SER A 19 1.71 9.06 -0.13
C SER A 19 1.94 9.44 -1.58
N ARG A 20 3.19 9.63 -1.94
CA ARG A 20 3.56 10.05 -3.27
C ARG A 20 3.75 8.87 -4.21
N VAL A 21 4.06 7.71 -3.65
CA VAL A 21 4.27 6.48 -4.41
C VAL A 21 3.02 6.14 -5.26
N ALA A 22 3.15 5.18 -6.19
CA ALA A 22 2.10 4.74 -7.11
C ALA A 22 0.68 4.66 -6.48
N ASN A 23 0.62 4.44 -5.16
CA ASN A 23 -0.67 4.39 -4.46
C ASN A 23 -1.43 5.71 -4.58
N ALA A 24 -0.69 6.79 -4.81
CA ALA A 24 -1.28 8.12 -5.01
C ALA A 24 -2.18 8.12 -6.23
N LEU A 25 -1.76 7.38 -7.26
CA LEU A 25 -2.50 7.29 -8.51
C LEU A 25 -3.60 6.24 -8.39
N ALA A 26 -3.51 5.43 -7.35
CA ALA A 26 -4.50 4.40 -7.10
C ALA A 26 -5.68 5.00 -6.32
N ASN A 27 -5.33 5.82 -5.30
CA ASN A 27 -6.32 6.54 -4.47
C ASN A 27 -7.37 5.59 -3.83
N THR A 28 -7.07 4.30 -3.90
CA THR A 28 -7.94 3.26 -3.39
C THR A 28 -7.94 3.24 -1.85
N SER A 29 -8.90 2.54 -1.27
CA SER A 29 -9.04 2.43 0.18
C SER A 29 -7.81 1.75 0.82
N THR A 30 -6.98 1.09 -0.02
CA THR A 30 -5.79 0.36 0.43
C THR A 30 -4.81 1.23 1.23
N LEU A 31 -4.85 2.53 0.99
CA LEU A 31 -3.99 3.47 1.70
C LEU A 31 -4.84 4.42 2.55
N ARG A 32 -6.12 4.48 2.23
CA ARG A 32 -7.05 5.39 2.89
C ARG A 32 -7.48 4.89 4.29
N THR A 33 -7.90 3.62 4.40
CA THR A 33 -8.38 3.10 5.68
C THR A 33 -8.50 1.56 5.69
N VAL A 34 -8.82 0.99 4.54
CA VAL A 34 -8.95 -0.46 4.43
C VAL A 34 -7.57 -1.08 4.28
N LEU A 35 -7.33 -2.18 4.98
CA LEU A 35 -6.04 -2.85 4.96
C LEU A 35 -5.61 -3.14 3.53
N ARG A 36 -4.33 -2.92 3.26
CA ARG A 36 -3.79 -3.12 1.94
C ARG A 36 -3.86 -4.59 1.54
N THR A 37 -3.89 -4.83 0.24
CA THR A 37 -3.97 -6.18 -0.27
C THR A 37 -2.66 -6.91 -0.01
N GLY A 38 -2.73 -7.93 0.82
CA GLY A 38 -1.54 -8.67 1.17
C GLY A 38 -0.79 -7.98 2.27
N VAL A 39 -1.55 -7.46 3.23
CA VAL A 39 -1.02 -6.73 4.38
C VAL A 39 0.15 -7.48 5.05
N SER A 40 1.10 -6.71 5.56
CA SER A 40 2.28 -7.26 6.17
C SER A 40 1.96 -7.91 7.52
N GLN A 41 2.60 -9.04 7.77
CA GLN A 41 2.41 -9.78 9.02
C GLN A 41 2.86 -9.00 10.26
N GLN A 42 3.56 -7.91 10.04
CA GLN A 42 4.00 -7.06 11.14
C GLN A 42 2.82 -6.58 11.96
N ILE A 43 1.71 -6.28 11.29
CA ILE A 43 0.51 -5.81 11.98
C ILE A 43 -0.34 -6.97 12.52
N ALA A 44 -0.38 -8.07 11.78
CA ALA A 44 -1.18 -9.22 12.16
C ALA A 44 -0.42 -10.10 13.15
N SER A 45 0.60 -10.82 12.63
CA SER A 45 1.49 -11.66 13.46
C SER A 45 0.83 -12.97 13.90
N SER A 46 -0.50 -12.99 13.86
CA SER A 46 -1.26 -14.14 14.28
C SER A 46 -1.07 -15.35 13.34
N VAL A 47 -1.75 -15.32 12.22
CA VAL A 47 -1.68 -16.41 11.25
C VAL A 47 -1.43 -15.86 9.85
N VAL A 48 -1.88 -14.64 9.62
CA VAL A 48 -1.74 -14.01 8.33
C VAL A 48 -0.30 -13.56 8.08
N GLN A 49 0.46 -14.42 7.40
CA GLN A 49 1.83 -14.08 7.05
C GLN A 49 1.85 -13.24 5.77
N ARG A 50 1.15 -13.72 4.75
CA ARG A 50 1.03 -13.01 3.48
C ARG A 50 -0.44 -12.98 3.04
N ALA A 51 -1.30 -13.67 3.80
CA ALA A 51 -2.72 -13.85 3.45
C ALA A 51 -2.85 -14.84 2.30
N ALA A 52 -2.09 -14.61 1.23
CA ALA A 52 -2.04 -15.51 0.10
C ALA A 52 -1.35 -16.80 0.53
N GLN A 53 -1.98 -17.92 0.20
CA GLN A 53 -1.55 -19.27 0.64
C GLN A 53 -0.05 -19.54 0.45
N SER A 54 0.57 -18.92 -0.55
CA SER A 54 1.99 -19.13 -0.85
C SER A 54 2.88 -18.98 0.41
N LEU A 55 3.03 -17.76 0.89
CA LEU A 55 3.86 -17.51 2.08
C LEU A 55 3.03 -17.69 3.36
N ALA A 56 1.71 -17.54 3.24
CA ALA A 56 0.82 -17.68 4.39
C ALA A 56 0.73 -19.11 4.87
N SER A 57 1.06 -20.04 3.99
CA SER A 57 1.04 -21.46 4.31
C SER A 57 1.76 -21.73 5.64
N THR A 58 1.00 -22.14 6.64
CA THR A 58 1.55 -22.36 7.95
C THR A 58 0.62 -23.24 8.81
N LEU A 59 -0.69 -23.01 8.70
CA LEU A 59 -1.67 -23.77 9.47
C LEU A 59 -2.67 -24.46 8.54
N GLY A 60 -2.30 -24.58 7.28
CA GLY A 60 -3.20 -25.17 6.31
C GLY A 60 -4.05 -24.11 5.66
N VAL A 61 -3.42 -23.21 4.90
CA VAL A 61 -4.14 -22.10 4.27
C VAL A 61 -4.66 -22.48 2.91
N ASP A 62 -5.97 -22.71 2.85
CA ASP A 62 -6.64 -23.05 1.61
C ASP A 62 -8.15 -23.09 1.81
N GLY A 63 -8.74 -21.92 1.89
CA GLY A 63 -10.18 -21.82 2.04
C GLY A 63 -10.64 -21.65 3.48
N ASN A 64 -10.36 -22.64 4.31
CA ASN A 64 -10.86 -22.67 5.70
C ASN A 64 -10.32 -21.51 6.52
N ASN A 65 -9.03 -21.54 6.81
CA ASN A 65 -8.41 -20.50 7.63
C ASN A 65 -8.08 -19.29 6.77
N LEU A 66 -8.52 -19.34 5.52
CA LEU A 66 -8.35 -18.24 4.61
C LEU A 66 -9.51 -17.27 4.74
N ALA A 67 -10.73 -17.81 4.63
CA ALA A 67 -11.94 -17.00 4.76
C ALA A 67 -12.28 -16.81 6.24
N ARG A 68 -12.01 -17.83 7.01
CA ARG A 68 -12.24 -17.79 8.44
C ARG A 68 -10.90 -17.73 9.13
N PHE A 69 -10.91 -17.54 10.44
CA PHE A 69 -9.68 -17.47 11.25
C PHE A 69 -8.78 -16.26 10.90
N ALA A 70 -8.29 -16.21 9.66
CA ALA A 70 -7.40 -15.14 9.20
C ALA A 70 -8.05 -13.77 9.32
N VAL A 71 -9.15 -13.58 8.59
CA VAL A 71 -9.88 -12.32 8.61
C VAL A 71 -10.34 -12.01 9.99
N GLN A 72 -10.84 -13.01 10.68
CA GLN A 72 -11.35 -12.83 12.02
C GLN A 72 -10.25 -12.44 13.00
N ALA A 73 -9.06 -13.00 12.82
CA ALA A 73 -7.93 -12.68 13.68
C ALA A 73 -7.55 -11.21 13.55
N VAL A 74 -7.35 -10.76 12.32
CA VAL A 74 -7.00 -9.37 12.05
C VAL A 74 -8.17 -8.45 12.40
N SER A 75 -9.36 -8.95 12.18
CA SER A 75 -10.57 -8.22 12.46
C SER A 75 -10.88 -8.15 13.98
N ARG A 76 -10.30 -9.07 14.75
CA ARG A 76 -10.48 -9.06 16.20
C ARG A 76 -9.46 -8.15 16.86
N LEU A 77 -8.45 -7.76 16.10
CA LEU A 77 -7.42 -6.87 16.59
C LEU A 77 -8.03 -5.54 17.00
N PRO A 78 -7.53 -4.95 18.10
CA PRO A 78 -8.02 -3.66 18.57
C PRO A 78 -7.83 -2.57 17.53
N ALA A 79 -8.90 -1.87 17.22
CA ALA A 79 -8.85 -0.82 16.23
C ALA A 79 -8.86 0.53 16.90
N GLY A 80 -8.55 0.52 18.17
CA GLY A 80 -8.49 1.75 18.95
C GLY A 80 -7.36 2.63 18.50
N SER A 81 -6.34 2.02 17.92
CA SER A 81 -5.19 2.74 17.39
C SER A 81 -5.51 3.36 16.04
N ASP A 82 -6.70 3.02 15.50
CA ASP A 82 -7.16 3.47 14.19
C ASP A 82 -6.48 2.67 13.08
N THR A 83 -7.12 2.59 11.93
CA THR A 83 -6.61 1.84 10.81
C THR A 83 -5.32 2.45 10.26
N SER A 84 -5.16 3.75 10.41
CA SER A 84 -3.99 4.44 9.89
C SER A 84 -2.71 4.04 10.62
N ALA A 85 -2.86 3.59 11.87
CA ALA A 85 -1.71 3.15 12.67
C ALA A 85 -1.19 1.81 12.15
N TYR A 86 -2.05 1.06 11.48
CA TYR A 86 -1.70 -0.23 10.91
C TYR A 86 -0.89 -0.03 9.62
N ALA A 87 -0.76 -1.08 8.83
CA ALA A 87 -0.02 -1.04 7.57
C ALA A 87 -0.79 -0.26 6.49
N GLN A 88 -1.39 0.84 6.90
CA GLN A 88 -2.20 1.65 6.04
C GLN A 88 -1.36 2.73 5.37
N ALA A 89 -0.72 3.57 6.18
CA ALA A 89 0.10 4.65 5.66
C ALA A 89 1.31 4.10 4.91
N PHE A 90 1.91 3.07 5.46
CA PHE A 90 3.10 2.45 4.86
C PHE A 90 2.72 1.50 3.73
N SER A 91 1.46 1.54 3.31
CA SER A 91 0.95 0.67 2.26
C SER A 91 1.85 0.67 1.02
N SER A 92 2.26 1.85 0.60
CA SER A 92 3.09 2.00 -0.58
C SER A 92 4.44 1.29 -0.45
N ALA A 93 5.06 1.40 0.71
CA ALA A 93 6.38 0.82 0.93
C ALA A 93 6.28 -0.68 1.22
N LEU A 94 5.15 -1.09 1.76
CA LEU A 94 4.95 -2.48 2.09
C LEU A 94 4.44 -3.28 0.89
N PHE A 95 3.75 -2.60 -0.01
CA PHE A 95 3.23 -3.24 -1.22
C PHE A 95 4.30 -3.25 -2.31
N ASN A 96 5.10 -2.17 -2.37
CA ASN A 96 6.20 -2.02 -3.34
C ASN A 96 5.77 -2.29 -4.76
N ALA A 97 5.28 -1.26 -5.43
CA ALA A 97 4.84 -1.38 -6.82
C ALA A 97 6.03 -1.35 -7.76
N GLY A 98 7.13 -0.78 -7.31
CA GLY A 98 8.33 -0.69 -8.13
C GLY A 98 8.46 0.65 -8.81
N VAL A 99 7.37 1.42 -8.80
CA VAL A 99 7.34 2.75 -9.39
C VAL A 99 7.61 3.79 -8.30
N LEU A 100 8.41 3.39 -7.34
CA LEU A 100 8.74 4.23 -6.20
C LEU A 100 10.23 4.54 -6.17
N ASN A 101 10.70 5.10 -5.08
CA ASN A 101 12.09 5.44 -4.93
C ASN A 101 12.89 4.19 -4.60
N ALA A 102 13.65 3.70 -5.58
CA ALA A 102 14.40 2.47 -5.46
C ALA A 102 15.50 2.55 -4.40
N SER A 103 16.04 3.74 -4.19
CA SER A 103 17.11 3.92 -3.23
C SER A 103 16.59 3.80 -1.82
N ASN A 104 15.28 3.93 -1.68
CA ASN A 104 14.61 3.79 -0.40
C ASN A 104 14.78 2.36 0.11
N ILE A 105 14.46 1.40 -0.75
CA ILE A 105 14.58 -0.01 -0.39
C ILE A 105 16.04 -0.45 -0.33
N ASP A 106 16.84 0.11 -1.22
CA ASP A 106 18.26 -0.22 -1.28
C ASP A 106 19.00 0.29 -0.04
N THR A 107 18.58 1.43 0.47
CA THR A 107 19.25 2.05 1.59
C THR A 107 18.64 1.68 2.94
N LEU A 108 17.38 1.99 3.14
CA LEU A 108 16.76 1.79 4.44
C LEU A 108 15.83 0.59 4.47
N GLY A 109 15.13 0.36 3.37
CA GLY A 109 14.17 -0.72 3.31
C GLY A 109 14.72 -2.07 3.73
N SER A 110 15.75 -2.52 3.04
CA SER A 110 16.34 -3.82 3.30
C SER A 110 17.12 -3.84 4.63
N ARG A 111 17.52 -2.68 5.11
CA ARG A 111 18.28 -2.59 6.36
C ARG A 111 17.38 -2.50 7.59
N VAL A 112 16.46 -1.56 7.57
CA VAL A 112 15.59 -1.30 8.70
C VAL A 112 14.47 -2.34 8.79
N LEU A 113 13.77 -2.57 7.70
CA LEU A 113 12.69 -3.53 7.67
C LEU A 113 13.26 -4.94 7.55
N SER A 114 14.40 -5.03 6.89
CA SER A 114 15.17 -6.27 6.74
C SER A 114 14.32 -7.45 6.23
N ALA A 115 13.91 -8.33 7.15
CA ALA A 115 13.20 -9.56 6.81
C ALA A 115 11.90 -9.32 6.07
N LEU A 116 11.22 -8.24 6.42
CA LEU A 116 9.92 -7.95 5.81
C LEU A 116 10.03 -7.76 4.32
N LEU A 117 10.83 -6.78 3.90
CA LEU A 117 10.95 -6.49 2.48
C LEU A 117 11.55 -7.65 1.71
N ASN A 118 12.39 -8.45 2.37
CA ASN A 118 12.96 -9.63 1.73
C ASN A 118 11.84 -10.60 1.34
N GLY A 119 10.87 -10.76 2.24
CA GLY A 119 9.75 -11.63 1.97
C GLY A 119 8.76 -10.98 1.03
N VAL A 120 8.69 -9.66 1.08
CA VAL A 120 7.79 -8.91 0.20
C VAL A 120 8.30 -8.91 -1.24
N SER A 121 9.63 -8.97 -1.40
CA SER A 121 10.26 -9.00 -2.72
C SER A 121 9.72 -10.16 -3.57
N SER A 122 9.52 -11.30 -2.94
CA SER A 122 8.96 -12.44 -3.63
C SER A 122 7.42 -12.39 -3.63
N ALA A 123 6.86 -11.71 -2.64
CA ALA A 123 5.41 -11.64 -2.47
C ALA A 123 4.76 -10.56 -3.34
N ALA A 124 4.62 -9.36 -2.79
CA ALA A 124 3.91 -8.26 -3.45
C ALA A 124 4.71 -7.73 -4.62
N GLN A 125 5.99 -7.59 -4.41
CA GLN A 125 6.89 -7.10 -5.43
C GLN A 125 7.18 -8.18 -6.45
N GLY A 126 7.04 -9.43 -6.03
CA GLY A 126 7.34 -10.55 -6.89
C GLY A 126 6.21 -10.92 -7.82
N LEU A 127 5.10 -11.36 -7.25
CA LEU A 127 3.98 -11.81 -8.06
C LEU A 127 2.74 -10.94 -7.84
N GLY A 128 2.68 -10.30 -6.70
CA GLY A 128 1.52 -9.50 -6.38
C GLY A 128 0.55 -10.28 -5.51
N ILE A 129 0.52 -9.96 -4.23
CA ILE A 129 -0.32 -10.67 -3.28
C ILE A 129 -1.80 -10.40 -3.52
N ASN A 130 -2.58 -11.46 -3.58
CA ASN A 130 -4.01 -11.35 -3.73
C ASN A 130 -4.69 -12.04 -2.55
N VAL A 131 -5.59 -11.35 -1.90
CA VAL A 131 -6.27 -11.88 -0.73
C VAL A 131 -7.65 -12.43 -1.12
N ASP A 132 -8.28 -13.17 -0.21
CA ASP A 132 -9.57 -13.81 -0.46
C ASP A 132 -10.64 -12.78 -0.81
N SER A 133 -11.62 -13.23 -1.59
CA SER A 133 -12.67 -12.38 -2.10
C SER A 133 -13.72 -12.01 -1.03
N GLY A 134 -13.56 -12.54 0.17
CA GLY A 134 -14.50 -12.24 1.24
C GLY A 134 -14.62 -10.75 1.54
N SER A 135 -13.59 -10.18 2.13
CA SER A 135 -13.61 -8.78 2.51
C SER A 135 -12.72 -7.92 1.60
N VAL A 136 -11.43 -8.25 1.54
CA VAL A 136 -10.44 -7.46 0.80
C VAL A 136 -10.84 -7.19 -0.64
N GLN A 137 -11.13 -8.25 -1.39
CA GLN A 137 -11.49 -8.11 -2.80
C GLN A 137 -12.74 -7.24 -2.96
N SER A 138 -13.73 -7.47 -2.10
CA SER A 138 -14.98 -6.71 -2.14
C SER A 138 -14.73 -5.22 -1.99
N ASP A 139 -13.81 -4.87 -1.09
CA ASP A 139 -13.49 -3.48 -0.83
C ASP A 139 -12.69 -2.87 -1.96
N ILE A 140 -11.58 -3.50 -2.31
CA ILE A 140 -10.68 -2.96 -3.34
C ILE A 140 -11.37 -2.84 -4.69
N SER A 141 -12.19 -3.82 -5.06
CA SER A 141 -12.88 -3.80 -6.34
C SER A 141 -13.85 -2.61 -6.41
N SER A 142 -14.62 -2.42 -5.35
CA SER A 142 -15.61 -1.34 -5.30
C SER A 142 -14.94 0.01 -5.05
N SER A 143 -13.74 -0.02 -4.52
CA SER A 143 -13.00 1.17 -4.19
C SER A 143 -12.21 1.69 -5.39
N SER A 144 -11.30 0.86 -5.89
CA SER A 144 -10.37 1.26 -6.94
C SER A 144 -11.11 1.73 -8.21
N SER A 145 -12.28 1.17 -8.45
CA SER A 145 -13.07 1.51 -9.63
C SER A 145 -13.47 3.00 -9.65
N PHE A 146 -14.07 3.47 -8.56
CA PHE A 146 -14.52 4.85 -8.48
C PHE A 146 -13.40 5.77 -8.03
N LEU A 147 -12.56 5.26 -7.15
CA LEU A 147 -11.50 6.06 -6.56
C LEU A 147 -10.27 6.14 -7.44
N SER A 148 -10.37 5.64 -8.68
CA SER A 148 -9.24 5.65 -9.62
C SER A 148 -8.56 7.01 -9.64
N THR A 149 -9.35 8.05 -9.78
CA THR A 149 -8.83 9.40 -9.79
C THR A 149 -9.79 10.31 -9.04
N SER A 150 -10.43 9.74 -8.03
CA SER A 150 -11.43 10.46 -7.25
C SER A 150 -10.80 11.27 -6.11
N SER A 151 -9.54 11.68 -6.30
CA SER A 151 -8.85 12.47 -5.30
C SER A 151 -9.58 13.80 -5.09
N SER A 152 -10.11 14.35 -6.17
CA SER A 152 -10.87 15.58 -6.11
C SER A 152 -11.90 15.61 -7.23
N SER A 153 -11.44 15.39 -8.45
CA SER A 153 -12.32 15.41 -9.60
C SER A 153 -12.02 14.23 -10.52
N ALA A 154 -12.81 13.17 -10.40
CA ALA A 154 -12.61 11.97 -11.22
C ALA A 154 -13.11 12.19 -12.63
N SER A 155 -14.19 12.97 -12.77
CA SER A 155 -14.77 13.25 -14.07
C SER A 155 -13.76 13.93 -15.00
N TYR A 156 -12.98 14.84 -14.46
CA TYR A 156 -11.96 15.55 -15.24
C TYR A 156 -10.61 14.88 -15.05
N SER A 157 -10.59 13.82 -14.24
CA SER A 157 -9.37 13.06 -13.95
C SER A 157 -8.26 13.96 -13.38
N GLN A 158 -8.68 15.10 -12.78
CA GLN A 158 -7.79 16.11 -12.19
C GLN A 158 -6.58 16.43 -13.08
N ALA A 159 -6.77 16.29 -14.39
CA ALA A 159 -5.72 16.59 -15.34
C ALA A 159 -5.55 18.09 -15.45
N SER A 160 -6.63 18.82 -15.19
CA SER A 160 -6.61 20.26 -15.20
C SER A 160 -5.88 20.81 -13.98
N ALA A 161 -5.88 20.01 -12.90
CA ALA A 161 -5.22 20.35 -11.63
C ALA A 161 -5.88 21.53 -10.92
N SER A 162 -5.79 21.54 -9.60
CA SER A 162 -6.40 22.59 -8.79
C SER A 162 -5.39 23.71 -8.50
N SER A 163 -4.45 23.89 -9.40
CA SER A 163 -3.44 24.91 -9.26
C SER A 163 -4.02 26.30 -9.53
N THR A 164 -5.22 26.31 -10.11
CA THR A 164 -5.91 27.55 -10.44
C THR A 164 -6.21 28.39 -9.19
N SER A 165 -6.45 27.71 -8.07
CA SER A 165 -6.73 28.38 -6.82
C SER A 165 -5.45 28.60 -6.01
N GLY A 166 -4.31 28.38 -6.63
CA GLY A 166 -3.04 28.55 -5.94
C GLY A 166 -2.88 27.57 -4.81
N ALA A 167 -3.11 26.30 -5.10
CA ALA A 167 -3.01 25.25 -4.10
C ALA A 167 -1.56 25.04 -3.68
N GLY A 168 -0.63 25.15 -4.63
CA GLY A 168 0.77 24.93 -4.34
C GLY A 168 1.06 23.45 -4.20
N TYR A 169 0.64 22.89 -3.10
CA TYR A 169 0.78 21.48 -2.85
C TYR A 169 -0.32 21.01 -1.91
N THR A 170 -0.95 19.92 -2.25
CA THR A 170 -2.02 19.39 -1.46
C THR A 170 -1.59 18.16 -0.66
N GLY A 171 -0.93 17.24 -1.33
CA GLY A 171 -0.46 16.03 -0.67
C GLY A 171 0.64 15.35 -1.44
N PRO A 172 0.29 14.51 -2.41
CA PRO A 172 1.27 13.82 -3.24
C PRO A 172 1.96 14.77 -4.21
N SER A 173 3.12 15.29 -3.78
CA SER A 173 3.95 16.21 -4.58
C SER A 173 3.33 17.61 -4.68
N GLY A 174 2.07 17.68 -5.07
CA GLY A 174 1.43 18.96 -5.19
C GLY A 174 -0.07 18.88 -5.03
N PRO A 175 -0.82 19.72 -5.76
CA PRO A 175 -2.29 19.79 -5.68
C PRO A 175 -2.97 18.56 -6.26
N SER A 176 -4.25 18.69 -6.55
CA SER A 176 -5.00 17.63 -7.16
C SER A 176 -4.56 17.45 -8.60
N THR A 177 -3.59 16.60 -8.80
CA THR A 177 -3.01 16.36 -10.08
C THR A 177 -2.56 14.90 -10.18
N GLY A 178 -1.89 14.55 -11.26
CA GLY A 178 -1.50 13.17 -11.47
C GLY A 178 -2.67 12.34 -11.93
N PRO A 179 -3.00 12.39 -13.22
CA PRO A 179 -4.13 11.63 -13.76
C PRO A 179 -3.79 10.16 -13.92
N SER A 180 -4.76 9.30 -13.60
CA SER A 180 -4.57 7.86 -13.74
C SER A 180 -4.69 7.46 -15.21
N GLY A 181 -5.08 8.41 -16.04
CA GLY A 181 -5.20 8.18 -17.45
C GLY A 181 -4.42 9.20 -18.24
N TYR A 182 -4.60 9.22 -19.56
CA TYR A 182 -3.90 10.15 -20.47
C TYR A 182 -2.43 9.81 -20.60
N PRO A 183 -1.82 10.11 -21.76
CA PRO A 183 -0.40 9.88 -21.96
C PRO A 183 0.44 10.73 -21.03
N GLY A 184 1.30 10.08 -20.29
CA GLY A 184 2.15 10.79 -19.35
C GLY A 184 1.41 11.14 -18.06
N PRO A 185 1.05 10.12 -17.24
CA PRO A 185 0.38 10.34 -15.93
C PRO A 185 1.28 11.06 -14.95
N LEU A 186 2.55 11.18 -15.30
CA LEU A 186 3.56 11.82 -14.47
C LEU A 186 3.44 13.34 -14.55
N GLY A 187 2.51 13.82 -15.36
CA GLY A 187 2.29 15.24 -15.51
C GLY A 187 1.78 15.88 -14.24
N GLY A 188 2.67 16.55 -13.53
CA GLY A 188 2.28 17.21 -12.30
C GLY A 188 2.32 16.30 -11.10
N GLY A 189 1.53 15.24 -11.15
CA GLY A 189 1.45 14.30 -10.04
C GLY A 189 2.53 13.25 -10.08
N ALA A 190 3.76 13.67 -9.98
CA ALA A 190 4.88 12.76 -9.95
C ALA A 190 5.72 13.01 -8.70
N PRO A 191 6.10 11.93 -7.97
CA PRO A 191 6.93 12.04 -6.77
C PRO A 191 8.31 12.60 -7.05
N PHE A 192 8.92 13.20 -6.04
CA PHE A 192 10.27 13.73 -6.16
C PHE A 192 11.27 12.59 -6.11
N GLY A 193 10.81 11.46 -5.58
CA GLY A 193 11.62 10.28 -5.51
C GLY A 193 10.91 9.14 -6.20
N GLN A 194 11.10 9.03 -7.51
CA GLN A 194 10.43 8.03 -8.29
C GLN A 194 11.40 7.36 -9.26
N SER A 195 11.41 6.04 -9.25
CA SER A 195 12.23 5.27 -10.13
C SER A 195 11.37 4.23 -10.83
N GLY A 196 11.67 3.95 -12.08
CA GLY A 196 10.89 2.98 -12.84
C GLY A 196 9.63 3.62 -13.39
N PHE A 197 9.63 4.94 -13.44
CA PHE A 197 8.49 5.70 -13.92
C PHE A 197 8.34 5.56 -15.44
N GLY A 198 7.12 5.49 -15.90
CA GLY A 198 6.88 5.36 -17.31
C GLY A 198 6.09 4.13 -17.65
N GLY A 199 5.72 4.00 -18.89
CA GLY A 199 4.95 2.87 -19.33
C GLY A 199 5.29 2.51 -20.76
N ALA A 1 1.64 -5.73 15.31
CA ALA A 1 1.47 -6.23 16.69
C ALA A 1 2.82 -6.62 17.28
N GLY A 2 3.47 -7.59 16.65
CA GLY A 2 4.76 -8.03 17.12
C GLY A 2 5.80 -8.08 16.03
N PRO A 3 6.93 -7.39 16.21
CA PRO A 3 8.04 -7.42 15.25
C PRO A 3 8.89 -8.69 15.44
N GLN A 4 10.09 -8.68 14.92
CA GLN A 4 10.97 -9.82 15.06
C GLN A 4 12.28 -9.41 15.72
N GLY A 5 12.97 -10.36 16.31
CA GLY A 5 14.23 -10.09 16.98
C GLY A 5 15.31 -9.67 16.01
N GLY A 6 15.63 -8.39 16.02
CA GLY A 6 16.63 -7.88 15.12
C GLY A 6 16.05 -7.48 13.79
N PHE A 7 14.74 -7.60 13.67
CA PHE A 7 14.04 -7.26 12.44
C PHE A 7 12.78 -6.46 12.75
N GLY A 8 12.85 -5.16 12.54
CA GLY A 8 11.71 -4.31 12.77
C GLY A 8 11.35 -3.55 11.51
N ALA A 9 10.11 -3.70 11.08
CA ALA A 9 9.65 -3.05 9.86
C ALA A 9 9.40 -1.56 10.08
N THR A 10 8.79 -0.93 9.05
CA THR A 10 8.42 0.51 9.06
C THR A 10 9.64 1.44 9.20
N GLY A 11 10.02 2.06 8.08
CA GLY A 11 11.15 2.98 8.07
C GLY A 11 10.71 4.41 8.30
N GLY A 12 11.58 5.21 8.91
CA GLY A 12 11.25 6.58 9.23
C GLY A 12 11.13 7.48 8.01
N ALA A 13 12.10 7.39 7.10
CA ALA A 13 12.09 8.24 5.91
C ALA A 13 10.91 7.90 5.01
N SER A 14 10.59 6.63 4.92
CA SER A 14 9.48 6.19 4.11
C SER A 14 8.13 6.57 4.73
N ALA A 15 8.09 6.62 6.06
CA ALA A 15 6.84 6.91 6.79
C ALA A 15 6.19 8.23 6.37
N GLY A 16 6.98 9.17 5.89
CA GLY A 16 6.43 10.43 5.46
C GLY A 16 5.98 10.44 4.01
N LEU A 17 6.73 9.78 3.15
CA LEU A 17 6.45 9.79 1.72
C LEU A 17 5.41 8.75 1.31
N ILE A 18 5.23 7.69 2.12
CA ILE A 18 4.33 6.56 1.79
C ILE A 18 2.97 6.98 1.21
N SER A 19 2.37 8.01 1.79
CA SER A 19 1.05 8.42 1.35
C SER A 19 1.08 9.16 0.01
N ARG A 20 2.19 9.80 -0.31
CA ARG A 20 2.32 10.57 -1.53
C ARG A 20 2.80 9.71 -2.70
N VAL A 21 3.47 8.59 -2.37
CA VAL A 21 4.00 7.65 -3.37
C VAL A 21 2.85 7.09 -4.27
N ALA A 22 3.22 6.26 -5.27
CA ALA A 22 2.30 5.68 -6.28
C ALA A 22 0.90 5.30 -5.76
N ASN A 23 0.79 4.90 -4.49
CA ASN A 23 -0.53 4.53 -3.93
C ASN A 23 -1.47 5.72 -3.91
N ALA A 24 -0.92 6.92 -3.89
CA ALA A 24 -1.72 8.13 -3.93
C ALA A 24 -2.47 8.22 -5.25
N LEU A 25 -1.88 7.62 -6.29
CA LEU A 25 -2.52 7.59 -7.59
C LEU A 25 -3.51 6.43 -7.63
N ALA A 26 -3.10 5.30 -7.06
CA ALA A 26 -3.97 4.15 -6.94
C ALA A 26 -4.91 4.33 -5.76
N ASN A 27 -5.88 5.22 -5.94
CA ASN A 27 -6.82 5.67 -4.90
C ASN A 27 -7.75 4.54 -4.33
N THR A 28 -7.35 3.29 -4.52
CA THR A 28 -8.13 2.13 -4.05
C THR A 28 -8.26 2.11 -2.50
N SER A 29 -8.94 1.08 -2.00
CA SER A 29 -9.20 0.93 -0.58
C SER A 29 -7.94 0.70 0.28
N THR A 30 -6.86 0.25 -0.35
CA THR A 30 -5.62 -0.10 0.35
C THR A 30 -5.12 1.00 1.29
N LEU A 31 -4.80 2.15 0.74
CA LEU A 31 -4.31 3.26 1.53
C LEU A 31 -5.48 3.99 2.17
N ARG A 32 -6.66 3.80 1.60
CA ARG A 32 -7.87 4.48 2.05
C ARG A 32 -8.32 4.02 3.44
N THR A 33 -8.35 2.70 3.67
CA THR A 33 -8.82 2.19 4.96
C THR A 33 -8.72 0.66 5.05
N VAL A 34 -8.95 -0.02 3.95
CA VAL A 34 -8.92 -1.48 3.92
C VAL A 34 -7.50 -1.97 3.98
N LEU A 35 -7.29 -3.05 4.74
CA LEU A 35 -5.97 -3.61 4.97
C LEU A 35 -5.21 -3.86 3.68
N ARG A 36 -3.93 -3.57 3.72
CA ARG A 36 -3.01 -3.73 2.59
C ARG A 36 -3.10 -5.12 1.96
N THR A 37 -3.09 -5.15 0.63
CA THR A 37 -3.07 -6.39 -0.10
C THR A 37 -1.75 -7.11 0.16
N GLY A 38 -1.83 -8.21 0.86
CA GLY A 38 -0.65 -8.95 1.21
C GLY A 38 -0.15 -8.54 2.57
N VAL A 39 -1.09 -8.18 3.43
CA VAL A 39 -0.78 -7.77 4.79
C VAL A 39 0.09 -8.80 5.49
N SER A 40 1.07 -8.31 6.20
CA SER A 40 2.07 -9.17 6.78
C SER A 40 1.90 -9.35 8.30
N GLN A 41 2.53 -10.41 8.82
CA GLN A 41 2.49 -10.75 10.25
C GLN A 41 3.05 -9.64 11.13
N GLN A 42 3.76 -8.70 10.52
CA GLN A 42 4.30 -7.58 11.24
C GLN A 42 3.17 -6.87 12.02
N ILE A 43 2.08 -6.60 11.31
CA ILE A 43 0.94 -5.93 11.92
C ILE A 43 -0.01 -6.91 12.63
N ALA A 44 -0.23 -8.09 12.00
CA ALA A 44 -1.17 -9.08 12.53
C ALA A 44 -0.55 -9.95 13.60
N SER A 45 0.49 -10.69 13.21
CA SER A 45 1.28 -11.54 14.12
C SER A 45 0.56 -12.83 14.52
N SER A 46 -0.76 -12.86 14.40
CA SER A 46 -1.54 -14.02 14.79
C SER A 46 -1.34 -15.21 13.81
N VAL A 47 -2.23 -15.35 12.85
CA VAL A 47 -2.13 -16.42 11.86
C VAL A 47 -1.84 -15.87 10.48
N VAL A 48 -2.18 -14.60 10.30
CA VAL A 48 -1.99 -13.93 9.03
C VAL A 48 -0.53 -13.57 8.83
N GLN A 49 0.18 -14.41 8.10
CA GLN A 49 1.57 -14.15 7.78
C GLN A 49 1.67 -13.20 6.60
N ARG A 50 0.91 -13.50 5.55
CA ARG A 50 0.83 -12.64 4.40
C ARG A 50 -0.59 -12.66 3.82
N ALA A 51 -1.50 -13.39 4.50
CA ALA A 51 -2.88 -13.60 4.05
C ALA A 51 -2.93 -14.46 2.79
N ALA A 52 -2.19 -14.04 1.78
CA ALA A 52 -2.11 -14.76 0.52
C ALA A 52 -1.54 -16.15 0.72
N GLN A 53 -2.10 -17.09 -0.02
CA GLN A 53 -1.78 -18.50 0.09
C GLN A 53 -0.29 -18.77 -0.18
N SER A 54 0.38 -17.82 -0.83
CA SER A 54 1.78 -17.96 -1.19
C SER A 54 2.68 -18.09 0.05
N LEU A 55 2.94 -16.98 0.72
CA LEU A 55 3.84 -16.98 1.88
C LEU A 55 3.10 -17.32 3.16
N ALA A 56 1.80 -17.06 3.20
CA ALA A 56 1.01 -17.31 4.40
C ALA A 56 0.80 -18.79 4.64
N SER A 57 1.00 -19.59 3.58
CA SER A 57 0.86 -21.03 3.65
C SER A 57 1.53 -21.61 4.92
N THR A 58 0.72 -21.95 5.90
CA THR A 58 1.24 -22.49 7.14
C THR A 58 0.25 -23.46 7.78
N LEU A 59 -1.04 -23.11 7.75
CA LEU A 59 -2.09 -23.94 8.31
C LEU A 59 -3.05 -24.39 7.23
N GLY A 60 -2.60 -24.31 5.98
CA GLY A 60 -3.46 -24.65 4.88
C GLY A 60 -4.41 -23.53 4.58
N VAL A 61 -3.86 -22.43 4.11
CA VAL A 61 -4.64 -21.23 3.89
C VAL A 61 -5.25 -21.23 2.50
N ASP A 62 -6.56 -21.41 2.46
CA ASP A 62 -7.30 -21.40 1.20
C ASP A 62 -8.78 -21.20 1.48
N GLY A 63 -9.17 -19.96 1.70
CA GLY A 63 -10.56 -19.64 1.99
C GLY A 63 -10.95 -19.97 3.43
N ASN A 64 -10.61 -21.18 3.85
CA ASN A 64 -10.94 -21.70 5.19
C ASN A 64 -10.49 -20.75 6.32
N ASN A 65 -9.21 -20.79 6.68
CA ASN A 65 -8.69 -19.94 7.73
C ASN A 65 -8.29 -18.60 7.16
N LEU A 66 -8.66 -18.38 5.91
CA LEU A 66 -8.43 -17.13 5.25
C LEU A 66 -9.58 -16.17 5.51
N ALA A 67 -10.81 -16.65 5.27
CA ALA A 67 -11.99 -15.85 5.50
C ALA A 67 -12.29 -15.82 7.00
N ARG A 68 -12.29 -16.99 7.59
CA ARG A 68 -12.49 -17.12 9.01
C ARG A 68 -11.13 -17.11 9.65
N PHE A 69 -11.08 -16.85 10.94
CA PHE A 69 -9.82 -16.80 11.70
C PHE A 69 -8.94 -15.60 11.30
N ALA A 70 -8.53 -15.54 10.04
CA ALA A 70 -7.67 -14.47 9.56
C ALA A 70 -8.38 -13.11 9.63
N VAL A 71 -9.47 -12.96 8.87
CA VAL A 71 -10.23 -11.72 8.87
C VAL A 71 -10.79 -11.43 10.25
N GLN A 72 -11.19 -12.47 10.94
CA GLN A 72 -11.74 -12.34 12.28
C GLN A 72 -10.70 -11.82 13.27
N ALA A 73 -9.49 -12.34 13.20
CA ALA A 73 -8.43 -11.90 14.10
C ALA A 73 -8.02 -10.47 13.81
N VAL A 74 -7.86 -10.13 12.53
CA VAL A 74 -7.45 -8.79 12.15
C VAL A 74 -8.53 -7.77 12.45
N SER A 75 -9.77 -8.12 12.14
CA SER A 75 -10.89 -7.24 12.37
C SER A 75 -11.10 -7.00 13.87
N ARG A 76 -10.74 -8.00 14.68
CA ARG A 76 -10.91 -7.91 16.12
C ARG A 76 -9.63 -7.50 16.81
N LEU A 77 -8.61 -7.16 16.05
CA LEU A 77 -7.33 -6.73 16.60
C LEU A 77 -7.50 -5.46 17.41
N PRO A 78 -7.05 -5.48 18.67
CA PRO A 78 -7.08 -4.30 19.52
C PRO A 78 -6.16 -3.24 18.94
N ALA A 79 -6.70 -2.06 18.76
CA ALA A 79 -5.94 -0.98 18.14
C ALA A 79 -5.00 -0.34 19.13
N GLY A 80 -3.75 -0.79 19.13
CA GLY A 80 -2.75 -0.22 19.99
C GLY A 80 -2.23 1.07 19.42
N SER A 81 -1.83 1.04 18.16
CA SER A 81 -1.34 2.22 17.50
C SER A 81 -2.50 2.96 16.83
N ASP A 82 -3.15 2.29 15.87
CA ASP A 82 -4.30 2.84 15.12
C ASP A 82 -4.61 1.93 13.94
N THR A 83 -5.80 2.05 13.39
CA THR A 83 -6.19 1.25 12.25
C THR A 83 -5.38 1.63 11.00
N SER A 84 -5.13 2.93 10.83
CA SER A 84 -4.38 3.40 9.67
C SER A 84 -2.88 3.19 9.87
N ALA A 85 -2.48 3.00 11.13
CA ALA A 85 -1.09 2.77 11.49
C ALA A 85 -0.60 1.44 10.97
N TYR A 86 -1.55 0.57 10.67
CA TYR A 86 -1.25 -0.75 10.12
C TYR A 86 -0.60 -0.64 8.74
N ALA A 87 -0.48 -1.76 8.07
CA ALA A 87 0.18 -1.82 6.77
C ALA A 87 -0.54 -1.04 5.67
N GLN A 88 -1.64 -0.38 6.02
CA GLN A 88 -2.43 0.38 5.06
C GLN A 88 -1.70 1.63 4.59
N ALA A 89 -1.15 2.38 5.54
CA ALA A 89 -0.43 3.61 5.21
C ALA A 89 0.87 3.29 4.49
N PHE A 90 1.55 2.25 4.95
CA PHE A 90 2.83 1.86 4.39
C PHE A 90 2.68 0.98 3.15
N SER A 91 1.46 0.87 2.62
CA SER A 91 1.19 0.03 1.44
C SER A 91 2.16 0.32 0.31
N SER A 92 2.51 1.59 0.13
CA SER A 92 3.42 1.98 -0.95
C SER A 92 4.77 1.26 -0.88
N ALA A 93 5.40 1.25 0.27
CA ALA A 93 6.70 0.63 0.43
C ALA A 93 6.60 -0.87 0.62
N LEU A 94 5.51 -1.31 1.23
CA LEU A 94 5.32 -2.72 1.54
C LEU A 94 4.86 -3.52 0.33
N PHE A 95 4.06 -2.90 -0.53
CA PHE A 95 3.59 -3.58 -1.74
C PHE A 95 4.65 -3.44 -2.82
N ASN A 96 5.29 -2.27 -2.83
CA ASN A 96 6.37 -1.94 -3.77
C ASN A 96 5.94 -2.12 -5.22
N ALA A 97 5.33 -1.08 -5.78
CA ALA A 97 4.86 -1.12 -7.15
C ALA A 97 5.99 -0.88 -8.15
N GLY A 98 7.19 -0.64 -7.63
CA GLY A 98 8.35 -0.40 -8.47
C GLY A 98 8.42 1.03 -8.99
N VAL A 99 7.32 1.74 -8.84
CA VAL A 99 7.24 3.13 -9.27
C VAL A 99 7.94 4.04 -8.26
N LEU A 100 8.22 3.49 -7.10
CA LEU A 100 8.84 4.23 -6.03
C LEU A 100 10.36 4.26 -6.17
N ASN A 101 11.02 4.92 -5.23
CA ASN A 101 12.47 5.03 -5.28
C ASN A 101 13.12 3.74 -4.87
N ALA A 102 13.87 3.16 -5.78
CA ALA A 102 14.58 1.93 -5.50
C ALA A 102 15.73 2.22 -4.55
N SER A 103 16.17 3.47 -4.52
CA SER A 103 17.26 3.90 -3.68
C SER A 103 16.80 3.98 -2.24
N ASN A 104 15.53 4.30 -2.06
CA ASN A 104 14.92 4.37 -0.74
C ASN A 104 14.98 3.00 -0.08
N ILE A 105 14.47 2.01 -0.80
CA ILE A 105 14.47 0.63 -0.31
C ILE A 105 15.90 0.10 -0.17
N ASP A 106 16.75 0.43 -1.11
CA ASP A 106 18.15 0.02 -1.05
C ASP A 106 18.84 0.59 0.18
N THR A 107 18.49 1.82 0.54
CA THR A 107 19.12 2.50 1.64
C THR A 107 18.59 2.04 3.00
N LEU A 108 17.28 2.12 3.19
CA LEU A 108 16.70 1.82 4.48
C LEU A 108 15.68 0.68 4.44
N GLY A 109 15.12 0.43 3.27
CA GLY A 109 14.11 -0.62 3.14
C GLY A 109 14.65 -1.99 3.53
N SER A 110 15.59 -2.48 2.75
CA SER A 110 16.18 -3.79 2.99
C SER A 110 17.10 -3.75 4.22
N ARG A 111 17.37 -2.56 4.71
CA ARG A 111 18.23 -2.38 5.87
C ARG A 111 17.44 -2.50 7.17
N VAL A 112 16.41 -1.67 7.31
CA VAL A 112 15.61 -1.66 8.52
C VAL A 112 14.59 -2.79 8.52
N LEU A 113 13.73 -2.81 7.48
CA LEU A 113 12.69 -3.82 7.38
C LEU A 113 13.31 -5.19 7.10
N SER A 114 14.19 -5.23 6.12
CA SER A 114 14.96 -6.43 5.76
C SER A 114 14.07 -7.67 5.50
N ALA A 115 13.86 -8.48 6.56
CA ALA A 115 13.12 -9.75 6.47
C ALA A 115 11.76 -9.57 5.82
N LEU A 116 11.09 -8.49 6.16
CA LEU A 116 9.77 -8.22 5.60
C LEU A 116 9.86 -8.08 4.09
N LEU A 117 10.81 -7.30 3.63
CA LEU A 117 10.98 -7.06 2.20
C LEU A 117 11.50 -8.29 1.49
N ASN A 118 12.21 -9.15 2.23
CA ASN A 118 12.70 -10.41 1.65
C ASN A 118 11.52 -11.24 1.18
N GLY A 119 10.49 -11.30 2.03
CA GLY A 119 9.29 -12.02 1.67
C GLY A 119 8.46 -11.25 0.67
N VAL A 120 8.52 -9.92 0.75
CA VAL A 120 7.79 -9.07 -0.19
C VAL A 120 8.30 -9.26 -1.62
N SER A 121 9.61 -9.37 -1.74
CA SER A 121 10.27 -9.52 -3.04
C SER A 121 9.69 -10.67 -3.85
N SER A 122 9.50 -11.80 -3.22
CA SER A 122 8.99 -12.97 -3.91
C SER A 122 7.46 -12.96 -4.02
N ALA A 123 6.81 -12.47 -2.98
CA ALA A 123 5.35 -12.47 -2.94
C ALA A 123 4.73 -11.28 -3.66
N ALA A 124 4.77 -10.11 -3.05
CA ALA A 124 4.13 -8.92 -3.59
C ALA A 124 4.84 -8.42 -4.85
N GLN A 125 6.14 -8.28 -4.75
CA GLN A 125 6.94 -7.81 -5.87
C GLN A 125 7.06 -8.89 -6.95
N GLY A 126 6.90 -10.13 -6.55
CA GLY A 126 7.05 -11.23 -7.48
C GLY A 126 5.78 -11.55 -8.24
N LEU A 127 4.68 -11.77 -7.51
CA LEU A 127 3.44 -12.19 -8.15
C LEU A 127 2.35 -11.12 -8.06
N GLY A 128 2.50 -10.18 -7.15
CA GLY A 128 1.48 -9.19 -6.95
C GLY A 128 0.35 -9.74 -6.12
N ILE A 129 0.57 -9.75 -4.81
CA ILE A 129 -0.37 -10.36 -3.86
C ILE A 129 -1.72 -9.65 -3.81
N ASN A 130 -2.77 -10.45 -3.80
CA ASN A 130 -4.14 -9.97 -3.66
C ASN A 130 -4.85 -10.84 -2.64
N VAL A 131 -5.43 -10.23 -1.62
CA VAL A 131 -6.07 -11.01 -0.57
C VAL A 131 -7.52 -11.29 -0.89
N ASP A 132 -7.81 -12.53 -1.09
CA ASP A 132 -9.15 -12.99 -1.41
C ASP A 132 -9.84 -13.56 -0.18
N SER A 133 -9.68 -12.87 0.94
CA SER A 133 -10.26 -13.31 2.20
C SER A 133 -11.75 -12.99 2.27
N GLY A 134 -12.29 -12.43 1.20
CA GLY A 134 -13.68 -12.09 1.18
C GLY A 134 -13.91 -10.62 1.38
N SER A 135 -12.99 -9.98 2.07
CA SER A 135 -13.14 -8.58 2.42
C SER A 135 -12.24 -7.66 1.59
N VAL A 136 -11.00 -8.07 1.39
CA VAL A 136 -10.00 -7.22 0.75
C VAL A 136 -10.27 -7.04 -0.74
N GLN A 137 -10.21 -8.13 -1.47
CA GLN A 137 -10.39 -8.09 -2.92
C GLN A 137 -11.74 -7.52 -3.32
N SER A 138 -12.79 -7.94 -2.63
CA SER A 138 -14.14 -7.48 -2.91
C SER A 138 -14.23 -5.96 -2.80
N ASP A 139 -13.54 -5.40 -1.81
CA ASP A 139 -13.55 -3.97 -1.58
C ASP A 139 -12.76 -3.24 -2.65
N ILE A 140 -11.50 -3.62 -2.80
CA ILE A 140 -10.60 -2.97 -3.76
C ILE A 140 -11.08 -3.12 -5.21
N SER A 141 -11.82 -4.17 -5.50
CA SER A 141 -12.32 -4.38 -6.86
C SER A 141 -13.47 -3.44 -7.15
N SER A 142 -14.30 -3.20 -6.14
CA SER A 142 -15.43 -2.30 -6.28
C SER A 142 -14.98 -0.85 -6.22
N SER A 143 -13.90 -0.62 -5.48
CA SER A 143 -13.38 0.71 -5.30
C SER A 143 -12.40 1.08 -6.43
N SER A 144 -11.87 0.06 -7.10
CA SER A 144 -10.92 0.26 -8.19
C SER A 144 -11.55 1.02 -9.36
N SER A 145 -12.87 1.04 -9.43
CA SER A 145 -13.58 1.75 -10.48
C SER A 145 -13.27 3.27 -10.43
N PHE A 146 -12.80 3.72 -9.28
CA PHE A 146 -12.46 5.12 -9.06
C PHE A 146 -11.02 5.42 -9.47
N LEU A 147 -10.26 4.37 -9.82
CA LEU A 147 -8.82 4.51 -10.14
C LEU A 147 -8.55 5.34 -11.39
N SER A 148 -9.59 5.78 -12.09
CA SER A 148 -9.40 6.63 -13.25
C SER A 148 -8.60 7.84 -12.81
N THR A 149 -9.18 8.61 -11.90
CA THR A 149 -8.50 9.74 -11.28
C THR A 149 -9.34 10.32 -10.16
N SER A 150 -9.25 9.70 -8.99
CA SER A 150 -9.99 10.17 -7.83
C SER A 150 -9.13 11.14 -7.02
N SER A 151 -7.84 11.14 -7.28
CA SER A 151 -6.92 12.00 -6.58
C SER A 151 -6.76 13.33 -7.31
N SER A 152 -6.35 13.26 -8.56
CA SER A 152 -6.09 14.44 -9.35
C SER A 152 -6.95 14.43 -10.63
N SER A 153 -6.48 15.13 -11.64
CA SER A 153 -7.16 15.16 -12.92
C SER A 153 -6.28 14.53 -13.99
N ALA A 154 -6.79 14.45 -15.21
CA ALA A 154 -6.03 13.85 -16.30
C ALA A 154 -6.54 14.32 -17.66
N SER A 155 -7.15 15.48 -17.70
CA SER A 155 -7.67 15.99 -18.97
C SER A 155 -7.33 17.48 -19.16
N TYR A 156 -8.06 18.35 -18.48
CA TYR A 156 -7.87 19.79 -18.62
C TYR A 156 -8.40 20.48 -17.36
N SER A 157 -8.38 21.83 -17.35
CA SER A 157 -8.89 22.68 -16.24
C SER A 157 -8.22 22.39 -14.89
N GLN A 158 -8.53 21.26 -14.30
CA GLN A 158 -7.95 20.87 -13.02
C GLN A 158 -6.44 20.65 -13.18
N ALA A 159 -6.04 20.27 -14.38
CA ALA A 159 -4.64 20.01 -14.70
C ALA A 159 -3.88 21.31 -14.96
N SER A 160 -4.56 22.43 -14.82
CA SER A 160 -3.96 23.73 -15.04
C SER A 160 -3.25 24.21 -13.76
N ALA A 161 -3.18 23.34 -12.76
CA ALA A 161 -2.51 23.65 -11.52
C ALA A 161 -1.12 23.03 -11.51
N SER A 162 -0.16 23.76 -11.00
CA SER A 162 1.21 23.28 -10.97
C SER A 162 1.70 23.09 -9.54
N SER A 163 2.61 22.14 -9.37
CA SER A 163 3.22 21.90 -8.10
C SER A 163 4.63 22.49 -8.09
N THR A 164 5.39 22.23 -9.14
CA THR A 164 6.76 22.70 -9.24
C THR A 164 6.83 24.24 -9.27
N SER A 165 5.90 24.87 -9.97
CA SER A 165 5.87 26.31 -10.04
C SER A 165 4.51 26.85 -9.59
N GLY A 166 3.88 26.11 -8.70
CA GLY A 166 2.56 26.50 -8.22
C GLY A 166 2.42 26.42 -6.72
N ALA A 167 1.65 25.45 -6.25
CA ALA A 167 1.35 25.32 -4.83
C ALA A 167 2.40 24.47 -4.11
N GLY A 168 3.45 24.09 -4.81
CA GLY A 168 4.48 23.25 -4.23
C GLY A 168 4.05 21.81 -4.16
N TYR A 169 3.10 21.55 -3.31
CA TYR A 169 2.49 20.25 -3.13
C TYR A 169 1.32 20.39 -2.19
N THR A 170 0.32 19.56 -2.34
CA THR A 170 -0.85 19.65 -1.51
C THR A 170 -1.27 18.27 -1.02
N GLY A 171 -0.52 17.76 -0.06
CA GLY A 171 -0.80 16.45 0.48
C GLY A 171 -0.59 15.33 -0.53
N PRO A 172 -1.23 14.18 -0.33
CA PRO A 172 -1.14 13.03 -1.23
C PRO A 172 -2.04 13.16 -2.45
N SER A 173 -2.81 14.22 -2.48
CA SER A 173 -3.74 14.44 -3.56
C SER A 173 -3.23 15.52 -4.51
N GLY A 174 -2.70 16.59 -3.95
CA GLY A 174 -2.19 17.67 -4.76
C GLY A 174 -3.29 18.61 -5.18
N PRO A 175 -2.93 19.76 -5.79
CA PRO A 175 -3.92 20.74 -6.27
C PRO A 175 -4.64 20.26 -7.55
N SER A 176 -5.12 19.02 -7.52
CA SER A 176 -5.84 18.40 -8.63
C SER A 176 -4.92 18.15 -9.82
N THR A 177 -3.63 18.15 -9.56
CA THR A 177 -2.65 17.95 -10.59
C THR A 177 -1.99 16.58 -10.43
N GLY A 178 -1.55 16.01 -11.54
CA GLY A 178 -0.95 14.70 -11.50
C GLY A 178 -1.75 13.71 -12.32
N PRO A 179 -1.47 13.61 -13.63
CA PRO A 179 -2.21 12.71 -14.52
C PRO A 179 -1.95 11.24 -14.20
N SER A 180 -2.93 10.40 -14.50
CA SER A 180 -2.81 8.98 -14.25
C SER A 180 -2.39 8.24 -15.52
N GLY A 181 -2.24 9.00 -16.61
CA GLY A 181 -1.82 8.40 -17.86
C GLY A 181 -0.37 8.01 -17.83
N TYR A 182 -0.03 6.92 -18.54
CA TYR A 182 1.34 6.38 -18.60
C TYR A 182 1.67 5.64 -17.31
N PRO A 183 2.04 4.34 -17.41
CA PRO A 183 2.40 3.53 -16.25
C PRO A 183 3.51 4.19 -15.44
N GLY A 184 3.24 4.41 -14.16
CA GLY A 184 4.20 5.08 -13.30
C GLY A 184 4.53 6.48 -13.78
N PRO A 185 3.57 7.43 -13.66
CA PRO A 185 3.78 8.80 -14.09
C PRO A 185 4.49 9.63 -13.01
N LEU A 186 3.74 10.00 -11.98
CA LEU A 186 4.28 10.82 -10.89
C LEU A 186 3.66 10.42 -9.56
N GLY A 187 2.35 10.61 -9.44
CA GLY A 187 1.67 10.29 -8.21
C GLY A 187 0.68 11.35 -7.81
N GLY A 188 0.29 11.36 -6.55
CA GLY A 188 -0.68 12.33 -6.08
C GLY A 188 -0.08 13.71 -5.91
N GLY A 189 -0.34 14.58 -6.88
CA GLY A 189 0.18 15.93 -6.84
C GLY A 189 1.64 15.99 -7.25
N ALA A 190 2.16 14.83 -7.67
CA ALA A 190 3.55 14.67 -8.08
C ALA A 190 4.53 14.90 -6.93
N PRO A 191 4.76 13.88 -6.10
CA PRO A 191 5.71 13.98 -5.00
C PRO A 191 7.14 14.11 -5.52
N PHE A 192 7.92 14.95 -4.86
CA PHE A 192 9.31 15.18 -5.26
C PHE A 192 10.22 14.14 -4.62
N GLY A 193 9.67 12.95 -4.45
CA GLY A 193 10.40 11.84 -3.91
C GLY A 193 9.91 10.55 -4.53
N GLN A 194 9.79 10.58 -5.84
CA GLN A 194 9.28 9.45 -6.60
C GLN A 194 10.25 9.10 -7.71
N SER A 195 10.09 7.93 -8.32
CA SER A 195 10.95 7.53 -9.40
C SER A 195 10.25 7.80 -10.75
N GLY A 196 10.90 7.41 -11.82
CA GLY A 196 10.34 7.62 -13.14
C GLY A 196 9.56 6.41 -13.60
N PHE A 197 10.06 5.23 -13.25
CA PHE A 197 9.43 3.95 -13.59
C PHE A 197 9.48 3.65 -15.09
N GLY A 198 8.67 4.36 -15.85
CA GLY A 198 8.63 4.14 -17.28
C GLY A 198 7.60 5.01 -17.98
N GLY A 199 6.61 4.38 -18.57
CA GLY A 199 5.59 5.10 -19.27
C GLY A 199 5.33 4.51 -20.64
N ALA A 1 2.26 -7.85 16.92
CA ALA A 1 1.74 -6.81 16.01
C ALA A 1 2.58 -5.55 16.09
N GLY A 2 3.09 -5.12 14.96
CA GLY A 2 3.92 -3.95 14.91
C GLY A 2 5.35 -4.30 14.56
N PRO A 3 6.33 -3.56 15.08
CA PRO A 3 7.73 -3.81 14.81
C PRO A 3 8.29 -4.98 15.63
N GLN A 4 9.24 -5.70 15.05
CA GLN A 4 9.90 -6.80 15.75
C GLN A 4 11.07 -6.25 16.54
N GLY A 5 11.23 -6.74 17.76
CA GLY A 5 12.32 -6.30 18.61
C GLY A 5 13.67 -6.70 18.05
N GLY A 6 14.34 -5.77 17.41
CA GLY A 6 15.63 -6.05 16.81
C GLY A 6 15.64 -5.71 15.34
N PHE A 7 14.46 -5.42 14.80
CA PHE A 7 14.33 -5.06 13.40
C PHE A 7 13.74 -3.67 13.24
N GLY A 8 12.69 -3.39 14.00
CA GLY A 8 12.01 -2.12 13.85
C GLY A 8 11.24 -2.05 12.55
N ALA A 9 10.58 -3.16 12.21
CA ALA A 9 9.83 -3.29 10.97
C ALA A 9 8.70 -2.28 10.88
N THR A 10 8.41 -1.85 9.64
CA THR A 10 7.34 -0.90 9.34
C THR A 10 7.64 0.48 9.93
N GLY A 11 8.27 1.33 9.12
CA GLY A 11 8.59 2.67 9.56
C GLY A 11 9.91 3.13 9.02
N GLY A 12 10.36 4.27 9.50
CA GLY A 12 11.63 4.80 9.05
C GLY A 12 11.45 6.02 8.17
N ALA A 13 12.50 6.37 7.43
CA ALA A 13 12.49 7.53 6.56
C ALA A 13 11.44 7.40 5.45
N SER A 14 11.00 6.18 5.20
CA SER A 14 9.99 5.93 4.19
C SER A 14 8.66 6.60 4.55
N ALA A 15 8.49 6.92 5.83
CA ALA A 15 7.26 7.55 6.33
C ALA A 15 7.03 8.92 5.69
N GLY A 16 8.09 9.52 5.18
CA GLY A 16 7.95 10.81 4.54
C GLY A 16 7.50 10.69 3.10
N LEU A 17 7.95 9.64 2.43
CA LEU A 17 7.62 9.43 1.02
C LEU A 17 6.30 8.64 0.82
N ILE A 18 5.99 7.73 1.74
CA ILE A 18 4.84 6.79 1.62
C ILE A 18 3.55 7.41 1.07
N SER A 19 3.03 8.44 1.72
CA SER A 19 1.75 9.00 1.35
C SER A 19 1.78 9.67 -0.03
N ARG A 20 2.97 10.01 -0.50
CA ARG A 20 3.12 10.64 -1.82
C ARG A 20 3.29 9.61 -2.92
N VAL A 21 3.90 8.47 -2.57
CA VAL A 21 4.18 7.39 -3.53
C VAL A 21 2.94 7.02 -4.36
N ALA A 22 3.15 6.38 -5.53
CA ALA A 22 2.08 5.98 -6.47
C ALA A 22 0.82 5.41 -5.80
N ASN A 23 0.97 4.87 -4.60
CA ASN A 23 -0.17 4.34 -3.84
C ASN A 23 -1.17 5.46 -3.54
N ALA A 24 -0.66 6.69 -3.43
CA ALA A 24 -1.47 7.89 -3.23
C ALA A 24 -2.46 8.04 -4.36
N LEU A 25 -1.94 7.88 -5.58
CA LEU A 25 -2.72 8.01 -6.79
C LEU A 25 -3.75 6.90 -6.92
N ALA A 26 -3.45 5.74 -6.34
CA ALA A 26 -4.38 4.61 -6.38
C ALA A 26 -5.68 4.99 -5.71
N ASN A 27 -5.57 5.74 -4.60
CA ASN A 27 -6.72 6.25 -3.83
C ASN A 27 -7.63 5.11 -3.32
N THR A 28 -7.25 3.87 -3.56
CA THR A 28 -8.01 2.72 -3.16
C THR A 28 -8.03 2.56 -1.63
N SER A 29 -8.96 1.77 -1.13
CA SER A 29 -9.13 1.52 0.29
C SER A 29 -7.87 0.92 0.95
N THR A 30 -6.95 0.43 0.13
CA THR A 30 -5.71 -0.21 0.58
C THR A 30 -4.89 0.68 1.52
N LEU A 31 -4.99 1.99 1.34
CA LEU A 31 -4.28 2.94 2.19
C LEU A 31 -5.26 3.63 3.13
N ARG A 32 -6.53 3.57 2.78
CA ARG A 32 -7.58 4.24 3.53
C ARG A 32 -7.92 3.50 4.82
N THR A 33 -8.37 2.25 4.71
CA THR A 33 -8.81 1.50 5.88
C THR A 33 -8.70 -0.01 5.67
N VAL A 34 -8.86 -0.46 4.44
CA VAL A 34 -8.75 -1.88 4.13
C VAL A 34 -7.30 -2.29 4.13
N LEU A 35 -7.02 -3.44 4.70
CA LEU A 35 -5.65 -3.93 4.82
C LEU A 35 -4.96 -4.02 3.47
N ARG A 36 -3.65 -3.75 3.48
CA ARG A 36 -2.82 -3.81 2.30
C ARG A 36 -2.95 -5.15 1.58
N THR A 37 -3.18 -5.10 0.28
CA THR A 37 -3.25 -6.30 -0.52
C THR A 37 -1.87 -6.95 -0.55
N GLY A 38 -1.77 -8.11 0.07
CA GLY A 38 -0.50 -8.79 0.15
C GLY A 38 0.25 -8.40 1.39
N VAL A 39 -0.50 -8.09 2.43
CA VAL A 39 0.04 -7.64 3.69
C VAL A 39 0.99 -8.67 4.33
N SER A 40 1.78 -8.20 5.29
CA SER A 40 2.73 -9.05 5.99
C SER A 40 2.27 -9.29 7.43
N GLN A 41 2.83 -10.33 8.06
CA GLN A 41 2.47 -10.71 9.43
C GLN A 41 2.86 -9.66 10.45
N GLN A 42 3.70 -8.71 10.06
CA GLN A 42 4.16 -7.67 10.96
C GLN A 42 3.00 -6.94 11.61
N ILE A 43 2.01 -6.59 10.81
CA ILE A 43 0.86 -5.86 11.30
C ILE A 43 -0.20 -6.81 11.88
N ALA A 44 -0.35 -7.97 11.28
CA ALA A 44 -1.38 -8.92 11.70
C ALA A 44 -0.98 -9.67 12.96
N SER A 45 0.13 -10.41 12.85
CA SER A 45 0.71 -11.16 13.99
C SER A 45 -0.15 -12.38 14.39
N SER A 46 -1.42 -12.38 14.03
CA SER A 46 -2.33 -13.46 14.38
C SER A 46 -1.99 -14.76 13.63
N VAL A 47 -2.42 -14.85 12.38
CA VAL A 47 -2.20 -16.06 11.59
C VAL A 47 -1.93 -15.72 10.12
N VAL A 48 -2.61 -14.70 9.61
CA VAL A 48 -2.41 -14.26 8.25
C VAL A 48 -1.05 -13.58 8.09
N GLN A 49 -0.10 -14.33 7.58
CA GLN A 49 1.22 -13.80 7.37
C GLN A 49 1.31 -13.04 6.07
N ARG A 50 0.63 -13.55 5.05
CA ARG A 50 0.64 -12.93 3.76
C ARG A 50 -0.69 -13.13 3.03
N ALA A 51 -1.63 -13.87 3.66
CA ALA A 51 -2.92 -14.23 3.04
C ALA A 51 -2.74 -15.26 1.93
N ALA A 52 -1.77 -15.02 1.05
CA ALA A 52 -1.45 -15.96 0.00
C ALA A 52 -0.92 -17.24 0.58
N GLN A 53 -1.28 -18.34 -0.01
CA GLN A 53 -0.96 -19.66 0.50
C GLN A 53 0.54 -19.93 0.49
N SER A 54 1.28 -19.13 -0.25
CA SER A 54 2.71 -19.29 -0.36
C SER A 54 3.42 -19.10 0.98
N LEU A 55 3.57 -17.85 1.40
CA LEU A 55 4.29 -17.52 2.60
C LEU A 55 3.40 -17.62 3.84
N ALA A 56 2.09 -17.49 3.66
CA ALA A 56 1.16 -17.51 4.80
C ALA A 56 0.84 -18.91 5.29
N SER A 57 1.03 -19.91 4.44
CA SER A 57 0.73 -21.28 4.85
C SER A 57 1.62 -21.71 6.02
N THR A 58 1.09 -21.55 7.22
CA THR A 58 1.80 -21.90 8.43
C THR A 58 1.03 -22.97 9.22
N LEU A 59 -0.29 -22.89 9.17
CA LEU A 59 -1.15 -23.85 9.86
C LEU A 59 -2.00 -24.59 8.86
N GLY A 60 -1.57 -24.59 7.61
CA GLY A 60 -2.36 -25.20 6.57
C GLY A 60 -3.42 -24.25 6.08
N VAL A 61 -2.99 -23.19 5.45
CA VAL A 61 -3.91 -22.16 5.00
C VAL A 61 -4.44 -22.47 3.62
N ASP A 62 -5.76 -22.48 3.53
CA ASP A 62 -6.46 -22.76 2.28
C ASP A 62 -7.96 -22.75 2.54
N GLY A 63 -8.57 -21.59 2.41
CA GLY A 63 -9.99 -21.46 2.60
C GLY A 63 -10.39 -21.39 4.07
N ASN A 64 -10.07 -22.44 4.83
CA ASN A 64 -10.43 -22.57 6.25
C ASN A 64 -10.07 -21.32 7.05
N ASN A 65 -8.81 -21.22 7.40
CA ASN A 65 -8.30 -20.10 8.18
C ASN A 65 -7.94 -18.93 7.28
N LEU A 66 -8.38 -19.01 6.03
CA LEU A 66 -8.18 -17.95 5.08
C LEU A 66 -9.31 -16.94 5.18
N ALA A 67 -10.54 -17.41 4.97
CA ALA A 67 -11.71 -16.56 5.05
C ALA A 67 -12.04 -16.28 6.51
N ARG A 68 -11.94 -17.30 7.32
CA ARG A 68 -12.20 -17.18 8.74
C ARG A 68 -10.88 -17.06 9.46
N PHE A 69 -10.92 -16.59 10.71
CA PHE A 69 -9.72 -16.42 11.54
C PHE A 69 -8.83 -15.27 11.03
N ALA A 70 -8.33 -15.39 9.80
CA ALA A 70 -7.46 -14.40 9.20
C ALA A 70 -8.17 -13.06 9.01
N VAL A 71 -9.21 -13.06 8.18
CA VAL A 71 -9.97 -11.84 7.92
C VAL A 71 -10.59 -11.30 9.19
N GLN A 72 -11.12 -12.20 10.01
CA GLN A 72 -11.76 -11.80 11.27
C GLN A 72 -10.80 -11.05 12.19
N ALA A 73 -9.55 -11.47 12.20
CA ALA A 73 -8.55 -10.84 13.05
C ALA A 73 -8.15 -9.47 12.54
N VAL A 74 -7.97 -9.35 11.23
CA VAL A 74 -7.50 -8.09 10.65
C VAL A 74 -8.66 -7.11 10.38
N SER A 75 -9.87 -7.61 10.37
CA SER A 75 -11.01 -6.75 10.16
C SER A 75 -11.54 -6.24 11.49
N ARG A 76 -11.25 -7.00 12.55
CA ARG A 76 -11.70 -6.66 13.88
C ARG A 76 -10.50 -6.42 14.80
N LEU A 77 -9.37 -6.10 14.20
CA LEU A 77 -8.14 -5.87 14.94
C LEU A 77 -8.27 -4.65 15.86
N PRO A 78 -7.63 -4.69 17.03
CA PRO A 78 -7.66 -3.58 17.99
C PRO A 78 -7.05 -2.31 17.40
N ALA A 79 -7.79 -1.22 17.47
CA ALA A 79 -7.34 0.05 16.90
C ALA A 79 -6.34 0.74 17.79
N GLY A 80 -5.94 0.06 18.81
CA GLY A 80 -4.95 0.58 19.72
C GLY A 80 -3.56 0.43 19.15
N SER A 81 -3.46 -0.40 18.13
CA SER A 81 -2.21 -0.59 17.43
C SER A 81 -2.07 0.47 16.34
N ASP A 82 -3.16 1.24 16.13
CA ASP A 82 -3.23 2.34 15.15
C ASP A 82 -3.23 1.84 13.71
N THR A 83 -4.25 2.21 12.97
CA THR A 83 -4.34 1.83 11.57
C THR A 83 -3.25 2.51 10.76
N SER A 84 -2.93 3.74 11.13
CA SER A 84 -1.88 4.51 10.47
C SER A 84 -0.51 3.87 10.74
N ALA A 85 -0.43 3.05 11.78
CA ALA A 85 0.78 2.35 12.12
C ALA A 85 0.87 1.04 11.33
N TYR A 86 -0.28 0.59 10.87
CA TYR A 86 -0.39 -0.62 10.08
C TYR A 86 0.02 -0.36 8.64
N ALA A 87 -0.24 -1.33 7.78
CA ALA A 87 0.10 -1.26 6.37
C ALA A 87 -0.86 -0.35 5.59
N GLN A 88 -1.37 0.67 6.25
CA GLN A 88 -2.27 1.62 5.61
C GLN A 88 -1.48 2.76 5.00
N ALA A 89 -0.76 3.47 5.84
CA ALA A 89 0.05 4.58 5.38
C ALA A 89 1.31 4.07 4.71
N PHE A 90 1.85 3.00 5.26
CA PHE A 90 3.07 2.40 4.74
C PHE A 90 2.79 1.45 3.58
N SER A 91 1.52 1.40 3.16
CA SER A 91 1.08 0.51 2.08
C SER A 91 1.96 0.70 0.84
N SER A 92 2.32 1.94 0.56
CA SER A 92 3.12 2.29 -0.59
C SER A 92 4.48 1.58 -0.59
N ALA A 93 5.21 1.70 0.51
CA ALA A 93 6.55 1.13 0.61
C ALA A 93 6.51 -0.36 0.84
N LEU A 94 5.41 -0.85 1.36
CA LEU A 94 5.28 -2.26 1.63
C LEU A 94 4.86 -3.02 0.37
N PHE A 95 3.88 -2.50 -0.33
CA PHE A 95 3.34 -3.17 -1.51
C PHE A 95 4.32 -3.16 -2.68
N ASN A 96 4.96 -2.00 -2.90
CA ASN A 96 5.87 -1.81 -4.05
C ASN A 96 5.10 -1.89 -5.36
N ALA A 97 4.58 -0.76 -5.80
CA ALA A 97 3.83 -0.70 -7.04
C ALA A 97 4.77 -0.56 -8.24
N GLY A 98 6.06 -0.55 -7.96
CA GLY A 98 7.07 -0.40 -9.01
C GLY A 98 7.25 1.05 -9.43
N VAL A 99 6.32 1.87 -9.01
CA VAL A 99 6.31 3.29 -9.35
C VAL A 99 6.84 4.12 -8.17
N LEU A 100 7.70 3.51 -7.38
CA LEU A 100 8.25 4.18 -6.22
C LEU A 100 9.77 4.20 -6.30
N ASN A 101 10.40 4.91 -5.39
CA ASN A 101 11.84 4.97 -5.34
C ASN A 101 12.38 3.67 -4.81
N ALA A 102 12.84 2.81 -5.72
CA ALA A 102 13.39 1.51 -5.36
C ALA A 102 14.70 1.66 -4.63
N SER A 103 15.31 2.85 -4.76
CA SER A 103 16.56 3.11 -4.10
C SER A 103 16.31 3.23 -2.61
N ASN A 104 15.11 3.69 -2.26
CA ASN A 104 14.74 3.84 -0.87
C ASN A 104 14.57 2.46 -0.23
N ILE A 105 14.07 1.51 -1.03
CA ILE A 105 13.92 0.15 -0.58
C ILE A 105 15.29 -0.49 -0.38
N ASP A 106 16.23 -0.12 -1.22
CA ASP A 106 17.59 -0.62 -1.09
C ASP A 106 18.34 0.11 0.02
N THR A 107 17.91 1.33 0.32
CA THR A 107 18.54 2.12 1.36
C THR A 107 18.18 1.61 2.76
N LEU A 108 16.90 1.63 3.10
CA LEU A 108 16.47 1.17 4.42
C LEU A 108 15.49 0.03 4.33
N GLY A 109 14.84 -0.10 3.18
CA GLY A 109 13.82 -1.13 3.02
C GLY A 109 14.29 -2.52 3.37
N SER A 110 15.29 -3.00 2.67
CA SER A 110 15.81 -4.32 2.88
C SER A 110 16.81 -4.36 4.04
N ARG A 111 17.27 -3.20 4.47
CA ARG A 111 18.24 -3.11 5.56
C ARG A 111 17.57 -3.05 6.92
N VAL A 112 16.75 -2.02 7.12
CA VAL A 112 16.11 -1.78 8.40
C VAL A 112 14.92 -2.72 8.59
N LEU A 113 13.96 -2.65 7.68
CA LEU A 113 12.77 -3.49 7.79
C LEU A 113 13.14 -4.96 7.54
N SER A 114 14.20 -5.15 6.78
CA SER A 114 14.78 -6.46 6.48
C SER A 114 13.73 -7.52 6.10
N ALA A 115 13.46 -8.44 7.05
CA ALA A 115 12.53 -9.58 6.83
C ALA A 115 11.22 -9.15 6.20
N LEU A 116 10.74 -7.98 6.59
CA LEU A 116 9.49 -7.46 6.09
C LEU A 116 9.52 -7.32 4.58
N LEU A 117 10.41 -6.47 4.08
CA LEU A 117 10.46 -6.21 2.65
C LEU A 117 11.20 -7.31 1.90
N ASN A 118 12.06 -8.06 2.58
CA ASN A 118 12.76 -9.18 1.95
C ASN A 118 11.76 -10.23 1.50
N GLY A 119 10.80 -10.52 2.37
CA GLY A 119 9.77 -11.47 2.02
C GLY A 119 8.83 -10.90 0.98
N VAL A 120 8.60 -9.60 1.05
CA VAL A 120 7.74 -8.91 0.10
C VAL A 120 8.38 -8.86 -1.29
N SER A 121 9.69 -8.62 -1.31
CA SER A 121 10.43 -8.53 -2.56
C SER A 121 10.29 -9.81 -3.39
N SER A 122 10.22 -10.93 -2.70
CA SER A 122 10.08 -12.20 -3.36
C SER A 122 8.60 -12.49 -3.68
N ALA A 123 7.72 -12.13 -2.76
CA ALA A 123 6.30 -12.41 -2.91
C ALA A 123 5.55 -11.35 -3.75
N ALA A 124 5.35 -10.16 -3.19
CA ALA A 124 4.57 -9.10 -3.87
C ALA A 124 5.32 -8.52 -5.03
N GLN A 125 6.57 -8.19 -4.81
CA GLN A 125 7.41 -7.61 -5.83
C GLN A 125 7.74 -8.67 -6.89
N GLY A 126 7.69 -9.93 -6.48
CA GLY A 126 8.01 -11.02 -7.37
C GLY A 126 6.83 -11.49 -8.20
N LEU A 127 5.82 -12.07 -7.54
CA LEU A 127 4.70 -12.67 -8.26
C LEU A 127 3.42 -11.85 -8.10
N GLY A 128 3.34 -11.10 -7.03
CA GLY A 128 2.15 -10.32 -6.77
C GLY A 128 1.17 -11.06 -5.88
N ILE A 129 1.12 -10.66 -4.62
CA ILE A 129 0.24 -11.30 -3.64
C ILE A 129 -1.21 -10.81 -3.77
N ASN A 130 -2.14 -11.74 -3.70
CA ASN A 130 -3.56 -11.40 -3.72
C ASN A 130 -4.22 -11.95 -2.45
N VAL A 131 -4.95 -11.09 -1.76
CA VAL A 131 -5.65 -11.47 -0.54
C VAL A 131 -6.99 -12.15 -0.92
N ASP A 132 -7.65 -12.77 0.05
CA ASP A 132 -8.91 -13.47 -0.20
C ASP A 132 -9.96 -12.50 -0.76
N SER A 133 -10.68 -12.99 -1.76
CA SER A 133 -11.69 -12.20 -2.47
C SER A 133 -12.80 -11.68 -1.54
N GLY A 134 -12.98 -12.33 -0.40
CA GLY A 134 -14.04 -11.95 0.52
C GLY A 134 -13.88 -10.55 1.08
N SER A 135 -12.66 -10.17 1.41
CA SER A 135 -12.44 -8.88 2.03
C SER A 135 -11.79 -7.84 1.11
N VAL A 136 -10.76 -8.24 0.38
CA VAL A 136 -10.02 -7.29 -0.42
C VAL A 136 -10.73 -6.94 -1.74
N GLN A 137 -11.05 -7.95 -2.54
CA GLN A 137 -11.63 -7.74 -3.86
C GLN A 137 -12.96 -6.99 -3.77
N SER A 138 -13.80 -7.38 -2.83
CA SER A 138 -15.11 -6.77 -2.67
C SER A 138 -15.02 -5.25 -2.48
N ASP A 139 -14.05 -4.83 -1.68
CA ASP A 139 -13.90 -3.41 -1.38
C ASP A 139 -13.09 -2.67 -2.45
N ILE A 140 -11.92 -3.23 -2.80
CA ILE A 140 -11.02 -2.56 -3.74
C ILE A 140 -11.64 -2.37 -5.11
N SER A 141 -12.48 -3.31 -5.54
CA SER A 141 -13.09 -3.20 -6.87
C SER A 141 -13.95 -1.94 -7.02
N SER A 142 -14.51 -1.47 -5.92
CA SER A 142 -15.34 -0.27 -5.95
C SER A 142 -14.49 0.98 -5.86
N SER A 143 -13.38 0.89 -5.14
CA SER A 143 -12.51 2.02 -4.91
C SER A 143 -11.44 2.18 -6.01
N SER A 144 -11.09 1.07 -6.63
CA SER A 144 -10.08 1.03 -7.69
C SER A 144 -10.49 1.86 -8.90
N SER A 145 -11.78 2.18 -9.00
CA SER A 145 -12.33 3.00 -10.08
C SER A 145 -11.49 4.27 -10.36
N PHE A 146 -10.68 4.69 -9.38
CA PHE A 146 -9.82 5.87 -9.51
C PHE A 146 -8.75 5.66 -10.58
N LEU A 147 -8.61 4.43 -11.07
CA LEU A 147 -7.64 4.13 -12.14
C LEU A 147 -7.96 4.97 -13.37
N SER A 148 -9.24 5.28 -13.56
CA SER A 148 -9.67 6.10 -14.65
C SER A 148 -9.13 7.52 -14.47
N THR A 149 -9.14 8.00 -13.23
CA THR A 149 -8.60 9.32 -12.89
C THR A 149 -7.09 9.31 -13.11
N SER A 150 -6.49 8.15 -12.89
CA SER A 150 -5.08 7.96 -13.09
C SER A 150 -4.75 8.03 -14.57
N SER A 151 -5.77 7.95 -15.42
CA SER A 151 -5.61 8.00 -16.85
C SER A 151 -6.03 9.37 -17.40
N SER A 152 -7.19 9.85 -16.94
CA SER A 152 -7.70 11.13 -17.36
C SER A 152 -8.60 11.70 -16.27
N SER A 153 -8.65 13.02 -16.17
CA SER A 153 -9.45 13.68 -15.16
C SER A 153 -10.91 13.78 -15.60
N ALA A 154 -11.41 12.73 -16.23
CA ALA A 154 -12.77 12.69 -16.70
C ALA A 154 -13.73 12.46 -15.53
N SER A 155 -13.17 11.97 -14.42
CA SER A 155 -13.93 11.72 -13.22
C SER A 155 -14.61 13.00 -12.73
N TYR A 156 -15.95 13.01 -12.79
CA TYR A 156 -16.75 14.15 -12.34
C TYR A 156 -16.43 15.39 -13.17
N SER A 157 -15.90 15.18 -14.37
CA SER A 157 -15.53 16.27 -15.28
C SER A 157 -14.51 17.22 -14.60
N GLN A 158 -13.30 16.70 -14.39
CA GLN A 158 -12.14 17.42 -13.80
C GLN A 158 -12.45 18.07 -12.43
N ALA A 159 -13.57 17.67 -11.82
CA ALA A 159 -13.95 18.17 -10.51
C ALA A 159 -13.57 17.16 -9.44
N SER A 160 -12.80 16.17 -9.86
CA SER A 160 -12.34 15.11 -8.99
C SER A 160 -11.32 15.62 -7.96
N ALA A 161 -10.53 16.61 -8.36
CA ALA A 161 -9.50 17.15 -7.50
C ALA A 161 -10.07 18.20 -6.53
N SER A 162 -11.37 18.33 -6.52
CA SER A 162 -12.01 19.23 -5.61
C SER A 162 -12.32 18.49 -4.31
N SER A 163 -12.45 19.24 -3.23
CA SER A 163 -12.74 18.64 -1.94
C SER A 163 -14.16 18.11 -1.87
N THR A 164 -14.34 16.90 -2.40
CA THR A 164 -15.61 16.23 -2.35
C THR A 164 -16.03 16.06 -0.90
N SER A 165 -17.23 16.55 -0.58
CA SER A 165 -17.76 16.49 0.78
C SER A 165 -16.98 17.41 1.73
N GLY A 166 -16.03 18.17 1.18
CA GLY A 166 -15.25 19.07 1.99
C GLY A 166 -14.04 18.39 2.58
N ALA A 167 -13.38 17.57 1.76
CA ALA A 167 -12.17 16.86 2.19
C ALA A 167 -11.12 17.83 2.69
N GLY A 168 -10.68 18.74 1.82
CA GLY A 168 -9.68 19.71 2.20
C GLY A 168 -8.29 19.13 2.18
N TYR A 169 -8.05 18.18 3.05
CA TYR A 169 -6.77 17.54 3.15
C TYR A 169 -6.87 16.08 2.76
N THR A 170 -5.91 15.61 2.01
CA THR A 170 -5.83 14.24 1.60
C THR A 170 -4.37 13.89 1.33
N GLY A 171 -3.62 13.70 2.39
CA GLY A 171 -2.21 13.45 2.27
C GLY A 171 -1.47 14.68 1.80
N PRO A 172 -0.19 14.56 1.48
CA PRO A 172 0.61 15.69 0.97
C PRO A 172 0.17 16.08 -0.44
N SER A 173 -0.53 15.17 -1.09
CA SER A 173 -0.98 15.38 -2.46
C SER A 173 -2.17 16.34 -2.50
N GLY A 174 -3.29 15.94 -1.93
CA GLY A 174 -4.47 16.77 -1.94
C GLY A 174 -5.70 15.97 -2.29
N PRO A 175 -6.90 16.58 -2.22
CA PRO A 175 -8.18 15.90 -2.53
C PRO A 175 -8.21 15.26 -3.92
N SER A 176 -7.98 13.96 -3.96
CA SER A 176 -8.07 13.15 -5.18
C SER A 176 -7.45 13.84 -6.42
N THR A 177 -6.13 13.93 -6.45
CA THR A 177 -5.46 14.54 -7.57
C THR A 177 -4.25 13.68 -7.98
N GLY A 178 -3.67 13.98 -9.13
CA GLY A 178 -2.53 13.23 -9.59
C GLY A 178 -2.09 13.65 -10.98
N PRO A 179 -1.25 12.84 -11.63
CA PRO A 179 -0.72 13.15 -12.96
C PRO A 179 -1.77 13.05 -14.08
N SER A 180 -2.81 12.22 -13.87
CA SER A 180 -3.84 12.04 -14.88
C SER A 180 -3.22 11.62 -16.22
N GLY A 181 -2.78 10.36 -16.30
CA GLY A 181 -2.16 9.87 -17.51
C GLY A 181 -1.04 8.89 -17.20
N TYR A 182 0.16 9.41 -17.03
CA TYR A 182 1.31 8.58 -16.72
C TYR A 182 1.88 8.93 -15.36
N PRO A 183 1.88 7.99 -14.42
CA PRO A 183 2.46 8.19 -13.09
C PRO A 183 3.99 8.26 -13.17
N GLY A 184 4.56 9.34 -12.67
CA GLY A 184 6.00 9.48 -12.69
C GLY A 184 6.47 10.87 -13.08
N PRO A 185 6.15 11.35 -14.32
CA PRO A 185 6.55 12.69 -14.81
C PRO A 185 5.90 13.86 -14.07
N LEU A 186 5.69 13.69 -12.77
CA LEU A 186 5.09 14.71 -11.90
C LEU A 186 3.62 14.96 -12.21
N GLY A 187 2.85 15.04 -11.15
CA GLY A 187 1.45 15.32 -11.26
C GLY A 187 0.97 15.98 -10.00
N GLY A 188 -0.33 16.16 -9.88
CA GLY A 188 -0.88 16.77 -8.70
C GLY A 188 -0.49 16.03 -7.43
N GLY A 189 0.36 16.65 -6.63
CA GLY A 189 0.80 16.06 -5.40
C GLY A 189 1.74 14.89 -5.59
N ALA A 190 2.55 14.94 -6.64
CA ALA A 190 3.51 13.88 -6.91
C ALA A 190 4.69 13.96 -5.94
N PRO A 191 5.40 12.84 -5.72
CA PRO A 191 6.54 12.80 -4.82
C PRO A 191 7.78 13.42 -5.45
N PHE A 192 8.64 13.95 -4.61
CA PHE A 192 9.87 14.54 -5.07
C PHE A 192 10.90 13.45 -5.28
N GLY A 193 10.68 12.32 -4.62
CA GLY A 193 11.55 11.18 -4.76
C GLY A 193 10.93 10.13 -5.66
N GLN A 194 10.39 10.59 -6.77
CA GLN A 194 9.73 9.73 -7.73
C GLN A 194 10.74 9.03 -8.64
N SER A 195 10.43 7.81 -9.00
CA SER A 195 11.27 7.04 -9.90
C SER A 195 10.69 7.08 -11.31
N GLY A 196 11.55 6.90 -12.30
CA GLY A 196 11.11 6.95 -13.67
C GLY A 196 10.35 5.71 -14.07
N PHE A 197 9.05 5.78 -13.96
CA PHE A 197 8.21 4.66 -14.32
C PHE A 197 7.66 4.86 -15.72
N GLY A 198 7.12 6.04 -15.97
CA GLY A 198 6.58 6.35 -17.27
C GLY A 198 7.66 6.84 -18.21
N GLY A 199 8.73 7.33 -17.63
CA GLY A 199 9.84 7.82 -18.39
C GLY A 199 11.01 8.17 -17.50
N ALA A 1 0.38 -6.67 16.45
CA ALA A 1 1.47 -5.98 15.76
C ALA A 1 2.70 -5.95 16.64
N GLY A 2 3.81 -6.46 16.12
CA GLY A 2 5.03 -6.45 16.86
C GLY A 2 6.24 -6.32 15.96
N PRO A 3 7.22 -5.49 16.35
CA PRO A 3 8.44 -5.32 15.55
C PRO A 3 9.26 -6.60 15.53
N GLN A 4 9.49 -7.12 14.35
CA GLN A 4 10.24 -8.34 14.18
C GLN A 4 11.69 -8.18 14.65
N GLY A 5 12.05 -8.96 15.66
CA GLY A 5 13.39 -8.93 16.22
C GLY A 5 13.83 -7.53 16.59
N GLY A 6 15.05 -7.21 16.23
CA GLY A 6 15.57 -5.89 16.47
C GLY A 6 15.64 -5.10 15.19
N PHE A 7 14.94 -5.59 14.18
CA PHE A 7 14.88 -4.95 12.89
C PHE A 7 14.10 -3.66 12.98
N GLY A 8 12.88 -3.76 13.52
CA GLY A 8 12.02 -2.59 13.63
C GLY A 8 11.67 -2.04 12.28
N ALA A 9 10.84 -2.77 11.54
CA ALA A 9 10.46 -2.41 10.18
C ALA A 9 9.68 -1.08 10.10
N THR A 10 9.16 -0.79 8.91
CA THR A 10 8.46 0.47 8.61
C THR A 10 9.33 1.70 8.97
N GLY A 11 10.14 2.12 7.99
CA GLY A 11 11.06 3.22 8.20
C GLY A 11 10.38 4.57 8.27
N GLY A 12 10.97 5.46 9.06
CA GLY A 12 10.40 6.79 9.23
C GLY A 12 10.50 7.64 7.99
N ALA A 13 11.62 7.58 7.29
CA ALA A 13 11.82 8.37 6.07
C ALA A 13 10.78 8.02 5.01
N SER A 14 10.39 6.76 4.95
CA SER A 14 9.44 6.31 3.98
C SER A 14 8.03 6.75 4.36
N ALA A 15 7.80 7.04 5.64
CA ALA A 15 6.48 7.43 6.14
C ALA A 15 6.01 8.75 5.52
N GLY A 16 6.94 9.56 5.05
CA GLY A 16 6.58 10.81 4.43
C GLY A 16 6.26 10.64 2.97
N LEU A 17 6.96 9.73 2.31
CA LEU A 17 6.78 9.54 0.87
C LEU A 17 5.63 8.59 0.56
N ILE A 18 5.38 7.60 1.43
CA ILE A 18 4.37 6.55 1.20
C ILE A 18 3.03 7.07 0.66
N SER A 19 2.49 8.05 1.32
CA SER A 19 1.19 8.59 0.96
C SER A 19 1.24 9.32 -0.40
N ARG A 20 2.44 9.73 -0.80
CA ARG A 20 2.60 10.50 -2.04
C ARG A 20 2.82 9.62 -3.27
N VAL A 21 3.31 8.41 -3.08
CA VAL A 21 3.69 7.56 -4.22
C VAL A 21 2.48 7.00 -4.98
N ALA A 22 2.73 5.96 -5.78
CA ALA A 22 1.74 5.33 -6.66
C ALA A 22 0.38 5.07 -5.98
N ASN A 23 0.41 4.69 -4.71
CA ASN A 23 -0.82 4.39 -3.97
C ASN A 23 -1.70 5.63 -3.80
N ALA A 24 -1.10 6.81 -3.84
CA ALA A 24 -1.86 8.05 -3.73
C ALA A 24 -2.83 8.16 -4.90
N LEU A 25 -2.29 8.02 -6.09
CA LEU A 25 -3.09 8.06 -7.32
C LEU A 25 -4.02 6.86 -7.37
N ALA A 26 -3.56 5.74 -6.84
CA ALA A 26 -4.35 4.51 -6.80
C ALA A 26 -5.65 4.75 -6.06
N ASN A 27 -5.59 5.61 -5.01
CA ASN A 27 -6.77 5.98 -4.20
C ASN A 27 -7.50 4.75 -3.67
N THR A 28 -6.81 3.63 -3.67
CA THR A 28 -7.38 2.37 -3.27
C THR A 28 -7.50 2.28 -1.74
N SER A 29 -8.40 1.42 -1.28
CA SER A 29 -8.64 1.22 0.13
C SER A 29 -7.41 0.71 0.87
N THR A 30 -6.43 0.19 0.12
CA THR A 30 -5.20 -0.41 0.69
C THR A 30 -4.46 0.56 1.63
N LEU A 31 -4.51 1.84 1.30
CA LEU A 31 -3.87 2.87 2.12
C LEU A 31 -4.91 3.74 2.78
N ARG A 32 -6.12 3.69 2.24
CA ARG A 32 -7.19 4.55 2.68
C ARG A 32 -7.86 4.07 3.97
N THR A 33 -8.12 2.77 4.08
CA THR A 33 -8.83 2.27 5.26
C THR A 33 -8.72 0.74 5.42
N VAL A 34 -8.76 0.02 4.32
CA VAL A 34 -8.69 -1.44 4.35
C VAL A 34 -7.23 -1.90 4.30
N LEU A 35 -6.92 -2.98 5.03
CA LEU A 35 -5.56 -3.50 5.07
C LEU A 35 -5.02 -3.78 3.67
N ARG A 36 -3.75 -3.45 3.48
CA ARG A 36 -3.07 -3.63 2.19
C ARG A 36 -3.09 -5.08 1.74
N THR A 37 -3.00 -5.27 0.44
CA THR A 37 -2.96 -6.58 -0.13
C THR A 37 -1.63 -7.26 0.19
N GLY A 38 -1.72 -8.43 0.80
CA GLY A 38 -0.52 -9.12 1.21
C GLY A 38 0.13 -8.42 2.38
N VAL A 39 -0.71 -7.96 3.30
CA VAL A 39 -0.28 -7.22 4.49
C VAL A 39 0.90 -7.89 5.21
N SER A 40 1.72 -7.08 5.85
CA SER A 40 2.87 -7.55 6.56
C SER A 40 2.45 -8.32 7.81
N GLN A 41 2.95 -9.53 7.96
CA GLN A 41 2.63 -10.37 9.11
C GLN A 41 3.09 -9.71 10.42
N GLN A 42 3.92 -8.70 10.29
CA GLN A 42 4.42 -7.97 11.42
C GLN A 42 3.30 -7.26 12.17
N ILE A 43 2.27 -6.84 11.43
CA ILE A 43 1.13 -6.18 12.05
C ILE A 43 0.13 -7.20 12.60
N ALA A 44 -0.01 -8.32 11.89
CA ALA A 44 -0.94 -9.36 12.29
C ALA A 44 -0.31 -10.28 13.33
N SER A 45 0.63 -11.11 12.87
CA SER A 45 1.38 -12.06 13.71
C SER A 45 0.54 -13.29 14.09
N SER A 46 -0.77 -13.14 13.98
CA SER A 46 -1.70 -14.20 14.33
C SER A 46 -1.62 -15.40 13.37
N VAL A 47 -2.38 -15.34 12.29
CA VAL A 47 -2.41 -16.43 11.32
C VAL A 47 -2.13 -15.93 9.90
N VAL A 48 -2.57 -14.72 9.62
CA VAL A 48 -2.39 -14.15 8.31
C VAL A 48 -0.97 -13.61 8.12
N GLN A 49 -0.10 -14.47 7.62
CA GLN A 49 1.27 -14.10 7.36
C GLN A 49 1.39 -13.40 6.01
N ARG A 50 1.18 -14.15 4.94
CA ARG A 50 1.24 -13.58 3.59
C ARG A 50 -0.15 -13.50 2.99
N ALA A 51 -1.14 -13.99 3.73
CA ALA A 51 -2.53 -14.11 3.24
C ALA A 51 -2.60 -15.21 2.17
N ALA A 52 -1.79 -15.07 1.12
CA ALA A 52 -1.72 -16.08 0.09
C ALA A 52 -1.12 -17.37 0.63
N GLN A 53 -1.66 -18.46 0.16
CA GLN A 53 -1.40 -19.82 0.65
C GLN A 53 0.10 -20.16 0.87
N SER A 54 0.93 -19.93 -0.14
CA SER A 54 2.33 -20.36 -0.11
C SER A 54 3.06 -20.03 1.21
N LEU A 55 3.18 -18.76 1.52
CA LEU A 55 3.90 -18.36 2.72
C LEU A 55 3.00 -18.35 3.96
N ALA A 56 1.71 -18.13 3.76
CA ALA A 56 0.78 -18.01 4.87
C ALA A 56 0.33 -19.33 5.44
N SER A 57 0.44 -20.40 4.66
CA SER A 57 -0.05 -21.70 5.09
C SER A 57 0.71 -22.19 6.33
N THR A 58 0.18 -21.83 7.48
CA THR A 58 0.74 -22.23 8.73
C THR A 58 -0.23 -23.17 9.46
N LEU A 59 -1.53 -22.88 9.31
CA LEU A 59 -2.58 -23.70 9.91
C LEU A 59 -3.51 -24.22 8.82
N GLY A 60 -3.04 -24.21 7.59
CA GLY A 60 -3.86 -24.64 6.49
C GLY A 60 -4.62 -23.49 5.87
N VAL A 61 -3.91 -22.59 5.22
CA VAL A 61 -4.54 -21.47 4.56
C VAL A 61 -4.88 -21.85 3.14
N ASP A 62 -6.14 -22.12 2.92
CA ASP A 62 -6.64 -22.57 1.61
C ASP A 62 -8.07 -22.14 1.42
N GLY A 63 -8.48 -21.27 2.27
CA GLY A 63 -9.85 -20.85 2.29
C GLY A 63 -10.37 -20.81 3.69
N ASN A 64 -10.12 -21.90 4.42
CA ASN A 64 -10.53 -22.02 5.81
C ASN A 64 -9.85 -20.96 6.66
N ASN A 65 -8.54 -21.06 6.77
CA ASN A 65 -7.75 -20.09 7.54
C ASN A 65 -7.42 -18.88 6.67
N LEU A 66 -7.95 -18.88 5.46
CA LEU A 66 -7.76 -17.77 4.51
C LEU A 66 -8.84 -16.70 4.70
N ALA A 67 -10.07 -17.06 4.37
CA ALA A 67 -11.20 -16.14 4.48
C ALA A 67 -11.61 -15.98 5.93
N ARG A 68 -11.56 -17.08 6.64
CA ARG A 68 -11.90 -17.11 8.04
C ARG A 68 -10.63 -17.10 8.85
N PHE A 69 -10.74 -16.75 10.13
CA PHE A 69 -9.60 -16.66 11.05
C PHE A 69 -8.65 -15.51 10.67
N ALA A 70 -8.06 -15.58 9.48
CA ALA A 70 -7.13 -14.55 9.00
C ALA A 70 -7.79 -13.20 8.89
N VAL A 71 -8.80 -13.11 8.03
CA VAL A 71 -9.52 -11.87 7.85
C VAL A 71 -10.22 -11.46 9.12
N GLN A 72 -10.77 -12.44 9.83
CA GLN A 72 -11.49 -12.18 11.07
C GLN A 72 -10.58 -11.53 12.11
N ALA A 73 -9.40 -12.08 12.30
CA ALA A 73 -8.45 -11.57 13.29
C ALA A 73 -8.15 -10.09 13.09
N VAL A 74 -8.02 -9.67 11.83
CA VAL A 74 -7.72 -8.28 11.52
C VAL A 74 -9.00 -7.44 11.45
N SER A 75 -10.08 -8.04 10.98
CA SER A 75 -11.35 -7.35 10.85
C SER A 75 -11.99 -7.12 12.23
N ARG A 76 -11.64 -7.98 13.18
CA ARG A 76 -12.16 -7.87 14.55
C ARG A 76 -11.12 -7.24 15.45
N LEU A 77 -10.08 -6.76 14.82
CA LEU A 77 -8.97 -6.13 15.51
C LEU A 77 -9.32 -4.68 15.83
N PRO A 78 -9.23 -4.29 17.12
CA PRO A 78 -9.52 -2.93 17.55
C PRO A 78 -8.42 -1.96 17.11
N ALA A 79 -8.82 -0.89 16.45
CA ALA A 79 -7.86 0.07 15.95
C ALA A 79 -7.64 1.21 16.95
N GLY A 80 -7.09 0.86 18.11
CA GLY A 80 -6.80 1.85 19.11
C GLY A 80 -5.64 2.73 18.72
N SER A 81 -4.75 2.16 17.92
CA SER A 81 -3.59 2.89 17.42
C SER A 81 -3.92 3.50 16.06
N ASP A 82 -5.12 3.17 15.55
CA ASP A 82 -5.61 3.60 14.24
C ASP A 82 -4.96 2.78 13.13
N THR A 83 -5.62 2.72 11.98
CA THR A 83 -5.12 1.97 10.86
C THR A 83 -3.78 2.50 10.37
N SER A 84 -3.59 3.81 10.50
CA SER A 84 -2.37 4.48 10.04
C SER A 84 -1.12 3.91 10.73
N ALA A 85 -1.29 3.39 11.94
CA ALA A 85 -0.17 2.83 12.68
C ALA A 85 0.18 1.45 12.17
N TYR A 86 -0.77 0.81 11.52
CA TYR A 86 -0.56 -0.49 10.93
C TYR A 86 0.03 -0.34 9.53
N ALA A 87 0.09 -1.42 8.80
CA ALA A 87 0.64 -1.41 7.44
C ALA A 87 -0.37 -0.83 6.45
N GLN A 88 -1.00 0.27 6.84
CA GLN A 88 -2.02 0.90 6.04
C GLN A 88 -1.41 1.93 5.09
N ALA A 89 -0.78 2.94 5.67
CA ALA A 89 -0.17 4.00 4.90
C ALA A 89 1.09 3.53 4.22
N PHE A 90 1.74 2.54 4.83
CA PHE A 90 2.99 2.00 4.31
C PHE A 90 2.76 1.07 3.13
N SER A 91 1.50 0.94 2.70
CA SER A 91 1.11 0.07 1.61
C SER A 91 1.98 0.30 0.37
N SER A 92 2.29 1.56 0.09
CA SER A 92 3.08 1.92 -1.08
C SER A 92 4.46 1.24 -1.10
N ALA A 93 5.17 1.32 0.02
CA ALA A 93 6.50 0.76 0.12
C ALA A 93 6.48 -0.73 0.39
N LEU A 94 5.39 -1.21 0.95
CA LEU A 94 5.27 -2.61 1.28
C LEU A 94 4.77 -3.44 0.10
N PHE A 95 3.98 -2.83 -0.78
CA PHE A 95 3.45 -3.53 -1.94
C PHE A 95 4.49 -3.58 -3.05
N ASN A 96 5.23 -2.47 -3.20
CA ASN A 96 6.30 -2.36 -4.21
C ASN A 96 5.74 -2.42 -5.63
N ALA A 97 5.43 -1.25 -6.18
CA ALA A 97 4.91 -1.17 -7.53
C ALA A 97 6.06 -1.03 -8.53
N GLY A 98 7.26 -0.79 -8.00
CA GLY A 98 8.45 -0.66 -8.83
C GLY A 98 8.54 0.66 -9.56
N VAL A 99 7.59 1.53 -9.31
CA VAL A 99 7.58 2.85 -9.89
C VAL A 99 8.12 3.85 -8.88
N LEU A 100 8.18 3.40 -7.66
CA LEU A 100 8.54 4.23 -6.52
C LEU A 100 10.05 4.41 -6.39
N ASN A 101 10.46 5.15 -5.37
CA ASN A 101 11.85 5.46 -5.15
C ASN A 101 12.63 4.22 -4.76
N ALA A 102 13.49 3.78 -5.66
CA ALA A 102 14.30 2.59 -5.46
C ALA A 102 15.34 2.79 -4.38
N SER A 103 15.75 4.03 -4.18
CA SER A 103 16.78 4.30 -3.18
C SER A 103 16.20 4.19 -1.79
N ASN A 104 14.91 4.43 -1.68
CA ASN A 104 14.21 4.32 -0.41
C ASN A 104 14.27 2.88 0.09
N ILE A 105 13.98 1.94 -0.79
CA ILE A 105 14.00 0.53 -0.44
C ILE A 105 15.42 0.03 -0.24
N ASP A 106 16.34 0.59 -0.95
CA ASP A 106 17.73 0.23 -0.77
C ASP A 106 18.22 0.76 0.57
N THR A 107 17.86 1.99 0.89
CA THR A 107 18.35 2.65 2.09
C THR A 107 17.73 2.08 3.36
N LEU A 108 16.42 2.06 3.44
CA LEU A 108 15.79 1.58 4.66
C LEU A 108 14.97 0.32 4.44
N GLY A 109 14.71 -0.01 3.20
CA GLY A 109 13.93 -1.19 2.92
C GLY A 109 14.64 -2.46 3.33
N SER A 110 15.74 -2.75 2.69
CA SER A 110 16.50 -3.95 2.98
C SER A 110 17.25 -3.84 4.32
N ARG A 111 17.44 -2.62 4.79
CA ARG A 111 18.15 -2.38 6.04
C ARG A 111 17.22 -2.43 7.25
N VAL A 112 16.22 -1.57 7.25
CA VAL A 112 15.31 -1.44 8.38
C VAL A 112 14.24 -2.54 8.37
N LEU A 113 13.52 -2.64 7.25
CA LEU A 113 12.50 -3.67 7.10
C LEU A 113 13.19 -5.03 7.05
N SER A 114 14.26 -5.07 6.25
CA SER A 114 15.15 -6.22 6.11
C SER A 114 14.43 -7.57 5.94
N ALA A 115 14.14 -8.23 7.05
CA ALA A 115 13.49 -9.53 7.04
C ALA A 115 12.14 -9.49 6.36
N LEU A 116 11.43 -8.38 6.52
CA LEU A 116 10.13 -8.21 5.91
C LEU A 116 10.24 -8.26 4.39
N LEU A 117 11.15 -7.48 3.85
CA LEU A 117 11.32 -7.42 2.40
C LEU A 117 11.88 -8.71 1.83
N ASN A 118 12.59 -9.47 2.65
CA ASN A 118 13.12 -10.75 2.19
C ASN A 118 12.00 -11.73 1.88
N GLY A 119 10.95 -11.68 2.68
CA GLY A 119 9.80 -12.53 2.47
C GLY A 119 8.82 -11.91 1.49
N VAL A 120 8.62 -10.60 1.60
CA VAL A 120 7.71 -9.88 0.73
C VAL A 120 8.24 -9.80 -0.71
N SER A 121 9.57 -9.93 -0.85
CA SER A 121 10.22 -9.87 -2.17
C SER A 121 9.62 -10.89 -3.12
N SER A 122 9.40 -12.10 -2.63
CA SER A 122 8.82 -13.15 -3.43
C SER A 122 7.30 -13.05 -3.43
N ALA A 123 6.77 -12.42 -2.40
CA ALA A 123 5.34 -12.31 -2.21
C ALA A 123 4.71 -11.16 -3.01
N ALA A 124 4.51 -10.02 -2.36
CA ALA A 124 3.84 -8.88 -2.98
C ALA A 124 4.72 -8.20 -4.01
N GLN A 125 5.97 -8.07 -3.69
CA GLN A 125 6.92 -7.42 -4.56
C GLN A 125 7.11 -8.22 -5.85
N GLY A 126 7.20 -9.52 -5.71
CA GLY A 126 7.46 -10.38 -6.85
C GLY A 126 6.24 -10.78 -7.64
N LEU A 127 5.21 -11.25 -6.95
CA LEU A 127 4.03 -11.75 -7.65
C LEU A 127 2.80 -10.86 -7.44
N GLY A 128 2.79 -10.13 -6.35
CA GLY A 128 1.62 -9.34 -6.03
C GLY A 128 0.58 -10.19 -5.35
N ILE A 129 0.53 -10.10 -4.04
CA ILE A 129 -0.38 -10.92 -3.26
C ILE A 129 -1.76 -10.28 -3.12
N ASN A 130 -2.78 -11.11 -3.22
CA ASN A 130 -4.15 -10.67 -3.07
C ASN A 130 -4.78 -11.34 -1.86
N VAL A 131 -5.48 -10.56 -1.07
CA VAL A 131 -6.18 -11.08 0.10
C VAL A 131 -7.57 -11.58 -0.34
N ASP A 132 -8.30 -12.23 0.56
CA ASP A 132 -9.62 -12.76 0.25
C ASP A 132 -10.58 -11.65 -0.22
N SER A 133 -11.45 -12.01 -1.16
CA SER A 133 -12.37 -11.07 -1.77
C SER A 133 -13.37 -10.47 -0.78
N GLY A 134 -13.59 -11.16 0.34
CA GLY A 134 -14.57 -10.73 1.32
C GLY A 134 -14.44 -9.27 1.72
N SER A 135 -13.37 -8.93 2.42
CA SER A 135 -13.20 -7.57 2.90
C SER A 135 -12.27 -6.73 2.01
N VAL A 136 -11.25 -7.36 1.45
CA VAL A 136 -10.24 -6.62 0.71
C VAL A 136 -10.64 -6.34 -0.74
N GLN A 137 -10.84 -7.36 -1.55
CA GLN A 137 -11.13 -7.19 -2.97
C GLN A 137 -12.36 -6.32 -3.20
N SER A 138 -13.43 -6.59 -2.47
CA SER A 138 -14.68 -5.86 -2.62
C SER A 138 -14.50 -4.34 -2.48
N ASP A 139 -13.64 -3.94 -1.56
CA ASP A 139 -13.39 -2.52 -1.33
C ASP A 139 -12.37 -1.96 -2.30
N ILE A 140 -11.25 -2.65 -2.45
CA ILE A 140 -10.16 -2.15 -3.28
C ILE A 140 -10.52 -2.08 -4.77
N SER A 141 -11.45 -2.92 -5.21
CA SER A 141 -11.84 -2.95 -6.62
C SER A 141 -12.58 -1.68 -7.05
N SER A 142 -13.56 -1.27 -6.27
CA SER A 142 -14.37 -0.10 -6.60
C SER A 142 -13.71 1.22 -6.16
N SER A 143 -12.80 1.12 -5.21
CA SER A 143 -12.16 2.31 -4.66
C SER A 143 -10.96 2.77 -5.49
N SER A 144 -10.39 1.88 -6.30
CA SER A 144 -9.17 2.21 -7.02
C SER A 144 -9.38 3.21 -8.17
N SER A 145 -10.12 2.82 -9.18
CA SER A 145 -10.26 3.65 -10.37
C SER A 145 -11.37 4.68 -10.26
N PHE A 146 -12.45 4.34 -9.58
CA PHE A 146 -13.62 5.22 -9.52
C PHE A 146 -13.32 6.53 -8.76
N LEU A 147 -12.39 6.50 -7.85
CA LEU A 147 -12.08 7.66 -7.05
C LEU A 147 -11.23 8.70 -7.80
N SER A 148 -10.02 8.32 -8.18
CA SER A 148 -9.12 9.27 -8.82
C SER A 148 -9.24 9.25 -10.35
N THR A 149 -8.86 8.13 -10.95
CA THR A 149 -8.83 8.03 -12.39
C THR A 149 -10.17 7.59 -12.98
N SER A 150 -11.22 8.33 -12.66
CA SER A 150 -12.55 8.02 -13.16
C SER A 150 -12.93 8.95 -14.31
N SER A 151 -14.04 8.64 -14.96
CA SER A 151 -14.51 9.41 -16.10
C SER A 151 -15.35 10.62 -15.65
N SER A 152 -15.31 10.90 -14.37
CA SER A 152 -16.04 12.02 -13.82
C SER A 152 -15.20 12.72 -12.78
N SER A 153 -15.69 13.82 -12.26
CA SER A 153 -14.97 14.55 -11.25
C SER A 153 -15.47 14.16 -9.87
N ALA A 154 -14.55 13.81 -9.00
CA ALA A 154 -14.91 13.34 -7.68
C ALA A 154 -14.86 14.47 -6.64
N SER A 155 -13.76 14.56 -5.91
CA SER A 155 -13.63 15.53 -4.85
C SER A 155 -12.88 16.78 -5.30
N TYR A 156 -13.64 17.86 -5.57
CA TYR A 156 -13.08 19.16 -5.99
C TYR A 156 -12.21 19.02 -7.24
N SER A 157 -12.42 17.93 -7.95
CA SER A 157 -11.62 17.61 -9.12
C SER A 157 -12.02 18.49 -10.29
N GLN A 158 -13.27 18.91 -10.29
CA GLN A 158 -13.81 19.71 -11.37
C GLN A 158 -13.61 21.20 -11.09
N ALA A 159 -12.97 21.50 -9.98
CA ALA A 159 -12.70 22.87 -9.60
C ALA A 159 -11.23 23.19 -9.87
N SER A 160 -10.69 22.50 -10.87
CA SER A 160 -9.30 22.64 -11.29
C SER A 160 -8.37 22.16 -10.17
N ALA A 161 -8.30 20.86 -10.02
CA ALA A 161 -7.50 20.24 -8.99
C ALA A 161 -6.23 19.65 -9.60
N SER A 162 -5.27 20.52 -9.87
CA SER A 162 -4.01 20.12 -10.47
C SER A 162 -2.94 19.88 -9.42
N SER A 163 -3.38 19.56 -8.19
CA SER A 163 -2.51 19.30 -7.04
C SER A 163 -1.77 20.57 -6.57
N THR A 164 -1.16 21.29 -7.50
CA THR A 164 -0.43 22.51 -7.17
C THR A 164 -1.39 23.58 -6.63
N SER A 165 -2.62 23.57 -7.12
CA SER A 165 -3.63 24.50 -6.67
C SER A 165 -4.44 23.88 -5.53
N GLY A 166 -4.09 22.67 -5.17
CA GLY A 166 -4.81 21.96 -4.14
C GLY A 166 -5.38 20.67 -4.66
N ALA A 167 -5.78 19.79 -3.77
CA ALA A 167 -6.34 18.52 -4.15
C ALA A 167 -7.53 18.16 -3.27
N GLY A 168 -8.11 19.17 -2.64
CA GLY A 168 -9.26 18.98 -1.78
C GLY A 168 -8.91 18.27 -0.50
N TYR A 169 -8.90 16.95 -0.56
CA TYR A 169 -8.64 16.13 0.61
C TYR A 169 -7.25 15.56 0.53
N THR A 170 -6.87 15.18 -0.67
CA THR A 170 -5.58 14.61 -0.92
C THR A 170 -4.52 15.70 -1.10
N GLY A 171 -3.29 15.28 -1.34
CA GLY A 171 -2.22 16.24 -1.55
C GLY A 171 -1.55 16.06 -2.89
N PRO A 172 -0.58 15.13 -2.98
CA PRO A 172 0.15 14.85 -4.23
C PRO A 172 -0.81 14.44 -5.36
N SER A 173 -1.63 13.45 -5.10
CA SER A 173 -2.59 12.98 -6.06
C SER A 173 -3.83 12.46 -5.35
N GLY A 174 -4.94 12.45 -6.05
CA GLY A 174 -6.20 12.05 -5.46
C GLY A 174 -7.37 12.37 -6.36
N PRO A 175 -7.56 13.66 -6.72
CA PRO A 175 -8.60 14.05 -7.67
C PRO A 175 -8.21 13.66 -9.10
N SER A 176 -8.78 14.34 -10.08
CA SER A 176 -8.51 14.07 -11.49
C SER A 176 -7.15 14.66 -11.93
N THR A 177 -6.19 14.60 -11.03
CA THR A 177 -4.87 15.15 -11.28
C THR A 177 -3.89 14.04 -11.68
N GLY A 178 -2.88 14.41 -12.44
CA GLY A 178 -1.86 13.46 -12.84
C GLY A 178 -2.30 12.57 -13.98
N PRO A 179 -1.96 11.27 -13.90
CA PRO A 179 -2.31 10.28 -14.94
C PRO A 179 -3.81 9.94 -14.98
N SER A 180 -4.65 10.94 -14.82
CA SER A 180 -6.08 10.76 -14.91
C SER A 180 -6.46 10.53 -16.36
N GLY A 181 -5.91 11.36 -17.23
CA GLY A 181 -6.14 11.23 -18.65
C GLY A 181 -4.84 11.16 -19.40
N TYR A 182 -3.72 11.28 -18.67
CA TYR A 182 -2.39 11.23 -19.27
C TYR A 182 -1.59 10.10 -18.67
N PRO A 183 -1.65 8.92 -19.27
CA PRO A 183 -0.94 7.76 -18.76
C PRO A 183 0.52 7.72 -19.24
N GLY A 184 1.44 7.63 -18.29
CA GLY A 184 2.85 7.56 -18.65
C GLY A 184 3.70 8.66 -18.04
N PRO A 185 3.60 9.91 -18.55
CA PRO A 185 4.44 11.06 -18.11
C PRO A 185 4.13 11.53 -16.68
N LEU A 186 3.24 10.83 -15.98
CA LEU A 186 2.87 11.14 -14.58
C LEU A 186 1.95 12.37 -14.48
N GLY A 187 2.09 13.29 -15.41
CA GLY A 187 1.27 14.47 -15.40
C GLY A 187 1.71 15.48 -14.36
N GLY A 188 0.76 16.21 -13.80
CA GLY A 188 1.09 17.20 -12.80
C GLY A 188 1.08 16.64 -11.40
N GLY A 189 0.13 15.75 -11.13
CA GLY A 189 0.00 15.15 -9.81
C GLY A 189 1.01 14.06 -9.55
N ALA A 190 2.28 14.42 -9.57
CA ALA A 190 3.35 13.49 -9.32
C ALA A 190 4.27 14.02 -8.24
N PRO A 191 4.61 13.19 -7.23
CA PRO A 191 5.49 13.59 -6.13
C PRO A 191 6.96 13.67 -6.56
N PHE A 192 7.21 13.49 -7.86
CA PHE A 192 8.55 13.57 -8.48
C PHE A 192 9.44 12.37 -8.10
N GLY A 193 9.38 11.96 -6.83
CA GLY A 193 10.20 10.85 -6.36
C GLY A 193 9.77 9.50 -6.91
N GLN A 194 10.06 9.27 -8.17
CA GLN A 194 9.77 8.01 -8.82
C GLN A 194 11.05 7.45 -9.42
N SER A 195 11.17 6.14 -9.49
CA SER A 195 12.36 5.52 -10.05
C SER A 195 12.00 4.56 -11.19
N GLY A 196 10.73 4.25 -11.32
CA GLY A 196 10.31 3.32 -12.35
C GLY A 196 9.12 3.82 -13.13
N PHE A 197 9.26 4.95 -13.77
CA PHE A 197 8.19 5.52 -14.56
C PHE A 197 8.34 5.15 -16.03
N GLY A 198 7.52 5.73 -16.89
CA GLY A 198 7.61 5.44 -18.30
C GLY A 198 6.53 6.15 -19.09
N GLY A 199 6.90 7.23 -19.74
CA GLY A 199 5.95 7.99 -20.52
C GLY A 199 6.49 9.34 -20.90
N ALA A 1 1.15 -5.40 15.35
CA ALA A 1 1.60 -6.01 16.62
C ALA A 1 3.04 -5.62 16.93
N GLY A 2 3.95 -6.06 16.09
CA GLY A 2 5.35 -5.74 16.31
C GLY A 2 6.23 -6.20 15.17
N PRO A 3 7.53 -5.90 15.23
CA PRO A 3 8.48 -6.29 14.20
C PRO A 3 8.92 -7.76 14.33
N GLN A 4 9.55 -8.27 13.29
CA GLN A 4 10.04 -9.65 13.30
C GLN A 4 11.31 -9.77 14.12
N GLY A 5 11.17 -10.05 15.39
CA GLY A 5 12.30 -10.21 16.27
C GLY A 5 13.15 -8.96 16.35
N GLY A 6 14.38 -9.06 15.82
CA GLY A 6 15.28 -7.94 15.85
C GLY A 6 15.47 -7.31 14.50
N PHE A 7 14.78 -7.84 13.50
CA PHE A 7 14.86 -7.29 12.15
C PHE A 7 14.29 -5.90 12.13
N GLY A 8 13.11 -5.76 12.70
CA GLY A 8 12.47 -4.48 12.75
C GLY A 8 11.57 -4.24 11.55
N ALA A 9 10.82 -3.18 11.61
CA ALA A 9 9.92 -2.80 10.54
C ALA A 9 9.55 -1.34 10.69
N THR A 10 8.87 -0.80 9.68
CA THR A 10 8.43 0.60 9.66
C THR A 10 9.58 1.58 9.93
N GLY A 11 10.24 2.04 8.86
CA GLY A 11 11.36 2.95 9.01
C GLY A 11 10.93 4.40 9.02
N GLY A 12 11.80 5.26 9.53
CA GLY A 12 11.48 6.68 9.64
C GLY A 12 11.23 7.36 8.30
N ALA A 13 12.24 7.35 7.43
CA ALA A 13 12.12 7.99 6.12
C ALA A 13 10.98 7.39 5.30
N SER A 14 10.86 6.07 5.37
CA SER A 14 9.83 5.37 4.63
C SER A 14 8.42 5.78 5.11
N ALA A 15 8.30 6.08 6.41
CA ALA A 15 7.00 6.44 7.01
C ALA A 15 6.44 7.75 6.42
N GLY A 16 7.31 8.53 5.82
CA GLY A 16 6.87 9.78 5.22
C GLY A 16 6.42 9.59 3.78
N LEU A 17 7.13 8.76 3.05
CA LEU A 17 6.84 8.55 1.63
C LEU A 17 5.74 7.50 1.38
N ILE A 18 5.50 6.62 2.35
CA ILE A 18 4.53 5.52 2.20
C ILE A 18 3.18 5.96 1.63
N SER A 19 2.58 6.99 2.19
CA SER A 19 1.28 7.43 1.72
C SER A 19 1.39 8.38 0.52
N ARG A 20 2.57 8.96 0.32
CA ARG A 20 2.76 9.95 -0.73
C ARG A 20 3.13 9.34 -2.09
N VAL A 21 3.81 8.20 -2.10
CA VAL A 21 4.35 7.66 -3.36
C VAL A 21 3.33 6.87 -4.22
N ALA A 22 3.41 5.54 -4.16
CA ALA A 22 2.63 4.68 -5.06
C ALA A 22 1.14 4.69 -4.77
N ASN A 23 0.79 4.47 -3.53
CA ASN A 23 -0.61 4.38 -3.16
C ASN A 23 -1.35 5.70 -3.32
N ALA A 24 -0.62 6.80 -3.30
CA ALA A 24 -1.25 8.11 -3.52
C ALA A 24 -1.85 8.17 -4.91
N LEU A 25 -1.19 7.54 -5.88
CA LEU A 25 -1.68 7.50 -7.24
C LEU A 25 -2.74 6.41 -7.37
N ALA A 26 -2.60 5.36 -6.57
CA ALA A 26 -3.58 4.27 -6.58
C ALA A 26 -4.92 4.77 -6.02
N ASN A 27 -4.84 5.54 -4.92
CA ASN A 27 -6.00 6.17 -4.28
C ASN A 27 -7.04 5.15 -3.76
N THR A 28 -6.70 3.87 -3.83
CA THR A 28 -7.60 2.79 -3.40
C THR A 28 -7.78 2.80 -1.86
N SER A 29 -8.61 1.91 -1.36
CA SER A 29 -8.90 1.83 0.06
C SER A 29 -7.70 1.33 0.89
N THR A 30 -6.71 0.74 0.22
CA THR A 30 -5.53 0.16 0.87
C THR A 30 -4.85 1.14 1.85
N LEU A 31 -4.58 2.33 1.38
CA LEU A 31 -3.93 3.35 2.19
C LEU A 31 -4.97 4.13 2.98
N ARG A 32 -6.20 4.07 2.50
CA ARG A 32 -7.29 4.84 3.08
C ARG A 32 -7.77 4.25 4.42
N THR A 33 -7.99 2.93 4.46
CA THR A 33 -8.47 2.30 5.70
C THR A 33 -8.50 0.75 5.59
N VAL A 34 -8.86 0.24 4.42
CA VAL A 34 -8.91 -1.20 4.22
C VAL A 34 -7.50 -1.75 4.14
N LEU A 35 -7.26 -2.86 4.82
CA LEU A 35 -5.93 -3.47 4.87
C LEU A 35 -5.39 -3.73 3.46
N ARG A 36 -4.11 -3.46 3.32
CA ARG A 36 -3.41 -3.61 2.06
C ARG A 36 -3.40 -5.07 1.58
N THR A 37 -3.17 -5.25 0.30
CA THR A 37 -3.17 -6.57 -0.32
C THR A 37 -1.93 -7.35 0.04
N GLY A 38 -2.13 -8.40 0.81
CA GLY A 38 -1.03 -9.22 1.23
C GLY A 38 -0.24 -8.55 2.32
N VAL A 39 -0.95 -8.04 3.30
CA VAL A 39 -0.35 -7.38 4.45
C VAL A 39 0.67 -8.28 5.14
N SER A 40 1.67 -7.68 5.75
CA SER A 40 2.73 -8.42 6.42
C SER A 40 2.28 -8.83 7.83
N GLN A 41 3.01 -9.78 8.40
CA GLN A 41 2.70 -10.32 9.72
C GLN A 41 2.96 -9.30 10.81
N GLN A 42 3.66 -8.21 10.47
CA GLN A 42 3.99 -7.15 11.42
C GLN A 42 2.73 -6.70 12.20
N ILE A 43 1.58 -6.74 11.51
CA ILE A 43 0.34 -6.31 12.12
C ILE A 43 -0.32 -7.42 12.95
N ALA A 44 -0.51 -8.60 12.36
CA ALA A 44 -1.19 -9.70 13.04
C ALA A 44 -0.22 -10.48 13.90
N SER A 45 0.71 -11.16 13.23
CA SER A 45 1.78 -11.94 13.86
C SER A 45 1.27 -13.30 14.35
N SER A 46 -0.03 -13.39 14.52
CA SER A 46 -0.66 -14.60 14.99
C SER A 46 -0.89 -15.60 13.86
N VAL A 47 -1.98 -15.41 13.14
CA VAL A 47 -2.35 -16.30 12.06
C VAL A 47 -2.03 -15.66 10.72
N VAL A 48 -2.52 -14.45 10.56
CA VAL A 48 -2.33 -13.71 9.34
C VAL A 48 -0.88 -13.26 9.17
N GLN A 49 -0.08 -14.10 8.54
CA GLN A 49 1.28 -13.73 8.24
C GLN A 49 1.33 -12.90 6.97
N ARG A 50 0.46 -13.25 6.02
CA ARG A 50 0.30 -12.46 4.82
C ARG A 50 -1.08 -12.71 4.19
N ALA A 51 -1.93 -13.47 4.89
CA ALA A 51 -3.24 -13.90 4.39
C ALA A 51 -3.09 -14.85 3.20
N ALA A 52 -2.43 -14.38 2.15
CA ALA A 52 -2.20 -15.18 0.96
C ALA A 52 -1.34 -16.38 1.29
N GLN A 53 -1.72 -17.50 0.70
CA GLN A 53 -1.09 -18.80 0.94
C GLN A 53 0.42 -18.81 0.69
N SER A 54 0.93 -17.83 -0.04
CA SER A 54 2.35 -17.78 -0.34
C SER A 54 3.20 -17.69 0.94
N LEU A 55 3.15 -16.54 1.60
CA LEU A 55 3.92 -16.33 2.82
C LEU A 55 3.17 -16.79 4.06
N ALA A 56 1.84 -16.83 3.96
CA ALA A 56 1.01 -17.19 5.10
C ALA A 56 0.98 -18.68 5.35
N SER A 57 1.34 -19.47 4.35
CA SER A 57 1.33 -20.93 4.47
C SER A 57 2.14 -21.38 5.69
N THR A 58 1.44 -21.68 6.76
CA THR A 58 2.07 -22.10 7.98
C THR A 58 1.30 -23.26 8.61
N LEU A 59 -0.02 -23.23 8.49
CA LEU A 59 -0.87 -24.25 9.06
C LEU A 59 -1.75 -24.91 8.02
N GLY A 60 -1.46 -24.65 6.77
CA GLY A 60 -2.31 -25.16 5.72
C GLY A 60 -3.32 -24.13 5.29
N VAL A 61 -2.83 -22.96 4.96
CA VAL A 61 -3.67 -21.87 4.48
C VAL A 61 -3.83 -21.98 2.97
N ASP A 62 -5.06 -22.23 2.52
CA ASP A 62 -5.32 -22.40 1.09
C ASP A 62 -6.76 -22.12 0.73
N GLY A 63 -7.46 -21.51 1.63
CA GLY A 63 -8.85 -21.21 1.38
C GLY A 63 -9.71 -21.30 2.61
N ASN A 64 -9.49 -22.33 3.40
CA ASN A 64 -10.29 -22.56 4.61
C ASN A 64 -10.17 -21.39 5.57
N ASN A 65 -8.98 -21.22 6.12
CA ASN A 65 -8.72 -20.11 7.03
C ASN A 65 -8.31 -18.86 6.25
N LEU A 66 -8.46 -18.92 4.95
CA LEU A 66 -8.13 -17.79 4.09
C LEU A 66 -9.35 -16.87 3.94
N ALA A 67 -10.49 -17.47 3.60
CA ALA A 67 -11.72 -16.72 3.43
C ALA A 67 -12.40 -16.48 4.77
N ARG A 68 -12.14 -17.36 5.71
CA ARG A 68 -12.72 -17.25 7.04
C ARG A 68 -11.61 -17.31 8.08
N PHE A 69 -11.96 -17.00 9.33
CA PHE A 69 -10.99 -17.03 10.45
C PHE A 69 -9.96 -15.90 10.37
N ALA A 70 -9.15 -15.89 9.31
CA ALA A 70 -8.11 -14.88 9.13
C ALA A 70 -8.71 -13.48 9.07
N VAL A 71 -9.54 -13.25 8.08
CA VAL A 71 -10.19 -11.96 7.92
C VAL A 71 -11.14 -11.67 9.09
N GLN A 72 -11.74 -12.73 9.62
CA GLN A 72 -12.69 -12.59 10.72
C GLN A 72 -12.01 -12.13 11.99
N ALA A 73 -10.71 -12.34 12.09
CA ALA A 73 -9.97 -11.90 13.26
C ALA A 73 -9.52 -10.46 13.10
N VAL A 74 -8.90 -10.16 11.99
CA VAL A 74 -8.35 -8.84 11.73
C VAL A 74 -9.44 -7.78 11.49
N SER A 75 -10.52 -8.17 10.83
CA SER A 75 -11.59 -7.23 10.54
C SER A 75 -12.54 -7.09 11.73
N ARG A 76 -12.24 -7.80 12.81
CA ARG A 76 -13.07 -7.76 14.00
C ARG A 76 -12.41 -6.96 15.11
N LEU A 77 -11.10 -6.81 15.04
CA LEU A 77 -10.37 -6.09 16.09
C LEU A 77 -10.80 -4.63 16.16
N PRO A 78 -10.82 -4.07 17.39
CA PRO A 78 -11.21 -2.67 17.60
C PRO A 78 -10.22 -1.70 16.96
N ALA A 79 -10.73 -0.58 16.49
CA ALA A 79 -9.90 0.43 15.83
C ALA A 79 -9.17 1.30 16.83
N GLY A 80 -9.08 0.81 18.04
CA GLY A 80 -8.40 1.53 19.10
C GLY A 80 -6.91 1.51 18.90
N SER A 81 -6.45 0.52 18.15
CA SER A 81 -5.06 0.40 17.82
C SER A 81 -4.74 1.36 16.66
N ASP A 82 -5.79 1.98 16.13
CA ASP A 82 -5.72 2.93 15.00
C ASP A 82 -5.47 2.20 13.69
N THR A 83 -6.36 2.41 12.74
CA THR A 83 -6.30 1.74 11.45
C THR A 83 -5.09 2.21 10.62
N SER A 84 -4.77 3.49 10.72
CA SER A 84 -3.67 4.06 9.98
C SER A 84 -2.33 3.59 10.58
N ALA A 85 -2.37 3.25 11.87
CA ALA A 85 -1.21 2.75 12.59
C ALA A 85 -0.79 1.40 12.05
N TYR A 86 -1.72 0.72 11.41
CA TYR A 86 -1.45 -0.56 10.80
C TYR A 86 -0.69 -0.38 9.49
N ALA A 87 -0.57 -1.44 8.74
CA ALA A 87 0.18 -1.41 7.49
C ALA A 87 -0.59 -0.72 6.37
N GLN A 88 -1.65 -0.02 6.71
CA GLN A 88 -2.48 0.68 5.74
C GLN A 88 -1.73 1.84 5.11
N ALA A 89 -1.10 2.64 5.94
CA ALA A 89 -0.35 3.78 5.44
C ALA A 89 0.94 3.31 4.75
N PHE A 90 1.47 2.19 5.21
CA PHE A 90 2.73 1.65 4.70
C PHE A 90 2.51 0.80 3.44
N SER A 91 1.30 0.85 2.90
CA SER A 91 0.93 0.03 1.75
C SER A 91 1.90 0.16 0.56
N SER A 92 2.32 1.38 0.23
CA SER A 92 3.20 1.60 -0.92
C SER A 92 4.54 0.89 -0.78
N ALA A 93 5.18 1.05 0.37
CA ALA A 93 6.48 0.46 0.59
C ALA A 93 6.40 -1.06 0.71
N LEU A 94 5.28 -1.54 1.22
CA LEU A 94 5.06 -2.97 1.39
C LEU A 94 4.56 -3.63 0.11
N PHE A 95 4.02 -2.83 -0.80
CA PHE A 95 3.54 -3.35 -2.06
C PHE A 95 4.66 -3.41 -3.10
N ASN A 96 5.54 -2.40 -3.06
CA ASN A 96 6.63 -2.26 -4.05
C ASN A 96 6.07 -2.25 -5.46
N ALA A 97 5.29 -1.22 -5.76
CA ALA A 97 4.64 -1.07 -7.06
C ALA A 97 5.65 -0.73 -8.16
N GLY A 98 6.85 -0.33 -7.76
CA GLY A 98 7.88 0.03 -8.71
C GLY A 98 7.87 1.50 -9.03
N VAL A 99 6.79 2.18 -8.65
CA VAL A 99 6.65 3.61 -8.87
C VAL A 99 7.53 4.38 -7.88
N LEU A 100 7.81 3.74 -6.76
CA LEU A 100 8.63 4.34 -5.74
C LEU A 100 10.08 4.12 -6.04
N ASN A 101 10.92 5.05 -5.60
CA ASN A 101 12.34 5.00 -5.87
C ASN A 101 12.94 3.68 -5.42
N ALA A 102 13.28 2.85 -6.39
CA ALA A 102 13.83 1.53 -6.12
C ALA A 102 15.17 1.65 -5.42
N SER A 103 15.77 2.82 -5.49
CA SER A 103 17.04 3.05 -4.85
C SER A 103 16.85 3.32 -3.37
N ASN A 104 15.61 3.65 -2.98
CA ASN A 104 15.32 3.91 -1.59
C ASN A 104 15.17 2.58 -0.86
N ILE A 105 14.72 1.56 -1.59
CA ILE A 105 14.67 0.20 -1.05
C ILE A 105 16.10 -0.26 -0.77
N ASP A 106 17.02 0.21 -1.58
CA ASP A 106 18.43 -0.06 -1.39
C ASP A 106 18.97 0.78 -0.23
N THR A 107 18.42 1.96 -0.06
CA THR A 107 18.88 2.88 0.97
C THR A 107 18.53 2.35 2.37
N LEU A 108 17.25 2.18 2.64
CA LEU A 108 16.83 1.74 3.97
C LEU A 108 15.89 0.56 3.90
N GLY A 109 15.43 0.24 2.71
CA GLY A 109 14.49 -0.85 2.55
C GLY A 109 15.02 -2.17 3.05
N SER A 110 15.95 -2.74 2.32
CA SER A 110 16.53 -4.02 2.67
C SER A 110 17.49 -3.89 3.87
N ARG A 111 17.83 -2.66 4.22
CA ARG A 111 18.74 -2.42 5.34
C ARG A 111 18.01 -2.34 6.68
N VAL A 112 17.06 -1.43 6.78
CA VAL A 112 16.34 -1.22 8.03
C VAL A 112 15.19 -2.21 8.20
N LEU A 113 14.32 -2.27 7.20
CA LEU A 113 13.16 -3.16 7.28
C LEU A 113 13.60 -4.62 7.10
N SER A 114 14.63 -4.79 6.27
CA SER A 114 15.26 -6.08 6.04
C SER A 114 14.25 -7.21 5.71
N ALA A 115 13.98 -8.08 6.71
CA ALA A 115 13.11 -9.24 6.54
C ALA A 115 11.73 -8.84 6.02
N LEU A 116 11.28 -7.67 6.42
CA LEU A 116 9.99 -7.18 5.99
C LEU A 116 9.94 -7.11 4.47
N LEU A 117 10.92 -6.45 3.87
CA LEU A 117 10.95 -6.31 2.43
C LEU A 117 11.45 -7.57 1.75
N ASN A 118 12.23 -8.38 2.48
CA ASN A 118 12.71 -9.66 1.94
C ASN A 118 11.52 -10.53 1.59
N GLY A 119 10.56 -10.59 2.51
CA GLY A 119 9.36 -11.36 2.28
C GLY A 119 8.44 -10.68 1.30
N VAL A 120 8.48 -9.35 1.26
CA VAL A 120 7.66 -8.59 0.33
C VAL A 120 8.13 -8.78 -1.11
N SER A 121 9.44 -8.69 -1.31
CA SER A 121 10.03 -8.81 -2.63
C SER A 121 9.68 -10.15 -3.28
N SER A 122 9.67 -11.20 -2.49
CA SER A 122 9.38 -12.53 -3.00
C SER A 122 7.87 -12.74 -3.16
N ALA A 123 7.10 -12.26 -2.21
CA ALA A 123 5.66 -12.46 -2.23
C ALA A 123 4.93 -11.43 -3.08
N ALA A 124 4.89 -10.19 -2.61
CA ALA A 124 4.12 -9.14 -3.27
C ALA A 124 4.76 -8.66 -4.57
N GLN A 125 6.02 -8.32 -4.51
CA GLN A 125 6.72 -7.81 -5.67
C GLN A 125 6.92 -8.92 -6.71
N GLY A 126 7.14 -10.13 -6.24
CA GLY A 126 7.38 -11.24 -7.12
C GLY A 126 6.13 -11.84 -7.74
N LEU A 127 5.19 -12.27 -6.91
CA LEU A 127 4.01 -12.97 -7.40
C LEU A 127 2.80 -12.05 -7.50
N GLY A 128 2.81 -10.99 -6.73
CA GLY A 128 1.68 -10.08 -6.72
C GLY A 128 0.57 -10.62 -5.84
N ILE A 129 0.75 -10.47 -4.54
CA ILE A 129 -0.19 -11.01 -3.56
C ILE A 129 -1.54 -10.29 -3.59
N ASN A 130 -2.59 -11.08 -3.59
CA ASN A 130 -3.95 -10.59 -3.55
C ASN A 130 -4.70 -11.39 -2.49
N VAL A 131 -5.54 -10.74 -1.72
CA VAL A 131 -6.26 -11.42 -0.67
C VAL A 131 -7.70 -11.70 -1.06
N ASP A 132 -8.01 -12.96 -1.14
CA ASP A 132 -9.35 -13.42 -1.52
C ASP A 132 -10.15 -13.75 -0.28
N SER A 133 -10.06 -12.91 0.71
CA SER A 133 -10.77 -13.12 1.96
C SER A 133 -12.25 -12.81 1.81
N GLY A 134 -12.63 -12.32 0.65
CA GLY A 134 -14.00 -11.95 0.41
C GLY A 134 -14.21 -10.49 0.67
N SER A 135 -13.28 -9.89 1.38
CA SER A 135 -13.37 -8.48 1.73
C SER A 135 -12.38 -7.63 0.95
N VAL A 136 -11.09 -7.98 1.06
CA VAL A 136 -10.00 -7.18 0.46
C VAL A 136 -10.18 -6.97 -1.04
N GLN A 137 -10.17 -8.07 -1.79
CA GLN A 137 -10.31 -8.01 -3.23
C GLN A 137 -11.63 -7.37 -3.64
N SER A 138 -12.68 -7.69 -2.92
CA SER A 138 -13.99 -7.14 -3.21
C SER A 138 -13.98 -5.62 -3.07
N ASP A 139 -13.45 -5.12 -1.95
CA ASP A 139 -13.41 -3.69 -1.70
C ASP A 139 -12.57 -2.99 -2.73
N ILE A 140 -11.34 -3.46 -2.93
CA ILE A 140 -10.44 -2.82 -3.87
C ILE A 140 -11.01 -2.85 -5.29
N SER A 141 -11.72 -3.93 -5.63
CA SER A 141 -12.29 -4.06 -6.96
C SER A 141 -13.43 -3.04 -7.16
N SER A 142 -14.26 -2.86 -6.14
CA SER A 142 -15.37 -1.92 -6.21
C SER A 142 -14.90 -0.47 -6.05
N SER A 143 -14.06 -0.25 -5.05
CA SER A 143 -13.58 1.09 -4.73
C SER A 143 -12.70 1.69 -5.84
N SER A 144 -11.86 0.85 -6.46
CA SER A 144 -10.93 1.34 -7.49
C SER A 144 -11.66 2.02 -8.65
N SER A 145 -12.90 1.63 -8.89
CA SER A 145 -13.70 2.20 -9.96
C SER A 145 -13.85 3.71 -9.77
N PHE A 146 -14.17 4.14 -8.56
CA PHE A 146 -14.35 5.55 -8.27
C PHE A 146 -13.03 6.18 -7.86
N LEU A 147 -12.23 5.40 -7.15
CA LEU A 147 -10.95 5.84 -6.62
C LEU A 147 -9.83 5.81 -7.65
N SER A 148 -10.17 5.54 -8.92
CA SER A 148 -9.18 5.53 -9.99
C SER A 148 -8.34 6.81 -9.92
N THR A 149 -9.03 7.91 -9.68
CA THR A 149 -8.40 9.19 -9.46
C THR A 149 -9.23 9.98 -8.45
N SER A 150 -10.46 9.49 -8.21
CA SER A 150 -11.39 10.11 -7.27
C SER A 150 -11.80 11.51 -7.77
N SER A 151 -12.37 12.32 -6.88
CA SER A 151 -12.84 13.68 -7.19
C SER A 151 -13.85 13.66 -8.35
N SER A 152 -14.04 14.80 -9.00
CA SER A 152 -14.94 14.88 -10.13
C SER A 152 -14.16 14.81 -11.44
N SER A 153 -12.85 14.63 -11.32
CA SER A 153 -11.99 14.58 -12.50
C SER A 153 -10.99 13.44 -12.41
N ALA A 154 -11.10 12.52 -13.34
CA ALA A 154 -10.20 11.39 -13.37
C ALA A 154 -9.56 11.24 -14.74
N SER A 155 -10.38 11.29 -15.77
CA SER A 155 -9.91 11.20 -17.14
C SER A 155 -9.90 12.57 -17.79
N TYR A 156 -10.16 13.59 -17.00
CA TYR A 156 -10.20 14.96 -17.47
C TYR A 156 -8.88 15.66 -17.21
N SER A 157 -8.64 16.73 -17.94
CA SER A 157 -7.44 17.52 -17.78
C SER A 157 -7.45 18.23 -16.42
N GLN A 158 -8.61 18.22 -15.77
CA GLN A 158 -8.75 18.77 -14.44
C GLN A 158 -8.05 17.87 -13.43
N ALA A 159 -7.86 16.61 -13.81
CA ALA A 159 -7.18 15.64 -12.97
C ALA A 159 -5.68 15.86 -13.02
N SER A 160 -5.27 16.72 -13.94
CA SER A 160 -3.87 17.07 -14.08
C SER A 160 -3.44 18.02 -12.95
N ALA A 161 -4.30 19.00 -12.64
CA ALA A 161 -3.99 19.95 -11.58
C ALA A 161 -5.25 20.61 -11.05
N SER A 162 -5.88 21.44 -11.89
CA SER A 162 -7.07 22.19 -11.52
C SER A 162 -6.76 23.15 -10.36
N SER A 163 -5.50 23.54 -10.26
CA SER A 163 -5.06 24.43 -9.20
C SER A 163 -5.42 25.87 -9.53
N THR A 164 -5.84 26.10 -10.76
CA THR A 164 -6.27 27.41 -11.20
C THR A 164 -7.53 27.84 -10.44
N SER A 165 -8.34 26.85 -10.07
CA SER A 165 -9.57 27.11 -9.35
C SER A 165 -9.31 27.12 -7.83
N GLY A 166 -8.05 26.90 -7.45
CA GLY A 166 -7.71 26.88 -6.04
C GLY A 166 -6.57 25.93 -5.76
N ALA A 167 -5.82 26.20 -4.71
CA ALA A 167 -4.70 25.38 -4.34
C ALA A 167 -4.83 24.89 -2.91
N GLY A 168 -5.73 23.93 -2.71
CA GLY A 168 -5.91 23.35 -1.41
C GLY A 168 -4.87 22.31 -1.12
N TYR A 169 -3.65 22.77 -0.84
CA TYR A 169 -2.49 21.91 -0.57
C TYR A 169 -1.98 21.29 -1.86
N THR A 170 -0.94 20.49 -1.74
CA THR A 170 -0.38 19.80 -2.88
C THR A 170 0.17 18.44 -2.45
N GLY A 171 -0.32 17.39 -3.06
CA GLY A 171 0.14 16.07 -2.73
C GLY A 171 -1.00 15.07 -2.64
N PRO A 172 -0.89 14.05 -1.76
CA PRO A 172 -1.91 12.98 -1.62
C PRO A 172 -3.26 13.49 -1.10
N SER A 173 -3.31 14.76 -0.72
CA SER A 173 -4.55 15.34 -0.24
C SER A 173 -4.69 16.78 -0.73
N GLY A 174 -4.07 17.07 -1.87
CA GLY A 174 -4.15 18.40 -2.44
C GLY A 174 -5.31 18.52 -3.41
N PRO A 175 -5.10 19.19 -4.55
CA PRO A 175 -6.13 19.34 -5.59
C PRO A 175 -6.31 18.04 -6.37
N SER A 176 -7.08 18.09 -7.44
CA SER A 176 -7.25 16.92 -8.27
C SER A 176 -6.01 16.73 -9.13
N THR A 177 -4.99 16.11 -8.56
CA THR A 177 -3.73 15.91 -9.23
C THR A 177 -2.92 14.86 -8.53
N GLY A 178 -2.26 14.01 -9.30
CA GLY A 178 -1.45 12.96 -8.72
C GLY A 178 -1.90 11.58 -9.17
N PRO A 179 -3.11 11.14 -8.77
CA PRO A 179 -3.65 9.84 -9.13
C PRO A 179 -4.28 9.84 -10.52
N SER A 180 -3.85 10.79 -11.36
CA SER A 180 -4.36 10.95 -12.72
C SER A 180 -4.43 9.59 -13.45
N GLY A 181 -5.65 9.22 -13.84
CA GLY A 181 -5.90 7.92 -14.45
C GLY A 181 -4.99 7.55 -15.61
N TYR A 182 -5.12 8.25 -16.72
CA TYR A 182 -4.33 7.91 -17.90
C TYR A 182 -3.49 9.10 -18.42
N PRO A 183 -4.11 10.27 -18.78
CA PRO A 183 -3.36 11.40 -19.28
C PRO A 183 -2.48 12.03 -18.20
N GLY A 184 -1.19 12.10 -18.48
CA GLY A 184 -0.23 12.65 -17.52
C GLY A 184 -0.27 11.95 -16.18
N PRO A 185 0.28 10.71 -16.08
CA PRO A 185 0.30 9.91 -14.84
C PRO A 185 0.65 10.77 -13.62
N LEU A 186 1.74 11.51 -13.72
CA LEU A 186 2.12 12.40 -12.66
C LEU A 186 1.51 13.77 -12.93
N GLY A 187 0.29 13.98 -12.45
CA GLY A 187 -0.40 15.24 -12.67
C GLY A 187 0.41 16.44 -12.24
N GLY A 188 0.93 16.39 -11.04
CA GLY A 188 1.72 17.49 -10.53
C GLY A 188 1.84 17.43 -9.03
N GLY A 189 0.75 17.06 -8.38
CA GLY A 189 0.76 16.94 -6.93
C GLY A 189 1.32 15.60 -6.49
N ALA A 190 2.47 15.25 -7.03
CA ALA A 190 3.13 14.01 -6.72
C ALA A 190 4.47 14.29 -6.05
N PRO A 191 4.95 13.36 -5.21
CA PRO A 191 6.23 13.52 -4.51
C PRO A 191 7.43 13.31 -5.42
N PHE A 192 8.61 13.39 -4.86
CA PHE A 192 9.84 13.22 -5.61
C PHE A 192 10.38 11.81 -5.44
N GLY A 193 9.57 10.94 -4.84
CA GLY A 193 9.98 9.57 -4.62
C GLY A 193 9.60 8.65 -5.76
N GLN A 194 9.56 9.20 -6.96
CA GLN A 194 9.21 8.44 -8.14
C GLN A 194 10.48 7.88 -8.78
N SER A 195 10.54 6.57 -8.93
CA SER A 195 11.75 5.90 -9.44
C SER A 195 11.90 6.10 -10.94
N GLY A 196 10.83 6.44 -11.60
CA GLY A 196 10.88 6.60 -13.04
C GLY A 196 10.14 5.49 -13.73
N PHE A 197 9.06 5.06 -13.13
CA PHE A 197 8.26 3.97 -13.66
C PHE A 197 6.83 4.46 -13.92
N GLY A 198 6.21 5.01 -12.89
CA GLY A 198 4.86 5.50 -13.02
C GLY A 198 4.84 6.97 -13.38
N GLY A 199 5.33 7.28 -14.57
CA GLY A 199 5.35 8.64 -15.02
C GLY A 199 5.93 8.75 -16.40
N ALA A 1 2.75 -4.90 15.56
CA ALA A 1 2.65 -5.74 16.77
C ALA A 1 4.03 -6.18 17.23
N GLY A 2 4.63 -7.12 16.49
CA GLY A 2 5.94 -7.61 16.85
C GLY A 2 7.01 -7.10 15.90
N PRO A 3 7.78 -6.08 16.31
CA PRO A 3 8.83 -5.50 15.47
C PRO A 3 9.89 -6.52 15.08
N GLN A 4 10.19 -7.43 15.98
CA GLN A 4 11.19 -8.48 15.78
C GLN A 4 10.71 -9.53 14.76
N GLY A 5 9.42 -9.48 14.39
CA GLY A 5 8.88 -10.41 13.38
C GLY A 5 9.27 -9.97 11.97
N GLY A 6 10.51 -9.60 11.84
CA GLY A 6 11.06 -9.05 10.64
C GLY A 6 12.19 -8.14 11.02
N PHE A 7 12.03 -7.58 12.22
CA PHE A 7 13.02 -6.73 12.90
C PHE A 7 13.03 -5.29 12.42
N GLY A 8 12.43 -4.43 13.26
CA GLY A 8 12.38 -3.00 13.03
C GLY A 8 11.76 -2.60 11.69
N ALA A 9 10.55 -3.05 11.45
CA ALA A 9 9.87 -2.73 10.22
C ALA A 9 8.94 -1.53 10.39
N THR A 10 8.38 -1.07 9.26
CA THR A 10 7.46 0.08 9.20
C THR A 10 8.02 1.32 9.91
N GLY A 11 8.84 2.10 9.20
CA GLY A 11 9.40 3.29 9.77
C GLY A 11 10.47 3.90 8.90
N GLY A 12 11.20 4.85 9.44
CA GLY A 12 12.25 5.50 8.70
C GLY A 12 11.72 6.47 7.69
N ALA A 13 12.54 6.77 6.68
CA ALA A 13 12.18 7.69 5.62
C ALA A 13 10.98 7.17 4.83
N SER A 14 10.81 5.86 4.80
CA SER A 14 9.73 5.25 4.07
C SER A 14 8.38 5.66 4.65
N ALA A 15 8.32 5.84 5.96
CA ALA A 15 7.09 6.19 6.64
C ALA A 15 6.54 7.56 6.23
N GLY A 16 7.39 8.39 5.66
CA GLY A 16 6.96 9.70 5.23
C GLY A 16 6.43 9.70 3.80
N LEU A 17 7.07 8.96 2.94
CA LEU A 17 6.73 8.94 1.51
C LEU A 17 5.58 7.98 1.16
N ILE A 18 5.33 6.99 2.03
CA ILE A 18 4.32 5.93 1.78
C ILE A 18 3.00 6.43 1.17
N SER A 19 2.50 7.55 1.63
CA SER A 19 1.22 8.04 1.16
C SER A 19 1.31 8.76 -0.20
N ARG A 20 2.45 9.36 -0.48
CA ARG A 20 2.64 10.16 -1.69
C ARG A 20 3.11 9.35 -2.90
N VAL A 21 3.72 8.20 -2.67
CA VAL A 21 4.34 7.47 -3.77
C VAL A 21 3.37 6.62 -4.61
N ALA A 22 3.34 5.32 -4.37
CA ALA A 22 2.60 4.39 -5.22
C ALA A 22 1.12 4.38 -4.98
N ASN A 23 0.72 4.19 -3.74
CA ASN A 23 -0.69 4.09 -3.39
C ASN A 23 -1.46 5.36 -3.67
N ALA A 24 -0.76 6.48 -3.72
CA ALA A 24 -1.40 7.76 -4.01
C ALA A 24 -2.12 7.72 -5.37
N LEU A 25 -1.48 7.09 -6.35
CA LEU A 25 -2.08 6.96 -7.68
C LEU A 25 -3.06 5.81 -7.74
N ALA A 26 -2.93 4.89 -6.79
CA ALA A 26 -3.81 3.74 -6.73
C ALA A 26 -5.15 4.14 -6.12
N ASN A 27 -5.11 5.00 -5.09
CA ASN A 27 -6.30 5.53 -4.40
C ASN A 27 -7.21 4.39 -3.92
N THR A 28 -6.65 3.21 -3.80
CA THR A 28 -7.38 2.04 -3.39
C THR A 28 -7.69 2.09 -1.89
N SER A 29 -8.59 1.24 -1.45
CA SER A 29 -9.00 1.16 -0.06
C SER A 29 -7.82 0.79 0.86
N THR A 30 -6.76 0.26 0.25
CA THR A 30 -5.57 -0.21 0.93
C THR A 30 -4.95 0.84 1.86
N LEU A 31 -4.88 2.07 1.39
CA LEU A 31 -4.28 3.15 2.18
C LEU A 31 -5.35 3.94 2.91
N ARG A 32 -6.57 3.86 2.43
CA ARG A 32 -7.68 4.63 2.98
C ARG A 32 -8.11 4.11 4.35
N THR A 33 -8.36 2.81 4.46
CA THR A 33 -8.85 2.24 5.71
C THR A 33 -8.80 0.71 5.69
N VAL A 34 -9.16 0.11 4.56
CA VAL A 34 -9.17 -1.34 4.43
C VAL A 34 -7.74 -1.87 4.40
N LEU A 35 -7.50 -2.98 5.09
CA LEU A 35 -6.17 -3.58 5.13
C LEU A 35 -5.67 -3.89 3.73
N ARG A 36 -4.38 -3.68 3.53
CA ARG A 36 -3.78 -3.88 2.22
C ARG A 36 -3.81 -5.35 1.82
N THR A 37 -3.69 -5.57 0.52
CA THR A 37 -3.65 -6.90 -0.01
C THR A 37 -2.34 -7.56 0.35
N GLY A 38 -2.42 -8.56 1.20
CA GLY A 38 -1.24 -9.23 1.62
C GLY A 38 -0.58 -8.53 2.77
N VAL A 39 -1.42 -8.07 3.69
CA VAL A 39 -0.97 -7.38 4.90
C VAL A 39 0.19 -8.13 5.58
N SER A 40 1.18 -7.38 6.00
CA SER A 40 2.35 -7.93 6.64
C SER A 40 2.00 -8.44 8.04
N GLN A 41 2.63 -9.54 8.43
CA GLN A 41 2.39 -10.13 9.74
C GLN A 41 2.85 -9.21 10.86
N GLN A 42 3.61 -8.19 10.47
CA GLN A 42 4.09 -7.18 11.41
C GLN A 42 2.95 -6.70 12.30
N ILE A 43 1.80 -6.43 11.69
CA ILE A 43 0.64 -5.95 12.43
C ILE A 43 -0.16 -7.10 13.07
N ALA A 44 -0.31 -8.19 12.34
CA ALA A 44 -1.09 -9.33 12.82
C ALA A 44 -0.26 -10.27 13.70
N SER A 45 0.61 -11.08 13.04
CA SER A 45 1.52 -12.04 13.71
C SER A 45 0.78 -13.33 14.13
N SER A 46 -0.53 -13.24 14.22
CA SER A 46 -1.37 -14.35 14.66
C SER A 46 -1.36 -15.55 13.68
N VAL A 47 -2.16 -15.46 12.63
CA VAL A 47 -2.24 -16.55 11.64
C VAL A 47 -1.95 -16.04 10.25
N VAL A 48 -2.46 -14.87 9.94
CA VAL A 48 -2.25 -14.27 8.65
C VAL A 48 -0.87 -13.62 8.59
N GLN A 49 0.08 -14.35 8.07
CA GLN A 49 1.43 -13.85 7.94
C GLN A 49 1.56 -12.93 6.75
N ARG A 50 0.87 -13.28 5.68
CA ARG A 50 0.92 -12.48 4.49
C ARG A 50 -0.34 -12.64 3.65
N ALA A 51 -1.29 -13.47 4.10
CA ALA A 51 -2.49 -13.82 3.32
C ALA A 51 -2.10 -14.70 2.11
N ALA A 52 -1.08 -14.25 1.37
CA ALA A 52 -0.56 -15.01 0.25
C ALA A 52 -0.02 -16.34 0.74
N GLN A 53 -0.26 -17.36 -0.04
CA GLN A 53 0.13 -18.72 0.30
C GLN A 53 1.63 -18.82 0.59
N SER A 54 2.42 -17.98 -0.06
CA SER A 54 3.87 -18.01 0.10
C SER A 54 4.26 -17.89 1.58
N LEU A 55 3.93 -16.79 2.19
CA LEU A 55 4.29 -16.54 3.57
C LEU A 55 3.26 -17.09 4.56
N ALA A 56 1.98 -17.01 4.19
CA ALA A 56 0.92 -17.37 5.12
C ALA A 56 0.68 -18.86 5.24
N SER A 57 1.10 -19.63 4.25
CA SER A 57 0.90 -21.08 4.32
C SER A 57 1.71 -21.66 5.48
N THR A 58 1.08 -21.77 6.62
CA THR A 58 1.73 -22.23 7.81
C THR A 58 0.81 -23.19 8.61
N LEU A 59 -0.50 -22.95 8.52
CA LEU A 59 -1.49 -23.77 9.22
C LEU A 59 -2.41 -24.46 8.23
N GLY A 60 -1.98 -24.55 6.99
CA GLY A 60 -2.82 -25.12 5.95
C GLY A 60 -3.74 -24.07 5.38
N VAL A 61 -3.16 -23.09 4.72
CA VAL A 61 -3.91 -21.98 4.19
C VAL A 61 -4.39 -22.26 2.78
N ASP A 62 -5.69 -22.19 2.62
CA ASP A 62 -6.36 -22.40 1.34
C ASP A 62 -7.86 -22.20 1.49
N GLY A 63 -8.29 -20.96 1.38
CA GLY A 63 -9.70 -20.64 1.48
C GLY A 63 -10.22 -20.64 2.90
N ASN A 64 -10.01 -21.76 3.60
CA ASN A 64 -10.48 -21.95 4.98
C ASN A 64 -10.08 -20.80 5.88
N ASN A 65 -8.84 -20.82 6.33
CA ASN A 65 -8.32 -19.79 7.20
C ASN A 65 -7.76 -18.61 6.39
N LEU A 66 -8.12 -18.56 5.12
CA LEU A 66 -7.70 -17.47 4.26
C LEU A 66 -8.69 -16.32 4.32
N ALA A 67 -9.92 -16.57 3.85
CA ALA A 67 -10.96 -15.56 3.88
C ALA A 67 -11.51 -15.42 5.29
N ARG A 68 -11.59 -16.55 5.97
CA ARG A 68 -12.05 -16.59 7.33
C ARG A 68 -10.86 -16.66 8.25
N PHE A 69 -11.05 -16.31 9.51
CA PHE A 69 -9.97 -16.29 10.52
C PHE A 69 -8.94 -15.17 10.25
N ALA A 70 -8.27 -15.24 9.11
CA ALA A 70 -7.24 -14.25 8.75
C ALA A 70 -7.84 -12.85 8.62
N VAL A 71 -8.74 -12.69 7.66
CA VAL A 71 -9.40 -11.40 7.43
C VAL A 71 -10.24 -11.02 8.61
N GLN A 72 -10.91 -11.99 9.19
CA GLN A 72 -11.78 -11.74 10.32
C GLN A 72 -11.01 -11.16 11.51
N ALA A 73 -9.88 -11.77 11.85
CA ALA A 73 -9.07 -11.31 12.98
C ALA A 73 -8.59 -9.87 12.79
N VAL A 74 -7.96 -9.61 11.66
CA VAL A 74 -7.43 -8.27 11.38
C VAL A 74 -8.57 -7.26 11.24
N SER A 75 -9.65 -7.68 10.62
CA SER A 75 -10.81 -6.83 10.41
C SER A 75 -11.64 -6.68 11.70
N ARG A 76 -11.19 -7.31 12.79
CA ARG A 76 -11.83 -7.17 14.08
C ARG A 76 -10.92 -6.42 15.03
N LEU A 77 -9.72 -6.10 14.57
CA LEU A 77 -8.76 -5.39 15.38
C LEU A 77 -9.12 -3.93 15.51
N PRO A 78 -9.26 -3.46 16.74
CA PRO A 78 -9.56 -2.06 17.01
C PRO A 78 -8.35 -1.17 16.78
N ALA A 79 -8.54 -0.12 16.01
CA ALA A 79 -7.46 0.81 15.75
C ALA A 79 -7.48 1.93 16.77
N GLY A 80 -6.69 1.77 17.82
CA GLY A 80 -6.63 2.75 18.88
C GLY A 80 -6.07 4.07 18.40
N SER A 81 -4.89 4.02 17.81
CA SER A 81 -4.26 5.21 17.28
C SER A 81 -4.98 5.64 16.01
N ASP A 82 -4.99 4.75 15.01
CA ASP A 82 -5.64 5.00 13.74
C ASP A 82 -5.43 3.81 12.81
N THR A 83 -6.23 3.71 11.76
CA THR A 83 -6.09 2.64 10.79
C THR A 83 -4.79 2.77 10.02
N SER A 84 -4.32 3.99 9.91
CA SER A 84 -3.06 4.28 9.23
C SER A 84 -1.87 3.66 9.98
N ALA A 85 -2.09 3.31 11.25
CA ALA A 85 -1.04 2.67 12.06
C ALA A 85 -0.77 1.26 11.58
N TYR A 86 -1.74 0.69 10.89
CA TYR A 86 -1.59 -0.64 10.33
C TYR A 86 -0.83 -0.55 9.01
N ALA A 87 -0.84 -1.63 8.24
CA ALA A 87 -0.12 -1.68 6.98
C ALA A 87 -0.85 -0.91 5.88
N GLN A 88 -1.85 -0.13 6.28
CA GLN A 88 -2.68 0.63 5.36
C GLN A 88 -1.88 1.74 4.69
N ALA A 89 -1.36 2.64 5.49
CA ALA A 89 -0.61 3.77 4.98
C ALA A 89 0.71 3.32 4.39
N PHE A 90 1.26 2.26 4.94
CA PHE A 90 2.56 1.75 4.51
C PHE A 90 2.45 0.85 3.27
N SER A 91 1.25 0.74 2.73
CA SER A 91 1.01 -0.13 1.57
C SER A 91 1.98 0.13 0.41
N SER A 92 2.30 1.38 0.15
CA SER A 92 3.22 1.69 -0.95
C SER A 92 4.58 1.01 -0.80
N ALA A 93 5.13 1.07 0.41
CA ALA A 93 6.43 0.51 0.67
C ALA A 93 6.35 -1.00 0.94
N LEU A 94 5.23 -1.44 1.51
CA LEU A 94 5.06 -2.85 1.88
C LEU A 94 4.58 -3.71 0.73
N PHE A 95 3.84 -3.12 -0.19
CA PHE A 95 3.33 -3.87 -1.34
C PHE A 95 4.35 -3.85 -2.47
N ASN A 96 5.15 -2.78 -2.52
CA ASN A 96 6.16 -2.57 -3.56
C ASN A 96 5.54 -2.73 -4.95
N ALA A 97 4.70 -1.79 -5.32
CA ALA A 97 4.00 -1.82 -6.60
C ALA A 97 4.92 -1.51 -7.77
N GLY A 98 6.14 -1.09 -7.46
CA GLY A 98 7.10 -0.77 -8.51
C GLY A 98 7.02 0.67 -8.97
N VAL A 99 6.01 1.38 -8.48
CA VAL A 99 5.82 2.79 -8.84
C VAL A 99 6.76 3.67 -8.03
N LEU A 100 7.24 3.11 -6.93
CA LEU A 100 8.10 3.83 -6.02
C LEU A 100 9.56 3.76 -6.44
N ASN A 101 10.39 4.48 -5.73
CA ASN A 101 11.82 4.53 -6.01
C ASN A 101 12.54 3.35 -5.39
N ALA A 102 13.54 2.86 -6.10
CA ALA A 102 14.32 1.72 -5.63
C ALA A 102 15.39 2.17 -4.65
N SER A 103 15.71 3.45 -4.66
CA SER A 103 16.73 4.01 -3.79
C SER A 103 16.25 3.95 -2.35
N ASN A 104 14.95 4.05 -2.19
CA ASN A 104 14.32 3.98 -0.89
C ASN A 104 14.56 2.61 -0.25
N ILE A 105 14.29 1.58 -1.01
CA ILE A 105 14.45 0.22 -0.53
C ILE A 105 15.93 -0.13 -0.42
N ASP A 106 16.72 0.50 -1.26
CA ASP A 106 18.16 0.32 -1.26
C ASP A 106 18.80 0.99 -0.03
N THR A 107 18.21 2.10 0.40
CA THR A 107 18.76 2.89 1.50
C THR A 107 18.31 2.39 2.88
N LEU A 108 17.05 2.00 3.02
CA LEU A 108 16.58 1.54 4.32
C LEU A 108 15.65 0.34 4.21
N GLY A 109 14.95 0.21 3.10
CA GLY A 109 13.99 -0.87 2.93
C GLY A 109 14.55 -2.25 3.25
N SER A 110 15.52 -2.70 2.49
CA SER A 110 16.10 -4.03 2.68
C SER A 110 17.02 -4.08 3.90
N ARG A 111 17.44 -2.92 4.36
CA ARG A 111 18.38 -2.83 5.47
C ARG A 111 17.68 -2.84 6.82
N VAL A 112 16.79 -1.89 7.02
CA VAL A 112 16.11 -1.72 8.30
C VAL A 112 14.96 -2.71 8.45
N LEU A 113 14.11 -2.79 7.44
CA LEU A 113 12.93 -3.67 7.48
C LEU A 113 13.36 -5.14 7.39
N SER A 114 14.62 -5.33 7.01
CA SER A 114 15.27 -6.64 6.94
C SER A 114 14.41 -7.71 6.22
N ALA A 115 13.82 -8.61 7.00
CA ALA A 115 13.09 -9.75 6.48
C ALA A 115 11.85 -9.35 5.71
N LEU A 116 11.21 -8.28 6.14
CA LEU A 116 9.94 -7.86 5.58
C LEU A 116 10.00 -7.70 4.06
N LEU A 117 10.82 -6.78 3.59
CA LEU A 117 10.89 -6.51 2.16
C LEU A 117 11.49 -7.64 1.35
N ASN A 118 12.29 -8.48 1.99
CA ASN A 118 12.87 -9.62 1.30
C ASN A 118 11.78 -10.60 0.91
N GLY A 119 10.90 -10.90 1.86
CA GLY A 119 9.81 -11.81 1.58
C GLY A 119 8.72 -11.15 0.76
N VAL A 120 8.61 -9.83 0.89
CA VAL A 120 7.64 -9.07 0.12
C VAL A 120 8.03 -9.06 -1.36
N SER A 121 9.34 -9.01 -1.61
CA SER A 121 9.87 -8.98 -2.96
C SER A 121 9.35 -10.16 -3.80
N SER A 122 9.30 -11.32 -3.18
CA SER A 122 8.84 -12.51 -3.88
C SER A 122 7.31 -12.61 -3.88
N ALA A 123 6.71 -12.45 -2.71
CA ALA A 123 5.28 -12.61 -2.56
C ALA A 123 4.47 -11.47 -3.20
N ALA A 124 4.72 -10.24 -2.76
CA ALA A 124 3.95 -9.08 -3.23
C ALA A 124 4.44 -8.55 -4.55
N GLN A 125 5.68 -8.14 -4.59
CA GLN A 125 6.24 -7.52 -5.78
C GLN A 125 6.40 -8.55 -6.91
N GLY A 126 6.74 -9.77 -6.55
CA GLY A 126 6.99 -10.80 -7.54
C GLY A 126 5.72 -11.45 -8.07
N LEU A 127 5.05 -12.24 -7.22
CA LEU A 127 3.88 -13.00 -7.64
C LEU A 127 2.62 -12.18 -7.53
N GLY A 128 2.66 -11.18 -6.68
CA GLY A 128 1.52 -10.35 -6.48
C GLY A 128 0.51 -10.96 -5.53
N ILE A 129 0.66 -10.65 -4.24
CA ILE A 129 -0.25 -11.15 -3.23
C ILE A 129 -1.68 -10.71 -3.51
N ASN A 130 -2.61 -11.63 -3.39
CA ASN A 130 -4.00 -11.32 -3.60
C ASN A 130 -4.85 -12.03 -2.57
N VAL A 131 -5.57 -11.26 -1.78
CA VAL A 131 -6.43 -11.81 -0.74
C VAL A 131 -7.67 -12.44 -1.38
N ASP A 132 -8.29 -13.37 -0.67
CA ASP A 132 -9.48 -14.05 -1.16
C ASP A 132 -10.63 -13.07 -1.33
N SER A 133 -11.65 -13.45 -2.08
CA SER A 133 -12.77 -12.57 -2.34
C SER A 133 -13.67 -12.45 -1.11
N GLY A 134 -13.31 -11.56 -0.22
CA GLY A 134 -14.10 -11.30 0.95
C GLY A 134 -14.45 -9.85 1.06
N SER A 135 -13.94 -9.21 2.10
CA SER A 135 -14.18 -7.79 2.31
C SER A 135 -13.12 -6.96 1.58
N VAL A 136 -12.01 -7.60 1.23
CA VAL A 136 -10.90 -6.93 0.59
C VAL A 136 -11.15 -6.71 -0.90
N GLN A 137 -11.29 -7.80 -1.63
CA GLN A 137 -11.42 -7.77 -3.09
C GLN A 137 -12.54 -6.83 -3.55
N SER A 138 -13.73 -6.99 -2.99
CA SER A 138 -14.89 -6.21 -3.38
C SER A 138 -14.65 -4.71 -3.25
N ASP A 139 -14.04 -4.29 -2.15
CA ASP A 139 -13.83 -2.87 -1.92
C ASP A 139 -12.66 -2.33 -2.73
N ILE A 140 -11.58 -3.12 -2.83
CA ILE A 140 -10.40 -2.68 -3.57
C ILE A 140 -10.70 -2.58 -5.07
N SER A 141 -11.52 -3.49 -5.58
CA SER A 141 -11.88 -3.48 -7.00
C SER A 141 -12.51 -2.14 -7.40
N SER A 142 -13.54 -1.73 -6.68
CA SER A 142 -14.22 -0.48 -6.96
C SER A 142 -13.28 0.73 -6.83
N SER A 143 -12.47 0.74 -5.78
CA SER A 143 -11.54 1.84 -5.53
C SER A 143 -10.46 1.93 -6.60
N SER A 144 -9.96 0.79 -7.07
CA SER A 144 -8.90 0.76 -8.07
C SER A 144 -9.44 1.04 -9.47
N SER A 145 -10.72 0.87 -9.65
CA SER A 145 -11.34 1.14 -10.93
C SER A 145 -11.68 2.62 -11.08
N PHE A 146 -12.52 3.13 -10.19
CA PHE A 146 -13.00 4.50 -10.27
C PHE A 146 -12.10 5.49 -9.54
N LEU A 147 -11.96 5.27 -8.24
CA LEU A 147 -11.30 6.22 -7.33
C LEU A 147 -9.82 6.50 -7.68
N SER A 148 -9.16 5.58 -8.36
CA SER A 148 -7.75 5.76 -8.73
C SER A 148 -7.50 7.09 -9.44
N THR A 149 -8.47 7.53 -10.23
CA THR A 149 -8.34 8.77 -10.95
C THR A 149 -9.62 9.59 -10.84
N SER A 150 -10.36 9.39 -9.75
CA SER A 150 -11.62 10.09 -9.53
C SER A 150 -11.86 10.28 -8.03
N SER A 151 -12.66 11.29 -7.67
CA SER A 151 -12.94 11.62 -6.27
C SER A 151 -11.63 12.04 -5.57
N SER A 152 -11.65 12.13 -4.25
CA SER A 152 -10.46 12.51 -3.45
C SER A 152 -9.90 13.86 -3.96
N SER A 153 -10.80 14.79 -4.29
CA SER A 153 -10.46 16.11 -4.85
C SER A 153 -9.58 16.01 -6.11
N ALA A 154 -9.59 14.84 -6.75
CA ALA A 154 -8.83 14.63 -7.98
C ALA A 154 -9.62 15.13 -9.19
N SER A 155 -10.58 16.00 -8.92
CA SER A 155 -11.36 16.62 -9.97
C SER A 155 -10.58 17.79 -10.55
N TYR A 156 -9.34 17.94 -10.06
CA TYR A 156 -8.39 18.97 -10.47
C TYR A 156 -8.94 20.37 -10.47
N SER A 157 -10.00 20.57 -9.74
CA SER A 157 -10.56 21.87 -9.58
C SER A 157 -10.43 22.26 -8.12
N GLN A 158 -9.85 21.33 -7.36
CA GLN A 158 -9.62 21.52 -5.96
C GLN A 158 -8.13 21.40 -5.70
N ALA A 159 -7.74 21.37 -4.42
CA ALA A 159 -6.33 21.25 -4.01
C ALA A 159 -5.54 22.53 -4.34
N SER A 160 -5.36 22.79 -5.61
CA SER A 160 -4.66 23.98 -6.09
C SER A 160 -5.11 24.26 -7.52
N ALA A 161 -5.15 23.19 -8.32
CA ALA A 161 -5.60 23.23 -9.71
C ALA A 161 -4.60 23.93 -10.61
N SER A 162 -4.56 25.23 -10.55
CA SER A 162 -3.67 26.00 -11.37
C SER A 162 -2.28 26.06 -10.76
N SER A 163 -1.47 25.06 -11.06
CA SER A 163 -0.10 25.02 -10.58
C SER A 163 0.81 25.78 -11.53
N THR A 164 0.73 27.09 -11.49
CA THR A 164 1.54 27.92 -12.36
C THR A 164 2.90 28.17 -11.72
N SER A 165 2.89 28.70 -10.51
CA SER A 165 4.12 28.95 -9.77
C SER A 165 4.57 27.67 -9.09
N GLY A 166 3.68 27.09 -8.30
CA GLY A 166 3.97 25.88 -7.59
C GLY A 166 2.86 25.53 -6.64
N ALA A 167 2.56 24.26 -6.52
CA ALA A 167 1.49 23.83 -5.66
C ALA A 167 2.01 23.42 -4.30
N GLY A 168 1.62 24.16 -3.27
CA GLY A 168 2.04 23.85 -1.93
C GLY A 168 1.14 22.81 -1.29
N TYR A 169 -0.04 22.62 -1.87
CA TYR A 169 -1.02 21.66 -1.35
C TYR A 169 -0.75 20.24 -1.87
N THR A 170 0.48 19.98 -2.28
CA THR A 170 0.85 18.67 -2.75
C THR A 170 0.91 17.68 -1.58
N GLY A 171 0.79 16.41 -1.87
CA GLY A 171 0.82 15.42 -0.84
C GLY A 171 0.32 14.08 -1.33
N PRO A 172 -0.47 13.36 -0.51
CA PRO A 172 -1.02 12.03 -0.86
C PRO A 172 -2.00 12.09 -2.04
N SER A 173 -2.47 13.28 -2.34
CA SER A 173 -3.41 13.46 -3.42
C SER A 173 -2.83 14.39 -4.48
N GLY A 174 -2.55 15.63 -4.09
CA GLY A 174 -1.96 16.58 -5.00
C GLY A 174 -2.94 17.13 -6.05
N PRO A 175 -2.71 18.37 -6.49
CA PRO A 175 -3.53 19.00 -7.53
C PRO A 175 -2.99 18.67 -8.92
N SER A 176 -3.42 19.44 -9.92
CA SER A 176 -2.93 19.25 -11.28
C SER A 176 -1.43 19.52 -11.34
N THR A 177 -0.65 18.46 -11.19
CA THR A 177 0.80 18.57 -11.17
C THR A 177 1.45 17.17 -11.08
N GLY A 178 0.77 16.16 -11.62
CA GLY A 178 1.30 14.81 -11.59
C GLY A 178 0.60 13.89 -12.57
N PRO A 179 0.50 12.58 -12.26
CA PRO A 179 -0.18 11.59 -13.11
C PRO A 179 -1.71 11.68 -12.96
N SER A 180 -2.40 10.54 -13.15
CA SER A 180 -3.85 10.44 -13.04
C SER A 180 -4.55 11.47 -13.94
N GLY A 181 -3.91 11.79 -15.05
CA GLY A 181 -4.46 12.73 -15.98
C GLY A 181 -3.91 14.12 -15.79
N TYR A 182 -3.93 14.58 -14.54
CA TYR A 182 -3.51 15.94 -14.21
C TYR A 182 -3.30 16.07 -12.70
N PRO A 183 -4.34 15.77 -11.88
CA PRO A 183 -4.18 15.81 -10.43
C PRO A 183 -3.26 14.71 -10.01
N GLY A 184 -2.20 15.06 -9.34
CA GLY A 184 -1.26 14.08 -8.99
C GLY A 184 -0.39 14.47 -7.84
N PRO A 185 0.00 13.48 -7.05
CA PRO A 185 0.86 13.67 -5.88
C PRO A 185 2.32 13.90 -6.26
N LEU A 186 2.56 14.13 -7.54
CA LEU A 186 3.90 14.33 -8.05
C LEU A 186 4.49 15.65 -7.55
N GLY A 187 3.91 16.75 -7.98
CA GLY A 187 4.37 18.05 -7.52
C GLY A 187 5.51 18.59 -8.36
N GLY A 188 6.62 18.92 -7.71
CA GLY A 188 7.76 19.47 -8.42
C GLY A 188 8.47 18.45 -9.26
N GLY A 189 8.73 17.29 -8.70
CA GLY A 189 9.40 16.24 -9.42
C GLY A 189 9.10 14.89 -8.83
N ALA A 190 7.84 14.69 -8.42
CA ALA A 190 7.36 13.45 -7.82
C ALA A 190 7.90 13.30 -6.38
N PRO A 191 7.26 12.46 -5.54
CA PRO A 191 7.75 12.21 -4.17
C PRO A 191 9.13 11.54 -4.17
N PHE A 192 10.17 12.38 -4.15
CA PHE A 192 11.58 11.95 -4.17
C PHE A 192 11.98 11.40 -5.54
N GLY A 193 11.27 10.39 -6.02
CA GLY A 193 11.57 9.80 -7.29
C GLY A 193 10.85 8.50 -7.50
N GLN A 194 11.02 7.92 -8.67
CA GLN A 194 10.38 6.66 -9.00
C GLN A 194 11.43 5.69 -9.52
N SER A 195 11.04 4.45 -9.75
CA SER A 195 11.96 3.46 -10.30
C SER A 195 11.63 3.18 -11.76
N GLY A 196 10.87 4.06 -12.37
CA GLY A 196 10.49 3.88 -13.75
C GLY A 196 9.17 3.19 -13.86
N PHE A 197 8.11 3.98 -13.96
CA PHE A 197 6.77 3.43 -14.07
C PHE A 197 5.96 4.19 -15.11
N GLY A 198 6.11 5.50 -15.11
CA GLY A 198 5.38 6.32 -16.06
C GLY A 198 4.54 7.39 -15.40
N GLY A 199 4.51 7.39 -14.07
CA GLY A 199 3.73 8.37 -13.37
C GLY A 199 4.38 9.74 -13.41
N ALA A 1 1.63 -6.04 15.62
CA ALA A 1 1.82 -6.75 16.90
C ALA A 1 3.11 -6.31 17.58
N GLY A 2 4.25 -6.73 17.02
CA GLY A 2 5.51 -6.35 17.60
C GLY A 2 6.64 -6.37 16.60
N PRO A 3 7.77 -5.71 16.90
CA PRO A 3 8.93 -5.67 16.01
C PRO A 3 9.72 -6.99 16.06
N GLN A 4 10.77 -7.08 15.25
CA GLN A 4 11.57 -8.28 15.20
C GLN A 4 12.83 -8.16 16.04
N GLY A 5 13.04 -6.98 16.61
CA GLY A 5 14.19 -6.77 17.46
C GLY A 5 15.47 -6.55 16.68
N GLY A 6 16.02 -7.63 16.14
CA GLY A 6 17.24 -7.54 15.36
C GLY A 6 17.00 -6.87 14.03
N PHE A 7 15.93 -7.23 13.37
CA PHE A 7 15.59 -6.64 12.08
C PHE A 7 14.55 -5.54 12.24
N GLY A 8 13.28 -5.92 12.19
CA GLY A 8 12.23 -4.97 12.36
C GLY A 8 11.50 -4.71 11.07
N ALA A 9 10.83 -3.58 11.00
CA ALA A 9 10.09 -3.21 9.82
C ALA A 9 9.77 -1.72 9.84
N THR A 10 9.13 -1.25 8.77
CA THR A 10 8.70 0.16 8.62
C THR A 10 9.84 1.16 8.87
N GLY A 11 10.51 1.56 7.80
CA GLY A 11 11.59 2.52 7.92
C GLY A 11 11.07 3.92 8.21
N GLY A 12 11.78 4.64 9.05
CA GLY A 12 11.38 5.99 9.41
C GLY A 12 11.34 6.93 8.22
N ALA A 13 12.31 6.77 7.32
CA ALA A 13 12.38 7.59 6.12
C ALA A 13 11.20 7.31 5.20
N SER A 14 10.80 6.04 5.13
CA SER A 14 9.69 5.63 4.29
C SER A 14 8.37 6.20 4.80
N ALA A 15 8.27 6.38 6.11
CA ALA A 15 7.03 6.86 6.76
C ALA A 15 6.52 8.19 6.17
N GLY A 16 7.42 8.97 5.61
CA GLY A 16 7.01 10.24 5.02
C GLY A 16 6.59 10.10 3.56
N LEU A 17 7.26 9.23 2.82
CA LEU A 17 6.99 9.07 1.40
C LEU A 17 5.84 8.10 1.11
N ILE A 18 5.54 7.20 2.06
CA ILE A 18 4.52 6.14 1.89
C ILE A 18 3.20 6.61 1.29
N SER A 19 2.75 7.79 1.66
CA SER A 19 1.49 8.29 1.16
C SER A 19 1.64 8.95 -0.20
N ARG A 20 2.85 9.37 -0.53
CA ARG A 20 3.10 10.05 -1.80
C ARG A 20 3.41 9.08 -2.92
N VAL A 21 4.09 7.99 -2.60
CA VAL A 21 4.53 7.00 -3.60
C VAL A 21 3.38 6.43 -4.44
N ALA A 22 3.75 5.55 -5.38
CA ALA A 22 2.83 4.95 -6.39
C ALA A 22 1.42 4.62 -5.87
N ASN A 23 1.31 4.25 -4.60
CA ASN A 23 0.00 3.87 -4.03
C ASN A 23 -0.95 5.07 -3.99
N ALA A 24 -0.39 6.28 -3.97
CA ALA A 24 -1.18 7.52 -3.92
C ALA A 24 -2.15 7.61 -5.11
N LEU A 25 -1.67 7.27 -6.30
CA LEU A 25 -2.50 7.34 -7.50
C LEU A 25 -3.47 6.18 -7.53
N ALA A 26 -3.08 5.07 -6.91
CA ALA A 26 -3.96 3.93 -6.78
C ALA A 26 -4.87 4.16 -5.59
N ASN A 27 -5.73 5.17 -5.75
CA ASN A 27 -6.64 5.70 -4.70
C ASN A 27 -7.66 4.68 -4.16
N THR A 28 -7.38 3.41 -4.35
CA THR A 28 -8.19 2.34 -3.85
C THR A 28 -8.30 2.41 -2.31
N SER A 29 -9.24 1.68 -1.75
CA SER A 29 -9.45 1.64 -0.32
C SER A 29 -8.19 1.13 0.43
N THR A 30 -7.26 0.53 -0.33
CA THR A 30 -6.01 -0.06 0.19
C THR A 30 -5.19 0.92 1.05
N LEU A 31 -5.30 2.20 0.76
CA LEU A 31 -4.59 3.22 1.53
C LEU A 31 -5.59 4.11 2.26
N ARG A 32 -6.82 4.10 1.79
CA ARG A 32 -7.85 4.95 2.33
C ARG A 32 -8.45 4.41 3.64
N THR A 33 -8.73 3.11 3.70
CA THR A 33 -9.39 2.56 4.89
C THR A 33 -9.23 1.03 5.06
N VAL A 34 -9.50 0.26 4.01
CA VAL A 34 -9.43 -1.20 4.15
C VAL A 34 -7.98 -1.68 4.20
N LEU A 35 -7.78 -2.86 4.76
CA LEU A 35 -6.45 -3.42 4.88
C LEU A 35 -5.82 -3.65 3.50
N ARG A 36 -4.52 -3.41 3.42
CA ARG A 36 -3.77 -3.54 2.19
C ARG A 36 -3.77 -4.98 1.68
N THR A 37 -3.49 -5.12 0.39
CA THR A 37 -3.43 -6.40 -0.25
C THR A 37 -2.14 -7.10 0.10
N GLY A 38 -2.25 -8.16 0.86
CA GLY A 38 -1.08 -8.88 1.28
C GLY A 38 -0.44 -8.18 2.45
N VAL A 39 -1.26 -7.85 3.44
CA VAL A 39 -0.80 -7.19 4.67
C VAL A 39 0.36 -7.97 5.32
N SER A 40 1.31 -7.22 5.86
CA SER A 40 2.48 -7.81 6.47
C SER A 40 2.17 -8.39 7.84
N GLN A 41 2.88 -9.46 8.19
CA GLN A 41 2.71 -10.16 9.46
C GLN A 41 3.11 -9.27 10.64
N GLN A 42 3.79 -8.19 10.37
CA GLN A 42 4.24 -7.28 11.41
C GLN A 42 3.07 -6.79 12.25
N ILE A 43 1.93 -6.53 11.60
CA ILE A 43 0.76 -6.05 12.31
C ILE A 43 -0.04 -7.18 12.94
N ALA A 44 -0.24 -8.27 12.20
CA ALA A 44 -1.02 -9.40 12.69
C ALA A 44 -0.17 -10.32 13.56
N SER A 45 0.78 -11.01 12.93
CA SER A 45 1.76 -11.88 13.61
C SER A 45 1.13 -13.21 14.10
N SER A 46 -0.16 -13.19 14.40
CA SER A 46 -0.84 -14.37 14.90
C SER A 46 -0.92 -15.48 13.85
N VAL A 47 -1.69 -15.24 12.79
CA VAL A 47 -1.88 -16.24 11.74
C VAL A 47 -1.74 -15.65 10.35
N VAL A 48 -2.18 -14.42 10.17
CA VAL A 48 -2.11 -13.76 8.89
C VAL A 48 -0.73 -13.21 8.65
N GLN A 49 0.12 -14.01 8.05
CA GLN A 49 1.48 -13.59 7.77
C GLN A 49 1.53 -12.78 6.48
N ARG A 50 0.90 -13.32 5.43
CA ARG A 50 0.82 -12.62 4.16
C ARG A 50 -0.59 -12.75 3.60
N ALA A 51 -1.45 -13.47 4.35
CA ALA A 51 -2.82 -13.79 3.91
C ALA A 51 -2.79 -14.80 2.75
N ALA A 52 -2.00 -14.49 1.73
CA ALA A 52 -1.86 -15.37 0.59
C ALA A 52 -1.09 -16.63 0.97
N GLN A 53 -1.68 -17.75 0.63
CA GLN A 53 -1.21 -19.09 0.94
C GLN A 53 0.26 -19.38 0.65
N SER A 54 0.89 -18.60 -0.20
CA SER A 54 2.30 -18.85 -0.49
C SER A 54 3.16 -18.66 0.77
N LEU A 55 3.18 -17.45 1.31
CA LEU A 55 3.96 -17.17 2.52
C LEU A 55 3.15 -17.47 3.78
N ALA A 56 1.83 -17.42 3.64
CA ALA A 56 0.90 -17.68 4.75
C ALA A 56 0.78 -19.16 5.05
N SER A 57 1.26 -19.98 4.12
CA SER A 57 1.24 -21.47 4.21
C SER A 57 1.62 -22.02 5.61
N THR A 58 2.15 -21.17 6.47
CA THR A 58 2.54 -21.54 7.83
C THR A 58 1.43 -22.39 8.53
N LEU A 59 0.16 -22.04 8.28
CA LEU A 59 -0.95 -22.79 8.84
C LEU A 59 -1.86 -23.31 7.75
N GLY A 60 -1.39 -23.26 6.50
CA GLY A 60 -2.21 -23.68 5.39
C GLY A 60 -3.38 -22.75 5.19
N VAL A 61 -3.10 -21.50 4.86
CA VAL A 61 -4.14 -20.50 4.70
C VAL A 61 -4.65 -20.50 3.29
N ASP A 62 -5.78 -21.12 3.09
CA ASP A 62 -6.38 -21.18 1.78
C ASP A 62 -7.85 -21.52 1.88
N GLY A 63 -8.68 -20.51 1.77
CA GLY A 63 -10.10 -20.69 1.83
C GLY A 63 -10.61 -20.84 3.25
N ASN A 64 -10.10 -21.85 3.94
CA ASN A 64 -10.54 -22.18 5.29
C ASN A 64 -10.23 -21.04 6.26
N ASN A 65 -8.97 -20.94 6.64
CA ASN A 65 -8.52 -19.90 7.55
C ASN A 65 -8.15 -18.63 6.79
N LEU A 66 -8.52 -18.59 5.52
CA LEU A 66 -8.30 -17.41 4.69
C LEU A 66 -9.48 -16.46 4.79
N ALA A 67 -10.67 -16.98 4.44
CA ALA A 67 -11.88 -16.18 4.51
C ALA A 67 -12.34 -16.04 5.95
N ARG A 68 -12.22 -17.12 6.69
CA ARG A 68 -12.57 -17.12 8.08
C ARG A 68 -11.30 -17.18 8.91
N PHE A 69 -11.41 -17.00 10.22
CA PHE A 69 -10.26 -17.00 11.14
C PHE A 69 -9.36 -15.78 10.90
N ALA A 70 -8.79 -15.68 9.69
CA ALA A 70 -7.91 -14.57 9.34
C ALA A 70 -8.60 -13.23 9.53
N VAL A 71 -9.73 -13.04 8.85
CA VAL A 71 -10.50 -11.80 8.95
C VAL A 71 -10.96 -11.57 10.39
N GLN A 72 -11.31 -12.64 11.08
CA GLN A 72 -11.80 -12.54 12.45
C GLN A 72 -10.67 -12.15 13.41
N ALA A 73 -9.46 -12.62 13.13
CA ALA A 73 -8.30 -12.31 13.94
C ALA A 73 -7.80 -10.90 13.68
N VAL A 74 -7.74 -10.52 12.40
CA VAL A 74 -7.27 -9.20 12.02
C VAL A 74 -8.26 -8.13 12.47
N SER A 75 -9.55 -8.42 12.33
CA SER A 75 -10.60 -7.49 12.71
C SER A 75 -10.67 -7.32 14.24
N ARG A 76 -9.89 -8.12 14.95
CA ARG A 76 -9.85 -8.05 16.39
C ARG A 76 -8.95 -6.90 16.85
N LEU A 77 -8.07 -6.46 15.96
CA LEU A 77 -7.20 -5.33 16.25
C LEU A 77 -8.04 -4.06 16.39
N PRO A 78 -7.61 -3.12 17.24
CA PRO A 78 -8.36 -1.89 17.51
C PRO A 78 -8.44 -0.96 16.29
N ALA A 79 -9.65 -0.58 15.94
CA ALA A 79 -9.89 0.32 14.84
C ALA A 79 -10.78 1.46 15.32
N GLY A 80 -10.64 1.79 16.59
CA GLY A 80 -11.47 2.80 17.20
C GLY A 80 -11.18 4.19 16.69
N SER A 81 -9.92 4.59 16.75
CA SER A 81 -9.54 5.93 16.33
C SER A 81 -9.45 6.01 14.81
N ASP A 82 -8.93 4.97 14.21
CA ASP A 82 -8.71 4.94 12.77
C ASP A 82 -8.32 3.55 12.32
N THR A 83 -8.56 3.24 11.07
CA THR A 83 -8.18 1.96 10.50
C THR A 83 -6.70 2.01 10.12
N SER A 84 -6.19 3.23 10.00
CA SER A 84 -4.78 3.47 9.66
C SER A 84 -3.83 2.83 10.68
N ALA A 85 -4.36 2.48 11.85
CA ALA A 85 -3.59 1.80 12.89
C ALA A 85 -2.97 0.50 12.37
N TYR A 86 -3.55 -0.04 11.31
CA TYR A 86 -3.02 -1.21 10.65
C TYR A 86 -1.86 -0.81 9.73
N ALA A 87 -1.48 -1.70 8.83
CA ALA A 87 -0.44 -1.40 7.84
C ALA A 87 -1.07 -0.61 6.68
N GLN A 88 -1.85 0.39 7.04
CA GLN A 88 -2.60 1.19 6.09
C GLN A 88 -1.72 2.20 5.38
N ALA A 89 -1.09 3.07 6.16
CA ALA A 89 -0.26 4.13 5.61
C ALA A 89 0.95 3.58 4.85
N PHE A 90 1.52 2.50 5.38
CA PHE A 90 2.70 1.89 4.78
C PHE A 90 2.32 0.95 3.62
N SER A 91 1.10 1.11 3.12
CA SER A 91 0.59 0.27 2.05
C SER A 91 1.51 0.28 0.83
N SER A 92 2.05 1.44 0.48
CA SER A 92 2.89 1.55 -0.70
C SER A 92 4.26 0.92 -0.47
N ALA A 93 4.81 1.08 0.72
CA ALA A 93 6.14 0.56 1.02
C ALA A 93 6.11 -0.96 1.18
N LEU A 94 4.99 -1.46 1.67
CA LEU A 94 4.83 -2.89 1.86
C LEU A 94 4.38 -3.56 0.57
N PHE A 95 3.81 -2.79 -0.34
CA PHE A 95 3.40 -3.33 -1.62
C PHE A 95 4.55 -3.26 -2.62
N ASN A 96 5.15 -2.07 -2.71
CA ASN A 96 6.24 -1.78 -3.65
C ASN A 96 5.84 -2.07 -5.08
N ALA A 97 5.24 -1.08 -5.71
CA ALA A 97 4.77 -1.20 -7.08
C ALA A 97 5.94 -1.14 -8.08
N GLY A 98 7.14 -0.88 -7.57
CA GLY A 98 8.32 -0.83 -8.41
C GLY A 98 8.52 0.52 -9.07
N VAL A 99 7.55 1.40 -8.90
CA VAL A 99 7.60 2.72 -9.53
C VAL A 99 8.20 3.74 -8.57
N LEU A 100 8.42 3.33 -7.34
CA LEU A 100 8.92 4.21 -6.31
C LEU A 100 10.44 4.32 -6.36
N ASN A 101 11.01 5.07 -5.42
CA ASN A 101 12.44 5.32 -5.38
C ASN A 101 13.19 4.09 -4.87
N ALA A 102 14.15 3.65 -5.66
CA ALA A 102 14.93 2.47 -5.33
C ALA A 102 15.90 2.73 -4.20
N SER A 103 16.27 3.99 -4.03
CA SER A 103 17.22 4.37 -2.99
C SER A 103 16.60 4.17 -1.63
N ASN A 104 15.29 4.32 -1.58
CA ASN A 104 14.53 4.11 -0.38
C ASN A 104 14.72 2.68 0.12
N ILE A 105 14.50 1.74 -0.76
CA ILE A 105 14.63 0.33 -0.43
C ILE A 105 16.10 -0.08 -0.30
N ASP A 106 16.92 0.46 -1.16
CA ASP A 106 18.34 0.15 -1.15
C ASP A 106 19.03 0.67 0.12
N THR A 107 18.58 1.80 0.62
CA THR A 107 19.21 2.42 1.79
C THR A 107 18.62 1.95 3.12
N LEU A 108 17.31 1.95 3.25
CA LEU A 108 16.72 1.57 4.53
C LEU A 108 15.66 0.47 4.40
N GLY A 109 15.17 0.25 3.20
CA GLY A 109 14.15 -0.74 3.02
C GLY A 109 14.62 -2.16 3.33
N SER A 110 15.38 -2.74 2.43
CA SER A 110 15.86 -4.11 2.58
C SER A 110 16.86 -4.21 3.74
N ARG A 111 17.39 -3.08 4.15
CA ARG A 111 18.39 -3.05 5.21
C ARG A 111 17.76 -3.01 6.60
N VAL A 112 16.79 -2.14 6.79
CA VAL A 112 16.13 -2.03 8.08
C VAL A 112 15.03 -3.08 8.23
N LEU A 113 14.14 -3.13 7.25
CA LEU A 113 13.04 -4.09 7.26
C LEU A 113 13.57 -5.50 7.10
N SER A 114 14.65 -5.62 6.33
CA SER A 114 15.34 -6.88 6.08
C SER A 114 14.40 -8.04 5.76
N ALA A 115 14.12 -8.88 6.77
CA ALA A 115 13.33 -10.09 6.61
C ALA A 115 11.98 -9.81 5.97
N LEU A 116 11.40 -8.67 6.27
CA LEU A 116 10.11 -8.31 5.72
C LEU A 116 10.20 -8.11 4.21
N LEU A 117 11.12 -7.27 3.77
CA LEU A 117 11.23 -6.98 2.34
C LEU A 117 11.81 -8.14 1.57
N ASN A 118 12.62 -8.98 2.22
CA ASN A 118 13.18 -10.14 1.54
C ASN A 118 12.07 -11.02 0.99
N GLY A 119 10.98 -11.10 1.75
CA GLY A 119 9.84 -11.85 1.30
C GLY A 119 8.91 -11.00 0.46
N VAL A 120 8.68 -9.76 0.90
CA VAL A 120 7.78 -8.83 0.20
C VAL A 120 8.23 -8.53 -1.23
N SER A 121 9.53 -8.30 -1.42
CA SER A 121 10.06 -7.98 -2.73
C SER A 121 9.76 -9.09 -3.74
N SER A 122 9.72 -10.31 -3.26
CA SER A 122 9.40 -11.44 -4.09
C SER A 122 7.89 -11.62 -4.19
N ALA A 123 7.20 -11.41 -3.07
CA ALA A 123 5.77 -11.62 -2.98
C ALA A 123 4.95 -10.46 -3.57
N ALA A 124 4.77 -9.40 -2.79
CA ALA A 124 3.92 -8.27 -3.20
C ALA A 124 4.51 -7.49 -4.34
N GLN A 125 5.79 -7.20 -4.24
CA GLN A 125 6.48 -6.43 -5.24
C GLN A 125 6.63 -7.20 -6.54
N GLY A 126 6.90 -8.48 -6.42
CA GLY A 126 7.14 -9.31 -7.57
C GLY A 126 5.89 -9.87 -8.23
N LEU A 127 4.93 -10.31 -7.43
CA LEU A 127 3.75 -10.97 -7.99
C LEU A 127 2.47 -10.18 -7.76
N GLY A 128 2.46 -9.31 -6.77
CA GLY A 128 1.24 -8.59 -6.44
C GLY A 128 0.28 -9.48 -5.68
N ILE A 129 0.33 -9.39 -4.36
CA ILE A 129 -0.47 -10.26 -3.51
C ILE A 129 -1.94 -9.87 -3.46
N ASN A 130 -2.79 -10.86 -3.62
CA ASN A 130 -4.23 -10.67 -3.55
C ASN A 130 -4.79 -11.43 -2.37
N VAL A 131 -5.61 -10.78 -1.59
CA VAL A 131 -6.23 -11.41 -0.45
C VAL A 131 -7.65 -11.85 -0.79
N ASP A 132 -7.89 -13.12 -0.67
CA ASP A 132 -9.20 -13.71 -0.97
C ASP A 132 -9.96 -13.93 0.32
N SER A 133 -9.77 -13.02 1.26
CA SER A 133 -10.38 -13.13 2.58
C SER A 133 -11.89 -12.91 2.54
N GLY A 134 -12.40 -12.50 1.39
CA GLY A 134 -13.80 -12.22 1.28
C GLY A 134 -14.08 -10.76 1.51
N SER A 135 -13.14 -10.09 2.15
CA SER A 135 -13.29 -8.68 2.49
C SER A 135 -12.46 -7.77 1.60
N VAL A 136 -11.19 -8.13 1.42
CA VAL A 136 -10.27 -7.33 0.63
C VAL A 136 -10.68 -7.30 -0.84
N GLN A 137 -10.67 -8.46 -1.46
CA GLN A 137 -10.94 -8.61 -2.90
C GLN A 137 -12.28 -8.02 -3.31
N SER A 138 -13.30 -8.21 -2.49
CA SER A 138 -14.63 -7.75 -2.81
C SER A 138 -14.69 -6.22 -2.97
N ASP A 139 -14.00 -5.51 -2.10
CA ASP A 139 -14.03 -4.05 -2.17
C ASP A 139 -13.00 -3.52 -3.17
N ILE A 140 -11.77 -4.02 -3.09
CA ILE A 140 -10.69 -3.52 -3.96
C ILE A 140 -11.02 -3.63 -5.44
N SER A 141 -11.68 -4.72 -5.84
CA SER A 141 -12.03 -4.92 -7.25
C SER A 141 -12.87 -3.75 -7.79
N SER A 142 -13.83 -3.28 -6.99
CA SER A 142 -14.68 -2.19 -7.40
C SER A 142 -14.02 -0.83 -7.13
N SER A 143 -13.35 -0.73 -5.99
CA SER A 143 -12.72 0.52 -5.58
C SER A 143 -11.50 0.87 -6.46
N SER A 144 -10.71 -0.13 -6.82
CA SER A 144 -9.50 0.10 -7.61
C SER A 144 -9.85 0.47 -9.05
N SER A 145 -11.02 0.07 -9.49
CA SER A 145 -11.46 0.38 -10.83
C SER A 145 -12.18 1.74 -10.90
N PHE A 146 -13.14 1.96 -10.01
CA PHE A 146 -13.93 3.19 -10.03
C PHE A 146 -13.29 4.34 -9.25
N LEU A 147 -13.06 4.14 -7.97
CA LEU A 147 -12.56 5.21 -7.07
C LEU A 147 -11.19 5.76 -7.49
N SER A 148 -10.56 5.12 -8.45
CA SER A 148 -9.26 5.57 -8.90
C SER A 148 -9.39 6.56 -10.06
N THR A 149 -9.86 6.07 -11.20
CA THR A 149 -9.89 6.86 -12.40
C THR A 149 -11.25 6.82 -13.13
N SER A 150 -12.34 6.62 -12.41
CA SER A 150 -13.67 6.66 -13.02
C SER A 150 -13.96 8.07 -13.52
N SER A 151 -14.90 8.19 -14.47
CA SER A 151 -15.25 9.48 -15.04
C SER A 151 -14.02 10.13 -15.67
N SER A 152 -14.02 11.45 -15.75
CA SER A 152 -12.88 12.15 -16.28
C SER A 152 -11.74 12.10 -15.26
N SER A 153 -12.04 12.47 -14.03
CA SER A 153 -11.07 12.44 -12.95
C SER A 153 -11.79 12.28 -11.61
N ALA A 154 -12.05 11.04 -11.23
CA ALA A 154 -12.77 10.71 -10.00
C ALA A 154 -12.09 11.24 -8.75
N SER A 155 -10.88 10.78 -8.48
CA SER A 155 -10.20 11.15 -7.25
C SER A 155 -8.78 11.67 -7.51
N TYR A 156 -8.51 12.14 -8.71
CA TYR A 156 -7.17 12.62 -9.03
C TYR A 156 -7.22 13.93 -9.80
N SER A 157 -6.29 14.82 -9.47
CA SER A 157 -6.15 16.14 -10.12
C SER A 157 -7.34 17.06 -9.85
N GLN A 158 -8.50 16.70 -10.36
CA GLN A 158 -9.71 17.52 -10.23
C GLN A 158 -10.26 17.53 -8.80
N ALA A 159 -9.54 16.86 -7.89
CA ALA A 159 -9.93 16.85 -6.49
C ALA A 159 -9.79 18.25 -5.91
N SER A 160 -8.88 19.02 -6.48
CA SER A 160 -8.68 20.40 -6.09
C SER A 160 -8.23 21.24 -7.28
N ALA A 161 -7.34 20.64 -8.10
CA ALA A 161 -6.83 21.26 -9.34
C ALA A 161 -5.93 22.48 -9.08
N SER A 162 -6.49 23.51 -8.48
CA SER A 162 -5.77 24.74 -8.23
C SER A 162 -4.76 24.60 -7.09
N SER A 163 -3.49 24.52 -7.44
CA SER A 163 -2.43 24.50 -6.45
C SER A 163 -2.13 25.93 -6.03
N THR A 164 -1.99 26.79 -7.03
CA THR A 164 -1.82 28.20 -6.79
C THR A 164 -3.13 28.75 -6.24
N SER A 165 -3.05 29.47 -5.13
CA SER A 165 -4.24 30.01 -4.43
C SER A 165 -5.24 28.90 -4.09
N GLY A 166 -4.71 27.70 -3.86
CA GLY A 166 -5.54 26.57 -3.48
C GLY A 166 -4.79 25.61 -2.59
N ALA A 167 -4.24 24.57 -3.18
CA ALA A 167 -3.50 23.58 -2.42
C ALA A 167 -2.00 23.79 -2.60
N GLY A 168 -1.38 24.43 -1.61
CA GLY A 168 0.04 24.69 -1.67
C GLY A 168 0.89 23.48 -1.34
N TYR A 169 0.26 22.48 -0.74
CA TYR A 169 0.96 21.25 -0.36
C TYR A 169 1.27 20.42 -1.61
N THR A 170 0.27 20.29 -2.47
CA THR A 170 0.36 19.53 -3.71
C THR A 170 0.80 18.07 -3.49
N GLY A 171 -0.17 17.21 -3.27
CA GLY A 171 0.07 15.81 -3.03
C GLY A 171 -1.14 15.17 -2.42
N PRO A 172 -0.98 14.20 -1.51
CA PRO A 172 -2.11 13.57 -0.81
C PRO A 172 -2.92 14.60 -0.03
N SER A 173 -2.22 15.58 0.53
CA SER A 173 -2.85 16.67 1.26
C SER A 173 -3.16 17.84 0.33
N GLY A 174 -3.02 17.61 -0.96
CA GLY A 174 -3.26 18.62 -1.94
C GLY A 174 -4.30 18.20 -2.96
N PRO A 175 -4.12 18.55 -4.25
CA PRO A 175 -5.08 18.21 -5.31
C PRO A 175 -5.03 16.75 -5.71
N SER A 176 -4.04 16.01 -5.19
CA SER A 176 -3.86 14.60 -5.52
C SER A 176 -3.79 14.44 -7.05
N THR A 177 -2.98 15.27 -7.68
CA THR A 177 -2.87 15.30 -9.11
C THR A 177 -1.88 14.25 -9.61
N GLY A 178 -2.17 13.74 -10.79
CA GLY A 178 -1.32 12.75 -11.42
C GLY A 178 -2.08 11.98 -12.49
N PRO A 179 -2.57 12.67 -13.54
CA PRO A 179 -3.35 12.02 -14.60
C PRO A 179 -2.60 10.90 -15.29
N SER A 180 -3.17 9.71 -15.26
CA SER A 180 -2.59 8.56 -15.89
C SER A 180 -2.78 8.64 -17.40
N GLY A 181 -1.77 9.12 -18.09
CA GLY A 181 -1.85 9.24 -19.53
C GLY A 181 -0.50 9.29 -20.17
N TYR A 182 0.15 10.43 -20.11
CA TYR A 182 1.45 10.61 -20.74
C TYR A 182 2.58 10.60 -19.71
N PRO A 183 3.50 9.64 -19.82
CA PRO A 183 4.67 9.53 -18.94
C PRO A 183 5.57 10.75 -19.07
N GLY A 184 6.01 11.28 -17.95
CA GLY A 184 6.87 12.44 -17.98
C GLY A 184 6.54 13.40 -16.87
N PRO A 185 5.89 14.52 -17.20
CA PRO A 185 5.52 15.52 -16.22
C PRO A 185 4.42 15.01 -15.28
N LEU A 186 3.71 13.96 -15.73
CA LEU A 186 2.63 13.33 -14.97
C LEU A 186 1.49 14.34 -14.71
N GLY A 187 1.68 15.13 -13.69
CA GLY A 187 0.72 16.14 -13.32
C GLY A 187 1.41 17.30 -12.65
N GLY A 188 2.49 17.76 -13.27
CA GLY A 188 3.28 18.83 -12.71
C GLY A 188 4.26 18.30 -11.70
N GLY A 189 4.81 17.14 -11.98
CA GLY A 189 5.73 16.49 -11.08
C GLY A 189 5.20 15.15 -10.65
N ALA A 190 4.38 15.17 -9.57
CA ALA A 190 3.76 13.97 -9.01
C ALA A 190 4.79 12.97 -8.42
N PRO A 191 4.45 12.31 -7.31
CA PRO A 191 5.31 11.35 -6.65
C PRO A 191 4.99 9.90 -7.07
N PHE A 192 4.24 9.77 -8.15
CA PHE A 192 3.83 8.46 -8.63
C PHE A 192 4.90 7.81 -9.50
N GLY A 193 5.12 8.38 -10.67
CA GLY A 193 6.04 7.79 -11.62
C GLY A 193 7.24 8.65 -11.84
N GLN A 194 7.99 8.83 -10.80
CA GLN A 194 9.14 9.68 -10.85
C GLN A 194 10.44 8.90 -10.63
N SER A 195 10.34 7.58 -10.57
CA SER A 195 11.52 6.76 -10.35
C SER A 195 11.51 5.50 -11.21
N GLY A 196 10.46 4.72 -11.07
CA GLY A 196 10.37 3.50 -11.85
C GLY A 196 9.25 3.57 -12.86
N PHE A 197 9.22 4.64 -13.64
CA PHE A 197 8.17 4.82 -14.62
C PHE A 197 8.77 5.19 -15.98
N GLY A 198 9.58 6.22 -16.00
CA GLY A 198 10.19 6.66 -17.23
C GLY A 198 9.55 7.92 -17.75
N GLY A 199 10.03 9.06 -17.28
CA GLY A 199 9.49 10.33 -17.71
C GLY A 199 10.18 10.87 -18.94
N ALA A 1 0.61 -5.38 16.56
CA ALA A 1 1.33 -6.25 17.50
C ALA A 1 2.69 -5.68 17.81
N GLY A 2 3.64 -5.88 16.90
CA GLY A 2 4.95 -5.34 17.10
C GLY A 2 5.97 -5.93 16.16
N PRO A 3 7.16 -5.31 16.06
CA PRO A 3 8.25 -5.79 15.20
C PRO A 3 8.79 -7.13 15.66
N GLN A 4 9.64 -7.74 14.84
CA GLN A 4 10.19 -9.03 15.16
C GLN A 4 11.60 -8.90 15.69
N GLY A 5 11.73 -8.83 17.00
CA GLY A 5 13.03 -8.67 17.61
C GLY A 5 13.69 -7.37 17.22
N GLY A 6 14.74 -7.47 16.42
CA GLY A 6 15.42 -6.29 15.97
C GLY A 6 14.99 -5.86 14.58
N PHE A 7 14.02 -6.57 14.04
CA PHE A 7 13.50 -6.27 12.71
C PHE A 7 12.32 -5.30 12.80
N GLY A 8 12.63 -4.02 12.81
CA GLY A 8 11.61 -2.98 12.85
C GLY A 8 11.08 -2.67 11.46
N ALA A 9 10.60 -3.70 10.80
CA ALA A 9 10.08 -3.59 9.45
C ALA A 9 8.81 -2.72 9.41
N THR A 10 8.96 -1.49 8.95
CA THR A 10 7.87 -0.55 8.88
C THR A 10 7.99 0.36 7.66
N GLY A 11 8.90 1.32 7.73
CA GLY A 11 9.10 2.25 6.64
C GLY A 11 10.09 3.34 7.00
N GLY A 12 10.02 3.82 8.23
CA GLY A 12 10.96 4.85 8.69
C GLY A 12 10.93 6.11 7.85
N ALA A 13 11.99 6.34 7.08
CA ALA A 13 12.10 7.53 6.22
C ALA A 13 11.02 7.55 5.15
N SER A 14 10.41 6.38 4.90
CA SER A 14 9.33 6.29 3.95
C SER A 14 8.11 7.08 4.43
N ALA A 15 8.03 7.32 5.74
CA ALA A 15 6.88 8.04 6.33
C ALA A 15 6.68 9.41 5.69
N GLY A 16 7.74 9.96 5.12
CA GLY A 16 7.63 11.24 4.48
C GLY A 16 7.12 11.14 3.05
N LEU A 17 7.61 10.15 2.32
CA LEU A 17 7.23 9.95 0.90
C LEU A 17 5.97 9.07 0.68
N ILE A 18 5.59 8.26 1.68
CA ILE A 18 4.46 7.29 1.55
C ILE A 18 3.21 7.84 0.86
N SER A 19 2.76 9.02 1.26
CA SER A 19 1.56 9.60 0.71
C SER A 19 1.79 10.10 -0.71
N ARG A 20 3.05 10.33 -1.05
CA ARG A 20 3.43 10.79 -2.39
C ARG A 20 3.61 9.63 -3.36
N VAL A 21 4.05 8.49 -2.85
CA VAL A 21 4.30 7.30 -3.68
C VAL A 21 3.04 6.92 -4.49
N ALA A 22 3.20 5.98 -5.44
CA ALA A 22 2.14 5.52 -6.36
C ALA A 22 0.73 5.44 -5.73
N ASN A 23 0.66 5.13 -4.44
CA ASN A 23 -0.61 5.04 -3.73
C ASN A 23 -1.39 6.37 -3.74
N ALA A 24 -0.66 7.47 -3.90
CA ALA A 24 -1.27 8.81 -3.95
C ALA A 24 -2.35 8.89 -5.02
N LEU A 25 -1.98 8.50 -6.24
CA LEU A 25 -2.90 8.56 -7.35
C LEU A 25 -3.81 7.35 -7.34
N ALA A 26 -3.34 6.26 -6.75
CA ALA A 26 -4.14 5.07 -6.60
C ALA A 26 -5.15 5.29 -5.50
N ASN A 27 -6.30 5.78 -5.86
CA ASN A 27 -7.34 6.14 -4.90
C ASN A 27 -8.08 4.93 -4.33
N THR A 28 -7.47 3.77 -4.46
CA THR A 28 -7.98 2.57 -3.89
C THR A 28 -7.93 2.68 -2.35
N SER A 29 -8.89 2.05 -1.68
CA SER A 29 -9.04 2.10 -0.23
C SER A 29 -7.80 1.62 0.54
N THR A 30 -6.88 0.95 -0.15
CA THR A 30 -5.66 0.38 0.46
C THR A 30 -4.89 1.37 1.36
N LEU A 31 -4.88 2.63 0.98
CA LEU A 31 -4.19 3.66 1.75
C LEU A 31 -5.19 4.58 2.44
N ARG A 32 -6.42 4.55 1.97
CA ARG A 32 -7.47 5.42 2.46
C ARG A 32 -8.01 4.95 3.80
N THR A 33 -8.36 3.67 3.89
CA THR A 33 -8.95 3.18 5.11
C THR A 33 -8.92 1.65 5.22
N VAL A 34 -8.98 0.96 4.10
CA VAL A 34 -8.99 -0.50 4.08
C VAL A 34 -7.56 -1.04 4.07
N LEU A 35 -7.34 -2.17 4.76
CA LEU A 35 -6.02 -2.79 4.81
C LEU A 35 -5.51 -3.10 3.41
N ARG A 36 -4.20 -2.99 3.23
CA ARG A 36 -3.60 -3.25 1.95
C ARG A 36 -3.64 -4.74 1.62
N THR A 37 -3.64 -5.05 0.34
CA THR A 37 -3.69 -6.41 -0.12
C THR A 37 -2.38 -7.13 0.20
N GLY A 38 -2.48 -8.21 0.95
CA GLY A 38 -1.31 -8.97 1.30
C GLY A 38 -0.54 -8.37 2.45
N VAL A 39 -1.27 -7.81 3.41
CA VAL A 39 -0.67 -7.21 4.60
C VAL A 39 0.31 -8.18 5.28
N SER A 40 1.34 -7.64 5.90
CA SER A 40 2.36 -8.43 6.55
C SER A 40 2.04 -8.65 8.03
N GLN A 41 2.54 -9.74 8.58
CA GLN A 41 2.31 -10.10 9.98
C GLN A 41 2.93 -9.12 10.95
N GLN A 42 3.78 -8.24 10.45
CA GLN A 42 4.42 -7.22 11.27
C GLN A 42 3.37 -6.50 12.12
N ILE A 43 2.21 -6.26 11.52
CA ILE A 43 1.10 -5.62 12.21
C ILE A 43 0.24 -6.64 13.00
N ALA A 44 -0.05 -7.78 12.37
CA ALA A 44 -0.94 -8.79 12.96
C ALA A 44 -0.19 -9.73 13.90
N SER A 45 0.70 -10.54 13.33
CA SER A 45 1.54 -11.50 14.07
C SER A 45 0.75 -12.75 14.52
N SER A 46 -0.58 -12.64 14.54
CA SER A 46 -1.46 -13.73 14.97
C SER A 46 -1.23 -15.02 14.13
N VAL A 47 -2.06 -15.21 13.12
CA VAL A 47 -1.95 -16.39 12.25
C VAL A 47 -1.80 -15.97 10.80
N VAL A 48 -2.25 -14.78 10.50
CA VAL A 48 -2.16 -14.23 9.18
C VAL A 48 -0.76 -13.69 8.92
N GLN A 49 0.06 -14.50 8.23
CA GLN A 49 1.41 -14.08 7.89
C GLN A 49 1.35 -13.06 6.77
N ARG A 50 0.56 -13.37 5.76
CA ARG A 50 0.37 -12.49 4.63
C ARG A 50 -1.03 -12.67 4.04
N ALA A 51 -1.87 -13.44 4.75
CA ALA A 51 -3.22 -13.80 4.30
C ALA A 51 -3.17 -14.75 3.11
N ALA A 52 -2.43 -14.36 2.07
CA ALA A 52 -2.26 -15.17 0.89
C ALA A 52 -1.42 -16.40 1.22
N GLN A 53 -1.78 -17.51 0.60
CA GLN A 53 -1.16 -18.82 0.84
C GLN A 53 0.36 -18.81 0.65
N SER A 54 0.88 -17.82 -0.05
CA SER A 54 2.30 -17.70 -0.28
C SER A 54 3.08 -17.68 1.05
N LEU A 55 2.96 -16.59 1.78
CA LEU A 55 3.66 -16.45 3.06
C LEU A 55 2.83 -17.02 4.21
N ALA A 56 1.52 -17.04 4.05
CA ALA A 56 0.61 -17.47 5.09
C ALA A 56 0.55 -18.98 5.25
N SER A 57 0.99 -19.71 4.24
CA SER A 57 0.97 -21.17 4.30
C SER A 57 1.66 -21.66 5.56
N THR A 58 0.86 -22.12 6.53
CA THR A 58 1.38 -22.57 7.79
C THR A 58 0.32 -23.38 8.57
N LEU A 59 -0.93 -22.93 8.53
CA LEU A 59 -2.01 -23.60 9.26
C LEU A 59 -3.14 -24.05 8.33
N GLY A 60 -2.83 -24.16 7.05
CA GLY A 60 -3.86 -24.56 6.10
C GLY A 60 -4.56 -23.37 5.49
N VAL A 61 -3.82 -22.57 4.76
CA VAL A 61 -4.37 -21.39 4.15
C VAL A 61 -4.68 -21.64 2.68
N ASP A 62 -5.94 -21.87 2.39
CA ASP A 62 -6.40 -22.09 1.02
C ASP A 62 -7.90 -21.91 0.96
N GLY A 63 -8.41 -21.34 2.01
CA GLY A 63 -9.82 -21.17 2.16
C GLY A 63 -10.25 -21.29 3.60
N ASN A 64 -9.82 -22.38 4.25
CA ASN A 64 -10.14 -22.62 5.64
C ASN A 64 -9.65 -21.48 6.52
N ASN A 65 -8.36 -21.17 6.42
CA ASN A 65 -7.82 -20.02 7.15
C ASN A 65 -8.02 -18.75 6.35
N LEU A 66 -7.78 -18.85 5.06
CA LEU A 66 -7.84 -17.69 4.15
C LEU A 66 -9.17 -16.95 4.25
N ALA A 67 -10.25 -17.65 4.00
CA ALA A 67 -11.58 -17.04 3.99
C ALA A 67 -12.18 -16.91 5.39
N ARG A 68 -11.51 -17.47 6.40
CA ARG A 68 -12.06 -17.44 7.75
C ARG A 68 -11.07 -16.90 8.79
N PHE A 69 -10.24 -17.77 9.32
CA PHE A 69 -9.33 -17.44 10.44
C PHE A 69 -8.39 -16.27 10.16
N ALA A 70 -7.98 -16.11 8.91
CA ALA A 70 -7.06 -15.03 8.56
C ALA A 70 -7.76 -13.69 8.55
N VAL A 71 -8.89 -13.60 7.86
CA VAL A 71 -9.63 -12.36 7.79
C VAL A 71 -10.26 -12.01 9.13
N GLN A 72 -10.80 -13.01 9.81
CA GLN A 72 -11.43 -12.79 11.10
C GLN A 72 -10.42 -12.28 12.13
N ALA A 73 -9.21 -12.81 12.09
CA ALA A 73 -8.16 -12.38 13.01
C ALA A 73 -7.96 -10.87 12.96
N VAL A 74 -7.94 -10.33 11.75
CA VAL A 74 -7.73 -8.92 11.54
C VAL A 74 -9.06 -8.16 11.63
N SER A 75 -10.14 -8.81 11.21
CA SER A 75 -11.46 -8.21 11.21
C SER A 75 -11.99 -8.05 12.64
N ARG A 76 -11.47 -8.85 13.57
CA ARG A 76 -11.87 -8.79 14.97
C ARG A 76 -11.06 -7.72 15.70
N LEU A 77 -10.19 -7.04 14.98
CA LEU A 77 -9.38 -5.98 15.55
C LEU A 77 -10.14 -4.66 15.54
N PRO A 78 -9.79 -3.74 16.46
CA PRO A 78 -10.42 -2.42 16.53
C PRO A 78 -10.40 -1.68 15.19
N ALA A 79 -11.27 -0.69 15.07
CA ALA A 79 -11.44 0.06 13.83
C ALA A 79 -10.28 1.04 13.54
N GLY A 80 -10.62 2.14 12.89
CA GLY A 80 -9.66 3.15 12.42
C GLY A 80 -8.53 3.46 13.38
N SER A 81 -8.82 3.50 14.67
CA SER A 81 -7.80 3.81 15.68
C SER A 81 -6.61 2.84 15.60
N ASP A 82 -6.86 1.63 15.16
CA ASP A 82 -5.79 0.65 15.03
C ASP A 82 -5.51 0.33 13.58
N THR A 83 -6.50 0.56 12.72
CA THR A 83 -6.32 0.34 11.30
C THR A 83 -5.25 1.29 10.76
N SER A 84 -5.28 2.55 11.23
CA SER A 84 -4.30 3.55 10.83
C SER A 84 -2.94 3.21 11.44
N ALA A 85 -2.96 2.45 12.53
CA ALA A 85 -1.76 2.04 13.21
C ALA A 85 -1.07 0.90 12.47
N TYR A 86 -1.85 0.20 11.68
CA TYR A 86 -1.36 -0.91 10.91
C TYR A 86 -0.76 -0.45 9.60
N ALA A 87 -0.56 -1.41 8.68
CA ALA A 87 0.01 -1.14 7.37
C ALA A 87 -0.97 -0.41 6.46
N GLN A 88 -1.49 0.69 6.96
CA GLN A 88 -2.44 1.50 6.23
C GLN A 88 -1.73 2.56 5.38
N ALA A 89 -0.98 3.42 6.05
CA ALA A 89 -0.28 4.52 5.37
C ALA A 89 1.03 4.06 4.77
N PHE A 90 1.63 3.02 5.34
CA PHE A 90 2.91 2.51 4.88
C PHE A 90 2.75 1.57 3.70
N SER A 91 1.52 1.45 3.20
CA SER A 91 1.21 0.57 2.08
C SER A 91 2.13 0.81 0.88
N SER A 92 2.57 2.04 0.70
CA SER A 92 3.45 2.38 -0.40
C SER A 92 4.77 1.61 -0.33
N ALA A 93 5.38 1.60 0.83
CA ALA A 93 6.67 0.93 1.02
C ALA A 93 6.49 -0.56 1.28
N LEU A 94 5.34 -0.94 1.80
CA LEU A 94 5.06 -2.33 2.14
C LEU A 94 4.55 -3.15 0.95
N PHE A 95 3.82 -2.51 0.05
CA PHE A 95 3.27 -3.22 -1.11
C PHE A 95 4.28 -3.29 -2.24
N ASN A 96 5.05 -2.20 -2.38
CA ASN A 96 6.10 -2.10 -3.41
C ASN A 96 5.51 -2.17 -4.83
N ALA A 97 5.09 -1.02 -5.33
CA ALA A 97 4.53 -0.93 -6.66
C ALA A 97 5.64 -0.84 -7.71
N GLY A 98 6.86 -0.59 -7.25
CA GLY A 98 8.00 -0.48 -8.15
C GLY A 98 8.12 0.89 -8.78
N VAL A 99 7.07 1.68 -8.67
CA VAL A 99 7.03 3.01 -9.25
C VAL A 99 7.69 4.03 -8.30
N LEU A 100 8.14 3.54 -7.16
CA LEU A 100 8.77 4.36 -6.15
C LEU A 100 10.28 4.46 -6.40
N ASN A 101 10.98 5.20 -5.55
CA ASN A 101 12.42 5.35 -5.73
C ASN A 101 13.16 4.19 -5.09
N ALA A 102 14.20 3.75 -5.76
CA ALA A 102 14.96 2.58 -5.34
C ALA A 102 15.86 2.86 -4.14
N SER A 103 16.22 4.11 -3.95
CA SER A 103 17.14 4.49 -2.89
C SER A 103 16.50 4.29 -1.54
N ASN A 104 15.22 4.56 -1.50
CA ASN A 104 14.43 4.39 -0.30
C ASN A 104 14.47 2.94 0.16
N ILE A 105 14.17 2.02 -0.75
CA ILE A 105 14.12 0.60 -0.43
C ILE A 105 15.51 -0.01 -0.34
N ASP A 106 16.42 0.46 -1.14
CA ASP A 106 17.77 -0.03 -1.06
C ASP A 106 18.37 0.31 0.29
N THR A 107 18.22 1.57 0.68
CA THR A 107 18.85 2.08 1.90
C THR A 107 18.19 1.57 3.18
N LEU A 108 16.90 1.80 3.34
CA LEU A 108 16.25 1.40 4.58
C LEU A 108 15.46 0.12 4.41
N GLY A 109 15.05 -0.17 3.21
CA GLY A 109 14.27 -1.35 2.97
C GLY A 109 15.07 -2.62 3.23
N SER A 110 16.08 -2.84 2.44
CA SER A 110 16.90 -4.03 2.56
C SER A 110 17.68 -4.06 3.88
N ARG A 111 17.99 -2.88 4.41
CA ARG A 111 18.77 -2.79 5.64
C ARG A 111 17.91 -2.87 6.90
N VAL A 112 16.92 -2.00 7.00
CA VAL A 112 16.10 -1.91 8.21
C VAL A 112 14.98 -2.94 8.22
N LEU A 113 14.24 -3.03 7.12
CA LEU A 113 13.13 -3.95 7.04
C LEU A 113 13.64 -5.39 6.94
N SER A 114 14.68 -5.56 6.12
CA SER A 114 15.35 -6.86 5.94
C SER A 114 14.40 -8.03 5.69
N ALA A 115 14.05 -8.75 6.76
CA ALA A 115 13.19 -9.94 6.71
C ALA A 115 11.88 -9.66 5.99
N LEU A 116 11.38 -8.44 6.14
CA LEU A 116 10.15 -8.05 5.49
C LEU A 116 10.29 -8.13 3.98
N LEU A 117 11.31 -7.46 3.46
CA LEU A 117 11.51 -7.42 2.02
C LEU A 117 11.88 -8.78 1.48
N ASN A 118 12.51 -9.61 2.30
CA ASN A 118 12.86 -10.96 1.88
C ASN A 118 11.61 -11.74 1.49
N GLY A 119 10.57 -11.61 2.30
CA GLY A 119 9.31 -12.26 2.01
C GLY A 119 8.51 -11.52 0.98
N VAL A 120 8.64 -10.21 0.95
CA VAL A 120 7.93 -9.37 -0.02
C VAL A 120 8.46 -9.61 -1.44
N SER A 121 9.77 -9.77 -1.56
CA SER A 121 10.41 -9.97 -2.86
C SER A 121 9.85 -11.19 -3.59
N SER A 122 9.64 -12.26 -2.87
CA SER A 122 9.13 -13.48 -3.47
C SER A 122 7.59 -13.46 -3.59
N ALA A 123 6.93 -12.92 -2.57
CA ALA A 123 5.47 -12.90 -2.54
C ALA A 123 4.87 -11.72 -3.32
N ALA A 124 4.84 -10.55 -2.68
CA ALA A 124 4.20 -9.36 -3.25
C ALA A 124 4.88 -8.90 -4.54
N GLN A 125 6.17 -8.64 -4.45
CA GLN A 125 6.93 -8.19 -5.61
C GLN A 125 7.08 -9.29 -6.65
N GLY A 126 7.10 -10.52 -6.18
CA GLY A 126 7.32 -11.66 -7.05
C GLY A 126 6.13 -12.05 -7.88
N LEU A 127 5.07 -12.50 -7.23
CA LEU A 127 3.91 -13.01 -7.94
C LEU A 127 2.76 -12.02 -7.91
N GLY A 128 2.77 -11.14 -6.93
CA GLY A 128 1.68 -10.21 -6.77
C GLY A 128 0.61 -10.81 -5.89
N ILE A 129 0.64 -10.46 -4.63
CA ILE A 129 -0.27 -11.03 -3.66
C ILE A 129 -1.68 -10.48 -3.77
N ASN A 130 -2.61 -11.40 -3.83
CA ASN A 130 -4.04 -11.11 -3.86
C ASN A 130 -4.70 -11.93 -2.78
N VAL A 131 -5.53 -11.31 -1.97
CA VAL A 131 -6.16 -12.00 -0.89
C VAL A 131 -7.62 -12.31 -1.20
N ASP A 132 -7.93 -13.58 -1.24
CA ASP A 132 -9.26 -14.06 -1.54
C ASP A 132 -10.02 -14.37 -0.25
N SER A 133 -9.91 -13.50 0.71
CA SER A 133 -10.56 -13.70 1.99
C SER A 133 -12.05 -13.35 1.91
N GLY A 134 -12.50 -12.96 0.72
CA GLY A 134 -13.87 -12.59 0.54
C GLY A 134 -14.08 -11.11 0.78
N SER A 135 -13.17 -10.51 1.52
CA SER A 135 -13.29 -9.11 1.85
C SER A 135 -12.29 -8.28 1.06
N VAL A 136 -10.99 -8.60 1.22
CA VAL A 136 -9.91 -7.82 0.62
C VAL A 136 -10.14 -7.57 -0.87
N GLN A 137 -10.39 -8.65 -1.60
CA GLN A 137 -10.61 -8.56 -3.03
C GLN A 137 -11.84 -7.71 -3.35
N SER A 138 -12.91 -7.94 -2.61
CA SER A 138 -14.14 -7.19 -2.80
C SER A 138 -13.91 -5.70 -2.57
N ASP A 139 -13.22 -5.39 -1.48
CA ASP A 139 -12.91 -4.01 -1.10
C ASP A 139 -12.03 -3.34 -2.13
N ILE A 140 -10.93 -3.98 -2.49
CA ILE A 140 -9.99 -3.39 -3.44
C ILE A 140 -10.57 -3.31 -4.85
N SER A 141 -11.32 -4.32 -5.27
CA SER A 141 -11.88 -4.35 -6.60
C SER A 141 -12.86 -3.18 -6.81
N SER A 142 -13.83 -3.04 -5.92
CA SER A 142 -14.82 -1.99 -6.03
C SER A 142 -14.17 -0.61 -5.94
N SER A 143 -13.25 -0.47 -5.02
CA SER A 143 -12.54 0.78 -4.81
C SER A 143 -11.67 1.14 -6.02
N SER A 144 -11.02 0.15 -6.60
CA SER A 144 -10.17 0.38 -7.77
C SER A 144 -11.01 0.53 -9.04
N SER A 145 -12.23 0.05 -8.99
CA SER A 145 -13.12 0.18 -10.12
C SER A 145 -13.77 1.56 -10.15
N PHE A 146 -14.51 1.89 -9.10
CA PHE A 146 -15.27 3.14 -9.04
C PHE A 146 -14.47 4.32 -8.47
N LEU A 147 -13.79 4.08 -7.36
CA LEU A 147 -13.09 5.16 -6.63
C LEU A 147 -11.68 5.45 -7.17
N SER A 148 -11.23 4.65 -8.14
CA SER A 148 -9.88 4.82 -8.70
C SER A 148 -9.66 6.24 -9.18
N THR A 149 -10.55 6.67 -10.02
CA THR A 149 -10.53 8.03 -10.51
C THR A 149 -11.96 8.49 -10.74
N SER A 150 -12.56 8.96 -9.67
CA SER A 150 -13.91 9.43 -9.69
C SER A 150 -13.94 10.89 -10.13
N SER A 151 -14.66 11.16 -11.23
CA SER A 151 -14.79 12.49 -11.83
C SER A 151 -13.41 13.15 -12.06
N SER A 152 -12.98 13.98 -11.14
CA SER A 152 -11.71 14.66 -11.23
C SER A 152 -10.98 14.56 -9.89
N SER A 153 -11.73 14.24 -8.85
CA SER A 153 -11.19 14.12 -7.51
C SER A 153 -12.05 13.17 -6.71
N ALA A 154 -11.43 12.41 -5.81
CA ALA A 154 -12.13 11.40 -5.01
C ALA A 154 -13.28 12.00 -4.21
N SER A 155 -13.07 13.16 -3.62
CA SER A 155 -14.08 13.79 -2.79
C SER A 155 -15.08 14.63 -3.62
N TYR A 156 -14.86 14.68 -4.94
CA TYR A 156 -15.74 15.42 -5.89
C TYR A 156 -15.68 16.93 -5.70
N SER A 157 -16.05 17.39 -4.50
CA SER A 157 -16.08 18.82 -4.17
C SER A 157 -14.72 19.48 -4.37
N GLN A 158 -13.67 18.67 -4.33
CA GLN A 158 -12.33 19.16 -4.58
C GLN A 158 -12.22 19.62 -6.02
N ALA A 159 -12.76 18.80 -6.93
CA ALA A 159 -12.78 19.06 -8.38
C ALA A 159 -11.48 19.66 -8.87
N SER A 160 -10.46 18.80 -8.98
CA SER A 160 -9.09 19.14 -9.44
C SER A 160 -8.35 20.09 -8.48
N ALA A 161 -9.10 20.86 -7.68
CA ALA A 161 -8.54 21.81 -6.73
C ALA A 161 -7.65 22.82 -7.45
N SER A 162 -6.87 23.56 -6.69
CA SER A 162 -5.96 24.50 -7.28
C SER A 162 -4.57 24.32 -6.68
N SER A 163 -3.83 23.36 -7.23
CA SER A 163 -2.49 23.06 -6.75
C SER A 163 -1.54 24.23 -7.01
N THR A 164 -1.98 25.17 -7.83
CA THR A 164 -1.22 26.35 -8.16
C THR A 164 -1.01 27.21 -6.91
N SER A 165 -2.05 27.31 -6.11
CA SER A 165 -1.99 28.07 -4.88
C SER A 165 -1.83 27.13 -3.69
N GLY A 166 -1.95 25.85 -3.96
CA GLY A 166 -1.86 24.84 -2.93
C GLY A 166 -3.15 24.07 -2.81
N ALA A 167 -3.07 22.76 -2.90
CA ALA A 167 -4.26 21.92 -2.85
C ALA A 167 -4.86 21.87 -1.45
N GLY A 168 -4.00 21.73 -0.46
CA GLY A 168 -4.45 21.66 0.92
C GLY A 168 -5.02 20.29 1.27
N TYR A 169 -6.07 19.89 0.54
CA TYR A 169 -6.73 18.62 0.77
C TYR A 169 -5.79 17.44 0.50
N THR A 170 -4.80 17.68 -0.35
CA THR A 170 -3.81 16.67 -0.68
C THR A 170 -2.51 17.34 -1.11
N GLY A 171 -1.49 17.16 -0.30
CA GLY A 171 -0.19 17.75 -0.58
C GLY A 171 0.46 17.23 -1.85
N PRO A 172 0.62 15.88 -2.00
CA PRO A 172 1.25 15.28 -3.19
C PRO A 172 0.58 15.66 -4.52
N SER A 173 0.97 16.82 -5.05
CA SER A 173 0.50 17.32 -6.36
C SER A 173 -0.97 17.75 -6.35
N GLY A 174 -1.71 17.38 -5.32
CA GLY A 174 -3.12 17.70 -5.30
C GLY A 174 -4.00 16.46 -5.18
N PRO A 175 -5.31 16.63 -5.02
CA PRO A 175 -6.24 15.52 -4.82
C PRO A 175 -6.62 14.83 -6.12
N SER A 176 -5.77 13.89 -6.56
CA SER A 176 -6.01 13.09 -7.77
C SER A 176 -6.17 13.98 -9.01
N THR A 177 -5.53 15.13 -8.98
CA THR A 177 -5.60 16.08 -10.09
C THR A 177 -4.70 15.65 -11.25
N GLY A 178 -3.94 14.58 -11.05
CA GLY A 178 -3.07 14.07 -12.08
C GLY A 178 -3.77 12.99 -12.90
N PRO A 179 -3.39 12.80 -14.17
CA PRO A 179 -4.00 11.79 -15.02
C PRO A 179 -3.50 10.39 -14.71
N SER A 180 -4.42 9.49 -14.41
CA SER A 180 -4.09 8.12 -14.10
C SER A 180 -3.94 7.28 -15.39
N GLY A 181 -5.05 6.95 -15.99
CA GLY A 181 -5.04 6.20 -17.23
C GLY A 181 -5.53 7.02 -18.39
N TYR A 182 -4.80 8.08 -18.70
CA TYR A 182 -5.17 8.98 -19.78
C TYR A 182 -3.92 9.39 -20.56
N PRO A 183 -4.08 9.75 -21.85
CA PRO A 183 -2.98 10.23 -22.68
C PRO A 183 -2.32 11.45 -22.04
N GLY A 184 -1.01 11.42 -21.90
CA GLY A 184 -0.31 12.49 -21.24
C GLY A 184 -0.51 12.42 -19.74
N PRO A 185 0.16 11.46 -19.07
CA PRO A 185 0.05 11.27 -17.62
C PRO A 185 0.71 12.40 -16.82
N LEU A 186 1.14 12.07 -15.60
CA LEU A 186 1.79 13.04 -14.72
C LEU A 186 2.95 13.73 -15.42
N GLY A 187 2.88 15.04 -15.52
CA GLY A 187 3.93 15.80 -16.15
C GLY A 187 5.03 16.16 -15.17
N GLY A 188 5.38 15.21 -14.31
CA GLY A 188 6.41 15.44 -13.33
C GLY A 188 5.88 15.98 -12.01
N GLY A 189 4.73 16.64 -12.06
CA GLY A 189 4.15 17.21 -10.86
C GLY A 189 3.71 16.16 -9.88
N ALA A 190 2.94 15.19 -10.35
CA ALA A 190 2.47 14.11 -9.51
C ALA A 190 3.64 13.22 -9.09
N PRO A 191 3.56 12.63 -7.89
CA PRO A 191 4.60 11.78 -7.38
C PRO A 191 4.27 10.30 -7.61
N PHE A 192 3.34 10.05 -8.53
CA PHE A 192 2.94 8.69 -8.88
C PHE A 192 4.06 7.99 -9.62
N GLY A 193 4.27 8.39 -10.86
CA GLY A 193 5.33 7.80 -11.68
C GLY A 193 6.53 8.69 -11.68
N GLN A 194 6.78 9.27 -10.52
CA GLN A 194 7.83 10.24 -10.31
C GLN A 194 9.22 9.77 -10.75
N SER A 195 9.55 8.54 -10.42
CA SER A 195 10.87 8.01 -10.73
C SER A 195 11.00 7.57 -12.19
N GLY A 196 9.93 7.77 -12.96
CA GLY A 196 9.96 7.40 -14.37
C GLY A 196 9.42 6.01 -14.59
N PHE A 197 8.45 5.63 -13.80
CA PHE A 197 7.85 4.31 -13.88
C PHE A 197 6.37 4.41 -14.20
N GLY A 198 5.84 3.37 -14.82
CA GLY A 198 4.43 3.34 -15.16
C GLY A 198 4.16 4.00 -16.49
N GLY A 199 4.19 5.31 -16.51
CA GLY A 199 3.96 6.05 -17.71
C GLY A 199 4.08 7.52 -17.48
N ALA A 1 2.39 -6.44 14.49
CA ALA A 1 2.14 -6.13 15.90
C ALA A 1 3.31 -6.56 16.77
N GLY A 2 3.86 -7.73 16.48
CA GLY A 2 4.98 -8.23 17.23
C GLY A 2 6.19 -8.48 16.35
N PRO A 3 7.37 -7.96 16.73
CA PRO A 3 8.59 -8.15 15.96
C PRO A 3 9.10 -9.59 16.07
N GLN A 4 9.67 -10.09 15.00
CA GLN A 4 10.17 -11.46 14.97
C GLN A 4 11.64 -11.52 15.36
N GLY A 5 11.90 -11.84 16.62
CA GLY A 5 13.26 -11.96 17.10
C GLY A 5 14.02 -10.65 17.02
N GLY A 6 13.31 -9.54 17.10
CA GLY A 6 13.94 -8.24 17.02
C GLY A 6 13.76 -7.60 15.67
N PHE A 7 13.26 -8.37 14.72
CA PHE A 7 13.02 -7.87 13.38
C PHE A 7 11.60 -7.34 13.28
N GLY A 8 11.49 -6.03 13.17
CA GLY A 8 10.19 -5.40 13.05
C GLY A 8 9.95 -4.83 11.67
N ALA A 9 9.00 -3.93 11.56
CA ALA A 9 8.66 -3.32 10.30
C ALA A 9 8.39 -1.83 10.46
N THR A 10 7.91 -1.20 9.37
CA THR A 10 7.56 0.24 9.30
C THR A 10 8.77 1.16 9.57
N GLY A 11 9.30 1.75 8.50
CA GLY A 11 10.44 2.64 8.62
C GLY A 11 10.01 4.09 8.77
N GLY A 12 10.87 4.89 9.37
CA GLY A 12 10.55 6.29 9.61
C GLY A 12 10.64 7.14 8.36
N ALA A 13 11.70 6.97 7.59
CA ALA A 13 11.89 7.77 6.37
C ALA A 13 10.78 7.51 5.36
N SER A 14 10.46 6.24 5.16
CA SER A 14 9.41 5.85 4.23
C SER A 14 8.05 6.45 4.62
N ALA A 15 7.85 6.68 5.92
CA ALA A 15 6.58 7.20 6.45
C ALA A 15 6.15 8.52 5.80
N GLY A 16 7.10 9.23 5.22
CA GLY A 16 6.78 10.47 4.56
C GLY A 16 6.37 10.28 3.11
N LEU A 17 7.05 9.37 2.43
CA LEU A 17 6.79 9.12 1.01
C LEU A 17 5.66 8.11 0.76
N ILE A 18 5.41 7.22 1.73
CA ILE A 18 4.41 6.12 1.58
C ILE A 18 3.09 6.58 0.97
N SER A 19 2.50 7.63 1.50
CA SER A 19 1.22 8.11 1.03
C SER A 19 1.38 9.04 -0.17
N ARG A 20 2.59 9.58 -0.37
CA ARG A 20 2.84 10.54 -1.44
C ARG A 20 3.17 9.87 -2.79
N VAL A 21 3.65 8.63 -2.76
CA VAL A 21 4.08 7.98 -4.01
C VAL A 21 2.92 7.42 -4.87
N ALA A 22 2.76 6.10 -4.88
CA ALA A 22 1.80 5.44 -5.76
C ALA A 22 0.38 5.54 -5.27
N ASN A 23 0.18 5.20 -4.01
CA ASN A 23 -1.14 5.20 -3.41
C ASN A 23 -1.80 6.58 -3.42
N ALA A 24 -0.98 7.63 -3.55
CA ALA A 24 -1.52 8.98 -3.67
C ALA A 24 -2.46 9.08 -4.87
N LEU A 25 -2.07 8.42 -5.97
CA LEU A 25 -2.88 8.38 -7.18
C LEU A 25 -3.84 7.20 -7.13
N ALA A 26 -3.37 6.09 -6.59
CA ALA A 26 -4.21 4.91 -6.44
C ALA A 26 -5.10 5.09 -5.22
N ASN A 27 -6.21 5.80 -5.43
CA ASN A 27 -7.16 6.17 -4.36
C ASN A 27 -7.91 4.96 -3.76
N THR A 28 -7.38 3.76 -3.98
CA THR A 28 -8.00 2.53 -3.49
C THR A 28 -8.07 2.52 -1.95
N SER A 29 -8.88 1.62 -1.42
CA SER A 29 -9.07 1.47 0.01
C SER A 29 -7.79 1.00 0.71
N THR A 30 -6.82 0.51 -0.07
CA THR A 30 -5.54 -0.01 0.43
C THR A 30 -4.88 0.94 1.44
N LEU A 31 -4.86 2.21 1.13
CA LEU A 31 -4.29 3.22 2.01
C LEU A 31 -5.39 3.88 2.82
N ARG A 32 -6.60 3.77 2.32
CA ARG A 32 -7.75 4.44 2.88
C ARG A 32 -8.17 3.87 4.23
N THR A 33 -8.40 2.56 4.29
CA THR A 33 -8.87 1.95 5.52
C THR A 33 -8.79 0.42 5.52
N VAL A 34 -8.79 -0.19 4.35
CA VAL A 34 -8.68 -1.64 4.26
C VAL A 34 -7.24 -2.04 3.98
N LEU A 35 -6.82 -3.15 4.61
CA LEU A 35 -5.44 -3.65 4.46
C LEU A 35 -5.07 -3.87 3.00
N ARG A 36 -3.79 -3.72 2.73
CA ARG A 36 -3.26 -3.88 1.39
C ARG A 36 -3.16 -5.34 1.02
N THR A 37 -3.02 -5.60 -0.26
CA THR A 37 -2.81 -6.92 -0.76
C THR A 37 -1.35 -7.32 -0.52
N GLY A 38 -1.13 -8.60 -0.28
CA GLY A 38 0.22 -9.07 -0.04
C GLY A 38 0.72 -8.66 1.33
N VAL A 39 -0.22 -8.44 2.25
CA VAL A 39 0.10 -8.04 3.62
C VAL A 39 0.97 -9.11 4.32
N SER A 40 1.57 -8.77 5.44
CA SER A 40 2.46 -9.69 6.14
C SER A 40 2.18 -9.70 7.65
N GLN A 41 2.71 -10.71 8.34
CA GLN A 41 2.51 -10.86 9.78
C GLN A 41 3.18 -9.75 10.57
N GLN A 42 4.04 -9.01 9.92
CA GLN A 42 4.68 -7.88 10.58
C GLN A 42 3.63 -6.97 11.20
N ILE A 43 2.52 -6.79 10.49
CA ILE A 43 1.41 -5.99 10.99
C ILE A 43 0.44 -6.82 11.86
N ALA A 44 0.10 -8.03 11.42
CA ALA A 44 -0.85 -8.88 12.14
C ALA A 44 -0.17 -9.63 13.28
N SER A 45 0.76 -10.52 12.91
CA SER A 45 1.58 -11.29 13.86
C SER A 45 0.84 -12.52 14.40
N SER A 46 -0.47 -12.50 14.29
CA SER A 46 -1.30 -13.59 14.78
C SER A 46 -1.15 -14.85 13.90
N VAL A 47 -1.98 -14.96 12.88
CA VAL A 47 -1.95 -16.10 11.96
C VAL A 47 -1.80 -15.66 10.53
N VAL A 48 -2.13 -14.42 10.28
CA VAL A 48 -1.98 -13.88 8.95
C VAL A 48 -0.51 -13.65 8.63
N GLN A 49 0.17 -14.72 8.23
CA GLN A 49 1.57 -14.66 7.86
C GLN A 49 1.74 -13.81 6.61
N ARG A 50 0.93 -14.07 5.61
CA ARG A 50 0.88 -13.28 4.41
C ARG A 50 -0.54 -13.28 3.82
N ALA A 51 -1.48 -13.91 4.57
CA ALA A 51 -2.87 -14.09 4.13
C ALA A 51 -2.96 -15.03 2.93
N ALA A 52 -2.18 -14.77 1.91
CA ALA A 52 -2.15 -15.61 0.72
C ALA A 52 -1.55 -16.96 1.05
N GLN A 53 -2.15 -17.96 0.46
CA GLN A 53 -1.81 -19.36 0.69
C GLN A 53 -0.36 -19.71 0.39
N SER A 54 0.32 -18.86 -0.37
CA SER A 54 1.69 -19.12 -0.73
C SER A 54 2.62 -19.19 0.49
N LEU A 55 2.90 -18.04 1.07
CA LEU A 55 3.81 -17.96 2.22
C LEU A 55 3.05 -18.16 3.55
N ALA A 56 1.76 -17.88 3.56
CA ALA A 56 0.97 -17.94 4.78
C ALA A 56 0.50 -19.34 5.14
N SER A 57 0.50 -20.25 4.16
CA SER A 57 0.03 -21.62 4.39
C SER A 57 0.69 -22.23 5.64
N THR A 58 -0.09 -22.38 6.71
CA THR A 58 0.44 -22.89 7.96
C THR A 58 -0.64 -23.67 8.76
N LEU A 59 -1.86 -23.14 8.80
CA LEU A 59 -2.94 -23.76 9.56
C LEU A 59 -4.08 -24.18 8.65
N GLY A 60 -3.81 -24.29 7.38
CA GLY A 60 -4.83 -24.67 6.43
C GLY A 60 -5.44 -23.47 5.77
N VAL A 61 -4.61 -22.66 5.15
CA VAL A 61 -5.08 -21.46 4.49
C VAL A 61 -5.43 -21.76 3.05
N ASP A 62 -6.71 -21.86 2.78
CA ASP A 62 -7.19 -22.10 1.41
C ASP A 62 -8.61 -21.59 1.28
N GLY A 63 -9.00 -20.81 2.22
CA GLY A 63 -10.34 -20.29 2.25
C GLY A 63 -11.00 -20.49 3.60
N ASN A 64 -10.71 -21.63 4.24
CA ASN A 64 -11.30 -21.96 5.54
C ASN A 64 -11.03 -20.85 6.57
N ASN A 65 -9.80 -20.76 7.03
CA ASN A 65 -9.45 -19.73 8.01
C ASN A 65 -9.21 -18.40 7.31
N LEU A 66 -8.91 -18.49 6.01
CA LEU A 66 -8.60 -17.32 5.20
C LEU A 66 -9.79 -16.35 5.13
N ALA A 67 -10.94 -16.85 4.73
CA ALA A 67 -12.13 -16.01 4.61
C ALA A 67 -12.85 -15.82 5.94
N ARG A 68 -12.30 -16.39 7.00
CA ARG A 68 -12.95 -16.32 8.30
C ARG A 68 -12.02 -15.77 9.38
N PHE A 69 -11.26 -16.65 10.00
CA PHE A 69 -10.38 -16.31 11.12
C PHE A 69 -9.36 -15.22 10.77
N ALA A 70 -8.84 -15.27 9.55
CA ALA A 70 -7.84 -14.30 9.11
C ALA A 70 -8.42 -12.90 9.09
N VAL A 71 -9.61 -12.78 8.55
CA VAL A 71 -10.28 -11.50 8.47
C VAL A 71 -10.71 -11.04 9.84
N GLN A 72 -11.33 -11.94 10.60
CA GLN A 72 -11.82 -11.60 11.94
C GLN A 72 -10.70 -11.08 12.84
N ALA A 73 -9.56 -11.70 12.75
CA ALA A 73 -8.41 -11.31 13.56
C ALA A 73 -7.92 -9.90 13.20
N VAL A 74 -7.83 -9.61 11.91
CA VAL A 74 -7.31 -8.32 11.45
C VAL A 74 -8.40 -7.24 11.41
N SER A 75 -9.64 -7.64 11.42
CA SER A 75 -10.73 -6.68 11.38
C SER A 75 -11.21 -6.32 12.79
N ARG A 76 -10.90 -7.17 13.75
CA ARG A 76 -11.32 -6.96 15.12
C ARG A 76 -10.10 -6.82 16.05
N LEU A 77 -8.98 -6.46 15.47
CA LEU A 77 -7.73 -6.30 16.20
C LEU A 77 -7.75 -5.03 17.07
N PRO A 78 -6.90 -4.96 18.11
CA PRO A 78 -6.80 -3.76 18.94
C PRO A 78 -6.07 -2.65 18.21
N ALA A 79 -6.66 -1.47 18.17
CA ALA A 79 -6.06 -0.33 17.49
C ALA A 79 -5.07 0.38 18.40
N GLY A 80 -3.94 -0.27 18.66
CA GLY A 80 -2.93 0.31 19.50
C GLY A 80 -2.08 1.30 18.75
N SER A 81 -1.46 0.83 17.68
CA SER A 81 -0.60 1.68 16.86
C SER A 81 -1.44 2.49 15.87
N ASP A 82 -2.76 2.20 15.86
CA ASP A 82 -3.74 2.83 14.94
C ASP A 82 -3.81 2.08 13.63
N THR A 83 -4.97 2.08 13.03
CA THR A 83 -5.25 1.36 11.80
C THR A 83 -4.34 1.82 10.64
N SER A 84 -4.06 3.12 10.57
CA SER A 84 -3.29 3.67 9.46
C SER A 84 -1.81 3.27 9.55
N ALA A 85 -1.30 3.11 10.78
CA ALA A 85 0.10 2.74 11.01
C ALA A 85 0.44 1.39 10.38
N TYR A 86 -0.59 0.62 10.13
CA TYR A 86 -0.44 -0.68 9.51
C TYR A 86 -0.01 -0.56 8.04
N ALA A 87 -0.13 -1.65 7.30
CA ALA A 87 0.27 -1.68 5.89
C ALA A 87 -0.68 -0.88 4.99
N GLN A 88 -1.44 0.01 5.60
CA GLN A 88 -2.37 0.85 4.87
C GLN A 88 -1.68 2.14 4.44
N ALA A 89 -1.11 2.86 5.39
CA ALA A 89 -0.37 4.07 5.07
C ALA A 89 0.93 3.71 4.41
N PHE A 90 1.58 2.67 4.93
CA PHE A 90 2.85 2.19 4.40
C PHE A 90 2.64 1.29 3.18
N SER A 91 1.45 1.37 2.60
CA SER A 91 1.08 0.56 1.46
C SER A 91 2.10 0.63 0.32
N SER A 92 2.36 1.83 -0.16
CA SER A 92 3.28 2.03 -1.29
C SER A 92 4.66 1.42 -1.05
N ALA A 93 5.15 1.49 0.18
CA ALA A 93 6.48 0.99 0.49
C ALA A 93 6.49 -0.51 0.71
N LEU A 94 5.46 -1.02 1.35
CA LEU A 94 5.40 -2.45 1.67
C LEU A 94 4.91 -3.27 0.49
N PHE A 95 4.08 -2.66 -0.33
CA PHE A 95 3.54 -3.34 -1.51
C PHE A 95 4.52 -3.19 -2.67
N ASN A 96 5.28 -2.10 -2.64
CA ASN A 96 6.25 -1.76 -3.69
C ASN A 96 5.61 -1.78 -5.06
N ALA A 97 4.99 -0.68 -5.41
CA ALA A 97 4.31 -0.55 -6.68
C ALA A 97 5.31 -0.29 -7.81
N GLY A 98 6.57 -0.06 -7.43
CA GLY A 98 7.61 0.23 -8.41
C GLY A 98 7.59 1.68 -8.85
N VAL A 99 6.52 2.37 -8.48
CA VAL A 99 6.35 3.78 -8.84
C VAL A 99 7.18 4.66 -7.91
N LEU A 100 7.75 4.05 -6.88
CA LEU A 100 8.52 4.77 -5.88
C LEU A 100 9.99 4.89 -6.26
N ASN A 101 10.77 5.38 -5.32
CA ASN A 101 12.20 5.54 -5.50
C ASN A 101 12.94 4.33 -4.94
N ALA A 102 13.83 3.79 -5.75
CA ALA A 102 14.59 2.60 -5.39
C ALA A 102 15.65 2.95 -4.35
N SER A 103 15.99 4.23 -4.25
CA SER A 103 17.02 4.68 -3.33
C SER A 103 16.53 4.50 -1.91
N ASN A 104 15.24 4.64 -1.73
CA ASN A 104 14.59 4.47 -0.45
C ASN A 104 14.76 3.04 0.05
N ILE A 105 14.38 2.09 -0.77
CA ILE A 105 14.46 0.68 -0.40
C ILE A 105 15.91 0.20 -0.31
N ASP A 106 16.75 0.72 -1.17
CA ASP A 106 18.15 0.35 -1.20
C ASP A 106 18.91 0.92 0.00
N THR A 107 18.47 2.06 0.49
CA THR A 107 19.16 2.73 1.59
C THR A 107 18.58 2.34 2.96
N LEU A 108 17.29 2.11 3.04
CA LEU A 108 16.68 1.81 4.32
C LEU A 108 15.67 0.68 4.25
N GLY A 109 15.01 0.52 3.10
CA GLY A 109 13.97 -0.49 2.96
C GLY A 109 14.40 -1.90 3.36
N SER A 110 15.28 -2.49 2.58
CA SER A 110 15.74 -3.86 2.81
C SER A 110 16.43 -4.01 4.18
N ARG A 111 16.88 -2.90 4.71
CA ARG A 111 17.60 -2.89 5.98
C ARG A 111 16.65 -2.76 7.19
N VAL A 112 15.81 -1.75 7.18
CA VAL A 112 14.91 -1.47 8.30
C VAL A 112 13.77 -2.48 8.36
N LEU A 113 13.15 -2.77 7.22
CA LEU A 113 12.05 -3.72 7.19
C LEU A 113 12.60 -5.15 7.15
N SER A 114 13.78 -5.29 6.54
CA SER A 114 14.54 -6.54 6.47
C SER A 114 13.68 -7.78 6.10
N ALA A 115 13.25 -8.52 7.13
CA ALA A 115 12.49 -9.77 6.95
C ALA A 115 11.20 -9.53 6.20
N LEU A 116 10.65 -8.34 6.36
CA LEU A 116 9.42 -7.99 5.69
C LEU A 116 9.62 -7.95 4.18
N LEU A 117 10.52 -7.10 3.73
CA LEU A 117 10.75 -6.92 2.30
C LEU A 117 11.38 -8.15 1.68
N ASN A 118 12.16 -8.92 2.44
CA ASN A 118 12.75 -10.13 1.90
C ASN A 118 11.69 -11.10 1.42
N GLY A 119 10.64 -11.26 2.22
CA GLY A 119 9.55 -12.12 1.84
C GLY A 119 8.62 -11.47 0.84
N VAL A 120 8.41 -10.16 0.99
CA VAL A 120 7.53 -9.42 0.11
C VAL A 120 8.11 -9.28 -1.31
N SER A 121 9.41 -9.04 -1.39
CA SER A 121 10.10 -8.84 -2.67
C SER A 121 9.87 -10.04 -3.60
N SER A 122 10.04 -11.22 -3.06
CA SER A 122 9.87 -12.43 -3.83
C SER A 122 8.39 -12.71 -4.10
N ALA A 123 7.59 -12.67 -3.03
CA ALA A 123 6.18 -13.01 -3.12
C ALA A 123 5.33 -11.90 -3.76
N ALA A 124 5.15 -10.79 -3.05
CA ALA A 124 4.26 -9.72 -3.49
C ALA A 124 4.82 -8.91 -4.63
N GLN A 125 6.06 -8.49 -4.51
CA GLN A 125 6.71 -7.68 -5.53
C GLN A 125 6.93 -8.50 -6.81
N GLY A 126 7.24 -9.77 -6.62
CA GLY A 126 7.53 -10.64 -7.75
C GLY A 126 6.29 -11.16 -8.46
N LEU A 127 5.57 -12.07 -7.82
CA LEU A 127 4.44 -12.73 -8.46
C LEU A 127 3.16 -11.94 -8.26
N GLY A 128 3.13 -11.15 -7.22
CA GLY A 128 1.94 -10.39 -6.93
C GLY A 128 0.99 -11.19 -6.08
N ILE A 129 1.11 -11.01 -4.78
CA ILE A 129 0.28 -11.74 -3.83
C ILE A 129 -1.11 -11.14 -3.73
N ASN A 130 -2.09 -12.00 -3.84
CA ASN A 130 -3.48 -11.60 -3.73
C ASN A 130 -4.06 -12.12 -2.44
N VAL A 131 -4.70 -11.26 -1.70
CA VAL A 131 -5.29 -11.64 -0.44
C VAL A 131 -6.77 -11.92 -0.59
N ASP A 132 -7.08 -13.15 -0.88
CA ASP A 132 -8.44 -13.59 -1.06
C ASP A 132 -9.10 -13.89 0.26
N SER A 133 -8.93 -13.00 1.21
CA SER A 133 -9.52 -13.15 2.51
C SER A 133 -11.05 -13.01 2.43
N GLY A 134 -11.55 -12.66 1.25
CA GLY A 134 -12.97 -12.53 1.05
C GLY A 134 -13.44 -11.12 1.26
N SER A 135 -12.67 -10.36 2.01
CA SER A 135 -13.02 -9.00 2.31
C SER A 135 -12.16 -8.00 1.51
N VAL A 136 -10.91 -8.37 1.24
CA VAL A 136 -10.01 -7.47 0.54
C VAL A 136 -10.45 -7.25 -0.89
N GLN A 137 -10.57 -8.32 -1.66
CA GLN A 137 -10.96 -8.25 -3.07
C GLN A 137 -12.21 -7.40 -3.26
N SER A 138 -13.27 -7.72 -2.54
CA SER A 138 -14.55 -7.05 -2.66
C SER A 138 -14.42 -5.53 -2.48
N ASP A 139 -13.55 -5.11 -1.57
CA ASP A 139 -13.40 -3.70 -1.27
C ASP A 139 -12.44 -3.02 -2.25
N ILE A 140 -11.28 -3.65 -2.49
CA ILE A 140 -10.28 -3.06 -3.37
C ILE A 140 -10.76 -2.95 -4.81
N SER A 141 -11.48 -3.97 -5.27
CA SER A 141 -12.00 -3.96 -6.63
C SER A 141 -12.95 -2.78 -6.85
N SER A 142 -13.90 -2.64 -5.93
CA SER A 142 -14.88 -1.58 -6.01
C SER A 142 -14.22 -0.19 -5.86
N SER A 143 -13.12 -0.14 -5.13
CA SER A 143 -12.42 1.11 -4.89
C SER A 143 -11.38 1.42 -5.98
N SER A 144 -10.94 0.40 -6.71
CA SER A 144 -9.90 0.56 -7.73
C SER A 144 -10.35 1.46 -8.89
N SER A 145 -11.66 1.64 -9.04
CA SER A 145 -12.20 2.50 -10.08
C SER A 145 -11.64 3.93 -9.99
N PHE A 146 -11.19 4.30 -8.79
CA PHE A 146 -10.65 5.62 -8.56
C PHE A 146 -9.26 5.81 -9.18
N LEU A 147 -8.65 4.71 -9.66
CA LEU A 147 -7.33 4.78 -10.30
C LEU A 147 -7.42 5.54 -11.61
N SER A 148 -8.57 5.41 -12.27
CA SER A 148 -8.86 6.13 -13.49
C SER A 148 -9.05 7.60 -13.18
N THR A 149 -9.13 7.87 -11.88
CA THR A 149 -9.34 9.17 -11.34
C THR A 149 -10.82 9.53 -11.44
N SER A 150 -11.54 9.19 -10.40
CA SER A 150 -12.97 9.41 -10.36
C SER A 150 -13.29 10.71 -9.63
N SER A 151 -12.25 11.48 -9.34
CA SER A 151 -12.40 12.75 -8.66
C SER A 151 -12.69 13.86 -9.67
N SER A 152 -12.75 15.09 -9.20
CA SER A 152 -13.03 16.23 -10.06
C SER A 152 -11.84 16.54 -10.99
N SER A 153 -10.67 16.03 -10.63
CA SER A 153 -9.45 16.26 -11.41
C SER A 153 -9.60 15.74 -12.85
N ALA A 154 -10.37 14.66 -13.01
CA ALA A 154 -10.54 14.02 -14.31
C ALA A 154 -11.17 14.95 -15.36
N SER A 155 -12.04 15.84 -14.92
CA SER A 155 -12.70 16.77 -15.83
C SER A 155 -11.84 18.02 -16.10
N TYR A 156 -10.53 17.80 -16.27
CA TYR A 156 -9.57 18.87 -16.59
C TYR A 156 -9.47 19.92 -15.48
N SER A 157 -9.98 19.59 -14.30
CA SER A 157 -9.92 20.50 -13.17
C SER A 157 -8.49 20.58 -12.65
N GLN A 158 -7.73 19.53 -12.92
CA GLN A 158 -6.34 19.48 -12.51
C GLN A 158 -5.47 20.43 -13.34
N ALA A 159 -5.42 20.20 -14.66
CA ALA A 159 -4.65 21.04 -15.60
C ALA A 159 -3.19 21.19 -15.16
N SER A 160 -2.71 20.22 -14.38
CA SER A 160 -1.36 20.24 -13.82
C SER A 160 -1.13 21.53 -13.03
N ALA A 161 -1.63 21.54 -11.80
CA ALA A 161 -1.52 22.72 -10.96
C ALA A 161 -0.07 23.03 -10.63
N SER A 162 0.29 24.29 -10.74
CA SER A 162 1.64 24.74 -10.46
C SER A 162 1.82 24.97 -8.95
N SER A 163 1.34 24.03 -8.16
CA SER A 163 1.43 24.12 -6.72
C SER A 163 2.87 24.05 -6.24
N THR A 164 3.73 23.49 -7.07
CA THR A 164 5.14 23.39 -6.77
C THR A 164 5.77 24.79 -6.62
N SER A 165 5.23 25.76 -7.35
CA SER A 165 5.70 27.14 -7.33
C SER A 165 5.19 27.88 -6.08
N GLY A 166 4.13 27.36 -5.49
CA GLY A 166 3.54 27.98 -4.33
C GLY A 166 2.35 27.22 -3.83
N ALA A 167 2.44 26.71 -2.62
CA ALA A 167 1.36 25.95 -2.03
C ALA A 167 1.35 26.12 -0.53
N GLY A 168 0.18 26.04 0.07
CA GLY A 168 0.06 26.17 1.50
C GLY A 168 0.22 24.84 2.19
N TYR A 169 -0.66 23.92 1.87
CA TYR A 169 -0.62 22.59 2.46
C TYR A 169 -0.68 21.54 1.36
N THR A 170 0.44 20.90 1.11
CA THR A 170 0.51 19.88 0.10
C THR A 170 0.71 18.52 0.74
N GLY A 171 0.47 17.48 -0.03
CA GLY A 171 0.62 16.16 0.47
C GLY A 171 -0.29 15.17 -0.23
N PRO A 172 -0.50 14.00 0.36
CA PRO A 172 -1.34 12.95 -0.23
C PRO A 172 -2.81 13.39 -0.33
N SER A 173 -3.30 13.50 -1.56
CA SER A 173 -4.68 13.90 -1.82
C SER A 173 -4.92 15.37 -1.44
N GLY A 174 -3.84 16.14 -1.36
CA GLY A 174 -3.95 17.56 -1.06
C GLY A 174 -4.25 18.37 -2.30
N PRO A 175 -3.33 19.28 -2.72
CA PRO A 175 -3.49 20.04 -3.95
C PRO A 175 -3.49 19.12 -5.17
N SER A 176 -4.11 19.56 -6.25
CA SER A 176 -4.20 18.75 -7.45
C SER A 176 -2.89 18.78 -8.25
N THR A 177 -1.82 18.33 -7.62
CA THR A 177 -0.53 18.27 -8.26
C THR A 177 -0.22 16.82 -8.64
N GLY A 178 0.54 16.65 -9.70
CA GLY A 178 0.82 15.31 -10.18
C GLY A 178 -0.39 14.68 -10.82
N PRO A 179 -0.80 15.18 -12.02
CA PRO A 179 -1.99 14.68 -12.71
C PRO A 179 -1.84 13.26 -13.21
N SER A 180 -2.97 12.59 -13.39
CA SER A 180 -3.00 11.21 -13.87
C SER A 180 -2.75 11.15 -15.39
N GLY A 181 -2.01 12.12 -15.91
CA GLY A 181 -1.68 12.14 -17.31
C GLY A 181 -0.48 11.28 -17.59
N TYR A 182 -0.70 9.98 -17.75
CA TYR A 182 0.36 8.99 -17.96
C TYR A 182 1.19 8.82 -16.70
N PRO A 183 0.82 7.88 -15.83
CA PRO A 183 1.57 7.62 -14.60
C PRO A 183 2.98 7.11 -14.90
N GLY A 184 3.97 7.79 -14.37
CA GLY A 184 5.34 7.40 -14.62
C GLY A 184 6.30 8.56 -14.47
N PRO A 185 6.18 9.59 -15.32
CA PRO A 185 7.03 10.79 -15.23
C PRO A 185 6.80 11.56 -13.94
N LEU A 186 7.61 12.56 -13.71
CA LEU A 186 7.52 13.35 -12.49
C LEU A 186 6.46 14.43 -12.61
N GLY A 187 5.21 14.03 -12.40
CA GLY A 187 4.11 14.97 -12.47
C GLY A 187 4.11 15.94 -11.31
N GLY A 188 4.14 17.23 -11.61
CA GLY A 188 4.17 18.25 -10.57
C GLY A 188 5.43 18.19 -9.73
N GLY A 189 6.48 17.61 -10.30
CA GLY A 189 7.72 17.47 -9.59
C GLY A 189 7.85 16.10 -8.97
N ALA A 190 6.71 15.57 -8.50
CA ALA A 190 6.63 14.25 -7.86
C ALA A 190 7.37 14.21 -6.51
N PRO A 191 6.97 13.29 -5.61
CA PRO A 191 7.61 13.15 -4.30
C PRO A 191 9.03 12.62 -4.44
N PHE A 192 10.01 13.51 -4.24
CA PHE A 192 11.43 13.18 -4.32
C PHE A 192 11.85 12.87 -5.75
N GLY A 193 11.45 11.71 -6.24
CA GLY A 193 11.80 11.32 -7.58
C GLY A 193 11.58 9.85 -7.80
N GLN A 194 10.61 9.51 -8.65
CA GLN A 194 10.31 8.13 -8.97
C GLN A 194 11.49 7.52 -9.71
N SER A 195 11.82 6.28 -9.41
CA SER A 195 12.96 5.64 -10.01
C SER A 195 12.65 5.04 -11.39
N GLY A 196 12.22 5.90 -12.31
CA GLY A 196 12.02 5.49 -13.69
C GLY A 196 10.91 4.51 -13.87
N PHE A 197 9.75 4.81 -13.33
CA PHE A 197 8.61 3.93 -13.49
C PHE A 197 8.06 4.07 -14.90
N GLY A 198 8.05 5.29 -15.40
CA GLY A 198 7.55 5.53 -16.75
C GLY A 198 7.97 6.90 -17.25
N GLY A 199 9.07 7.40 -16.72
CA GLY A 199 9.57 8.69 -17.11
C GLY A 199 10.39 9.32 -16.00
N ALA A 1 1.20 -5.28 15.54
CA ALA A 1 2.64 -5.36 15.86
C ALA A 1 3.46 -4.73 14.76
N GLY A 2 4.76 -4.91 14.84
CA GLY A 2 5.65 -4.35 13.86
C GLY A 2 7.06 -4.29 14.40
N PRO A 3 7.40 -3.22 15.13
CA PRO A 3 8.70 -3.08 15.76
C PRO A 3 8.82 -3.99 16.97
N GLN A 4 9.48 -5.12 16.79
CA GLN A 4 9.67 -6.08 17.85
C GLN A 4 11.08 -5.93 18.44
N GLY A 5 11.25 -6.30 19.69
CA GLY A 5 12.56 -6.22 20.31
C GLY A 5 13.55 -7.15 19.66
N GLY A 6 14.35 -6.61 18.76
CA GLY A 6 15.31 -7.41 18.03
C GLY A 6 14.98 -7.47 16.57
N PHE A 7 13.75 -7.08 16.24
CA PHE A 7 13.26 -7.06 14.87
C PHE A 7 12.42 -5.80 14.65
N GLY A 8 13.09 -4.68 14.51
CA GLY A 8 12.41 -3.43 14.34
C GLY A 8 12.22 -3.04 12.90
N ALA A 9 11.09 -3.43 12.33
CA ALA A 9 10.77 -3.10 10.95
C ALA A 9 10.38 -1.62 10.80
N THR A 10 9.97 -1.25 9.58
CA THR A 10 9.56 0.14 9.22
C THR A 10 10.71 1.15 9.36
N GLY A 11 11.14 1.70 8.22
CA GLY A 11 12.22 2.67 8.22
C GLY A 11 11.73 4.08 8.39
N GLY A 12 12.59 4.93 8.94
CA GLY A 12 12.21 6.32 9.21
C GLY A 12 11.89 7.12 7.95
N ALA A 13 12.78 7.07 6.97
CA ALA A 13 12.60 7.82 5.73
C ALA A 13 11.35 7.38 4.97
N SER A 14 11.19 6.07 4.83
CA SER A 14 10.06 5.52 4.09
C SER A 14 8.71 5.88 4.74
N ALA A 15 8.73 6.16 6.04
CA ALA A 15 7.51 6.48 6.76
C ALA A 15 6.91 7.83 6.29
N GLY A 16 7.73 8.64 5.65
CA GLY A 16 7.25 9.93 5.17
C GLY A 16 6.67 9.86 3.77
N LEU A 17 7.22 9.00 2.96
CA LEU A 17 6.81 8.88 1.56
C LEU A 17 5.58 7.97 1.37
N ILE A 18 5.31 7.12 2.37
CA ILE A 18 4.23 6.11 2.36
C ILE A 18 2.97 6.48 1.54
N SER A 19 2.36 7.60 1.84
CA SER A 19 1.09 7.96 1.22
C SER A 19 1.28 8.66 -0.13
N ARG A 20 2.45 9.20 -0.37
CA ARG A 20 2.69 9.98 -1.57
C ARG A 20 3.11 9.14 -2.77
N VAL A 21 4.01 8.20 -2.55
CA VAL A 21 4.63 7.45 -3.66
C VAL A 21 3.63 6.67 -4.56
N ALA A 22 3.48 5.39 -4.30
CA ALA A 22 2.69 4.52 -5.16
C ALA A 22 1.18 4.65 -4.93
N ASN A 23 0.79 4.59 -3.67
CA ASN A 23 -0.63 4.58 -3.33
C ASN A 23 -1.37 5.87 -3.67
N ALA A 24 -0.66 6.99 -3.76
CA ALA A 24 -1.32 8.25 -4.13
C ALA A 24 -1.77 8.19 -5.59
N LEU A 25 -0.92 7.60 -6.43
CA LEU A 25 -1.24 7.43 -7.84
C LEU A 25 -2.32 6.38 -8.01
N ALA A 26 -2.29 5.37 -7.14
CA ALA A 26 -3.30 4.32 -7.17
C ALA A 26 -4.65 4.90 -6.82
N ASN A 27 -4.70 5.66 -5.72
CA ASN A 27 -5.90 6.36 -5.26
C ASN A 27 -7.01 5.37 -4.84
N THR A 28 -6.67 4.09 -4.80
CA THR A 28 -7.61 3.04 -4.43
C THR A 28 -7.92 3.08 -2.92
N SER A 29 -8.86 2.27 -2.47
CA SER A 29 -9.23 2.20 -1.07
C SER A 29 -8.07 1.70 -0.19
N THR A 30 -7.05 1.12 -0.82
CA THR A 30 -5.88 0.52 -0.14
C THR A 30 -5.17 1.50 0.81
N LEU A 31 -5.35 2.77 0.58
CA LEU A 31 -4.75 3.79 1.44
C LEU A 31 -5.83 4.67 2.05
N ARG A 32 -6.99 4.70 1.42
CA ARG A 32 -8.08 5.57 1.84
C ARG A 32 -8.87 5.02 3.04
N THR A 33 -9.08 3.70 3.09
CA THR A 33 -9.90 3.14 4.17
C THR A 33 -9.75 1.62 4.32
N VAL A 34 -9.40 0.95 3.24
CA VAL A 34 -9.20 -0.49 3.26
C VAL A 34 -7.72 -0.80 3.37
N LEU A 35 -7.38 -1.82 4.14
CA LEU A 35 -5.99 -2.22 4.35
C LEU A 35 -5.28 -2.63 3.06
N ARG A 36 -3.96 -2.66 3.11
CA ARG A 36 -3.16 -3.01 1.93
C ARG A 36 -3.32 -4.48 1.57
N THR A 37 -3.36 -4.75 0.28
CA THR A 37 -3.47 -6.09 -0.23
C THR A 37 -2.19 -6.87 0.06
N GLY A 38 -2.33 -8.00 0.72
CA GLY A 38 -1.19 -8.82 1.02
C GLY A 38 -0.48 -8.40 2.29
N VAL A 39 -1.25 -7.84 3.23
CA VAL A 39 -0.71 -7.41 4.53
C VAL A 39 0.00 -8.60 5.22
N SER A 40 1.06 -8.30 5.96
CA SER A 40 1.87 -9.35 6.57
C SER A 40 1.61 -9.46 8.07
N GLN A 41 2.09 -10.56 8.66
CA GLN A 41 1.91 -10.83 10.07
C GLN A 41 2.78 -9.93 10.93
N GLN A 42 3.77 -9.30 10.29
CA GLN A 42 4.59 -8.33 10.99
C GLN A 42 3.69 -7.33 11.67
N ILE A 43 2.74 -6.80 10.91
CA ILE A 43 1.75 -5.91 11.43
C ILE A 43 0.55 -6.70 12.03
N ALA A 44 0.04 -7.69 11.27
CA ALA A 44 -1.17 -8.44 11.64
C ALA A 44 -1.05 -9.14 13.00
N SER A 45 0.17 -9.56 13.32
CA SER A 45 0.51 -10.16 14.63
C SER A 45 -0.04 -11.59 14.80
N SER A 46 -1.25 -11.83 14.31
CA SER A 46 -1.92 -13.10 14.49
C SER A 46 -1.29 -14.24 13.66
N VAL A 47 -1.79 -14.44 12.45
CA VAL A 47 -1.36 -15.54 11.59
C VAL A 47 -1.26 -15.13 10.12
N VAL A 48 -1.93 -14.04 9.75
CA VAL A 48 -1.91 -13.56 8.37
C VAL A 48 -0.50 -13.16 7.93
N GLN A 49 0.31 -14.13 7.53
CA GLN A 49 1.65 -13.86 7.03
C GLN A 49 1.59 -13.04 5.77
N ARG A 50 0.68 -13.40 4.89
CA ARG A 50 0.50 -12.70 3.65
C ARG A 50 -0.91 -12.93 3.08
N ALA A 51 -1.73 -13.73 3.80
CA ALA A 51 -3.06 -14.15 3.34
C ALA A 51 -2.94 -15.09 2.13
N ALA A 52 -2.22 -14.64 1.10
CA ALA A 52 -1.95 -15.44 -0.07
C ALA A 52 -1.15 -16.69 0.31
N GLN A 53 -1.58 -17.83 -0.21
CA GLN A 53 -1.02 -19.14 0.15
C GLN A 53 0.46 -19.24 -0.13
N SER A 54 0.98 -18.35 -0.97
CA SER A 54 2.39 -18.37 -1.31
C SER A 54 3.25 -18.28 -0.04
N LEU A 55 3.22 -17.13 0.62
CA LEU A 55 4.01 -16.96 1.82
C LEU A 55 3.25 -17.42 3.06
N ALA A 56 1.91 -17.31 3.01
CA ALA A 56 1.08 -17.66 4.15
C ALA A 56 1.14 -19.14 4.46
N SER A 57 1.58 -19.93 3.50
CA SER A 57 1.74 -21.36 3.71
C SER A 57 2.82 -21.59 4.77
N THR A 58 2.42 -21.50 6.02
CA THR A 58 3.31 -21.66 7.13
C THR A 58 2.66 -22.55 8.20
N LEU A 59 1.35 -22.39 8.38
CA LEU A 59 0.62 -23.19 9.35
C LEU A 59 -0.52 -23.97 8.72
N GLY A 60 -0.53 -24.05 7.42
CA GLY A 60 -1.58 -24.77 6.74
C GLY A 60 -2.70 -23.88 6.26
N VAL A 61 -2.34 -22.80 5.60
CA VAL A 61 -3.33 -21.89 5.02
C VAL A 61 -3.70 -22.32 3.60
N ASP A 62 -4.96 -22.65 3.38
CA ASP A 62 -5.45 -22.98 2.04
C ASP A 62 -6.88 -22.48 1.87
N GLY A 63 -7.24 -21.52 2.70
CA GLY A 63 -8.58 -20.97 2.68
C GLY A 63 -9.28 -21.24 3.98
N ASN A 64 -8.93 -22.36 4.58
CA ASN A 64 -9.48 -22.81 5.85
C ASN A 64 -9.37 -21.72 6.93
N ASN A 65 -8.20 -21.59 7.54
CA ASN A 65 -7.97 -20.56 8.53
C ASN A 65 -7.52 -19.26 7.86
N LEU A 66 -7.91 -19.10 6.61
CA LEU A 66 -7.58 -17.91 5.84
C LEU A 66 -8.63 -16.83 6.06
N ALA A 67 -9.76 -17.00 5.39
CA ALA A 67 -10.88 -16.05 5.49
C ALA A 67 -11.39 -15.99 6.91
N ARG A 68 -11.34 -17.12 7.57
CA ARG A 68 -11.75 -17.21 8.94
C ARG A 68 -10.54 -17.41 9.81
N PHE A 69 -10.67 -17.13 11.11
CA PHE A 69 -9.56 -17.22 12.06
C PHE A 69 -8.50 -16.14 11.82
N ALA A 70 -7.87 -16.16 10.65
CA ALA A 70 -6.84 -15.18 10.31
C ALA A 70 -7.42 -13.77 10.27
N VAL A 71 -8.36 -13.55 9.36
CA VAL A 71 -9.02 -12.25 9.23
C VAL A 71 -9.80 -11.91 10.49
N GLN A 72 -10.44 -12.91 11.07
CA GLN A 72 -11.26 -12.70 12.26
C GLN A 72 -10.44 -12.22 13.45
N ALA A 73 -9.18 -12.64 13.54
CA ALA A 73 -8.32 -12.25 14.64
C ALA A 73 -7.71 -10.87 14.42
N VAL A 74 -7.30 -10.60 13.19
CA VAL A 74 -6.68 -9.31 12.86
C VAL A 74 -7.73 -8.20 12.82
N SER A 75 -8.92 -8.52 12.37
CA SER A 75 -10.01 -7.56 12.30
C SER A 75 -10.62 -7.36 13.69
N ARG A 76 -10.15 -8.15 14.64
CA ARG A 76 -10.64 -8.11 16.02
C ARG A 76 -9.84 -7.11 16.85
N LEU A 77 -8.77 -6.57 16.25
CA LEU A 77 -7.92 -5.59 16.92
C LEU A 77 -8.72 -4.35 17.32
N PRO A 78 -8.44 -3.79 18.52
CA PRO A 78 -9.12 -2.58 19.00
C PRO A 78 -9.07 -1.45 17.97
N ALA A 79 -10.23 -0.89 17.67
CA ALA A 79 -10.31 0.16 16.70
C ALA A 79 -10.50 1.52 17.35
N GLY A 80 -9.40 2.14 17.75
CA GLY A 80 -9.48 3.46 18.32
C GLY A 80 -9.71 4.47 17.23
N SER A 81 -8.84 4.44 16.24
CA SER A 81 -8.99 5.25 15.06
C SER A 81 -9.84 4.48 14.07
N ASP A 82 -9.40 3.25 13.79
CA ASP A 82 -10.07 2.33 12.88
C ASP A 82 -9.25 1.06 12.80
N THR A 83 -9.76 0.06 12.11
CA THR A 83 -9.07 -1.22 12.03
C THR A 83 -7.95 -1.19 10.98
N SER A 84 -8.26 -0.69 9.80
CA SER A 84 -7.32 -0.67 8.68
C SER A 84 -6.08 0.20 8.94
N ALA A 85 -6.18 1.08 9.94
CA ALA A 85 -5.15 2.06 10.27
C ALA A 85 -3.76 1.48 10.32
N TYR A 86 -3.64 0.26 10.84
CA TYR A 86 -2.36 -0.38 10.97
C TYR A 86 -1.65 -0.54 9.60
N ALA A 87 -2.37 -0.99 8.61
CA ALA A 87 -1.83 -1.21 7.28
C ALA A 87 -1.92 0.05 6.43
N GLN A 88 -2.78 0.95 6.86
CA GLN A 88 -3.07 2.16 6.10
C GLN A 88 -1.85 3.05 5.96
N ALA A 89 -1.13 3.24 7.04
CA ALA A 89 0.02 4.12 7.03
C ALA A 89 1.11 3.61 6.11
N PHE A 90 1.62 2.44 6.40
CA PHE A 90 2.73 1.88 5.64
C PHE A 90 2.24 1.13 4.40
N SER A 91 1.15 1.61 3.82
CA SER A 91 0.54 0.98 2.66
C SER A 91 1.54 0.79 1.50
N SER A 92 2.08 1.89 0.98
CA SER A 92 3.04 1.82 -0.12
C SER A 92 4.37 1.20 0.29
N ALA A 93 4.81 1.52 1.49
CA ALA A 93 6.11 1.05 1.96
C ALA A 93 6.16 -0.46 2.11
N LEU A 94 5.07 -1.05 2.59
CA LEU A 94 5.02 -2.48 2.80
C LEU A 94 4.66 -3.22 1.52
N PHE A 95 3.80 -2.61 0.71
CA PHE A 95 3.34 -3.26 -0.51
C PHE A 95 4.40 -3.22 -1.60
N ASN A 96 4.98 -2.04 -1.78
CA ASN A 96 6.00 -1.81 -2.82
C ASN A 96 5.45 -2.14 -4.20
N ALA A 97 4.91 -1.13 -4.86
CA ALA A 97 4.32 -1.31 -6.17
C ALA A 97 5.39 -1.29 -7.27
N GLY A 98 6.64 -1.08 -6.87
CA GLY A 98 7.75 -1.04 -7.84
C GLY A 98 7.86 0.31 -8.53
N VAL A 99 6.83 1.13 -8.40
CA VAL A 99 6.80 2.45 -9.00
C VAL A 99 7.59 3.44 -8.14
N LEU A 100 7.97 2.97 -6.97
CA LEU A 100 8.66 3.79 -6.01
C LEU A 100 10.15 3.85 -6.26
N ASN A 101 10.85 4.58 -5.40
CA ASN A 101 12.28 4.72 -5.48
C ASN A 101 12.97 3.47 -4.95
N ALA A 102 13.64 2.77 -5.85
CA ALA A 102 14.31 1.53 -5.52
C ALA A 102 15.52 1.77 -4.62
N SER A 103 16.07 2.98 -4.66
CA SER A 103 17.23 3.30 -3.86
C SER A 103 16.83 3.35 -2.41
N ASN A 104 15.67 3.93 -2.16
CA ASN A 104 15.13 4.03 -0.82
C ASN A 104 14.88 2.64 -0.23
N ILE A 105 14.51 1.70 -1.09
CA ILE A 105 14.25 0.34 -0.66
C ILE A 105 15.56 -0.44 -0.43
N ASP A 106 16.50 -0.30 -1.35
CA ASP A 106 17.75 -1.04 -1.23
C ASP A 106 18.69 -0.39 -0.21
N THR A 107 18.44 0.86 0.12
CA THR A 107 19.27 1.55 1.10
C THR A 107 18.79 1.25 2.52
N LEU A 108 17.53 1.51 2.79
CA LEU A 108 17.00 1.34 4.13
C LEU A 108 15.81 0.39 4.17
N GLY A 109 15.00 0.40 3.11
CA GLY A 109 13.80 -0.43 3.06
C GLY A 109 14.05 -1.89 3.43
N SER A 110 14.64 -2.65 2.52
CA SER A 110 14.88 -4.06 2.73
C SER A 110 15.82 -4.32 3.93
N ARG A 111 16.54 -3.29 4.34
CA ARG A 111 17.47 -3.41 5.46
C ARG A 111 16.74 -3.30 6.80
N VAL A 112 15.99 -2.22 6.97
CA VAL A 112 15.29 -1.98 8.22
C VAL A 112 14.02 -2.82 8.31
N LEU A 113 13.31 -2.95 7.19
CA LEU A 113 12.10 -3.76 7.12
C LEU A 113 12.46 -5.24 7.22
N SER A 114 13.75 -5.52 7.00
CA SER A 114 14.32 -6.86 7.07
C SER A 114 13.45 -7.92 6.36
N ALA A 115 12.97 -8.89 7.11
CA ALA A 115 12.20 -10.00 6.57
C ALA A 115 10.94 -9.53 5.84
N LEU A 116 10.36 -8.44 6.32
CA LEU A 116 9.13 -7.93 5.75
C LEU A 116 9.29 -7.59 4.28
N LEU A 117 10.15 -6.63 3.96
CA LEU A 117 10.33 -6.24 2.57
C LEU A 117 11.07 -7.28 1.77
N ASN A 118 11.95 -8.04 2.40
CA ASN A 118 12.66 -9.10 1.69
C ASN A 118 11.67 -10.12 1.15
N GLY A 119 10.67 -10.43 1.95
CA GLY A 119 9.65 -11.34 1.50
C GLY A 119 8.70 -10.69 0.52
N VAL A 120 8.47 -9.41 0.69
CA VAL A 120 7.60 -8.64 -0.20
C VAL A 120 8.22 -8.51 -1.60
N SER A 121 9.54 -8.36 -1.63
CA SER A 121 10.30 -8.19 -2.87
C SER A 121 10.00 -9.29 -3.88
N SER A 122 10.01 -10.53 -3.44
CA SER A 122 9.77 -11.65 -4.31
C SER A 122 8.28 -11.86 -4.58
N ALA A 123 7.49 -11.78 -3.52
CA ALA A 123 6.06 -12.06 -3.61
C ALA A 123 5.24 -10.90 -4.21
N ALA A 124 5.07 -9.83 -3.45
CA ALA A 124 4.22 -8.71 -3.88
C ALA A 124 4.85 -7.92 -5.01
N GLN A 125 6.09 -7.53 -4.83
CA GLN A 125 6.80 -6.75 -5.82
C GLN A 125 6.99 -7.55 -7.11
N GLY A 126 7.20 -8.84 -6.96
CA GLY A 126 7.46 -9.68 -8.11
C GLY A 126 6.21 -10.21 -8.81
N LEU A 127 5.32 -10.84 -8.06
CA LEU A 127 4.16 -11.49 -8.67
C LEU A 127 2.87 -10.71 -8.45
N GLY A 128 2.83 -9.91 -7.42
CA GLY A 128 1.61 -9.18 -7.11
C GLY A 128 0.68 -10.02 -6.27
N ILE A 129 0.76 -9.86 -4.97
CA ILE A 129 -0.02 -10.65 -4.04
C ILE A 129 -1.47 -10.20 -3.94
N ASN A 130 -2.37 -11.16 -3.85
CA ASN A 130 -3.79 -10.91 -3.74
C ASN A 130 -4.34 -11.55 -2.46
N VAL A 131 -5.40 -10.99 -1.93
CA VAL A 131 -6.04 -11.52 -0.75
C VAL A 131 -7.39 -12.14 -1.15
N ASP A 132 -7.95 -12.97 -0.28
CA ASP A 132 -9.23 -13.64 -0.55
C ASP A 132 -10.35 -12.61 -0.81
N SER A 133 -11.42 -13.07 -1.45
CA SER A 133 -12.53 -12.21 -1.83
C SER A 133 -13.42 -11.83 -0.64
N GLY A 134 -12.84 -11.74 0.54
CA GLY A 134 -13.59 -11.32 1.70
C GLY A 134 -13.88 -9.85 1.63
N SER A 135 -12.96 -9.04 2.12
CA SER A 135 -13.13 -7.61 2.07
C SER A 135 -12.20 -7.01 1.01
N VAL A 136 -10.93 -7.41 1.06
CA VAL A 136 -9.89 -6.81 0.23
C VAL A 136 -10.25 -6.79 -1.24
N GLN A 137 -10.42 -7.95 -1.83
CA GLN A 137 -10.69 -8.06 -3.25
C GLN A 137 -12.00 -7.38 -3.62
N SER A 138 -13.01 -7.56 -2.79
CA SER A 138 -14.32 -6.98 -3.02
C SER A 138 -14.24 -5.45 -3.07
N ASP A 139 -13.49 -4.87 -2.13
CA ASP A 139 -13.32 -3.43 -2.06
C ASP A 139 -12.42 -2.90 -3.15
N ILE A 140 -11.23 -3.49 -3.30
CA ILE A 140 -10.27 -3.00 -4.29
C ILE A 140 -10.80 -3.12 -5.72
N SER A 141 -11.58 -4.16 -5.99
CA SER A 141 -12.17 -4.37 -7.30
C SER A 141 -13.15 -3.25 -7.64
N SER A 142 -14.03 -2.94 -6.70
CA SER A 142 -15.02 -1.90 -6.90
C SER A 142 -14.35 -0.52 -6.87
N SER A 143 -13.34 -0.41 -6.05
CA SER A 143 -12.61 0.82 -5.86
C SER A 143 -11.82 1.20 -7.12
N SER A 144 -10.95 0.30 -7.57
CA SER A 144 -10.04 0.58 -8.71
C SER A 144 -10.76 1.13 -9.94
N SER A 145 -12.01 0.72 -10.12
CA SER A 145 -12.82 1.18 -11.23
C SER A 145 -13.01 2.70 -11.18
N PHE A 146 -13.56 3.19 -10.08
CA PHE A 146 -13.88 4.61 -9.92
C PHE A 146 -12.70 5.39 -9.35
N LEU A 147 -12.03 4.80 -8.38
CA LEU A 147 -10.92 5.41 -7.66
C LEU A 147 -9.65 5.50 -8.48
N SER A 148 -9.75 5.21 -9.79
CA SER A 148 -8.59 5.28 -10.69
C SER A 148 -7.83 6.59 -10.47
N THR A 149 -8.59 7.67 -10.42
CA THR A 149 -8.09 8.98 -10.11
C THR A 149 -9.25 9.86 -9.68
N SER A 150 -9.62 9.74 -8.42
CA SER A 150 -10.77 10.47 -7.90
C SER A 150 -10.37 11.88 -7.48
N SER A 151 -11.02 12.85 -8.07
CA SER A 151 -10.78 14.25 -7.79
C SER A 151 -11.82 15.09 -8.52
N SER A 152 -11.92 14.88 -9.82
CA SER A 152 -12.89 15.58 -10.64
C SER A 152 -13.51 14.58 -11.63
N SER A 153 -13.93 15.07 -12.79
CA SER A 153 -14.51 14.22 -13.82
C SER A 153 -13.48 13.18 -14.28
N ALA A 154 -13.62 11.94 -13.79
CA ALA A 154 -12.69 10.86 -14.11
C ALA A 154 -12.83 10.40 -15.53
N SER A 155 -12.10 11.05 -16.39
CA SER A 155 -12.10 10.79 -17.80
C SER A 155 -11.01 11.64 -18.44
N TYR A 156 -11.10 11.85 -19.73
CA TYR A 156 -10.11 12.64 -20.46
C TYR A 156 -10.18 14.10 -20.02
N SER A 157 -11.30 14.47 -19.41
CA SER A 157 -11.51 15.80 -18.88
C SER A 157 -10.41 16.17 -17.87
N GLN A 158 -10.04 15.21 -17.02
CA GLN A 158 -9.02 15.47 -16.00
C GLN A 158 -7.65 14.99 -16.47
N ALA A 159 -7.56 14.62 -17.73
CA ALA A 159 -6.31 14.15 -18.30
C ALA A 159 -5.34 15.30 -18.49
N SER A 160 -4.07 15.04 -18.17
CA SER A 160 -3.00 16.03 -18.32
C SER A 160 -3.25 17.29 -17.46
N ALA A 161 -4.06 17.16 -16.41
CA ALA A 161 -4.35 18.29 -15.55
C ALA A 161 -3.15 18.62 -14.68
N SER A 162 -2.55 19.75 -14.95
CA SER A 162 -1.37 20.17 -14.21
C SER A 162 -1.69 21.37 -13.33
N SER A 163 -0.77 21.73 -12.45
CA SER A 163 -0.96 22.84 -11.54
C SER A 163 -0.83 24.19 -12.28
N THR A 164 -0.55 24.12 -13.57
CA THR A 164 -0.40 25.29 -14.43
C THR A 164 -1.69 26.11 -14.48
N SER A 165 -2.83 25.47 -14.23
CA SER A 165 -4.12 26.13 -14.24
C SER A 165 -4.27 27.03 -13.00
N GLY A 166 -3.32 26.95 -12.09
CA GLY A 166 -3.36 27.73 -10.89
C GLY A 166 -3.76 26.90 -9.69
N ALA A 167 -2.97 25.89 -9.41
CA ALA A 167 -3.25 25.01 -8.29
C ALA A 167 -2.10 24.98 -7.31
N GLY A 168 -2.28 25.64 -6.19
CA GLY A 168 -1.27 25.64 -5.15
C GLY A 168 -1.57 24.58 -4.13
N TYR A 169 -2.82 24.16 -4.09
CA TYR A 169 -3.25 23.11 -3.19
C TYR A 169 -3.03 21.75 -3.84
N THR A 170 -1.91 21.14 -3.52
CA THR A 170 -1.55 19.85 -4.07
C THR A 170 -1.26 18.84 -2.95
N GLY A 171 -1.08 17.59 -3.31
CA GLY A 171 -0.79 16.57 -2.34
C GLY A 171 -1.48 15.26 -2.69
N PRO A 172 -1.63 14.33 -1.73
CA PRO A 172 -2.29 13.04 -1.96
C PRO A 172 -3.78 13.23 -2.26
N SER A 173 -4.29 14.39 -1.89
CA SER A 173 -5.66 14.74 -2.13
C SER A 173 -5.78 16.23 -2.45
N GLY A 174 -5.56 16.57 -3.72
CA GLY A 174 -5.65 17.95 -4.15
C GLY A 174 -6.31 18.05 -5.50
N PRO A 175 -5.58 18.48 -6.54
CA PRO A 175 -6.13 18.56 -7.89
C PRO A 175 -6.13 17.19 -8.58
N SER A 176 -6.73 17.10 -9.74
CA SER A 176 -6.77 15.85 -10.47
C SER A 176 -5.48 15.63 -11.23
N THR A 177 -4.51 15.05 -10.55
CA THR A 177 -3.23 14.80 -11.14
C THR A 177 -2.94 13.30 -11.14
N GLY A 178 -2.06 12.88 -12.04
CA GLY A 178 -1.75 11.46 -12.18
C GLY A 178 -2.96 10.66 -12.63
N PRO A 179 -3.58 11.02 -13.77
CA PRO A 179 -4.78 10.35 -14.25
C PRO A 179 -4.48 9.01 -14.90
N SER A 180 -4.79 7.96 -14.19
CA SER A 180 -4.59 6.62 -14.70
C SER A 180 -5.65 6.29 -15.73
N GLY A 181 -5.24 5.70 -16.84
CA GLY A 181 -6.17 5.36 -17.89
C GLY A 181 -5.60 5.57 -19.29
N TYR A 182 -4.61 6.45 -19.39
CA TYR A 182 -4.00 6.74 -20.69
C TYR A 182 -2.47 6.63 -20.62
N PRO A 183 -1.79 6.53 -21.79
CA PRO A 183 -0.31 6.45 -21.85
C PRO A 183 0.37 7.61 -21.14
N GLY A 184 1.25 7.28 -20.22
CA GLY A 184 1.92 8.30 -19.44
C GLY A 184 1.02 8.90 -18.38
N PRO A 185 0.53 8.09 -17.41
CA PRO A 185 -0.36 8.58 -16.33
C PRO A 185 0.36 9.56 -15.41
N LEU A 186 1.68 9.53 -15.45
CA LEU A 186 2.47 10.43 -14.64
C LEU A 186 2.53 11.80 -15.28
N GLY A 187 1.49 12.58 -15.05
CA GLY A 187 1.42 13.91 -15.61
C GLY A 187 0.93 14.91 -14.60
N GLY A 188 1.39 16.14 -14.73
CA GLY A 188 0.99 17.18 -13.80
C GLY A 188 1.88 17.21 -12.59
N GLY A 189 1.49 16.52 -11.55
CA GLY A 189 2.26 16.47 -10.32
C GLY A 189 2.30 15.08 -9.74
N ALA A 190 3.50 14.56 -9.58
CA ALA A 190 3.69 13.22 -9.04
C ALA A 190 4.89 13.21 -8.10
N PRO A 191 4.98 12.22 -7.18
CA PRO A 191 6.11 12.09 -6.25
C PRO A 191 7.45 12.17 -6.95
N PHE A 192 8.43 12.73 -6.26
CA PHE A 192 9.76 12.92 -6.83
C PHE A 192 10.66 11.71 -6.51
N GLY A 193 10.02 10.58 -6.22
CA GLY A 193 10.75 9.37 -5.91
C GLY A 193 10.27 8.21 -6.74
N GLN A 194 10.38 8.35 -8.05
CA GLN A 194 9.96 7.31 -8.98
C GLN A 194 11.16 6.55 -9.51
N SER A 195 11.00 5.26 -9.79
CA SER A 195 12.09 4.47 -10.35
C SER A 195 11.55 3.34 -11.24
N GLY A 196 10.25 3.34 -11.49
CA GLY A 196 9.66 2.31 -12.31
C GLY A 196 8.20 2.55 -12.57
N PHE A 197 7.90 3.51 -13.40
CA PHE A 197 6.53 3.87 -13.70
C PHE A 197 6.19 3.49 -15.14
N GLY A 198 4.97 3.04 -15.34
CA GLY A 198 4.51 2.67 -16.65
C GLY A 198 4.01 3.85 -17.43
N GLY A 199 4.93 4.64 -17.95
CA GLY A 199 4.56 5.79 -18.72
C GLY A 199 4.27 5.45 -20.16
N ALA A 1 0.21 -6.22 16.27
CA ALA A 1 1.53 -6.05 15.62
C ALA A 1 2.65 -6.30 16.62
N GLY A 2 3.83 -6.63 16.12
CA GLY A 2 4.95 -6.84 17.01
C GLY A 2 6.26 -7.00 16.27
N PRO A 3 7.39 -6.67 16.92
CA PRO A 3 8.71 -6.85 16.32
C PRO A 3 9.16 -8.30 16.42
N GLN A 4 9.61 -8.85 15.31
CA GLN A 4 10.03 -10.25 15.29
C GLN A 4 11.41 -10.42 15.86
N GLY A 5 11.47 -10.73 17.15
CA GLY A 5 12.74 -10.90 17.83
C GLY A 5 13.46 -9.58 18.03
N GLY A 6 14.03 -9.08 16.96
CA GLY A 6 14.70 -7.82 16.99
C GLY A 6 14.52 -7.07 15.70
N PHE A 7 13.39 -7.34 15.04
CA PHE A 7 13.09 -6.73 13.76
C PHE A 7 11.76 -5.99 13.80
N GLY A 8 11.83 -4.68 13.84
CA GLY A 8 10.65 -3.85 13.78
C GLY A 8 10.43 -3.39 12.36
N ALA A 9 9.84 -4.25 11.56
CA ALA A 9 9.70 -4.02 10.14
C ALA A 9 8.67 -2.95 9.80
N THR A 10 9.16 -1.74 9.65
CA THR A 10 8.36 -0.56 9.30
C THR A 10 9.26 0.52 8.72
N GLY A 11 8.80 1.17 7.66
CA GLY A 11 9.61 2.19 7.01
C GLY A 11 9.41 3.56 7.61
N GLY A 12 10.28 3.95 8.52
CA GLY A 12 10.19 5.26 9.14
C GLY A 12 10.42 6.37 8.13
N ALA A 13 11.52 6.27 7.38
CA ALA A 13 11.84 7.27 6.36
C ALA A 13 10.91 7.13 5.16
N SER A 14 10.16 6.05 5.13
CA SER A 14 9.19 5.83 4.09
C SER A 14 7.93 6.65 4.34
N ALA A 15 7.71 7.05 5.59
CA ALA A 15 6.51 7.81 5.99
C ALA A 15 6.33 9.09 5.17
N GLY A 16 7.43 9.66 4.74
CA GLY A 16 7.37 10.86 3.95
C GLY A 16 7.02 10.58 2.50
N LEU A 17 7.56 9.49 1.96
CA LEU A 17 7.36 9.14 0.56
C LEU A 17 6.05 8.35 0.33
N ILE A 18 5.65 7.53 1.31
CA ILE A 18 4.48 6.63 1.18
C ILE A 18 3.24 7.32 0.62
N SER A 19 2.92 8.47 1.15
CA SER A 19 1.73 9.18 0.75
C SER A 19 1.88 9.76 -0.66
N ARG A 20 3.11 9.99 -1.07
CA ARG A 20 3.39 10.56 -2.38
C ARG A 20 3.50 9.49 -3.46
N VAL A 21 3.81 8.26 -3.05
CA VAL A 21 3.94 7.13 -3.96
C VAL A 21 2.60 6.87 -4.70
N ALA A 22 2.60 5.95 -5.68
CA ALA A 22 1.44 5.59 -6.51
C ALA A 22 0.10 5.58 -5.77
N ASN A 23 0.12 5.21 -4.48
CA ASN A 23 -1.09 5.18 -3.66
C ASN A 23 -1.77 6.56 -3.57
N ALA A 24 -1.00 7.63 -3.80
CA ALA A 24 -1.54 8.99 -3.82
C ALA A 24 -2.57 9.13 -4.93
N LEU A 25 -2.28 8.48 -6.06
CA LEU A 25 -3.18 8.49 -7.20
C LEU A 25 -4.15 7.33 -7.07
N ALA A 26 -3.63 6.18 -6.65
CA ALA A 26 -4.45 5.02 -6.39
C ALA A 26 -5.07 5.15 -5.01
N ASN A 27 -6.00 6.09 -4.90
CA ASN A 27 -6.67 6.46 -3.64
C ASN A 27 -7.60 5.34 -3.12
N THR A 28 -7.37 4.12 -3.60
CA THR A 28 -8.14 2.96 -3.23
C THR A 28 -8.15 2.74 -1.69
N SER A 29 -9.11 1.96 -1.20
CA SER A 29 -9.31 1.68 0.23
C SER A 29 -8.03 1.17 0.93
N THR A 30 -7.08 0.68 0.14
CA THR A 30 -5.82 0.10 0.63
C THR A 30 -5.07 1.04 1.61
N LEU A 31 -4.99 2.29 1.26
CA LEU A 31 -4.30 3.28 2.10
C LEU A 31 -5.30 4.06 2.90
N ARG A 32 -6.53 4.06 2.43
CA ARG A 32 -7.59 4.85 3.02
C ARG A 32 -7.95 4.38 4.42
N THR A 33 -8.30 3.12 4.57
CA THR A 33 -8.69 2.59 5.86
C THR A 33 -8.68 1.06 5.89
N VAL A 34 -9.03 0.45 4.78
CA VAL A 34 -9.04 -0.99 4.67
C VAL A 34 -7.60 -1.48 4.49
N LEU A 35 -7.30 -2.66 5.02
CA LEU A 35 -5.96 -3.20 4.92
C LEU A 35 -5.58 -3.41 3.46
N ARG A 36 -4.33 -3.09 3.15
CA ARG A 36 -3.83 -3.17 1.79
C ARG A 36 -3.84 -4.59 1.25
N THR A 37 -3.85 -4.70 -0.07
CA THR A 37 -3.81 -5.97 -0.73
C THR A 37 -2.43 -6.60 -0.50
N GLY A 38 -2.41 -7.68 0.25
CA GLY A 38 -1.18 -8.33 0.55
C GLY A 38 -0.55 -7.81 1.81
N VAL A 39 -1.41 -7.47 2.78
CA VAL A 39 -1.00 -6.94 4.07
C VAL A 39 0.18 -7.72 4.68
N SER A 40 1.07 -7.01 5.35
CA SER A 40 2.26 -7.59 5.92
C SER A 40 1.98 -8.23 7.27
N GLN A 41 2.60 -9.39 7.49
CA GLN A 41 2.47 -10.16 8.73
C GLN A 41 2.93 -9.38 9.96
N GLN A 42 3.61 -8.28 9.74
CA GLN A 42 4.13 -7.48 10.84
C GLN A 42 3.00 -6.88 11.66
N ILE A 43 1.90 -6.57 11.00
CA ILE A 43 0.76 -6.00 11.68
C ILE A 43 -0.08 -7.10 12.34
N ALA A 44 -0.12 -8.25 11.68
CA ALA A 44 -0.88 -9.38 12.18
C ALA A 44 -0.08 -10.20 13.18
N SER A 45 0.87 -10.99 12.66
CA SER A 45 1.77 -11.83 13.47
C SER A 45 1.04 -13.08 14.02
N SER A 46 -0.27 -13.00 14.04
CA SER A 46 -1.11 -14.06 14.54
C SER A 46 -1.05 -15.33 13.67
N VAL A 47 -1.82 -15.33 12.59
CA VAL A 47 -1.89 -16.48 11.69
C VAL A 47 -1.77 -16.05 10.23
N VAL A 48 -2.29 -14.87 9.92
CA VAL A 48 -2.23 -14.35 8.58
C VAL A 48 -0.85 -13.77 8.28
N GLN A 49 0.03 -14.61 7.78
CA GLN A 49 1.38 -14.22 7.46
C GLN A 49 1.44 -13.56 6.08
N ARG A 50 0.74 -14.16 5.12
CA ARG A 50 0.66 -13.60 3.77
C ARG A 50 -0.79 -13.62 3.27
N ALA A 51 -1.69 -14.19 4.08
CA ALA A 51 -3.13 -14.29 3.75
C ALA A 51 -3.41 -15.29 2.61
N ALA A 52 -2.67 -15.15 1.51
CA ALA A 52 -2.85 -16.01 0.33
C ALA A 52 -2.66 -17.49 0.66
N GLN A 53 -1.42 -18.02 0.54
CA GLN A 53 -1.18 -19.42 0.86
C GLN A 53 0.30 -19.80 0.84
N SER A 54 1.04 -19.38 -0.17
CA SER A 54 2.46 -19.75 -0.31
C SER A 54 3.26 -19.51 0.97
N LEU A 55 3.35 -18.26 1.41
CA LEU A 55 4.07 -17.93 2.65
C LEU A 55 3.15 -18.09 3.86
N ALA A 56 1.85 -18.01 3.62
CA ALA A 56 0.86 -18.06 4.68
C ALA A 56 0.61 -19.47 5.19
N SER A 57 1.02 -20.48 4.40
CA SER A 57 0.81 -21.90 4.73
C SER A 57 1.53 -22.32 6.02
N THR A 58 1.11 -21.76 7.12
CA THR A 58 1.66 -22.07 8.40
C THR A 58 0.71 -23.01 9.16
N LEU A 59 -0.60 -22.78 9.00
CA LEU A 59 -1.62 -23.61 9.63
C LEU A 59 -2.54 -24.24 8.58
N GLY A 60 -2.07 -24.26 7.33
CA GLY A 60 -2.87 -24.79 6.26
C GLY A 60 -3.83 -23.77 5.70
N VAL A 61 -3.30 -22.73 5.09
CA VAL A 61 -4.14 -21.68 4.53
C VAL A 61 -4.47 -22.01 3.09
N ASP A 62 -5.73 -22.33 2.84
CA ASP A 62 -6.17 -22.73 1.52
C ASP A 62 -7.55 -22.18 1.23
N GLY A 63 -7.93 -21.20 1.99
CA GLY A 63 -9.24 -20.63 1.84
C GLY A 63 -10.08 -20.78 3.09
N ASN A 64 -9.90 -21.90 3.78
CA ASN A 64 -10.63 -22.17 5.03
C ASN A 64 -10.33 -21.12 6.07
N ASN A 65 -9.12 -21.16 6.58
CA ASN A 65 -8.65 -20.19 7.57
C ASN A 65 -8.10 -18.95 6.89
N LEU A 66 -8.47 -18.77 5.62
CA LEU A 66 -8.06 -17.62 4.85
C LEU A 66 -9.06 -16.48 5.06
N ALA A 67 -10.23 -16.62 4.44
CA ALA A 67 -11.30 -15.64 4.54
C ALA A 67 -11.87 -15.61 5.96
N ARG A 68 -11.78 -16.74 6.62
CA ARG A 68 -12.22 -16.87 8.01
C ARG A 68 -11.00 -17.07 8.89
N PHE A 69 -11.16 -16.85 10.19
CA PHE A 69 -10.05 -16.98 11.17
C PHE A 69 -8.98 -15.90 10.96
N ALA A 70 -8.34 -15.89 9.80
CA ALA A 70 -7.30 -14.92 9.48
C ALA A 70 -7.88 -13.51 9.43
N VAL A 71 -8.81 -13.30 8.50
CA VAL A 71 -9.48 -12.01 8.38
C VAL A 71 -10.21 -11.66 9.65
N GLN A 72 -10.77 -12.67 10.29
CA GLN A 72 -11.52 -12.49 11.53
C GLN A 72 -10.60 -12.09 12.68
N ALA A 73 -9.32 -12.40 12.56
CA ALA A 73 -8.36 -12.03 13.58
C ALA A 73 -7.99 -10.57 13.45
N VAL A 74 -7.78 -10.12 12.22
CA VAL A 74 -7.42 -8.74 11.95
C VAL A 74 -8.64 -7.83 12.05
N SER A 75 -9.80 -8.36 11.65
CA SER A 75 -11.04 -7.61 11.67
C SER A 75 -11.50 -7.37 13.11
N ARG A 76 -10.97 -8.17 14.02
CA ARG A 76 -11.27 -8.06 15.44
C ARG A 76 -10.03 -7.69 16.22
N LEU A 77 -9.06 -7.17 15.53
CA LEU A 77 -7.79 -6.82 16.12
C LEU A 77 -7.88 -5.47 16.81
N PRO A 78 -7.27 -5.32 18.00
CA PRO A 78 -7.23 -4.04 18.70
C PRO A 78 -6.75 -2.92 17.80
N ALA A 79 -7.52 -1.85 17.74
CA ALA A 79 -7.18 -0.73 16.88
C ALA A 79 -6.40 0.31 17.63
N GLY A 80 -5.80 -0.11 18.71
CA GLY A 80 -4.99 0.78 19.53
C GLY A 80 -3.68 1.12 18.87
N SER A 81 -3.26 0.26 17.95
CA SER A 81 -2.06 0.49 17.19
C SER A 81 -2.27 1.61 16.19
N ASP A 82 -3.55 1.94 15.95
CA ASP A 82 -3.97 3.00 15.01
C ASP A 82 -3.85 2.53 13.57
N THR A 83 -4.81 2.94 12.75
CA THR A 83 -4.87 2.53 11.36
C THR A 83 -3.65 2.99 10.54
N SER A 84 -3.11 4.15 10.90
CA SER A 84 -1.97 4.69 10.18
C SER A 84 -0.70 3.89 10.45
N ALA A 85 -0.70 3.10 11.51
CA ALA A 85 0.45 2.28 11.86
C ALA A 85 0.39 0.95 11.14
N TYR A 86 -0.81 0.56 10.73
CA TYR A 86 -0.99 -0.66 9.99
C TYR A 86 -0.43 -0.52 8.58
N ALA A 87 -0.63 -1.53 7.77
CA ALA A 87 -0.11 -1.53 6.40
C ALA A 87 -0.91 -0.62 5.48
N GLN A 88 -1.75 0.22 6.07
CA GLN A 88 -2.58 1.14 5.33
C GLN A 88 -1.75 2.30 4.79
N ALA A 89 -1.13 3.04 5.69
CA ALA A 89 -0.33 4.19 5.31
C ALA A 89 0.95 3.75 4.62
N PHE A 90 1.55 2.69 5.13
CA PHE A 90 2.80 2.18 4.59
C PHE A 90 2.57 1.27 3.39
N SER A 91 1.34 1.29 2.87
CA SER A 91 0.97 0.46 1.73
C SER A 91 1.94 0.63 0.57
N SER A 92 2.32 1.86 0.30
CA SER A 92 3.21 2.16 -0.81
C SER A 92 4.56 1.43 -0.71
N ALA A 93 5.15 1.42 0.46
CA ALA A 93 6.45 0.81 0.65
C ALA A 93 6.35 -0.70 0.82
N LEU A 94 5.28 -1.16 1.43
CA LEU A 94 5.10 -2.57 1.71
C LEU A 94 4.58 -3.34 0.49
N PHE A 95 3.79 -2.67 -0.33
CA PHE A 95 3.25 -3.31 -1.53
C PHE A 95 4.24 -3.21 -2.67
N ASN A 96 4.97 -2.09 -2.71
CA ASN A 96 5.96 -1.82 -3.77
C ASN A 96 5.36 -2.05 -5.15
N ALA A 97 4.67 -1.04 -5.64
CA ALA A 97 4.01 -1.12 -6.94
C ALA A 97 5.02 -0.96 -8.09
N GLY A 98 6.26 -0.65 -7.73
CA GLY A 98 7.28 -0.42 -8.74
C GLY A 98 7.25 1.00 -9.27
N VAL A 99 6.29 1.76 -8.78
CA VAL A 99 6.10 3.15 -9.19
C VAL A 99 6.87 4.08 -8.24
N LEU A 100 7.29 3.52 -7.13
CA LEU A 100 8.03 4.26 -6.12
C LEU A 100 9.51 4.13 -6.39
N ASN A 101 10.34 4.69 -5.52
CA ASN A 101 11.77 4.61 -5.67
C ASN A 101 12.28 3.31 -5.09
N ALA A 102 12.61 2.37 -5.97
CA ALA A 102 13.09 1.06 -5.56
C ALA A 102 14.42 1.16 -4.84
N SER A 103 15.09 2.29 -5.00
CA SER A 103 16.38 2.49 -4.39
C SER A 103 16.23 2.90 -2.93
N ASN A 104 15.04 3.40 -2.58
CA ASN A 104 14.78 3.78 -1.19
C ASN A 104 14.70 2.53 -0.33
N ILE A 105 14.34 1.42 -0.96
CA ILE A 105 14.35 0.12 -0.30
C ILE A 105 15.78 -0.31 -0.03
N ASP A 106 16.68 0.06 -0.92
CA ASP A 106 18.09 -0.26 -0.75
C ASP A 106 18.71 0.70 0.25
N THR A 107 18.13 1.89 0.35
CA THR A 107 18.60 2.91 1.27
C THR A 107 18.15 2.64 2.70
N LEU A 108 16.87 2.32 2.88
CA LEU A 108 16.33 2.13 4.22
C LEU A 108 15.48 0.86 4.33
N GLY A 109 14.67 0.60 3.31
CA GLY A 109 13.72 -0.51 3.34
C GLY A 109 14.29 -1.85 3.78
N SER A 110 15.10 -2.46 2.93
CA SER A 110 15.65 -3.77 3.19
C SER A 110 16.64 -3.75 4.37
N ARG A 111 17.05 -2.57 4.76
CA ARG A 111 18.02 -2.41 5.83
C ARG A 111 17.34 -2.37 7.19
N VAL A 112 16.31 -1.53 7.32
CA VAL A 112 15.61 -1.36 8.58
C VAL A 112 14.54 -2.45 8.77
N LEU A 113 13.82 -2.73 7.71
CA LEU A 113 12.75 -3.73 7.75
C LEU A 113 13.32 -5.13 7.65
N SER A 114 14.45 -5.23 6.95
CA SER A 114 15.20 -6.47 6.78
C SER A 114 14.32 -7.67 6.36
N ALA A 115 13.96 -8.50 7.33
CA ALA A 115 13.21 -9.73 7.11
C ALA A 115 11.92 -9.51 6.33
N LEU A 116 11.24 -8.40 6.59
CA LEU A 116 9.98 -8.14 5.92
C LEU A 116 10.15 -8.02 4.42
N LEU A 117 11.00 -7.11 3.99
CA LEU A 117 11.18 -6.87 2.57
C LEU A 117 11.92 -8.01 1.90
N ASN A 118 12.70 -8.76 2.66
CA ASN A 118 13.39 -9.91 2.10
C ASN A 118 12.38 -10.99 1.71
N GLY A 119 11.30 -11.08 2.49
CA GLY A 119 10.25 -12.02 2.18
C GLY A 119 9.25 -11.42 1.19
N VAL A 120 8.89 -10.17 1.40
CA VAL A 120 7.95 -9.46 0.54
C VAL A 120 8.51 -9.34 -0.89
N SER A 121 9.83 -9.29 -1.01
CA SER A 121 10.49 -9.19 -2.30
C SER A 121 10.07 -10.35 -3.19
N SER A 122 9.99 -11.53 -2.60
CA SER A 122 9.57 -12.71 -3.31
C SER A 122 8.04 -12.83 -3.34
N ALA A 123 7.39 -12.30 -2.32
CA ALA A 123 5.95 -12.40 -2.21
C ALA A 123 5.21 -11.32 -3.03
N ALA A 124 5.06 -10.13 -2.46
CA ALA A 124 4.31 -9.05 -3.14
C ALA A 124 5.07 -8.52 -4.33
N GLN A 125 6.34 -8.25 -4.14
CA GLN A 125 7.18 -7.74 -5.20
C GLN A 125 7.53 -8.87 -6.16
N GLY A 126 7.35 -10.09 -5.70
CA GLY A 126 7.68 -11.24 -6.51
C GLY A 126 6.58 -11.65 -7.45
N LEU A 127 5.45 -12.06 -6.88
CA LEU A 127 4.34 -12.55 -7.70
C LEU A 127 3.05 -11.83 -7.35
N GLY A 128 3.11 -10.99 -6.33
CA GLY A 128 1.94 -10.28 -5.89
C GLY A 128 1.16 -11.09 -4.87
N ILE A 129 1.01 -10.55 -3.68
CA ILE A 129 0.26 -11.22 -2.64
C ILE A 129 -1.24 -10.98 -2.81
N ASN A 130 -1.99 -12.06 -2.75
CA ASN A 130 -3.44 -11.99 -2.82
C ASN A 130 -4.03 -12.12 -1.42
N VAL A 131 -5.20 -11.54 -1.20
CA VAL A 131 -5.84 -11.60 0.09
C VAL A 131 -7.17 -12.36 -0.01
N ASP A 132 -8.12 -12.01 0.84
CA ASP A 132 -9.38 -12.71 0.87
C ASP A 132 -10.33 -12.15 -0.17
N SER A 133 -11.16 -13.01 -0.69
CA SER A 133 -12.15 -12.65 -1.68
C SER A 133 -13.39 -12.02 -1.02
N GLY A 134 -13.25 -11.62 0.23
CA GLY A 134 -14.35 -11.07 0.97
C GLY A 134 -14.19 -9.59 1.29
N SER A 135 -13.19 -9.28 2.09
CA SER A 135 -12.98 -7.92 2.55
C SER A 135 -12.17 -7.09 1.57
N VAL A 136 -11.05 -7.61 1.11
CA VAL A 136 -10.17 -6.86 0.24
C VAL A 136 -10.74 -6.71 -1.16
N GLN A 137 -11.14 -7.81 -1.76
CA GLN A 137 -11.66 -7.82 -3.12
C GLN A 137 -12.83 -6.85 -3.33
N SER A 138 -13.80 -6.88 -2.43
CA SER A 138 -14.97 -6.02 -2.54
C SER A 138 -14.60 -4.55 -2.56
N ASP A 139 -13.66 -4.17 -1.71
CA ASP A 139 -13.25 -2.78 -1.59
C ASP A 139 -12.38 -2.36 -2.76
N ILE A 140 -11.35 -3.14 -3.05
CA ILE A 140 -10.43 -2.79 -4.13
C ILE A 140 -11.13 -2.81 -5.48
N SER A 141 -12.11 -3.69 -5.63
CA SER A 141 -12.87 -3.79 -6.86
C SER A 141 -13.61 -2.49 -7.19
N SER A 142 -14.24 -1.90 -6.18
CA SER A 142 -15.00 -0.69 -6.36
C SER A 142 -14.14 0.60 -6.25
N SER A 143 -13.22 0.60 -5.30
CA SER A 143 -12.40 1.78 -5.00
C SER A 143 -11.25 1.99 -6.01
N SER A 144 -10.91 0.95 -6.76
CA SER A 144 -9.81 1.02 -7.75
C SER A 144 -9.99 2.11 -8.80
N SER A 145 -11.23 2.60 -8.95
CA SER A 145 -11.55 3.64 -9.94
C SER A 145 -10.54 4.81 -9.94
N PHE A 146 -9.95 5.11 -8.77
CA PHE A 146 -8.97 6.20 -8.65
C PHE A 146 -7.74 5.97 -9.52
N LEU A 147 -7.53 4.73 -9.97
CA LEU A 147 -6.40 4.39 -10.84
C LEU A 147 -6.44 5.20 -12.13
N SER A 148 -7.57 5.86 -12.38
CA SER A 148 -7.71 6.72 -13.53
C SER A 148 -6.73 7.90 -13.40
N THR A 149 -6.56 8.38 -12.17
CA THR A 149 -5.68 9.50 -11.91
C THR A 149 -4.24 9.04 -11.84
N SER A 150 -4.04 7.72 -11.83
CA SER A 150 -2.71 7.16 -11.80
C SER A 150 -2.06 7.34 -13.18
N SER A 151 -2.85 7.83 -14.10
CA SER A 151 -2.46 8.12 -15.46
C SER A 151 -3.29 9.32 -15.93
N SER A 152 -3.63 9.39 -17.20
CA SER A 152 -4.49 10.47 -17.70
C SER A 152 -5.81 10.48 -16.91
N SER A 153 -5.99 11.53 -16.11
CA SER A 153 -7.13 11.70 -15.19
C SER A 153 -8.46 11.21 -15.76
N ALA A 154 -8.88 11.79 -16.87
CA ALA A 154 -10.15 11.44 -17.48
C ALA A 154 -10.24 12.03 -18.89
N SER A 155 -11.48 12.36 -19.31
CA SER A 155 -11.71 12.96 -20.61
C SER A 155 -10.81 14.17 -20.82
N TYR A 156 -10.67 14.96 -19.77
CA TYR A 156 -9.78 16.09 -19.79
C TYR A 156 -8.43 15.65 -19.27
N SER A 157 -7.39 15.90 -20.05
CA SER A 157 -6.05 15.49 -19.68
C SER A 157 -5.47 16.40 -18.58
N GLN A 158 -6.05 16.26 -17.36
CA GLN A 158 -5.66 17.04 -16.16
C GLN A 158 -5.45 18.53 -16.42
N ALA A 159 -6.12 19.06 -17.43
CA ALA A 159 -6.04 20.48 -17.76
C ALA A 159 -6.88 21.28 -16.77
N SER A 160 -7.66 20.56 -15.99
CA SER A 160 -8.50 21.15 -14.97
C SER A 160 -7.70 21.38 -13.69
N ALA A 161 -6.49 20.84 -13.66
CA ALA A 161 -5.62 20.98 -12.51
C ALA A 161 -4.29 21.59 -12.93
N SER A 162 -4.22 22.90 -12.93
CA SER A 162 -3.02 23.60 -13.31
C SER A 162 -2.10 23.78 -12.11
N SER A 163 -1.16 22.86 -11.95
CA SER A 163 -0.22 22.93 -10.85
C SER A 163 0.89 23.93 -11.18
N THR A 164 1.06 24.19 -12.47
CA THR A 164 2.05 25.15 -12.92
C THR A 164 1.64 26.58 -12.54
N SER A 165 0.35 26.76 -12.29
CA SER A 165 -0.18 28.04 -11.88
C SER A 165 -0.27 28.10 -10.35
N GLY A 166 0.25 27.07 -9.70
CA GLY A 166 0.22 27.02 -8.26
C GLY A 166 -0.98 26.25 -7.75
N ALA A 167 -0.75 25.02 -7.31
CA ALA A 167 -1.82 24.19 -6.78
C ALA A 167 -1.92 24.35 -5.27
N GLY A 168 -0.81 24.67 -4.64
CA GLY A 168 -0.79 24.85 -3.21
C GLY A 168 -0.29 23.64 -2.47
N TYR A 169 -1.02 22.54 -2.57
CA TYR A 169 -0.64 21.31 -1.89
C TYR A 169 -0.01 20.33 -2.86
N THR A 170 -0.82 19.85 -3.81
CA THR A 170 -0.38 18.87 -4.81
C THR A 170 -0.19 17.47 -4.16
N GLY A 171 -0.21 16.43 -4.99
CA GLY A 171 0.03 15.07 -4.50
C GLY A 171 -1.12 14.51 -3.71
N PRO A 172 -0.83 13.86 -2.56
CA PRO A 172 -1.86 13.23 -1.70
C PRO A 172 -2.77 14.24 -1.02
N SER A 173 -2.44 15.50 -1.15
CA SER A 173 -3.24 16.55 -0.54
C SER A 173 -3.71 17.55 -1.58
N GLY A 174 -3.57 17.21 -2.85
CA GLY A 174 -3.95 18.12 -3.90
C GLY A 174 -4.73 17.45 -5.00
N PRO A 175 -4.86 18.11 -6.16
CA PRO A 175 -5.60 17.58 -7.31
C PRO A 175 -4.82 16.51 -8.06
N SER A 176 -5.46 15.91 -9.05
CA SER A 176 -4.83 14.88 -9.84
C SER A 176 -3.88 15.51 -10.86
N THR A 177 -2.66 15.75 -10.42
CA THR A 177 -1.64 16.33 -11.23
C THR A 177 -0.31 15.65 -10.95
N GLY A 178 0.64 15.81 -11.84
CA GLY A 178 1.91 15.20 -11.66
C GLY A 178 2.16 14.07 -12.63
N PRO A 179 2.28 12.83 -12.13
CA PRO A 179 2.51 11.64 -12.98
C PRO A 179 1.34 11.36 -13.93
N SER A 180 0.21 12.00 -13.68
CA SER A 180 -0.95 11.87 -14.52
C SER A 180 -0.68 12.39 -15.95
N GLY A 181 0.19 13.40 -16.05
CA GLY A 181 0.49 13.98 -17.35
C GLY A 181 1.79 13.44 -17.94
N TYR A 182 1.82 13.33 -19.26
CA TYR A 182 3.00 12.81 -19.95
C TYR A 182 4.07 13.90 -20.22
N PRO A 183 3.71 15.06 -20.87
CA PRO A 183 4.70 16.12 -21.12
C PRO A 183 5.11 16.77 -19.81
N GLY A 184 6.41 16.77 -19.54
CA GLY A 184 6.88 17.27 -18.26
C GLY A 184 6.23 16.52 -17.12
N PRO A 185 6.53 15.21 -16.97
CA PRO A 185 5.89 14.39 -15.96
C PRO A 185 6.17 14.89 -14.57
N LEU A 186 5.32 14.52 -13.63
CA LEU A 186 5.42 14.97 -12.26
C LEU A 186 5.13 16.48 -12.19
N GLY A 187 5.87 17.19 -11.38
CA GLY A 187 5.63 18.61 -11.22
C GLY A 187 6.44 19.19 -10.08
N GLY A 188 5.96 20.29 -9.51
CA GLY A 188 6.65 20.92 -8.39
C GLY A 188 6.73 20.00 -7.18
N GLY A 189 5.60 19.67 -6.61
CA GLY A 189 5.56 18.76 -5.47
C GLY A 189 5.56 17.32 -5.93
N ALA A 190 6.58 16.96 -6.69
CA ALA A 190 6.68 15.62 -7.24
C ALA A 190 7.16 14.62 -6.21
N PRO A 191 6.47 13.49 -6.08
CA PRO A 191 6.87 12.40 -5.20
C PRO A 191 8.30 11.98 -5.46
N PHE A 192 9.07 11.80 -4.40
CA PHE A 192 10.45 11.38 -4.52
C PHE A 192 10.55 9.88 -4.78
N GLY A 193 9.83 9.44 -5.79
CA GLY A 193 9.83 8.06 -6.17
C GLY A 193 10.11 7.89 -7.63
N GLN A 194 9.16 7.31 -8.35
CA GLN A 194 9.24 7.09 -9.80
C GLN A 194 10.54 6.40 -10.23
N SER A 195 10.51 5.08 -10.25
CA SER A 195 11.66 4.29 -10.68
C SER A 195 11.39 3.59 -12.01
N GLY A 196 10.46 4.13 -12.79
CA GLY A 196 10.19 3.55 -14.10
C GLY A 196 8.71 3.32 -14.35
N PHE A 197 7.92 4.38 -14.26
CA PHE A 197 6.49 4.29 -14.50
C PHE A 197 5.98 5.58 -15.13
N GLY A 198 6.07 6.66 -14.38
CA GLY A 198 5.64 7.93 -14.87
C GLY A 198 6.79 8.73 -15.44
N GLY A 199 6.93 8.68 -16.74
CA GLY A 199 7.99 9.40 -17.39
C GLY A 199 8.67 8.54 -18.42
N ALA A 1 2.30 -6.57 16.80
CA ALA A 1 1.54 -5.67 15.91
C ALA A 1 2.33 -4.39 15.67
N GLY A 2 3.06 -4.37 14.57
CA GLY A 2 3.85 -3.21 14.24
C GLY A 2 5.34 -3.54 14.23
N PRO A 3 6.21 -2.55 14.43
CA PRO A 3 7.66 -2.77 14.47
C PRO A 3 8.05 -3.72 15.61
N GLN A 4 8.95 -4.66 15.31
CA GLN A 4 9.37 -5.65 16.27
C GLN A 4 10.58 -5.15 17.07
N GLY A 5 10.71 -5.63 18.30
CA GLY A 5 11.83 -5.25 19.14
C GLY A 5 13.12 -5.90 18.67
N GLY A 6 13.73 -5.31 17.67
CA GLY A 6 14.94 -5.84 17.09
C GLY A 6 14.91 -5.68 15.60
N PHE A 7 13.70 -5.68 15.07
CA PHE A 7 13.47 -5.47 13.65
C PHE A 7 12.39 -4.42 13.48
N GLY A 8 12.81 -3.17 13.52
CA GLY A 8 11.89 -2.08 13.40
C GLY A 8 11.42 -1.87 11.98
N ALA A 9 10.37 -2.57 11.60
CA ALA A 9 9.79 -2.45 10.27
C ALA A 9 9.39 -1.01 9.99
N THR A 10 9.32 -0.68 8.69
CA THR A 10 9.03 0.69 8.19
C THR A 10 10.09 1.72 8.63
N GLY A 11 10.60 2.50 7.68
CA GLY A 11 11.62 3.48 8.00
C GLY A 11 11.09 4.91 7.96
N GLY A 12 11.89 5.84 8.49
CA GLY A 12 11.47 7.23 8.54
C GLY A 12 11.39 7.87 7.18
N ALA A 13 12.38 7.64 6.33
CA ALA A 13 12.39 8.22 4.98
C ALA A 13 11.22 7.72 4.16
N SER A 14 10.83 6.48 4.38
CA SER A 14 9.72 5.91 3.68
C SER A 14 8.38 6.42 4.24
N ALA A 15 8.38 6.79 5.53
CA ALA A 15 7.16 7.23 6.21
C ALA A 15 6.51 8.44 5.55
N GLY A 16 7.29 9.20 4.81
CA GLY A 16 6.73 10.35 4.13
C GLY A 16 6.18 10.01 2.75
N LEU A 17 6.90 9.18 2.03
CA LEU A 17 6.55 8.83 0.65
C LEU A 17 5.52 7.69 0.57
N ILE A 18 5.44 6.87 1.62
CA ILE A 18 4.58 5.67 1.64
C ILE A 18 3.20 5.87 1.00
N SER A 19 2.47 6.85 1.48
CA SER A 19 1.13 7.07 1.00
C SER A 19 1.12 7.94 -0.29
N ARG A 20 2.21 8.66 -0.52
CA ARG A 20 2.30 9.61 -1.63
C ARG A 20 2.67 8.96 -2.96
N VAL A 21 3.39 7.84 -2.93
CA VAL A 21 3.88 7.23 -4.17
C VAL A 21 2.76 6.57 -5.01
N ALA A 22 2.63 5.26 -4.93
CA ALA A 22 1.67 4.53 -5.74
C ALA A 22 0.25 4.62 -5.19
N ASN A 23 0.14 4.56 -3.88
CA ASN A 23 -1.15 4.53 -3.23
C ASN A 23 -1.91 5.85 -3.31
N ALA A 24 -1.21 6.96 -3.47
CA ALA A 24 -1.87 8.26 -3.62
C ALA A 24 -2.65 8.29 -4.92
N LEU A 25 -2.08 7.67 -5.95
CA LEU A 25 -2.73 7.58 -7.24
C LEU A 25 -3.83 6.53 -7.18
N ALA A 26 -3.55 5.43 -6.49
CA ALA A 26 -4.51 4.35 -6.32
C ALA A 26 -5.75 4.84 -5.59
N ASN A 27 -5.54 5.70 -4.58
CA ASN A 27 -6.62 6.34 -3.79
C ASN A 27 -7.60 5.30 -3.22
N THR A 28 -7.15 4.06 -3.20
CA THR A 28 -7.95 2.95 -2.77
C THR A 28 -8.09 2.93 -1.24
N SER A 29 -9.04 2.14 -0.74
CA SER A 29 -9.25 2.00 0.67
C SER A 29 -8.01 1.45 1.39
N THR A 30 -7.09 0.86 0.61
CA THR A 30 -5.85 0.26 1.14
C THR A 30 -5.04 1.23 2.01
N LEU A 31 -5.13 2.50 1.70
CA LEU A 31 -4.43 3.52 2.44
C LEU A 31 -5.40 4.37 3.24
N ARG A 32 -6.66 4.34 2.82
CA ARG A 32 -7.70 5.17 3.42
C ARG A 32 -8.23 4.58 4.74
N THR A 33 -8.39 3.25 4.83
CA THR A 33 -8.97 2.65 6.04
C THR A 33 -8.96 1.10 6.01
N VAL A 34 -8.96 0.54 4.83
CA VAL A 34 -8.94 -0.92 4.67
C VAL A 34 -7.51 -1.39 4.55
N LEU A 35 -7.20 -2.52 5.19
CA LEU A 35 -5.86 -3.09 5.16
C LEU A 35 -5.40 -3.32 3.72
N ARG A 36 -4.11 -3.14 3.48
CA ARG A 36 -3.56 -3.33 2.15
C ARG A 36 -3.72 -4.78 1.71
N THR A 37 -3.74 -4.98 0.41
CA THR A 37 -3.92 -6.30 -0.14
C THR A 37 -2.66 -7.13 0.08
N GLY A 38 -2.81 -8.17 0.88
CA GLY A 38 -1.70 -9.03 1.16
C GLY A 38 -0.84 -8.49 2.27
N VAL A 39 -1.50 -7.94 3.29
CA VAL A 39 -0.82 -7.38 4.44
C VAL A 39 0.11 -8.41 5.12
N SER A 40 1.15 -7.92 5.76
CA SER A 40 2.15 -8.76 6.39
C SER A 40 1.80 -9.04 7.85
N GLN A 41 2.38 -10.11 8.40
CA GLN A 41 2.12 -10.52 9.79
C GLN A 41 2.67 -9.53 10.80
N GLN A 42 3.50 -8.60 10.36
CA GLN A 42 4.08 -7.60 11.25
C GLN A 42 3.00 -6.83 12.00
N ILE A 43 2.00 -6.37 11.27
CA ILE A 43 0.91 -5.60 11.86
C ILE A 43 -0.17 -6.51 12.46
N ALA A 44 -0.32 -7.70 11.87
CA ALA A 44 -1.36 -8.63 12.29
C ALA A 44 -0.95 -9.44 13.51
N SER A 45 0.19 -10.12 13.40
CA SER A 45 0.76 -10.95 14.47
C SER A 45 0.00 -12.28 14.62
N SER A 46 -1.20 -12.33 14.09
CA SER A 46 -2.07 -13.50 14.20
C SER A 46 -1.54 -14.71 13.40
N VAL A 47 -1.93 -14.79 12.13
CA VAL A 47 -1.55 -15.93 11.29
C VAL A 47 -1.32 -15.52 9.83
N VAL A 48 -1.97 -14.45 9.41
CA VAL A 48 -1.84 -13.96 8.05
C VAL A 48 -0.43 -13.39 7.78
N GLN A 49 0.41 -14.21 7.16
CA GLN A 49 1.75 -13.79 6.80
C GLN A 49 1.73 -13.01 5.49
N ARG A 50 1.06 -13.59 4.51
CA ARG A 50 0.90 -12.97 3.19
C ARG A 50 -0.56 -13.06 2.74
N ALA A 51 -1.38 -13.72 3.55
CA ALA A 51 -2.79 -14.01 3.23
C ALA A 51 -2.87 -15.05 2.12
N ALA A 52 -2.27 -14.74 0.98
CA ALA A 52 -2.22 -15.65 -0.14
C ALA A 52 -1.39 -16.88 0.22
N GLN A 53 -1.89 -18.05 -0.19
CA GLN A 53 -1.30 -19.35 0.14
C GLN A 53 0.20 -19.46 -0.14
N SER A 54 0.71 -18.66 -1.05
CA SER A 54 2.13 -18.73 -1.42
C SER A 54 3.06 -18.69 -0.18
N LEU A 55 3.20 -17.53 0.43
CA LEU A 55 4.07 -17.38 1.61
C LEU A 55 3.31 -17.68 2.90
N ALA A 56 1.99 -17.52 2.85
CA ALA A 56 1.16 -17.68 4.04
C ALA A 56 0.95 -19.13 4.42
N SER A 57 1.20 -20.05 3.49
CA SER A 57 1.01 -21.47 3.74
C SER A 57 1.86 -21.97 4.92
N THR A 58 1.33 -21.78 6.10
CA THR A 58 1.98 -22.23 7.31
C THR A 58 1.05 -23.17 8.09
N LEU A 59 -0.23 -22.87 8.05
CA LEU A 59 -1.25 -23.69 8.70
C LEU A 59 -2.25 -24.19 7.67
N GLY A 60 -1.86 -24.15 6.41
CA GLY A 60 -2.76 -24.55 5.34
C GLY A 60 -3.72 -23.44 4.97
N VAL A 61 -3.17 -22.30 4.55
CA VAL A 61 -3.98 -21.14 4.23
C VAL A 61 -4.40 -21.16 2.78
N ASP A 62 -5.65 -21.51 2.55
CA ASP A 62 -6.21 -21.57 1.22
C ASP A 62 -7.71 -21.75 1.32
N GLY A 63 -8.42 -20.65 1.23
CA GLY A 63 -9.86 -20.69 1.27
C GLY A 63 -10.42 -20.77 2.69
N ASN A 64 -10.11 -21.88 3.36
CA ASN A 64 -10.64 -22.17 4.69
C ASN A 64 -10.27 -21.07 5.69
N ASN A 65 -9.03 -21.08 6.13
CA ASN A 65 -8.56 -20.09 7.08
C ASN A 65 -8.11 -18.83 6.36
N LEU A 66 -8.49 -18.72 5.11
CA LEU A 66 -8.23 -17.53 4.33
C LEU A 66 -9.36 -16.53 4.52
N ALA A 67 -10.59 -16.98 4.24
CA ALA A 67 -11.76 -16.15 4.40
C ALA A 67 -12.22 -16.13 5.85
N ARG A 68 -11.75 -17.11 6.59
CA ARG A 68 -12.05 -17.22 8.00
C ARG A 68 -10.76 -17.19 8.79
N PHE A 69 -10.85 -16.90 10.07
CA PHE A 69 -9.67 -16.89 10.97
C PHE A 69 -8.65 -15.77 10.65
N ALA A 70 -8.05 -15.82 9.47
CA ALA A 70 -6.99 -14.87 9.11
C ALA A 70 -7.51 -13.46 8.87
N VAL A 71 -8.37 -13.30 7.87
CA VAL A 71 -8.92 -11.98 7.56
C VAL A 71 -9.83 -11.51 8.68
N GLN A 72 -10.48 -12.47 9.33
CA GLN A 72 -11.39 -12.17 10.41
C GLN A 72 -10.64 -11.63 11.63
N ALA A 73 -9.40 -12.05 11.79
CA ALA A 73 -8.58 -11.59 12.91
C ALA A 73 -8.21 -10.13 12.74
N VAL A 74 -7.75 -9.77 11.54
CA VAL A 74 -7.33 -8.41 11.28
C VAL A 74 -8.53 -7.48 11.08
N SER A 75 -9.55 -8.00 10.41
CA SER A 75 -10.75 -7.23 10.13
C SER A 75 -11.50 -6.91 11.43
N ARG A 76 -11.26 -7.69 12.47
CA ARG A 76 -11.90 -7.50 13.76
C ARG A 76 -10.88 -7.09 14.80
N LEU A 77 -9.71 -6.67 14.36
CA LEU A 77 -8.65 -6.32 15.28
C LEU A 77 -8.87 -4.91 15.83
N PRO A 78 -9.03 -4.79 17.15
CA PRO A 78 -9.26 -3.50 17.80
C PRO A 78 -8.09 -2.55 17.62
N ALA A 79 -8.38 -1.35 17.18
CA ALA A 79 -7.35 -0.35 16.98
C ALA A 79 -7.05 0.37 18.29
N GLY A 80 -6.21 -0.25 19.10
CA GLY A 80 -5.85 0.33 20.38
C GLY A 80 -4.94 1.51 20.23
N SER A 81 -4.05 1.45 19.27
CA SER A 81 -3.14 2.55 19.02
C SER A 81 -3.76 3.57 18.05
N ASP A 82 -4.04 3.10 16.83
CA ASP A 82 -4.66 3.93 15.79
C ASP A 82 -4.75 3.12 14.51
N THR A 83 -5.63 3.53 13.61
CA THR A 83 -5.77 2.87 12.34
C THR A 83 -4.54 3.11 11.46
N SER A 84 -3.92 4.27 11.64
CA SER A 84 -2.74 4.66 10.86
C SER A 84 -1.53 3.81 11.24
N ALA A 85 -1.60 3.18 12.41
CA ALA A 85 -0.52 2.33 12.90
C ALA A 85 -0.40 1.07 12.07
N TYR A 86 -1.48 0.73 11.39
CA TYR A 86 -1.51 -0.43 10.52
C TYR A 86 -0.82 -0.12 9.20
N ALA A 87 -0.88 -1.07 8.28
CA ALA A 87 -0.24 -0.92 6.97
C ALA A 87 -1.08 -0.07 6.04
N GLN A 88 -1.74 0.93 6.60
CA GLN A 88 -2.60 1.84 5.84
C GLN A 88 -1.76 2.79 5.02
N ALA A 89 -0.95 3.58 5.70
CA ALA A 89 -0.11 4.54 5.03
C ALA A 89 1.11 3.85 4.44
N PHE A 90 1.57 2.80 5.13
CA PHE A 90 2.76 2.06 4.71
C PHE A 90 2.42 1.06 3.60
N SER A 91 1.21 1.16 3.08
CA SER A 91 0.71 0.27 2.06
C SER A 91 1.65 0.16 0.86
N SER A 92 1.97 1.29 0.25
CA SER A 92 2.79 1.30 -0.97
C SER A 92 4.19 0.73 -0.74
N ALA A 93 4.76 0.98 0.42
CA ALA A 93 6.11 0.52 0.71
C ALA A 93 6.14 -0.98 0.96
N LEU A 94 5.11 -1.48 1.61
CA LEU A 94 5.05 -2.90 1.93
C LEU A 94 4.50 -3.69 0.74
N PHE A 95 3.81 -3.02 -0.14
CA PHE A 95 3.23 -3.63 -1.31
C PHE A 95 4.26 -3.71 -2.44
N ASN A 96 5.24 -2.79 -2.39
CA ASN A 96 6.31 -2.71 -3.41
C ASN A 96 5.73 -2.76 -4.82
N ALA A 97 4.97 -1.72 -5.15
CA ALA A 97 4.31 -1.62 -6.45
C ALA A 97 5.32 -1.67 -7.62
N GLY A 98 6.55 -1.24 -7.36
CA GLY A 98 7.59 -1.26 -8.38
C GLY A 98 7.66 0.05 -9.14
N VAL A 99 6.61 0.83 -9.00
CA VAL A 99 6.54 2.14 -9.62
C VAL A 99 7.23 3.15 -8.73
N LEU A 100 7.51 2.71 -7.52
CA LEU A 100 8.13 3.53 -6.51
C LEU A 100 9.64 3.54 -6.67
N ASN A 101 10.30 4.35 -5.86
CA ASN A 101 11.73 4.47 -5.90
C ASN A 101 12.40 3.22 -5.32
N ALA A 102 13.02 2.46 -6.20
CA ALA A 102 13.70 1.24 -5.79
C ALA A 102 14.96 1.57 -4.98
N SER A 103 15.49 2.78 -5.19
CA SER A 103 16.69 3.22 -4.49
C SER A 103 16.35 3.45 -3.02
N ASN A 104 15.09 3.76 -2.78
CA ASN A 104 14.58 3.97 -1.44
C ASN A 104 14.68 2.66 -0.64
N ILE A 105 14.23 1.59 -1.27
CA ILE A 105 14.27 0.27 -0.65
C ILE A 105 15.72 -0.20 -0.54
N ASP A 106 16.51 0.12 -1.53
CA ASP A 106 17.93 -0.21 -1.50
C ASP A 106 18.63 0.50 -0.34
N THR A 107 18.24 1.75 -0.11
CA THR A 107 18.87 2.57 0.91
C THR A 107 18.46 2.16 2.33
N LEU A 108 17.19 2.28 2.65
CA LEU A 108 16.73 2.00 4.01
C LEU A 108 15.84 0.78 4.08
N GLY A 109 15.06 0.55 3.05
CA GLY A 109 14.11 -0.55 3.06
C GLY A 109 14.75 -1.89 3.42
N SER A 110 15.75 -2.27 2.66
CA SER A 110 16.43 -3.54 2.86
C SER A 110 17.25 -3.55 4.16
N ARG A 111 17.68 -2.38 4.61
CA ARG A 111 18.51 -2.28 5.81
C ARG A 111 17.68 -2.30 7.09
N VAL A 112 16.63 -1.50 7.12
CA VAL A 112 15.82 -1.35 8.34
C VAL A 112 14.77 -2.46 8.47
N LEU A 113 14.02 -2.69 7.40
CA LEU A 113 12.95 -3.69 7.44
C LEU A 113 13.53 -5.10 7.55
N SER A 114 14.61 -5.34 6.80
CA SER A 114 15.35 -6.60 6.83
C SER A 114 14.43 -7.84 6.74
N ALA A 115 14.09 -8.42 7.90
CA ALA A 115 13.29 -9.64 7.99
C ALA A 115 11.96 -9.49 7.28
N LEU A 116 11.38 -8.30 7.33
CA LEU A 116 10.12 -8.04 6.68
C LEU A 116 10.26 -8.17 5.17
N LEU A 117 11.28 -7.52 4.61
CA LEU A 117 11.48 -7.57 3.17
C LEU A 117 11.93 -8.93 2.70
N ASN A 118 12.53 -9.70 3.61
CA ASN A 118 12.94 -11.06 3.27
C ASN A 118 11.73 -11.86 2.83
N GLY A 119 10.59 -11.57 3.45
CA GLY A 119 9.36 -12.21 3.07
C GLY A 119 8.68 -11.47 1.92
N VAL A 120 8.69 -10.13 1.99
CA VAL A 120 8.05 -9.30 0.96
C VAL A 120 8.68 -9.52 -0.43
N SER A 121 9.98 -9.80 -0.45
CA SER A 121 10.70 -10.05 -1.71
C SER A 121 10.03 -11.14 -2.53
N SER A 122 9.67 -12.22 -1.86
CA SER A 122 9.03 -13.33 -2.51
C SER A 122 7.52 -13.11 -2.62
N ALA A 123 6.99 -12.27 -1.74
CA ALA A 123 5.57 -12.03 -1.68
C ALA A 123 5.11 -10.95 -2.67
N ALA A 124 5.21 -9.69 -2.26
CA ALA A 124 4.72 -8.57 -3.05
C ALA A 124 5.63 -8.25 -4.21
N GLN A 125 6.92 -8.20 -3.93
CA GLN A 125 7.90 -7.89 -4.95
C GLN A 125 8.06 -9.08 -5.90
N GLY A 126 7.65 -10.25 -5.43
CA GLY A 126 7.81 -11.47 -6.20
C GLY A 126 6.80 -11.58 -7.32
N LEU A 127 5.54 -11.83 -6.98
CA LEU A 127 4.53 -12.07 -7.99
C LEU A 127 3.32 -11.18 -7.79
N GLY A 128 3.28 -10.50 -6.67
CA GLY A 128 2.14 -9.69 -6.36
C GLY A 128 1.14 -10.45 -5.52
N ILE A 129 0.85 -9.94 -4.35
CA ILE A 129 -0.07 -10.59 -3.45
C ILE A 129 -1.53 -10.22 -3.74
N ASN A 130 -2.42 -11.16 -3.51
CA ASN A 130 -3.86 -10.94 -3.65
C ASN A 130 -4.59 -11.65 -2.52
N VAL A 131 -5.72 -11.10 -2.11
CA VAL A 131 -6.53 -11.68 -1.05
C VAL A 131 -7.94 -12.00 -1.58
N ASP A 132 -8.66 -12.87 -0.88
CA ASP A 132 -10.00 -13.28 -1.28
C ASP A 132 -10.97 -12.08 -1.38
N SER A 133 -12.02 -12.26 -2.18
CA SER A 133 -13.01 -11.21 -2.44
C SER A 133 -14.03 -11.08 -1.29
N GLY A 134 -13.66 -11.55 -0.12
CA GLY A 134 -14.52 -11.40 1.03
C GLY A 134 -14.59 -9.95 1.46
N SER A 135 -13.56 -9.49 2.14
CA SER A 135 -13.50 -8.12 2.59
C SER A 135 -12.50 -7.28 1.80
N VAL A 136 -11.42 -7.92 1.33
CA VAL A 136 -10.33 -7.17 0.71
C VAL A 136 -10.53 -6.92 -0.79
N GLN A 137 -10.56 -7.99 -1.58
CA GLN A 137 -10.63 -7.84 -3.04
C GLN A 137 -11.96 -7.26 -3.49
N SER A 138 -12.98 -7.41 -2.67
CA SER A 138 -14.29 -6.90 -2.97
C SER A 138 -14.31 -5.37 -2.95
N ASP A 139 -13.69 -4.81 -1.93
CA ASP A 139 -13.67 -3.37 -1.74
C ASP A 139 -12.68 -2.70 -2.70
N ILE A 140 -11.46 -3.22 -2.72
CA ILE A 140 -10.39 -2.61 -3.52
C ILE A 140 -10.73 -2.55 -5.02
N SER A 141 -11.35 -3.61 -5.55
CA SER A 141 -11.69 -3.66 -6.97
C SER A 141 -12.58 -2.46 -7.39
N SER A 142 -13.47 -2.06 -6.51
CA SER A 142 -14.35 -0.94 -6.77
C SER A 142 -13.65 0.38 -6.42
N SER A 143 -13.01 0.40 -5.26
CA SER A 143 -12.34 1.60 -4.76
C SER A 143 -11.25 2.09 -5.73
N SER A 144 -10.43 1.16 -6.22
CA SER A 144 -9.33 1.49 -7.14
C SER A 144 -9.84 2.02 -8.48
N SER A 145 -11.09 1.74 -8.79
CA SER A 145 -11.66 2.17 -10.04
C SER A 145 -12.22 3.60 -9.95
N PHE A 146 -13.02 3.87 -8.94
CA PHE A 146 -13.70 5.16 -8.84
C PHE A 146 -12.91 6.25 -8.10
N LEU A 147 -12.58 5.99 -6.84
CA LEU A 147 -11.96 7.01 -5.96
C LEU A 147 -10.69 7.62 -6.52
N SER A 148 -9.97 6.85 -7.31
CA SER A 148 -8.70 7.29 -7.89
C SER A 148 -8.81 8.61 -8.65
N THR A 149 -9.92 8.81 -9.34
CA THR A 149 -10.07 10.00 -10.16
C THR A 149 -11.41 10.72 -9.88
N SER A 150 -12.06 10.37 -8.77
CA SER A 150 -13.32 11.01 -8.40
C SER A 150 -13.07 12.35 -7.73
N SER A 151 -13.94 13.34 -8.02
CA SER A 151 -13.82 14.70 -7.50
C SER A 151 -12.60 15.39 -8.12
N SER A 152 -11.43 14.95 -7.72
CA SER A 152 -10.20 15.44 -8.26
C SER A 152 -9.64 14.39 -9.20
N SER A 153 -9.78 14.64 -10.47
CA SER A 153 -9.32 13.72 -11.47
C SER A 153 -7.80 13.64 -11.47
N ALA A 154 -7.27 12.63 -12.13
CA ALA A 154 -5.84 12.46 -12.23
C ALA A 154 -5.30 13.37 -13.32
N SER A 155 -6.12 13.60 -14.35
CA SER A 155 -5.75 14.47 -15.46
C SER A 155 -5.26 15.82 -14.94
N TYR A 156 -4.14 16.29 -15.47
CA TYR A 156 -3.50 17.52 -14.98
C TYR A 156 -4.43 18.73 -14.97
N SER A 157 -5.25 18.85 -15.99
CA SER A 157 -6.17 19.98 -16.10
C SER A 157 -7.35 19.83 -15.13
N GLN A 158 -7.44 18.69 -14.48
CA GLN A 158 -8.52 18.41 -13.55
C GLN A 158 -7.94 17.98 -12.19
N ALA A 159 -6.65 18.20 -12.03
CA ALA A 159 -5.96 17.82 -10.81
C ALA A 159 -6.07 18.91 -9.77
N SER A 160 -5.68 18.58 -8.53
CA SER A 160 -5.73 19.52 -7.39
C SER A 160 -7.11 20.17 -7.24
N ALA A 161 -8.15 19.45 -7.63
CA ALA A 161 -9.51 19.96 -7.55
C ALA A 161 -10.00 20.02 -6.12
N SER A 162 -9.42 19.19 -5.29
CA SER A 162 -9.74 19.14 -3.88
C SER A 162 -8.55 19.63 -3.08
N SER A 163 -8.82 20.36 -2.00
CA SER A 163 -7.77 20.91 -1.13
C SER A 163 -6.65 21.61 -1.93
N THR A 164 -7.07 22.45 -2.89
CA THR A 164 -6.15 23.17 -3.76
C THR A 164 -5.15 24.00 -2.94
N SER A 165 -3.88 23.58 -2.97
CA SER A 165 -2.78 24.23 -2.23
C SER A 165 -3.08 24.33 -0.72
N GLY A 166 -4.01 23.54 -0.26
CA GLY A 166 -4.37 23.54 1.13
C GLY A 166 -4.33 22.15 1.71
N ALA A 167 -3.91 21.21 0.89
CA ALA A 167 -3.82 19.82 1.30
C ALA A 167 -2.58 19.59 2.13
N GLY A 168 -1.42 19.93 1.57
CA GLY A 168 -0.17 19.75 2.28
C GLY A 168 0.33 18.33 2.22
N TYR A 169 -0.59 17.38 2.27
CA TYR A 169 -0.25 15.97 2.23
C TYR A 169 -0.21 15.46 0.80
N THR A 170 -1.27 15.77 0.06
CA THR A 170 -1.40 15.34 -1.34
C THR A 170 -1.47 13.81 -1.44
N GLY A 171 -2.68 13.28 -1.49
CA GLY A 171 -2.86 11.84 -1.56
C GLY A 171 -3.63 11.33 -0.35
N PRO A 172 -2.92 10.97 0.75
CA PRO A 172 -3.55 10.48 1.99
C PRO A 172 -4.59 11.46 2.52
N SER A 173 -4.33 12.73 2.28
CA SER A 173 -5.23 13.79 2.66
C SER A 173 -5.06 14.94 1.68
N GLY A 174 -5.51 14.74 0.46
CA GLY A 174 -5.40 15.75 -0.55
C GLY A 174 -6.07 15.35 -1.84
N PRO A 175 -5.67 15.95 -2.96
CA PRO A 175 -6.24 15.66 -4.27
C PRO A 175 -5.39 14.71 -5.10
N SER A 176 -5.84 14.45 -6.30
CA SER A 176 -5.09 13.66 -7.23
C SER A 176 -4.27 14.60 -8.10
N THR A 177 -3.34 14.05 -8.85
CA THR A 177 -2.43 14.86 -9.64
C THR A 177 -1.50 13.97 -10.46
N GLY A 178 -1.81 12.69 -10.51
CA GLY A 178 -1.03 11.77 -11.27
C GLY A 178 -1.84 11.19 -12.40
N PRO A 179 -1.91 11.90 -13.55
CA PRO A 179 -2.76 11.50 -14.67
C PRO A 179 -2.47 10.09 -15.16
N SER A 180 -3.48 9.25 -15.13
CA SER A 180 -3.33 7.87 -15.55
C SER A 180 -3.60 7.73 -17.05
N GLY A 181 -2.54 7.56 -17.82
CA GLY A 181 -2.68 7.38 -19.24
C GLY A 181 -1.77 8.29 -20.04
N TYR A 182 -1.66 8.01 -21.34
CA TYR A 182 -0.83 8.80 -22.28
C TYR A 182 0.67 8.61 -22.02
N PRO A 183 1.52 8.82 -23.06
CA PRO A 183 2.98 8.74 -22.92
C PRO A 183 3.50 9.73 -21.88
N GLY A 184 4.26 9.23 -20.91
CA GLY A 184 4.75 10.07 -19.84
C GLY A 184 3.60 10.55 -18.96
N PRO A 185 2.91 9.63 -18.25
CA PRO A 185 1.75 9.96 -17.43
C PRO A 185 2.11 10.85 -16.24
N LEU A 186 3.07 10.42 -15.48
CA LEU A 186 3.48 11.14 -14.29
C LEU A 186 4.44 12.27 -14.64
N GLY A 187 3.94 13.49 -14.55
CA GLY A 187 4.74 14.64 -14.87
C GLY A 187 4.94 15.55 -13.67
N GLY A 188 5.08 16.85 -13.93
CA GLY A 188 5.30 17.81 -12.88
C GLY A 188 4.13 17.94 -11.94
N GLY A 189 4.38 17.68 -10.67
CA GLY A 189 3.34 17.75 -9.67
C GLY A 189 3.31 16.51 -8.81
N ALA A 190 3.62 15.38 -9.42
CA ALA A 190 3.66 14.11 -8.71
C ALA A 190 4.86 14.06 -7.78
N PRO A 191 4.75 13.35 -6.64
CA PRO A 191 5.85 13.22 -5.70
C PRO A 191 7.00 12.43 -6.30
N PHE A 192 8.18 13.03 -6.32
CA PHE A 192 9.34 12.37 -6.91
C PHE A 192 9.92 11.33 -5.96
N GLY A 193 9.12 10.34 -5.68
CA GLY A 193 9.56 9.22 -4.87
C GLY A 193 9.39 7.95 -5.64
N GLN A 194 9.52 8.09 -6.95
CA GLN A 194 9.33 7.00 -7.87
C GLN A 194 10.61 6.79 -8.67
N SER A 195 10.75 5.62 -9.27
CA SER A 195 11.92 5.31 -10.07
C SER A 195 11.73 5.72 -11.53
N GLY A 196 10.67 6.49 -11.80
CA GLY A 196 10.46 6.99 -13.13
C GLY A 196 9.14 6.56 -13.74
N PHE A 197 8.83 5.27 -13.62
CA PHE A 197 7.62 4.70 -14.24
C PHE A 197 7.67 4.93 -15.75
N GLY A 198 8.79 4.53 -16.33
CA GLY A 198 9.01 4.75 -17.73
C GLY A 198 10.09 5.78 -17.93
N GLY A 199 9.69 7.00 -18.27
CA GLY A 199 10.64 8.06 -18.46
C GLY A 199 11.51 7.85 -19.68
N ALA A 1 3.23 -6.82 18.35
CA ALA A 1 3.20 -6.75 16.88
C ALA A 1 3.87 -5.47 16.41
N GLY A 2 3.85 -5.24 15.11
CA GLY A 2 4.47 -4.05 14.55
C GLY A 2 5.97 -4.21 14.44
N PRO A 3 6.73 -3.11 14.52
CA PRO A 3 8.19 -3.17 14.48
C PRO A 3 8.76 -3.87 15.70
N GLN A 4 9.78 -4.69 15.50
CA GLN A 4 10.37 -5.42 16.59
C GLN A 4 11.69 -4.77 17.01
N GLY A 5 12.28 -5.28 18.07
CA GLY A 5 13.53 -4.72 18.55
C GLY A 5 14.67 -4.94 17.59
N GLY A 6 15.03 -6.20 17.38
CA GLY A 6 16.12 -6.50 16.49
C GLY A 6 15.68 -6.56 15.04
N PHE A 7 14.42 -6.86 14.82
CA PHE A 7 13.88 -6.95 13.48
C PHE A 7 13.06 -5.72 13.16
N GLY A 8 13.59 -4.88 12.29
CA GLY A 8 12.91 -3.66 11.93
C GLY A 8 11.74 -3.92 11.01
N ALA A 9 10.80 -3.01 11.02
CA ALA A 9 9.63 -3.12 10.16
C ALA A 9 8.87 -1.80 10.15
N THR A 10 8.33 -1.44 8.98
CA THR A 10 7.57 -0.19 8.78
C THR A 10 8.25 1.05 9.39
N GLY A 11 9.07 1.72 8.59
CA GLY A 11 9.74 2.91 9.08
C GLY A 11 10.79 3.43 8.12
N GLY A 12 11.43 4.51 8.49
CA GLY A 12 12.46 5.09 7.66
C GLY A 12 11.98 6.35 6.97
N ALA A 13 12.73 6.81 5.97
CA ALA A 13 12.37 7.99 5.20
C ALA A 13 11.25 7.68 4.22
N SER A 14 10.84 6.42 4.21
CA SER A 14 9.78 5.96 3.37
C SER A 14 8.44 6.41 3.93
N ALA A 15 8.39 6.63 5.24
CA ALA A 15 7.18 7.00 5.96
C ALA A 15 6.52 8.27 5.39
N GLY A 16 7.31 9.10 4.74
CA GLY A 16 6.78 10.30 4.14
C GLY A 16 6.28 10.08 2.73
N LEU A 17 7.00 9.27 1.97
CA LEU A 17 6.68 9.04 0.58
C LEU A 17 5.61 7.96 0.38
N ILE A 18 5.48 7.05 1.35
CA ILE A 18 4.54 5.90 1.25
C ILE A 18 3.14 6.30 0.77
N SER A 19 2.62 7.39 1.27
CA SER A 19 1.30 7.83 0.89
C SER A 19 1.30 8.61 -0.43
N ARG A 20 2.46 9.12 -0.81
CA ARG A 20 2.60 9.93 -2.03
C ARG A 20 2.83 9.12 -3.29
N VAL A 21 3.36 7.90 -3.16
CA VAL A 21 3.68 7.09 -4.35
C VAL A 21 2.42 6.55 -5.06
N ALA A 22 2.54 5.36 -5.66
CA ALA A 22 1.47 4.74 -6.45
C ALA A 22 0.14 4.68 -5.71
N ASN A 23 0.20 4.52 -4.39
CA ASN A 23 -1.01 4.43 -3.59
C ASN A 23 -1.80 5.75 -3.59
N ALA A 24 -1.12 6.86 -3.84
CA ALA A 24 -1.79 8.16 -3.91
C ALA A 24 -2.65 8.24 -5.14
N LEU A 25 -2.10 7.76 -6.26
CA LEU A 25 -2.81 7.78 -7.53
C LEU A 25 -3.77 6.59 -7.61
N ALA A 26 -3.57 5.62 -6.73
CA ALA A 26 -4.48 4.49 -6.64
C ALA A 26 -5.64 4.86 -5.75
N ASN A 27 -5.34 5.64 -4.69
CA ASN A 27 -6.33 6.19 -3.74
C ASN A 27 -7.24 5.11 -3.17
N THR A 28 -6.81 3.88 -3.30
CA THR A 28 -7.56 2.72 -2.88
C THR A 28 -7.72 2.69 -1.35
N SER A 29 -8.64 1.89 -0.87
CA SER A 29 -8.88 1.76 0.54
C SER A 29 -7.67 1.18 1.29
N THR A 30 -6.75 0.58 0.52
CA THR A 30 -5.52 -0.03 1.06
C THR A 30 -4.74 0.92 1.97
N LEU A 31 -4.67 2.17 1.58
CA LEU A 31 -3.97 3.17 2.37
C LEU A 31 -4.96 4.00 3.17
N ARG A 32 -6.22 3.96 2.76
CA ARG A 32 -7.26 4.75 3.39
C ARG A 32 -7.67 4.19 4.76
N THR A 33 -8.15 2.95 4.79
CA THR A 33 -8.62 2.35 6.05
C THR A 33 -8.73 0.81 5.97
N VAL A 34 -8.97 0.30 4.78
CA VAL A 34 -9.03 -1.15 4.59
C VAL A 34 -7.63 -1.69 4.50
N LEU A 35 -7.38 -2.81 5.18
CA LEU A 35 -6.06 -3.43 5.18
C LEU A 35 -5.54 -3.60 3.76
N ARG A 36 -4.25 -3.32 3.58
CA ARG A 36 -3.66 -3.42 2.26
C ARG A 36 -3.68 -4.85 1.76
N THR A 37 -3.70 -5.01 0.45
CA THR A 37 -3.77 -6.30 -0.15
C THR A 37 -2.47 -7.07 0.10
N GLY A 38 -2.56 -8.12 0.90
CA GLY A 38 -1.41 -8.92 1.19
C GLY A 38 -0.62 -8.37 2.34
N VAL A 39 -1.33 -7.85 3.35
CA VAL A 39 -0.70 -7.30 4.53
C VAL A 39 0.20 -8.35 5.22
N SER A 40 1.26 -7.88 5.85
CA SER A 40 2.25 -8.75 6.47
C SER A 40 1.87 -9.11 7.92
N GLN A 41 2.43 -10.23 8.40
CA GLN A 41 2.17 -10.72 9.75
C GLN A 41 2.67 -9.76 10.82
N GLN A 42 3.58 -8.87 10.44
CA GLN A 42 4.16 -7.92 11.39
C GLN A 42 3.08 -7.19 12.17
N ILE A 43 2.08 -6.70 11.47
CA ILE A 43 1.00 -5.95 12.09
C ILE A 43 -0.08 -6.85 12.69
N ALA A 44 -0.31 -7.99 12.06
CA ALA A 44 -1.38 -8.89 12.47
C ALA A 44 -0.97 -9.82 13.61
N SER A 45 0.19 -10.47 13.45
CA SER A 45 0.78 -11.42 14.43
C SER A 45 -0.02 -12.71 14.59
N SER A 46 -1.27 -12.67 14.17
CA SER A 46 -2.19 -13.78 14.30
C SER A 46 -1.82 -14.99 13.42
N VAL A 47 -2.09 -14.87 12.13
CA VAL A 47 -1.87 -15.99 11.20
C VAL A 47 -1.60 -15.51 9.77
N VAL A 48 -2.22 -14.41 9.40
CA VAL A 48 -2.06 -13.87 8.05
C VAL A 48 -0.65 -13.30 7.82
N GLN A 49 0.20 -14.12 7.20
CA GLN A 49 1.55 -13.72 6.85
C GLN A 49 1.56 -12.93 5.56
N ARG A 50 0.94 -13.51 4.56
CA ARG A 50 0.82 -12.90 3.26
C ARG A 50 -0.64 -12.94 2.79
N ALA A 51 -1.48 -13.62 3.58
CA ALA A 51 -2.88 -13.91 3.23
C ALA A 51 -2.93 -14.94 2.11
N ALA A 52 -2.24 -14.65 1.01
CA ALA A 52 -2.14 -15.57 -0.09
C ALA A 52 -1.33 -16.79 0.33
N GLN A 53 -1.81 -17.96 -0.05
CA GLN A 53 -1.26 -19.25 0.35
C GLN A 53 0.24 -19.40 0.15
N SER A 54 0.82 -18.74 -0.85
CA SER A 54 2.25 -18.88 -1.13
C SER A 54 3.11 -18.77 0.14
N LEU A 55 3.18 -17.59 0.73
CA LEU A 55 3.96 -17.38 1.94
C LEU A 55 3.13 -17.65 3.20
N ALA A 56 1.82 -17.54 3.08
CA ALA A 56 0.93 -17.68 4.24
C ALA A 56 0.67 -19.13 4.63
N SER A 57 0.93 -20.06 3.71
CA SER A 57 0.69 -21.49 3.95
C SER A 57 1.27 -21.94 5.30
N THR A 58 0.42 -22.02 6.31
CA THR A 58 0.82 -22.42 7.64
C THR A 58 -0.27 -23.28 8.29
N LEU A 59 -1.53 -22.94 8.04
CA LEU A 59 -2.65 -23.67 8.60
C LEU A 59 -3.57 -24.21 7.50
N GLY A 60 -3.04 -24.29 6.30
CA GLY A 60 -3.85 -24.74 5.18
C GLY A 60 -4.62 -23.60 4.56
N VAL A 61 -3.90 -22.69 3.94
CA VAL A 61 -4.50 -21.49 3.40
C VAL A 61 -5.00 -21.73 1.98
N ASP A 62 -6.32 -21.75 1.83
CA ASP A 62 -6.94 -21.93 0.52
C ASP A 62 -8.36 -21.41 0.54
N GLY A 63 -8.62 -20.55 1.48
CA GLY A 63 -9.94 -20.01 1.66
C GLY A 63 -10.48 -20.26 3.04
N ASN A 64 -10.17 -21.43 3.60
CA ASN A 64 -10.66 -21.81 4.92
C ASN A 64 -10.16 -20.83 5.99
N ASN A 65 -8.88 -20.91 6.35
CA ASN A 65 -8.33 -19.98 7.33
C ASN A 65 -7.87 -18.70 6.65
N LEU A 66 -8.23 -18.57 5.39
CA LEU A 66 -7.95 -17.37 4.61
C LEU A 66 -9.08 -16.35 4.80
N ALA A 67 -10.31 -16.76 4.48
CA ALA A 67 -11.47 -15.88 4.65
C ALA A 67 -11.89 -15.85 6.11
N ARG A 68 -11.75 -16.99 6.76
CA ARG A 68 -12.08 -17.11 8.16
C ARG A 68 -10.79 -17.15 8.95
N PHE A 69 -10.88 -16.91 10.26
CA PHE A 69 -9.70 -16.89 11.14
C PHE A 69 -8.79 -15.68 10.86
N ALA A 70 -8.24 -15.59 9.65
CA ALA A 70 -7.35 -14.49 9.28
C ALA A 70 -8.09 -13.15 9.38
N VAL A 71 -9.14 -13.00 8.58
CA VAL A 71 -9.95 -11.78 8.60
C VAL A 71 -10.59 -11.60 9.95
N GLN A 72 -11.05 -12.70 10.53
CA GLN A 72 -11.70 -12.66 11.84
C GLN A 72 -10.76 -12.12 12.92
N ALA A 73 -9.53 -12.58 12.92
CA ALA A 73 -8.55 -12.16 13.90
C ALA A 73 -8.17 -10.69 13.72
N VAL A 74 -7.90 -10.31 12.48
CA VAL A 74 -7.50 -8.93 12.18
C VAL A 74 -8.66 -7.95 12.40
N SER A 75 -9.85 -8.37 12.05
CA SER A 75 -11.03 -7.52 12.20
C SER A 75 -11.44 -7.45 13.69
N ARG A 76 -11.02 -8.44 14.47
CA ARG A 76 -11.33 -8.48 15.90
C ARG A 76 -10.20 -7.82 16.69
N LEU A 77 -9.13 -7.50 16.00
CA LEU A 77 -7.98 -6.87 16.63
C LEU A 77 -8.38 -5.48 17.13
N PRO A 78 -7.85 -5.06 18.30
CA PRO A 78 -8.19 -3.79 18.94
C PRO A 78 -8.11 -2.60 17.97
N ALA A 79 -9.18 -1.82 17.93
CA ALA A 79 -9.26 -0.67 17.04
C ALA A 79 -8.92 0.61 17.78
N GLY A 80 -8.25 0.45 18.89
CA GLY A 80 -7.83 1.61 19.67
C GLY A 80 -6.76 2.38 18.94
N SER A 81 -5.86 1.65 18.34
CA SER A 81 -4.78 2.23 17.57
C SER A 81 -5.22 2.46 16.11
N ASP A 82 -6.42 1.96 15.79
CA ASP A 82 -7.01 2.04 14.44
C ASP A 82 -6.32 1.10 13.46
N THR A 83 -6.92 0.94 12.29
CA THR A 83 -6.34 0.11 11.26
C THR A 83 -5.16 0.83 10.63
N SER A 84 -5.13 2.14 10.82
CA SER A 84 -4.04 2.99 10.34
C SER A 84 -2.73 2.60 11.04
N ALA A 85 -2.84 1.88 12.16
CA ALA A 85 -1.69 1.39 12.90
C ALA A 85 -1.01 0.26 12.13
N TYR A 86 -1.76 -0.37 11.24
CA TYR A 86 -1.23 -1.43 10.41
C TYR A 86 -0.41 -0.83 9.28
N ALA A 87 -0.16 -1.64 8.26
CA ALA A 87 0.57 -1.22 7.08
C ALA A 87 -0.33 -0.39 6.16
N GLN A 88 -1.13 0.47 6.77
CA GLN A 88 -2.10 1.27 6.05
C GLN A 88 -1.41 2.23 5.10
N ALA A 89 -0.62 3.13 5.66
CA ALA A 89 0.09 4.12 4.86
C ALA A 89 1.32 3.52 4.22
N PHE A 90 1.87 2.50 4.88
CA PHE A 90 3.09 1.84 4.41
C PHE A 90 2.82 0.89 3.24
N SER A 91 1.60 0.97 2.71
CA SER A 91 1.18 0.12 1.61
C SER A 91 2.17 0.16 0.44
N SER A 92 2.53 1.36 -0.01
CA SER A 92 3.44 1.52 -1.15
C SER A 92 4.80 0.88 -0.93
N ALA A 93 5.29 0.90 0.29
CA ALA A 93 6.61 0.37 0.58
C ALA A 93 6.60 -1.15 0.75
N LEU A 94 5.51 -1.67 1.26
CA LEU A 94 5.40 -3.11 1.47
C LEU A 94 4.90 -3.83 0.23
N PHE A 95 3.99 -3.19 -0.49
CA PHE A 95 3.39 -3.79 -1.69
C PHE A 95 4.34 -3.71 -2.88
N ASN A 96 5.16 -2.65 -2.89
CA ASN A 96 6.14 -2.40 -3.96
C ASN A 96 5.49 -2.45 -5.35
N ALA A 97 4.89 -1.34 -5.74
CA ALA A 97 4.23 -1.26 -7.04
C ALA A 97 5.23 -1.21 -8.20
N GLY A 98 6.50 -1.02 -7.87
CA GLY A 98 7.54 -0.95 -8.88
C GLY A 98 7.73 0.46 -9.41
N VAL A 99 6.78 1.32 -9.11
CA VAL A 99 6.79 2.70 -9.57
C VAL A 99 7.33 3.61 -8.46
N LEU A 100 7.63 3.01 -7.32
CA LEU A 100 8.09 3.75 -6.17
C LEU A 100 9.58 4.00 -6.23
N ASN A 101 10.07 4.78 -5.29
CA ASN A 101 11.47 5.13 -5.24
C ASN A 101 12.29 3.89 -4.90
N ALA A 102 12.95 3.33 -5.92
CA ALA A 102 13.71 2.10 -5.77
C ALA A 102 14.89 2.28 -4.83
N SER A 103 15.39 3.49 -4.75
CA SER A 103 16.53 3.76 -3.91
C SER A 103 16.13 3.80 -2.44
N ASN A 104 14.83 3.91 -2.21
CA ASN A 104 14.27 3.91 -0.87
C ASN A 104 14.45 2.52 -0.26
N ILE A 105 14.08 1.52 -1.03
CA ILE A 105 14.18 0.14 -0.59
C ILE A 105 15.64 -0.32 -0.52
N ASP A 106 16.41 0.07 -1.52
CA ASP A 106 17.83 -0.31 -1.60
C ASP A 106 18.67 0.35 -0.49
N THR A 107 18.25 1.54 -0.06
CA THR A 107 19.02 2.29 0.92
C THR A 107 18.60 2.01 2.36
N LEU A 108 17.32 2.13 2.64
CA LEU A 108 16.84 1.99 4.01
C LEU A 108 15.90 0.81 4.19
N GLY A 109 15.19 0.45 3.13
CA GLY A 109 14.22 -0.63 3.21
C GLY A 109 14.82 -1.93 3.70
N SER A 110 15.73 -2.47 2.93
CA SER A 110 16.35 -3.74 3.26
C SER A 110 17.43 -3.56 4.36
N ARG A 111 17.79 -2.31 4.64
CA ARG A 111 18.81 -2.03 5.66
C ARG A 111 18.20 -1.92 7.05
N VAL A 112 17.22 -1.06 7.21
CA VAL A 112 16.60 -0.82 8.50
C VAL A 112 15.53 -1.87 8.81
N LEU A 113 14.59 -2.01 7.90
CA LEU A 113 13.50 -2.97 8.08
C LEU A 113 14.03 -4.39 7.88
N SER A 114 14.60 -4.63 6.70
CA SER A 114 15.25 -5.91 6.40
C SER A 114 14.25 -7.09 6.31
N ALA A 115 13.97 -7.70 7.46
CA ALA A 115 13.16 -8.92 7.56
C ALA A 115 11.80 -8.80 6.88
N LEU A 116 11.21 -7.64 6.96
CA LEU A 116 9.91 -7.41 6.37
C LEU A 116 9.98 -7.52 4.86
N LEU A 117 10.92 -6.81 4.26
CA LEU A 117 11.08 -6.81 2.83
C LEU A 117 11.57 -8.14 2.29
N ASN A 118 12.21 -8.93 3.15
CA ASN A 118 12.65 -10.27 2.74
C ASN A 118 11.44 -11.10 2.38
N GLY A 119 10.34 -10.80 3.05
CA GLY A 119 9.10 -11.47 2.78
C GLY A 119 8.35 -10.83 1.64
N VAL A 120 8.32 -9.49 1.61
CA VAL A 120 7.56 -8.77 0.57
C VAL A 120 8.21 -8.95 -0.81
N SER A 121 9.52 -9.06 -0.85
CA SER A 121 10.24 -9.24 -2.10
C SER A 121 9.83 -10.53 -2.79
N SER A 122 9.53 -11.55 -2.00
CA SER A 122 9.07 -12.81 -2.51
C SER A 122 7.55 -12.77 -2.73
N ALA A 123 6.86 -12.14 -1.81
CA ALA A 123 5.40 -12.08 -1.84
C ALA A 123 4.86 -10.96 -2.74
N ALA A 124 4.87 -9.75 -2.23
CA ALA A 124 4.29 -8.59 -2.92
C ALA A 124 5.03 -8.25 -4.20
N GLN A 125 6.30 -7.93 -4.07
CA GLN A 125 7.12 -7.54 -5.20
C GLN A 125 7.35 -8.75 -6.10
N GLY A 126 7.41 -9.91 -5.50
CA GLY A 126 7.71 -11.12 -6.23
C GLY A 126 6.57 -11.63 -7.09
N LEU A 127 5.48 -12.05 -6.45
CA LEU A 127 4.42 -12.71 -7.19
C LEU A 127 3.12 -11.91 -7.20
N GLY A 128 3.10 -10.81 -6.47
CA GLY A 128 1.89 -10.01 -6.39
C GLY A 128 0.83 -10.70 -5.55
N ILE A 129 0.63 -10.20 -4.35
CA ILE A 129 -0.31 -10.82 -3.43
C ILE A 129 -1.76 -10.48 -3.74
N ASN A 130 -2.61 -11.50 -3.71
CA ASN A 130 -4.04 -11.33 -3.90
C ASN A 130 -4.80 -11.98 -2.75
N VAL A 131 -5.50 -11.18 -1.98
CA VAL A 131 -6.28 -11.68 -0.86
C VAL A 131 -7.65 -12.20 -1.35
N ASP A 132 -8.34 -12.93 -0.49
CA ASP A 132 -9.64 -13.51 -0.82
C ASP A 132 -10.65 -12.42 -1.19
N SER A 133 -11.69 -12.81 -1.92
CA SER A 133 -12.71 -11.89 -2.39
C SER A 133 -13.73 -11.54 -1.31
N GLY A 134 -13.39 -11.81 -0.05
CA GLY A 134 -14.26 -11.47 1.04
C GLY A 134 -14.46 -9.96 1.14
N SER A 135 -13.60 -9.30 1.87
CA SER A 135 -13.70 -7.86 2.03
C SER A 135 -12.62 -7.09 1.23
N VAL A 136 -11.46 -7.71 1.05
CA VAL A 136 -10.32 -7.04 0.42
C VAL A 136 -10.49 -6.84 -1.09
N GLN A 137 -10.56 -7.95 -1.84
CA GLN A 137 -10.58 -7.88 -3.30
C GLN A 137 -11.78 -7.08 -3.81
N SER A 138 -12.94 -7.29 -3.20
CA SER A 138 -14.16 -6.62 -3.62
C SER A 138 -14.02 -5.10 -3.58
N ASP A 139 -13.46 -4.59 -2.49
CA ASP A 139 -13.32 -3.14 -2.35
C ASP A 139 -12.22 -2.60 -3.22
N ILE A 140 -11.03 -3.18 -3.12
CA ILE A 140 -9.86 -2.69 -3.86
C ILE A 140 -10.11 -2.64 -5.37
N SER A 141 -10.82 -3.63 -5.89
CA SER A 141 -11.13 -3.69 -7.32
C SER A 141 -11.99 -2.51 -7.74
N SER A 142 -12.89 -2.08 -6.86
CA SER A 142 -13.79 -0.98 -7.14
C SER A 142 -13.13 0.37 -6.85
N SER A 143 -12.36 0.41 -5.78
CA SER A 143 -11.70 1.62 -5.35
C SER A 143 -10.54 2.02 -6.28
N SER A 144 -9.77 1.04 -6.70
CA SER A 144 -8.61 1.31 -7.55
C SER A 144 -9.02 1.70 -8.97
N SER A 145 -10.21 1.32 -9.37
CA SER A 145 -10.68 1.63 -10.70
C SER A 145 -11.36 3.02 -10.76
N PHE A 146 -12.32 3.25 -9.89
CA PHE A 146 -13.08 4.50 -9.91
C PHE A 146 -12.44 5.60 -9.05
N LEU A 147 -12.22 5.30 -7.78
CA LEU A 147 -11.72 6.28 -6.81
C LEU A 147 -10.21 6.52 -6.91
N SER A 148 -9.55 5.94 -7.90
CA SER A 148 -8.11 6.08 -8.04
C SER A 148 -7.70 7.53 -8.27
N THR A 149 -8.09 8.06 -9.39
CA THR A 149 -7.82 9.44 -9.71
C THR A 149 -8.99 10.01 -10.48
N SER A 150 -10.13 10.04 -9.83
CA SER A 150 -11.33 10.55 -10.43
C SER A 150 -11.12 11.99 -10.89
N SER A 151 -11.51 12.28 -12.12
CA SER A 151 -11.39 13.61 -12.66
C SER A 151 -12.18 14.59 -11.80
N SER A 152 -11.55 15.73 -11.47
CA SER A 152 -12.15 16.74 -10.61
C SER A 152 -12.20 16.25 -9.17
N SER A 153 -11.27 15.32 -8.85
CA SER A 153 -11.12 14.76 -7.51
C SER A 153 -12.29 13.84 -7.09
N ALA A 154 -12.15 13.28 -5.91
CA ALA A 154 -13.15 12.41 -5.32
C ALA A 154 -13.02 12.49 -3.80
N SER A 155 -12.28 13.48 -3.34
CA SER A 155 -12.03 13.66 -1.92
C SER A 155 -12.60 15.00 -1.46
N TYR A 156 -13.25 14.98 -0.30
CA TYR A 156 -13.85 16.18 0.30
C TYR A 156 -14.77 16.89 -0.70
N SER A 157 -15.75 16.15 -1.20
CA SER A 157 -16.73 16.67 -2.16
C SER A 157 -16.06 17.14 -3.45
N GLN A 158 -14.85 16.64 -3.71
CA GLN A 158 -14.10 16.93 -4.94
C GLN A 158 -13.61 18.38 -4.95
N ALA A 159 -13.58 19.01 -3.78
CA ALA A 159 -13.14 20.38 -3.68
C ALA A 159 -11.64 20.48 -3.90
N SER A 160 -10.89 19.57 -3.30
CA SER A 160 -9.46 19.55 -3.43
C SER A 160 -9.06 18.81 -4.72
N ALA A 161 -8.94 19.57 -5.80
CA ALA A 161 -8.60 19.00 -7.10
C ALA A 161 -7.50 19.79 -7.78
N SER A 162 -7.68 21.10 -7.83
CA SER A 162 -6.72 21.98 -8.48
C SER A 162 -5.75 22.56 -7.45
N SER A 163 -4.48 22.25 -7.60
CA SER A 163 -3.46 22.73 -6.67
C SER A 163 -2.88 24.07 -7.15
N THR A 164 -3.43 24.59 -8.23
CA THR A 164 -2.99 25.85 -8.81
C THR A 164 -3.09 27.01 -7.81
N SER A 165 -4.08 26.94 -6.92
CA SER A 165 -4.30 27.97 -5.91
C SER A 165 -3.21 27.91 -4.82
N GLY A 166 -2.35 26.91 -4.89
CA GLY A 166 -1.33 26.75 -3.89
C GLY A 166 -1.75 25.81 -2.80
N ALA A 167 -1.70 24.52 -3.08
CA ALA A 167 -2.10 23.50 -2.13
C ALA A 167 -0.94 23.15 -1.22
N GLY A 168 0.18 22.74 -1.81
CA GLY A 168 1.35 22.39 -1.05
C GLY A 168 1.23 21.06 -0.33
N TYR A 169 0.20 20.28 -0.68
CA TYR A 169 -0.02 18.99 -0.04
C TYR A 169 0.57 17.87 -0.88
N THR A 170 -0.10 17.59 -2.02
CA THR A 170 0.27 16.51 -2.96
C THR A 170 0.41 15.15 -2.26
N GLY A 171 -0.61 14.32 -2.39
CA GLY A 171 -0.60 13.03 -1.75
C GLY A 171 -1.50 13.00 -0.53
N PRO A 172 -0.92 12.97 0.69
CA PRO A 172 -1.70 12.98 1.93
C PRO A 172 -2.56 14.21 2.03
N SER A 173 -3.89 13.99 2.05
CA SER A 173 -4.88 15.07 2.09
C SER A 173 -4.65 16.10 0.99
N GLY A 174 -4.12 15.64 -0.14
CA GLY A 174 -3.82 16.51 -1.24
C GLY A 174 -4.75 16.31 -2.40
N PRO A 175 -4.76 17.25 -3.35
CA PRO A 175 -5.64 17.20 -4.52
C PRO A 175 -5.09 16.25 -5.59
N SER A 176 -5.99 15.51 -6.22
CA SER A 176 -5.60 14.58 -7.26
C SER A 176 -5.37 15.33 -8.58
N THR A 177 -4.20 15.94 -8.70
CA THR A 177 -3.86 16.72 -9.87
C THR A 177 -2.63 16.12 -10.56
N GLY A 178 -2.26 14.92 -10.16
CA GLY A 178 -1.10 14.30 -10.74
C GLY A 178 -1.47 13.34 -11.86
N PRO A 179 -0.52 12.50 -12.29
CA PRO A 179 -0.76 11.51 -13.35
C PRO A 179 -1.81 10.49 -12.95
N SER A 180 -3.00 10.64 -13.50
CA SER A 180 -4.14 9.80 -13.20
C SER A 180 -3.82 8.32 -13.39
N GLY A 181 -4.08 7.54 -12.35
CA GLY A 181 -3.88 6.11 -12.42
C GLY A 181 -2.48 5.68 -12.04
N TYR A 182 -1.51 6.03 -12.88
CA TYR A 182 -0.13 5.63 -12.66
C TYR A 182 0.81 6.81 -12.79
N PRO A 183 1.73 6.98 -11.81
CA PRO A 183 2.74 8.04 -11.87
C PRO A 183 3.70 7.80 -13.02
N GLY A 184 3.85 8.79 -13.89
CA GLY A 184 4.74 8.64 -15.02
C GLY A 184 5.42 9.94 -15.39
N PRO A 185 4.70 10.86 -16.08
CA PRO A 185 5.26 12.16 -16.49
C PRO A 185 5.59 13.05 -15.28
N LEU A 186 5.00 12.70 -14.12
CA LEU A 186 5.22 13.43 -12.86
C LEU A 186 4.68 14.87 -12.95
N GLY A 187 3.81 15.10 -13.91
CA GLY A 187 3.23 16.42 -14.08
C GLY A 187 2.15 16.69 -13.05
N GLY A 188 1.90 17.96 -12.78
CA GLY A 188 0.91 18.32 -11.80
C GLY A 188 1.39 18.06 -10.39
N GLY A 189 0.68 17.20 -9.69
CA GLY A 189 1.05 16.86 -8.34
C GLY A 189 1.49 15.42 -8.23
N ALA A 190 2.77 15.20 -8.29
CA ALA A 190 3.34 13.86 -8.22
C ALA A 190 4.60 13.85 -7.38
N PRO A 191 5.04 12.67 -6.90
CA PRO A 191 6.27 12.55 -6.12
C PRO A 191 7.49 12.85 -6.97
N PHE A 192 8.30 13.79 -6.52
CA PHE A 192 9.49 14.17 -7.24
C PHE A 192 10.60 13.15 -7.01
N GLY A 193 10.50 12.02 -7.69
CA GLY A 193 11.50 11.00 -7.60
C GLY A 193 11.20 9.86 -8.55
N GLN A 194 10.39 8.92 -8.08
CA GLN A 194 9.96 7.76 -8.86
C GLN A 194 11.14 6.82 -9.21
N SER A 195 10.83 5.61 -9.60
CA SER A 195 11.85 4.65 -10.03
C SER A 195 12.19 4.88 -11.49
N GLY A 196 11.18 5.30 -12.23
CA GLY A 196 11.32 5.50 -13.64
C GLY A 196 10.37 4.60 -14.41
N PHE A 197 9.77 3.66 -13.69
CA PHE A 197 8.82 2.72 -14.27
C PHE A 197 7.55 3.45 -14.68
N GLY A 198 7.37 3.64 -15.97
CA GLY A 198 6.21 4.35 -16.47
C GLY A 198 6.51 5.82 -16.61
N GLY A 199 6.20 6.37 -17.76
CA GLY A 199 6.46 7.76 -18.01
C GLY A 199 6.55 8.06 -19.47
N ALA A 1 1.67 -5.83 15.62
CA ALA A 1 1.19 -6.56 16.80
C ALA A 1 2.34 -7.20 17.56
N GLY A 2 3.04 -8.11 16.91
CA GLY A 2 4.16 -8.77 17.54
C GLY A 2 5.35 -8.90 16.61
N PRO A 3 6.08 -7.79 16.36
CA PRO A 3 7.24 -7.80 15.49
C PRO A 3 8.41 -8.54 16.14
N GLN A 4 9.18 -9.24 15.33
CA GLN A 4 10.32 -9.98 15.83
C GLN A 4 11.37 -9.04 16.43
N GLY A 5 11.89 -9.40 17.59
CA GLY A 5 12.87 -8.57 18.28
C GLY A 5 14.10 -8.31 17.45
N GLY A 6 14.29 -7.07 17.05
CA GLY A 6 15.44 -6.70 16.25
C GLY A 6 15.18 -6.81 14.77
N PHE A 7 14.04 -7.36 14.43
CA PHE A 7 13.66 -7.53 13.04
C PHE A 7 12.30 -6.90 12.77
N GLY A 8 11.92 -5.97 13.64
CA GLY A 8 10.67 -5.26 13.47
C GLY A 8 10.72 -4.36 12.26
N ALA A 9 10.25 -4.88 11.15
CA ALA A 9 10.30 -4.17 9.89
C ALA A 9 9.37 -2.97 9.89
N THR A 10 9.95 -1.81 9.67
CA THR A 10 9.23 -0.55 9.65
C THR A 10 10.07 0.51 8.93
N GLY A 11 9.45 1.30 8.07
CA GLY A 11 10.19 2.31 7.33
C GLY A 11 10.08 3.69 7.95
N GLY A 12 11.17 4.17 8.53
CA GLY A 12 11.18 5.49 9.17
C GLY A 12 11.06 6.62 8.16
N ALA A 13 12.03 6.70 7.25
CA ALA A 13 12.03 7.75 6.22
C ALA A 13 10.88 7.53 5.24
N SER A 14 10.56 6.28 5.03
CA SER A 14 9.48 5.90 4.15
C SER A 14 8.14 6.44 4.65
N ALA A 15 8.04 6.64 5.98
CA ALA A 15 6.80 7.11 6.62
C ALA A 15 6.28 8.41 6.02
N GLY A 16 7.12 9.13 5.31
CA GLY A 16 6.70 10.36 4.69
C GLY A 16 6.12 10.14 3.30
N LEU A 17 6.81 9.33 2.50
CA LEU A 17 6.42 9.07 1.11
C LEU A 17 5.41 7.90 0.95
N ILE A 18 5.35 7.02 1.95
CA ILE A 18 4.55 5.78 1.91
C ILE A 18 3.20 5.87 1.17
N SER A 19 2.33 6.74 1.61
CA SER A 19 0.99 6.83 1.05
C SER A 19 0.98 7.58 -0.28
N ARG A 20 2.00 8.38 -0.53
CA ARG A 20 2.06 9.24 -1.70
C ARG A 20 2.63 8.54 -2.94
N VAL A 21 3.56 7.63 -2.74
CA VAL A 21 4.27 7.00 -3.86
C VAL A 21 3.36 6.19 -4.81
N ALA A 22 3.25 4.89 -4.57
CA ALA A 22 2.52 4.01 -5.47
C ALA A 22 1.01 4.05 -5.25
N ASN A 23 0.61 3.83 -4.01
CA ASN A 23 -0.80 3.70 -3.67
C ASN A 23 -1.61 4.97 -3.87
N ALA A 24 -0.97 6.13 -3.84
CA ALA A 24 -1.69 7.39 -4.05
C ALA A 24 -2.28 7.44 -5.45
N LEU A 25 -1.56 6.87 -6.41
CA LEU A 25 -2.02 6.83 -7.79
C LEU A 25 -3.11 5.78 -7.95
N ALA A 26 -3.13 4.83 -7.02
CA ALA A 26 -4.17 3.82 -7.00
C ALA A 26 -5.41 4.39 -6.34
N ASN A 27 -5.17 5.31 -5.38
CA ASN A 27 -6.22 6.04 -4.66
C ASN A 27 -7.22 5.09 -3.98
N THR A 28 -6.81 3.85 -3.82
CA THR A 28 -7.66 2.82 -3.27
C THR A 28 -7.69 2.88 -1.73
N SER A 29 -8.83 2.50 -1.18
CA SER A 29 -9.12 2.52 0.26
C SER A 29 -8.06 1.81 1.13
N THR A 30 -7.23 0.98 0.50
CA THR A 30 -6.19 0.24 1.22
C THR A 30 -5.17 1.17 1.90
N LEU A 31 -5.07 2.38 1.42
CA LEU A 31 -4.17 3.35 2.04
C LEU A 31 -4.93 4.19 3.07
N ARG A 32 -6.23 4.33 2.85
CA ARG A 32 -7.08 5.16 3.68
C ARG A 32 -7.54 4.45 4.97
N THR A 33 -8.00 3.20 4.85
CA THR A 33 -8.52 2.49 6.03
C THR A 33 -8.52 0.96 5.86
N VAL A 34 -8.59 0.50 4.63
CA VAL A 34 -8.61 -0.94 4.35
C VAL A 34 -7.18 -1.48 4.31
N LEU A 35 -7.03 -2.78 4.45
CA LEU A 35 -5.71 -3.40 4.43
C LEU A 35 -5.28 -3.68 3.01
N ARG A 36 -3.98 -3.83 2.82
CA ARG A 36 -3.42 -4.06 1.49
C ARG A 36 -3.36 -5.54 1.15
N THR A 37 -3.14 -5.81 -0.11
CA THR A 37 -3.00 -7.15 -0.60
C THR A 37 -1.65 -7.73 -0.20
N GLY A 38 -1.68 -8.87 0.47
CA GLY A 38 -0.47 -9.49 0.91
C GLY A 38 0.15 -8.75 2.06
N VAL A 39 -0.72 -8.27 2.95
CA VAL A 39 -0.34 -7.49 4.14
C VAL A 39 0.88 -8.09 4.88
N SER A 40 1.65 -7.22 5.51
CA SER A 40 2.84 -7.61 6.22
C SER A 40 2.49 -8.22 7.57
N GLN A 41 3.25 -9.24 7.96
CA GLN A 41 3.03 -9.92 9.23
C GLN A 41 3.39 -9.02 10.41
N GLN A 42 4.07 -7.92 10.11
CA GLN A 42 4.45 -6.95 11.14
C GLN A 42 3.23 -6.41 11.86
N ILE A 43 2.13 -6.25 11.11
CA ILE A 43 0.90 -5.73 11.69
C ILE A 43 0.07 -6.83 12.36
N ALA A 44 -0.02 -8.00 11.70
CA ALA A 44 -0.80 -9.11 12.22
C ALA A 44 -0.02 -9.93 13.24
N SER A 45 1.01 -10.64 12.74
CA SER A 45 1.95 -11.42 13.57
C SER A 45 1.33 -12.72 14.08
N SER A 46 0.01 -12.76 14.12
CA SER A 46 -0.71 -13.91 14.59
C SER A 46 -0.59 -15.10 13.61
N VAL A 47 -1.41 -15.10 12.58
CA VAL A 47 -1.40 -16.16 11.58
C VAL A 47 -1.32 -15.58 10.17
N VAL A 48 -1.73 -14.34 10.03
CA VAL A 48 -1.73 -13.67 8.73
C VAL A 48 -0.33 -13.16 8.39
N GLN A 49 0.49 -14.03 7.83
CA GLN A 49 1.84 -13.66 7.43
C GLN A 49 1.85 -12.99 6.07
N ARG A 50 1.09 -13.55 5.14
CA ARG A 50 0.98 -13.04 3.79
C ARG A 50 -0.47 -12.81 3.42
N ALA A 51 -1.37 -13.36 4.24
CA ALA A 51 -2.82 -13.36 3.98
C ALA A 51 -3.15 -14.31 2.83
N ALA A 52 -2.43 -14.17 1.72
CA ALA A 52 -2.59 -15.07 0.60
C ALA A 52 -2.01 -16.43 0.95
N GLN A 53 -2.65 -17.49 0.45
CA GLN A 53 -2.27 -18.88 0.77
C GLN A 53 -0.81 -19.20 0.48
N SER A 54 -0.17 -18.39 -0.35
CA SER A 54 1.22 -18.61 -0.74
C SER A 54 2.18 -18.69 0.47
N LEU A 55 2.57 -17.54 0.98
CA LEU A 55 3.52 -17.48 2.08
C LEU A 55 2.80 -17.60 3.44
N ALA A 56 1.52 -17.26 3.46
CA ALA A 56 0.74 -17.30 4.70
C ALA A 56 0.42 -18.70 5.16
N SER A 57 0.53 -19.68 4.25
CA SER A 57 0.22 -21.06 4.56
C SER A 57 0.98 -21.52 5.81
N THR A 58 0.30 -21.49 6.95
CA THR A 58 0.89 -21.88 8.22
C THR A 58 -0.04 -22.84 8.96
N LEU A 59 -1.34 -22.59 8.87
CA LEU A 59 -2.35 -23.42 9.53
C LEU A 59 -3.29 -24.02 8.52
N GLY A 60 -2.87 -24.04 7.27
CA GLY A 60 -3.72 -24.56 6.23
C GLY A 60 -4.56 -23.48 5.61
N VAL A 61 -3.93 -22.54 4.93
CA VAL A 61 -4.64 -21.44 4.31
C VAL A 61 -5.08 -21.86 2.91
N ASP A 62 -6.36 -22.19 2.79
CA ASP A 62 -6.93 -22.64 1.53
C ASP A 62 -8.39 -22.27 1.43
N GLY A 63 -8.78 -21.36 2.26
CA GLY A 63 -10.16 -20.95 2.32
C GLY A 63 -10.69 -21.01 3.71
N ASN A 64 -10.35 -22.08 4.43
CA ASN A 64 -10.80 -22.29 5.81
C ASN A 64 -10.46 -21.10 6.71
N ASN A 65 -9.21 -21.02 7.15
CA ASN A 65 -8.79 -19.90 7.96
C ASN A 65 -8.38 -18.72 7.07
N LEU A 66 -8.71 -18.82 5.79
CA LEU A 66 -8.44 -17.76 4.83
C LEU A 66 -9.61 -16.77 4.80
N ALA A 67 -10.81 -17.29 4.51
CA ALA A 67 -12.01 -16.46 4.44
C ALA A 67 -12.50 -16.14 5.85
N ARG A 68 -12.29 -17.07 6.75
CA ARG A 68 -12.64 -16.88 8.13
C ARG A 68 -11.37 -16.74 8.94
N PHE A 69 -11.49 -16.18 10.13
CA PHE A 69 -10.36 -16.01 11.05
C PHE A 69 -9.32 -14.99 10.56
N ALA A 70 -8.68 -15.25 9.42
CA ALA A 70 -7.61 -14.37 8.91
C ALA A 70 -8.07 -12.93 8.75
N VAL A 71 -9.02 -12.71 7.86
CA VAL A 71 -9.51 -11.36 7.59
C VAL A 71 -10.35 -10.85 8.75
N GLN A 72 -11.13 -11.74 9.35
CA GLN A 72 -12.07 -11.35 10.40
C GLN A 72 -11.37 -10.94 11.70
N ALA A 73 -10.18 -11.48 11.94
CA ALA A 73 -9.44 -11.11 13.14
C ALA A 73 -8.70 -9.80 12.93
N VAL A 74 -8.02 -9.69 11.79
CA VAL A 74 -7.25 -8.50 11.46
C VAL A 74 -8.17 -7.29 11.28
N SER A 75 -9.34 -7.53 10.73
CA SER A 75 -10.30 -6.48 10.51
C SER A 75 -10.92 -6.02 11.83
N ARG A 76 -10.84 -6.88 12.84
CA ARG A 76 -11.39 -6.58 14.15
C ARG A 76 -10.32 -5.94 15.05
N LEU A 77 -9.06 -6.03 14.63
CA LEU A 77 -7.94 -5.48 15.38
C LEU A 77 -8.10 -3.99 15.64
N PRO A 78 -8.30 -3.60 16.91
CA PRO A 78 -8.46 -2.21 17.29
C PRO A 78 -7.12 -1.48 17.30
N ALA A 79 -7.07 -0.35 16.63
CA ALA A 79 -5.85 0.43 16.56
C ALA A 79 -5.68 1.25 17.82
N GLY A 80 -4.69 0.90 18.62
CA GLY A 80 -4.44 1.60 19.86
C GLY A 80 -3.88 2.98 19.66
N SER A 81 -2.83 3.07 18.86
CA SER A 81 -2.18 4.35 18.59
C SER A 81 -2.92 5.08 17.46
N ASP A 82 -3.03 4.43 16.32
CA ASP A 82 -3.71 4.98 15.16
C ASP A 82 -3.86 3.88 14.12
N THR A 83 -4.89 3.96 13.30
CA THR A 83 -5.17 2.92 12.34
C THR A 83 -4.17 2.95 11.16
N SER A 84 -3.52 4.10 10.97
CA SER A 84 -2.52 4.25 9.91
C SER A 84 -1.30 3.36 10.17
N ALA A 85 -1.16 2.92 11.43
CA ALA A 85 -0.05 2.05 11.85
C ALA A 85 -0.02 0.74 11.06
N TYR A 86 -1.16 0.38 10.49
CA TYR A 86 -1.26 -0.83 9.70
C TYR A 86 -0.64 -0.61 8.31
N ALA A 87 -0.87 -1.55 7.42
CA ALA A 87 -0.32 -1.49 6.07
C ALA A 87 -1.11 -0.52 5.18
N GLN A 88 -1.75 0.44 5.83
CA GLN A 88 -2.55 1.44 5.14
C GLN A 88 -1.68 2.60 4.73
N ALA A 89 -1.05 3.24 5.70
CA ALA A 89 -0.16 4.34 5.41
C ALA A 89 1.09 3.82 4.73
N PHE A 90 1.67 2.77 5.31
CA PHE A 90 2.90 2.15 4.78
C PHE A 90 2.59 1.24 3.60
N SER A 91 1.46 1.50 2.94
CA SER A 91 0.98 0.71 1.83
C SER A 91 2.05 0.49 0.76
N SER A 92 2.54 1.58 0.17
CA SER A 92 3.50 1.49 -0.94
C SER A 92 4.83 0.88 -0.53
N ALA A 93 5.24 1.11 0.69
CA ALA A 93 6.54 0.60 1.15
C ALA A 93 6.48 -0.88 1.46
N LEU A 94 5.36 -1.32 2.01
CA LEU A 94 5.20 -2.72 2.37
C LEU A 94 4.75 -3.56 1.17
N PHE A 95 4.04 -2.92 0.26
CA PHE A 95 3.50 -3.62 -0.91
C PHE A 95 4.55 -3.74 -2.00
N ASN A 96 5.35 -2.69 -2.16
CA ASN A 96 6.39 -2.61 -3.19
C ASN A 96 5.80 -2.89 -4.57
N ALA A 97 5.07 -1.93 -5.10
CA ALA A 97 4.42 -2.06 -6.40
C ALA A 97 5.42 -1.89 -7.54
N GLY A 98 6.66 -1.60 -7.20
CA GLY A 98 7.68 -1.39 -8.22
C GLY A 98 7.63 0.01 -8.80
N VAL A 99 6.62 0.77 -8.39
CA VAL A 99 6.43 2.13 -8.86
C VAL A 99 7.01 3.12 -7.83
N LEU A 100 7.92 2.63 -7.01
CA LEU A 100 8.52 3.46 -5.97
C LEU A 100 10.01 3.61 -6.17
N ASN A 101 10.58 4.59 -5.51
CA ASN A 101 12.00 4.89 -5.62
C ASN A 101 12.85 3.81 -4.96
N ALA A 102 13.82 3.30 -5.71
CA ALA A 102 14.70 2.25 -5.22
C ALA A 102 15.65 2.79 -4.17
N SER A 103 15.86 4.10 -4.16
CA SER A 103 16.75 4.72 -3.22
C SER A 103 16.21 4.56 -1.82
N ASN A 104 14.90 4.63 -1.71
CA ASN A 104 14.21 4.47 -0.45
C ASN A 104 14.46 3.07 0.11
N ILE A 105 14.27 2.07 -0.73
CA ILE A 105 14.46 0.70 -0.32
C ILE A 105 15.93 0.40 -0.05
N ASP A 106 16.80 0.96 -0.87
CA ASP A 106 18.24 0.75 -0.73
C ASP A 106 18.80 1.51 0.48
N THR A 107 18.12 2.56 0.88
CA THR A 107 18.58 3.34 2.03
C THR A 107 18.20 2.67 3.35
N LEU A 108 16.92 2.41 3.54
CA LEU A 108 16.46 1.83 4.80
C LEU A 108 15.57 0.62 4.61
N GLY A 109 14.94 0.52 3.45
CA GLY A 109 14.01 -0.57 3.19
C GLY A 109 14.60 -1.94 3.48
N SER A 110 15.59 -2.33 2.72
CA SER A 110 16.19 -3.64 2.87
C SER A 110 17.15 -3.69 4.06
N ARG A 111 17.48 -2.53 4.61
CA ARG A 111 18.42 -2.45 5.74
C ARG A 111 17.72 -2.62 7.09
N VAL A 112 16.69 -1.82 7.32
CA VAL A 112 15.95 -1.85 8.58
C VAL A 112 14.89 -2.95 8.58
N LEU A 113 14.17 -3.06 7.49
CA LEU A 113 13.11 -4.06 7.36
C LEU A 113 13.71 -5.43 7.06
N SER A 114 14.55 -5.48 6.03
CA SER A 114 15.24 -6.70 5.61
C SER A 114 14.29 -7.88 5.37
N ALA A 115 14.12 -8.72 6.40
CA ALA A 115 13.33 -9.95 6.33
C ALA A 115 11.95 -9.73 5.71
N LEU A 116 11.31 -8.62 6.07
CA LEU A 116 9.99 -8.34 5.55
C LEU A 116 10.03 -8.17 4.04
N LEU A 117 10.86 -7.24 3.58
CA LEU A 117 10.95 -6.93 2.17
C LEU A 117 11.49 -8.11 1.37
N ASN A 118 12.33 -8.93 1.99
CA ASN A 118 12.86 -10.12 1.31
C ASN A 118 11.72 -11.00 0.85
N GLY A 119 10.79 -11.30 1.77
CA GLY A 119 9.65 -12.11 1.43
C GLY A 119 8.66 -11.38 0.55
N VAL A 120 8.50 -10.08 0.78
CA VAL A 120 7.59 -9.26 -0.01
C VAL A 120 8.07 -9.19 -1.47
N SER A 121 9.38 -9.09 -1.65
CA SER A 121 9.98 -9.03 -2.98
C SER A 121 9.61 -10.25 -3.80
N SER A 122 9.73 -11.40 -3.20
CA SER A 122 9.44 -12.64 -3.86
C SER A 122 7.94 -12.80 -4.11
N ALA A 123 7.14 -12.46 -3.12
CA ALA A 123 5.70 -12.64 -3.20
C ALA A 123 4.99 -11.48 -3.90
N ALA A 124 4.77 -10.40 -3.18
CA ALA A 124 3.97 -9.27 -3.67
C ALA A 124 4.63 -8.54 -4.83
N GLN A 125 5.89 -8.19 -4.69
CA GLN A 125 6.60 -7.45 -5.72
C GLN A 125 6.87 -8.35 -6.93
N GLY A 126 7.00 -9.64 -6.69
CA GLY A 126 7.31 -10.57 -7.76
C GLY A 126 6.11 -11.05 -8.55
N LEU A 127 5.13 -11.62 -7.85
CA LEU A 127 3.98 -12.19 -8.52
C LEU A 127 2.77 -11.27 -8.43
N GLY A 128 2.72 -10.44 -7.42
CA GLY A 128 1.58 -9.58 -7.24
C GLY A 128 0.48 -10.31 -6.49
N ILE A 129 0.69 -10.49 -5.22
CA ILE A 129 -0.23 -11.23 -4.37
C ILE A 129 -1.55 -10.50 -4.18
N ASN A 130 -2.61 -11.28 -4.21
CA ASN A 130 -3.95 -10.79 -3.97
C ASN A 130 -4.61 -11.70 -2.95
N VAL A 131 -5.22 -11.12 -1.94
CA VAL A 131 -5.84 -11.90 -0.88
C VAL A 131 -7.28 -12.21 -1.21
N ASP A 132 -7.58 -13.48 -1.27
CA ASP A 132 -8.92 -13.95 -1.56
C ASP A 132 -9.63 -14.37 -0.30
N SER A 133 -9.60 -13.50 0.68
CA SER A 133 -10.28 -13.75 1.93
C SER A 133 -11.77 -13.44 1.78
N GLY A 134 -12.15 -13.02 0.58
CA GLY A 134 -13.51 -12.69 0.31
C GLY A 134 -13.77 -11.22 0.49
N SER A 135 -12.97 -10.59 1.33
CA SER A 135 -13.17 -9.19 1.64
C SER A 135 -12.13 -8.28 0.96
N VAL A 136 -10.84 -8.64 1.08
CA VAL A 136 -9.74 -7.82 0.55
C VAL A 136 -9.94 -7.47 -0.93
N GLN A 137 -9.96 -8.49 -1.79
CA GLN A 137 -10.13 -8.28 -3.22
C GLN A 137 -11.41 -7.51 -3.54
N SER A 138 -12.50 -7.90 -2.89
CA SER A 138 -13.79 -7.27 -3.11
C SER A 138 -13.76 -5.77 -2.82
N ASP A 139 -13.16 -5.40 -1.71
CA ASP A 139 -13.11 -4.00 -1.29
C ASP A 139 -12.22 -3.18 -2.22
N ILE A 140 -10.99 -3.63 -2.41
CA ILE A 140 -10.02 -2.90 -3.20
C ILE A 140 -10.42 -2.81 -4.67
N SER A 141 -10.92 -3.90 -5.23
CA SER A 141 -11.30 -3.93 -6.64
C SER A 141 -12.48 -3.00 -6.91
N SER A 142 -13.44 -2.98 -6.00
CA SER A 142 -14.61 -2.14 -6.16
C SER A 142 -14.23 -0.67 -5.96
N SER A 143 -13.47 -0.41 -4.91
CA SER A 143 -13.05 0.94 -4.59
C SER A 143 -12.22 1.55 -5.72
N SER A 144 -11.21 0.82 -6.20
CA SER A 144 -10.33 1.32 -7.26
C SER A 144 -11.10 1.64 -8.54
N SER A 145 -12.27 1.03 -8.71
CA SER A 145 -13.10 1.27 -9.87
C SER A 145 -13.60 2.72 -9.90
N PHE A 146 -14.05 3.21 -8.75
CA PHE A 146 -14.54 4.58 -8.65
C PHE A 146 -13.40 5.53 -8.29
N LEU A 147 -12.56 5.08 -7.37
CA LEU A 147 -11.44 5.84 -6.84
C LEU A 147 -10.27 5.92 -7.81
N SER A 148 -10.46 5.46 -9.05
CA SER A 148 -9.38 5.55 -10.06
C SER A 148 -8.78 6.95 -10.05
N THR A 149 -9.64 7.94 -10.04
CA THR A 149 -9.29 9.33 -9.90
C THR A 149 -10.48 10.06 -9.31
N SER A 150 -10.41 10.39 -8.04
CA SER A 150 -11.52 11.00 -7.34
C SER A 150 -11.43 12.53 -7.31
N SER A 151 -10.32 13.05 -6.80
CA SER A 151 -10.12 14.50 -6.69
C SER A 151 -9.87 15.13 -8.06
N SER A 152 -9.56 14.31 -9.04
CA SER A 152 -9.32 14.76 -10.39
C SER A 152 -10.00 13.81 -11.36
N SER A 153 -10.22 14.26 -12.57
CA SER A 153 -10.84 13.42 -13.57
C SER A 153 -9.78 12.96 -14.57
N ALA A 154 -9.89 11.71 -15.01
CA ALA A 154 -8.91 11.10 -15.93
C ALA A 154 -9.07 11.62 -17.37
N SER A 155 -9.64 12.80 -17.53
CA SER A 155 -9.84 13.41 -18.84
C SER A 155 -8.66 14.33 -19.19
N TYR A 156 -7.56 14.21 -18.43
CA TYR A 156 -6.31 14.98 -18.65
C TYR A 156 -6.48 16.48 -18.31
N SER A 157 -7.36 17.16 -19.03
CA SER A 157 -7.59 18.59 -18.80
C SER A 157 -8.08 18.83 -17.36
N GLN A 158 -8.84 17.88 -16.85
CA GLN A 158 -9.39 17.96 -15.50
C GLN A 158 -8.44 17.29 -14.50
N ALA A 159 -7.21 17.06 -14.94
CA ALA A 159 -6.20 16.45 -14.11
C ALA A 159 -4.92 17.27 -14.18
N SER A 160 -5.06 18.54 -14.48
CA SER A 160 -3.94 19.45 -14.57
C SER A 160 -4.39 20.88 -14.29
N ALA A 161 -4.76 21.13 -13.05
CA ALA A 161 -5.21 22.44 -12.63
C ALA A 161 -4.32 22.98 -11.53
N SER A 162 -3.54 24.02 -11.85
CA SER A 162 -2.60 24.65 -10.92
C SER A 162 -1.63 23.62 -10.32
N SER A 163 -0.93 24.02 -9.25
CA SER A 163 0.01 23.15 -8.54
C SER A 163 1.22 22.77 -9.43
N THR A 164 1.25 23.29 -10.64
CA THR A 164 2.29 22.98 -11.60
C THR A 164 3.56 23.80 -11.32
N SER A 165 3.37 24.97 -10.72
CA SER A 165 4.48 25.84 -10.40
C SER A 165 4.54 26.09 -8.89
N GLY A 166 3.96 25.17 -8.15
CA GLY A 166 3.92 25.30 -6.71
C GLY A 166 2.61 24.80 -6.16
N ALA A 167 2.66 24.01 -5.11
CA ALA A 167 1.45 23.44 -4.55
C ALA A 167 1.35 23.66 -3.06
N GLY A 168 0.49 24.58 -2.67
CA GLY A 168 0.23 24.82 -1.27
C GLY A 168 -0.64 23.73 -0.70
N TYR A 169 -1.50 23.20 -1.55
CA TYR A 169 -2.37 22.09 -1.22
C TYR A 169 -1.89 20.85 -1.96
N THR A 170 -1.68 19.77 -1.24
CA THR A 170 -1.21 18.55 -1.85
C THR A 170 -1.52 17.36 -0.95
N GLY A 171 -1.55 16.19 -1.54
CA GLY A 171 -1.81 14.99 -0.80
C GLY A 171 -2.43 13.94 -1.67
N PRO A 172 -2.79 12.78 -1.10
CA PRO A 172 -3.42 11.67 -1.85
C PRO A 172 -4.80 12.07 -2.37
N SER A 173 -5.32 13.16 -1.84
CA SER A 173 -6.60 13.71 -2.24
C SER A 173 -6.55 15.23 -2.06
N GLY A 174 -6.37 15.96 -3.15
CA GLY A 174 -6.28 17.40 -3.06
C GLY A 174 -6.86 18.09 -4.27
N PRO A 175 -6.12 19.04 -4.87
CA PRO A 175 -6.56 19.75 -6.08
C PRO A 175 -6.58 18.82 -7.28
N SER A 176 -7.26 19.24 -8.34
CA SER A 176 -7.34 18.46 -9.55
C SER A 176 -6.03 18.52 -10.36
N THR A 177 -5.00 17.93 -9.79
CA THR A 177 -3.70 17.88 -10.42
C THR A 177 -3.19 16.43 -10.40
N GLY A 178 -3.09 15.86 -11.57
CA GLY A 178 -2.70 14.49 -11.66
C GLY A 178 -3.83 13.59 -11.25
N PRO A 179 -3.58 12.29 -11.15
CA PRO A 179 -4.59 11.31 -10.74
C PRO A 179 -4.79 11.27 -9.23
N SER A 180 -4.13 12.17 -8.50
CA SER A 180 -4.22 12.18 -7.05
C SER A 180 -4.30 13.62 -6.50
N GLY A 181 -3.18 14.34 -6.53
CA GLY A 181 -3.15 15.69 -6.01
C GLY A 181 -1.74 16.14 -5.68
N TYR A 182 -0.86 16.08 -6.68
CA TYR A 182 0.54 16.46 -6.50
C TYR A 182 1.00 17.29 -7.70
N PRO A 183 2.15 17.99 -7.61
CA PRO A 183 2.73 18.72 -8.76
C PRO A 183 2.96 17.77 -9.93
N GLY A 184 3.15 18.30 -11.13
CA GLY A 184 3.24 17.44 -12.30
C GLY A 184 4.64 17.31 -12.90
N PRO A 185 5.43 16.32 -12.43
CA PRO A 185 6.73 16.05 -13.01
C PRO A 185 6.62 15.00 -14.12
N LEU A 186 5.81 13.98 -13.88
CA LEU A 186 5.59 12.89 -14.81
C LEU A 186 4.36 13.17 -15.65
N GLY A 187 3.19 13.13 -15.04
CA GLY A 187 1.98 13.42 -15.75
C GLY A 187 1.40 14.73 -15.28
N GLY A 188 0.11 14.75 -15.06
CA GLY A 188 -0.52 15.96 -14.56
C GLY A 188 -0.15 16.23 -13.12
N GLY A 189 0.20 15.17 -12.40
CA GLY A 189 0.55 15.30 -11.00
C GLY A 189 0.96 13.98 -10.39
N ALA A 190 2.12 13.97 -9.75
CA ALA A 190 2.64 12.77 -9.11
C ALA A 190 3.73 13.15 -8.11
N PRO A 191 3.97 12.32 -7.08
CA PRO A 191 5.00 12.61 -6.07
C PRO A 191 6.41 12.50 -6.65
N PHE A 192 7.38 12.93 -5.85
CA PHE A 192 8.78 12.96 -6.29
C PHE A 192 9.55 11.79 -5.67
N GLY A 193 8.87 10.68 -5.48
CA GLY A 193 9.51 9.52 -4.90
C GLY A 193 9.13 8.23 -5.58
N GLN A 194 8.95 8.29 -6.89
CA GLN A 194 8.56 7.12 -7.65
C GLN A 194 9.72 6.62 -8.49
N SER A 195 9.49 5.55 -9.22
CA SER A 195 10.51 4.97 -10.09
C SER A 195 10.32 5.44 -11.53
N GLY A 196 9.58 6.53 -11.68
CA GLY A 196 9.31 7.03 -13.00
C GLY A 196 8.19 6.27 -13.68
N PHE A 197 6.96 6.60 -13.31
CA PHE A 197 5.79 5.94 -13.86
C PHE A 197 5.39 6.56 -15.20
N GLY A 198 5.83 7.79 -15.42
CA GLY A 198 5.48 8.49 -16.63
C GLY A 198 4.15 9.19 -16.49
N GLY A 199 3.64 9.69 -17.59
CA GLY A 199 2.36 10.36 -17.56
C GLY A 199 1.94 10.79 -18.94
N ALA A 1 2.38 -5.38 15.05
CA ALA A 1 2.39 -6.53 15.98
C ALA A 1 3.69 -6.55 16.75
N GLY A 2 4.02 -7.72 17.31
CA GLY A 2 5.25 -7.85 18.06
C GLY A 2 6.49 -7.65 17.20
N PRO A 3 7.32 -6.64 17.51
CA PRO A 3 8.55 -6.36 16.74
C PRO A 3 9.51 -7.54 16.80
N GLN A 4 9.89 -8.06 15.65
CA GLN A 4 10.79 -9.19 15.58
C GLN A 4 12.18 -8.80 16.03
N GLY A 5 12.55 -9.26 17.21
CA GLY A 5 13.87 -8.97 17.76
C GLY A 5 14.15 -7.48 17.79
N GLY A 6 15.08 -7.06 16.94
CA GLY A 6 15.41 -5.68 16.85
C GLY A 6 15.24 -5.15 15.44
N PHE A 7 14.47 -5.88 14.64
CA PHE A 7 14.23 -5.49 13.25
C PHE A 7 13.41 -4.20 13.19
N GLY A 8 12.20 -4.25 13.74
CA GLY A 8 11.35 -3.07 13.74
C GLY A 8 11.02 -2.58 12.36
N ALA A 9 10.17 -3.32 11.66
CA ALA A 9 9.78 -2.97 10.31
C ALA A 9 8.80 -1.78 10.31
N THR A 10 8.43 -1.34 9.10
CA THR A 10 7.52 -0.21 8.88
C THR A 10 7.94 1.08 9.61
N GLY A 11 8.69 1.91 8.91
CA GLY A 11 9.15 3.16 9.48
C GLY A 11 10.16 3.84 8.59
N GLY A 12 10.92 4.76 9.15
CA GLY A 12 11.93 5.46 8.39
C GLY A 12 11.35 6.54 7.51
N ALA A 13 12.12 7.01 6.54
CA ALA A 13 11.70 8.06 5.62
C ALA A 13 10.51 7.61 4.78
N SER A 14 10.27 6.31 4.75
CA SER A 14 9.15 5.77 4.01
C SER A 14 7.85 6.32 4.56
N ALA A 15 7.80 6.54 5.87
CA ALA A 15 6.60 7.04 6.55
C ALA A 15 6.13 8.39 5.98
N GLY A 16 7.05 9.11 5.36
CA GLY A 16 6.69 10.38 4.78
C GLY A 16 6.21 10.25 3.34
N LEU A 17 6.90 9.42 2.56
CA LEU A 17 6.59 9.26 1.15
C LEU A 17 5.48 8.24 0.86
N ILE A 18 5.29 7.27 1.77
CA ILE A 18 4.34 6.12 1.58
C ILE A 18 3.06 6.46 0.79
N SER A 19 2.25 7.33 1.33
CA SER A 19 0.98 7.68 0.71
C SER A 19 1.16 8.58 -0.51
N ARG A 20 2.31 9.22 -0.60
CA ARG A 20 2.61 10.15 -1.68
C ARG A 20 3.07 9.42 -2.95
N VAL A 21 3.56 8.20 -2.80
CA VAL A 21 4.03 7.41 -3.95
C VAL A 21 2.84 6.95 -4.82
N ALA A 22 2.91 5.73 -5.36
CA ALA A 22 1.88 5.21 -6.27
C ALA A 22 0.52 5.10 -5.58
N ASN A 23 0.53 5.01 -4.27
CA ASN A 23 -0.70 4.88 -3.50
C ASN A 23 -1.56 6.14 -3.58
N ALA A 24 -0.92 7.28 -3.82
CA ALA A 24 -1.64 8.55 -3.93
C ALA A 24 -2.56 8.53 -5.14
N LEU A 25 -2.04 8.04 -6.25
CA LEU A 25 -2.80 7.97 -7.48
C LEU A 25 -3.74 6.77 -7.46
N ALA A 26 -3.35 5.71 -6.75
CA ALA A 26 -4.18 4.53 -6.62
C ALA A 26 -5.49 4.91 -5.93
N ASN A 27 -5.37 5.65 -4.83
CA ASN A 27 -6.51 6.18 -4.06
C ASN A 27 -7.44 5.06 -3.58
N THR A 28 -6.92 3.84 -3.58
CA THR A 28 -7.68 2.67 -3.20
C THR A 28 -7.85 2.58 -1.66
N SER A 29 -8.78 1.72 -1.22
CA SER A 29 -9.06 1.51 0.19
C SER A 29 -7.84 0.92 0.92
N THR A 30 -6.88 0.38 0.15
CA THR A 30 -5.67 -0.25 0.68
C THR A 30 -4.93 0.66 1.68
N LEU A 31 -4.89 1.93 1.38
CA LEU A 31 -4.22 2.90 2.25
C LEU A 31 -5.25 3.70 3.03
N ARG A 32 -6.46 3.72 2.53
CA ARG A 32 -7.53 4.52 3.09
C ARG A 32 -8.05 3.95 4.42
N THR A 33 -8.20 2.62 4.51
CA THR A 33 -8.76 2.02 5.73
C THR A 33 -8.69 0.48 5.72
N VAL A 34 -8.82 -0.09 4.55
CA VAL A 34 -8.79 -1.54 4.41
C VAL A 34 -7.37 -2.02 4.25
N LEU A 35 -7.04 -3.14 4.88
CA LEU A 35 -5.71 -3.72 4.79
C LEU A 35 -5.31 -3.93 3.33
N ARG A 36 -4.05 -3.67 3.04
CA ARG A 36 -3.55 -3.78 1.68
C ARG A 36 -3.54 -5.22 1.20
N THR A 37 -3.44 -5.38 -0.09
CA THR A 37 -3.38 -6.67 -0.70
C THR A 37 -2.00 -7.29 -0.47
N GLY A 38 -2.01 -8.52 0.01
CA GLY A 38 -0.78 -9.20 0.29
C GLY A 38 -0.10 -8.64 1.51
N VAL A 39 -0.92 -8.24 2.49
CA VAL A 39 -0.48 -7.64 3.74
C VAL A 39 0.71 -8.38 4.38
N SER A 40 1.55 -7.64 5.09
CA SER A 40 2.71 -8.19 5.75
C SER A 40 2.35 -8.69 7.14
N GLN A 41 3.05 -9.72 7.61
CA GLN A 41 2.78 -10.32 8.91
C GLN A 41 3.20 -9.40 10.05
N GLN A 42 3.96 -8.36 9.73
CA GLN A 42 4.42 -7.40 10.72
C GLN A 42 3.25 -6.81 11.49
N ILE A 43 2.11 -6.68 10.82
CA ILE A 43 0.92 -6.15 11.46
C ILE A 43 0.13 -7.25 12.20
N ALA A 44 -0.04 -8.40 11.56
CA ALA A 44 -0.79 -9.51 12.16
C ALA A 44 0.10 -10.36 13.06
N SER A 45 1.02 -11.12 12.42
CA SER A 45 1.99 -11.99 13.09
C SER A 45 1.34 -13.32 13.52
N SER A 46 0.03 -13.31 13.63
CA SER A 46 -0.71 -14.47 14.05
C SER A 46 -0.88 -15.50 12.92
N VAL A 47 -2.01 -15.45 12.24
CA VAL A 47 -2.28 -16.40 11.18
C VAL A 47 -2.01 -15.79 9.81
N VAL A 48 -2.29 -14.50 9.68
CA VAL A 48 -2.08 -13.80 8.42
C VAL A 48 -0.62 -13.39 8.27
N GLN A 49 0.20 -14.33 7.84
CA GLN A 49 1.60 -14.02 7.61
C GLN A 49 1.78 -13.42 6.22
N ARG A 50 1.17 -14.05 5.25
CA ARG A 50 1.27 -13.62 3.87
C ARG A 50 -0.11 -13.41 3.25
N ALA A 51 -1.14 -13.87 3.95
CA ALA A 51 -2.53 -13.88 3.45
C ALA A 51 -2.70 -14.96 2.38
N ALA A 52 -1.82 -14.96 1.38
CA ALA A 52 -1.84 -15.99 0.36
C ALA A 52 -1.30 -17.29 0.90
N GLN A 53 -1.71 -18.38 0.28
CA GLN A 53 -1.35 -19.73 0.71
C GLN A 53 0.16 -19.97 0.69
N SER A 54 0.89 -19.15 -0.04
CA SER A 54 2.34 -19.30 -0.17
C SER A 54 3.06 -19.24 1.21
N LEU A 55 3.26 -18.05 1.73
CA LEU A 55 3.96 -17.89 2.99
C LEU A 55 3.05 -18.02 4.21
N ALA A 56 1.74 -17.80 4.03
CA ALA A 56 0.81 -17.85 5.13
C ALA A 56 0.47 -19.27 5.56
N SER A 57 0.70 -20.23 4.66
CA SER A 57 0.38 -21.62 4.94
C SER A 57 1.09 -22.09 6.20
N THR A 58 0.36 -22.14 7.30
CA THR A 58 0.90 -22.56 8.56
C THR A 58 -0.16 -23.33 9.38
N LEU A 59 -1.42 -22.95 9.22
CA LEU A 59 -2.52 -23.63 9.90
C LEU A 59 -3.51 -24.17 8.87
N GLY A 60 -3.05 -24.29 7.63
CA GLY A 60 -3.91 -24.72 6.57
C GLY A 60 -4.72 -23.57 6.00
N VAL A 61 -4.02 -22.64 5.36
CA VAL A 61 -4.64 -21.44 4.81
C VAL A 61 -4.94 -21.62 3.34
N ASP A 62 -6.22 -21.64 3.00
CA ASP A 62 -6.62 -21.74 1.60
C ASP A 62 -8.12 -21.53 1.47
N GLY A 63 -8.53 -20.27 1.52
CA GLY A 63 -9.94 -19.92 1.40
C GLY A 63 -10.72 -20.20 2.68
N ASN A 64 -10.51 -21.38 3.25
CA ASN A 64 -11.19 -21.85 4.44
C ASN A 64 -11.13 -20.84 5.60
N ASN A 65 -9.98 -20.73 6.24
CA ASN A 65 -9.81 -19.80 7.34
C ASN A 65 -9.48 -18.43 6.81
N LEU A 66 -9.07 -18.39 5.57
CA LEU A 66 -8.67 -17.16 4.92
C LEU A 66 -9.84 -16.18 4.80
N ALA A 67 -10.97 -16.67 4.34
CA ALA A 67 -12.14 -15.82 4.16
C ALA A 67 -12.81 -15.45 5.47
N ARG A 68 -12.46 -16.16 6.54
CA ARG A 68 -13.08 -15.92 7.83
C ARG A 68 -12.05 -15.53 8.89
N PHE A 69 -11.44 -16.53 9.50
CA PHE A 69 -10.49 -16.34 10.61
C PHE A 69 -9.39 -15.34 10.30
N ALA A 70 -8.88 -15.36 9.08
CA ALA A 70 -7.79 -14.48 8.67
C ALA A 70 -8.23 -13.01 8.69
N VAL A 71 -9.28 -12.69 7.93
CA VAL A 71 -9.78 -11.32 7.87
C VAL A 71 -10.29 -10.85 9.22
N GLN A 72 -10.95 -11.74 9.97
CA GLN A 72 -11.49 -11.40 11.29
C GLN A 72 -10.36 -11.08 12.27
N ALA A 73 -9.25 -11.80 12.13
CA ALA A 73 -8.10 -11.61 13.01
C ALA A 73 -7.51 -10.22 12.86
N VAL A 74 -7.43 -9.74 11.63
CA VAL A 74 -6.85 -8.44 11.36
C VAL A 74 -7.88 -7.32 11.51
N SER A 75 -9.08 -7.57 11.03
CA SER A 75 -10.14 -6.58 11.06
C SER A 75 -10.53 -6.24 12.50
N ARG A 76 -10.36 -7.21 13.39
CA ARG A 76 -10.67 -7.03 14.80
C ARG A 76 -9.44 -6.80 15.63
N LEU A 77 -8.30 -6.70 14.98
CA LEU A 77 -7.04 -6.54 15.68
C LEU A 77 -6.92 -5.11 16.23
N PRO A 78 -6.80 -4.98 17.56
CA PRO A 78 -6.69 -3.67 18.20
C PRO A 78 -5.38 -2.97 17.88
N ALA A 79 -5.48 -1.73 17.44
CA ALA A 79 -4.31 -0.96 17.10
C ALA A 79 -3.61 -0.45 18.35
N GLY A 80 -2.29 -0.60 18.37
CA GLY A 80 -1.53 -0.13 19.51
C GLY A 80 -1.30 1.35 19.44
N SER A 81 -0.75 1.80 18.34
CA SER A 81 -0.50 3.21 18.13
C SER A 81 -1.68 3.85 17.41
N ASP A 82 -1.97 3.38 16.22
CA ASP A 82 -3.07 3.89 15.41
C ASP A 82 -3.37 2.91 14.28
N THR A 83 -4.53 3.05 13.67
CA THR A 83 -4.93 2.18 12.58
C THR A 83 -4.03 2.39 11.35
N SER A 84 -3.53 3.61 11.19
CA SER A 84 -2.65 3.93 10.06
C SER A 84 -1.30 3.21 10.17
N ALA A 85 -0.99 2.72 11.37
CA ALA A 85 0.26 1.99 11.63
C ALA A 85 0.30 0.67 10.87
N TYR A 86 -0.87 0.19 10.48
CA TYR A 86 -0.96 -1.04 9.74
C TYR A 86 -0.39 -0.89 8.34
N ALA A 87 -0.54 -1.92 7.54
CA ALA A 87 -0.02 -1.94 6.18
C ALA A 87 -0.86 -1.09 5.24
N GLN A 88 -1.59 -0.14 5.81
CA GLN A 88 -2.43 0.74 5.04
C GLN A 88 -1.63 1.92 4.55
N ALA A 89 -1.08 2.69 5.49
CA ALA A 89 -0.28 3.84 5.13
C ALA A 89 1.01 3.39 4.47
N PHE A 90 1.60 2.34 5.01
CA PHE A 90 2.85 1.79 4.48
C PHE A 90 2.60 0.84 3.31
N SER A 91 1.40 0.89 2.75
CA SER A 91 1.02 0.00 1.66
C SER A 91 1.98 0.11 0.48
N SER A 92 2.24 1.33 0.02
CA SER A 92 3.09 1.54 -1.15
C SER A 92 4.51 0.99 -0.94
N ALA A 93 4.96 1.00 0.30
CA ALA A 93 6.30 0.53 0.60
C ALA A 93 6.36 -0.98 0.70
N LEU A 94 5.34 -1.56 1.33
CA LEU A 94 5.29 -3.00 1.56
C LEU A 94 4.78 -3.76 0.34
N PHE A 95 3.93 -3.11 -0.43
CA PHE A 95 3.36 -3.73 -1.63
C PHE A 95 4.38 -3.66 -2.75
N ASN A 96 5.12 -2.54 -2.78
CA ASN A 96 6.17 -2.28 -3.77
C ASN A 96 5.62 -2.39 -5.19
N ALA A 97 5.15 -1.27 -5.71
CA ALA A 97 4.58 -1.23 -7.05
C ALA A 97 5.66 -1.30 -8.12
N GLY A 98 6.90 -1.05 -7.74
CA GLY A 98 8.02 -1.10 -8.68
C GLY A 98 8.21 0.22 -9.42
N VAL A 99 7.22 1.08 -9.34
CA VAL A 99 7.27 2.38 -9.98
C VAL A 99 7.78 3.42 -8.99
N LEU A 100 8.09 2.94 -7.82
CA LEU A 100 8.62 3.76 -6.75
C LEU A 100 10.12 3.93 -6.91
N ASN A 101 10.72 4.77 -6.09
CA ASN A 101 12.15 5.00 -6.19
C ASN A 101 12.91 3.88 -5.50
N ALA A 102 13.95 3.41 -6.15
CA ALA A 102 14.72 2.29 -5.65
C ALA A 102 15.65 2.68 -4.52
N SER A 103 16.00 3.96 -4.44
CA SER A 103 16.95 4.42 -3.43
C SER A 103 16.34 4.32 -2.05
N ASN A 104 15.03 4.48 -2.00
CA ASN A 104 14.29 4.39 -0.75
C ASN A 104 14.46 3.00 -0.12
N ILE A 105 14.19 1.97 -0.90
CA ILE A 105 14.28 0.60 -0.42
C ILE A 105 15.75 0.15 -0.31
N ASP A 106 16.56 0.58 -1.25
CA ASP A 106 17.98 0.22 -1.29
C ASP A 106 18.76 0.85 -0.13
N THR A 107 18.33 2.03 0.30
CA THR A 107 19.05 2.75 1.35
C THR A 107 18.53 2.43 2.74
N LEU A 108 17.24 2.60 2.94
CA LEU A 108 16.67 2.42 4.26
C LEU A 108 15.79 1.18 4.37
N GLY A 109 15.06 0.88 3.30
CA GLY A 109 14.15 -0.26 3.31
C GLY A 109 14.83 -1.56 3.72
N SER A 110 15.92 -1.88 3.05
CA SER A 110 16.66 -3.11 3.32
C SER A 110 17.29 -3.09 4.73
N ARG A 111 17.52 -1.90 5.26
CA ARG A 111 18.16 -1.75 6.55
C ARG A 111 17.13 -1.79 7.68
N VAL A 112 16.00 -1.15 7.48
CA VAL A 112 14.95 -1.09 8.49
C VAL A 112 14.07 -2.35 8.46
N LEU A 113 13.51 -2.64 7.29
CA LEU A 113 12.61 -3.77 7.14
C LEU A 113 13.38 -5.09 7.18
N SER A 114 14.53 -5.10 6.51
CA SER A 114 15.46 -6.25 6.48
C SER A 114 14.78 -7.60 6.16
N ALA A 115 14.41 -8.34 7.20
CA ALA A 115 13.84 -9.68 7.05
C ALA A 115 12.47 -9.65 6.40
N LEU A 116 11.84 -8.51 6.41
CA LEU A 116 10.54 -8.36 5.81
C LEU A 116 10.65 -8.35 4.29
N LEU A 117 11.71 -7.73 3.79
CA LEU A 117 11.88 -7.58 2.36
C LEU A 117 12.13 -8.88 1.64
N ASN A 118 12.99 -9.73 2.19
CA ASN A 118 13.28 -11.01 1.54
C ASN A 118 12.04 -11.88 1.44
N GLY A 119 11.08 -11.63 2.32
CA GLY A 119 9.84 -12.36 2.27
C GLY A 119 8.84 -11.70 1.34
N VAL A 120 8.94 -10.38 1.22
CA VAL A 120 8.04 -9.62 0.37
C VAL A 120 8.51 -9.58 -1.10
N SER A 121 9.83 -9.56 -1.31
CA SER A 121 10.42 -9.48 -2.64
C SER A 121 9.89 -10.57 -3.55
N SER A 122 9.91 -11.78 -3.06
CA SER A 122 9.45 -12.92 -3.80
C SER A 122 7.92 -12.96 -3.83
N ALA A 123 7.30 -12.42 -2.79
CA ALA A 123 5.86 -12.45 -2.65
C ALA A 123 5.14 -11.31 -3.40
N ALA A 124 5.02 -10.15 -2.75
CA ALA A 124 4.28 -9.01 -3.30
C ALA A 124 4.98 -8.41 -4.50
N GLN A 125 6.29 -8.27 -4.41
CA GLN A 125 7.07 -7.70 -5.48
C GLN A 125 7.23 -8.71 -6.62
N GLY A 126 7.08 -9.98 -6.28
CA GLY A 126 7.23 -11.03 -7.26
C GLY A 126 5.95 -11.32 -8.03
N LEU A 127 5.08 -12.09 -7.42
CA LEU A 127 3.85 -12.52 -8.07
C LEU A 127 2.73 -11.55 -7.79
N GLY A 128 2.84 -10.84 -6.69
CA GLY A 128 1.79 -9.95 -6.29
C GLY A 128 0.73 -10.72 -5.54
N ILE A 129 0.92 -10.82 -4.24
CA ILE A 129 0.04 -11.59 -3.36
C ILE A 129 -1.40 -11.11 -3.42
N ASN A 130 -2.31 -12.07 -3.47
CA ASN A 130 -3.73 -11.78 -3.51
C ASN A 130 -4.38 -12.13 -2.17
N VAL A 131 -5.45 -11.45 -1.85
CA VAL A 131 -6.21 -11.75 -0.66
C VAL A 131 -7.61 -12.21 -1.05
N ASP A 132 -8.32 -12.83 -0.12
CA ASP A 132 -9.67 -13.36 -0.38
C ASP A 132 -10.65 -12.25 -0.80
N SER A 133 -11.64 -12.64 -1.59
CA SER A 133 -12.62 -11.73 -2.14
C SER A 133 -13.62 -11.20 -1.11
N GLY A 134 -13.66 -11.82 0.08
CA GLY A 134 -14.60 -11.43 1.12
C GLY A 134 -14.69 -9.94 1.32
N SER A 135 -13.69 -9.36 1.95
CA SER A 135 -13.68 -7.94 2.16
C SER A 135 -12.69 -7.24 1.24
N VAL A 136 -11.42 -7.64 1.32
CA VAL A 136 -10.33 -6.98 0.60
C VAL A 136 -10.64 -6.73 -0.87
N GLN A 137 -10.88 -7.79 -1.63
CA GLN A 137 -11.12 -7.65 -3.06
C GLN A 137 -12.31 -6.75 -3.34
N SER A 138 -13.41 -7.01 -2.66
CA SER A 138 -14.63 -6.24 -2.85
C SER A 138 -14.41 -4.76 -2.49
N ASP A 139 -13.70 -4.52 -1.40
CA ASP A 139 -13.41 -3.15 -0.96
C ASP A 139 -12.49 -2.44 -1.93
N ILE A 140 -11.39 -3.08 -2.29
CA ILE A 140 -10.42 -2.46 -3.19
C ILE A 140 -10.97 -2.30 -4.60
N SER A 141 -11.78 -3.26 -5.05
CA SER A 141 -12.34 -3.20 -6.39
C SER A 141 -13.26 -1.98 -6.54
N SER A 142 -14.18 -1.81 -5.59
CA SER A 142 -15.11 -0.69 -5.62
C SER A 142 -14.34 0.63 -5.58
N SER A 143 -13.34 0.69 -4.71
CA SER A 143 -12.51 1.86 -4.57
C SER A 143 -11.72 2.14 -5.85
N SER A 144 -11.19 1.09 -6.45
CA SER A 144 -10.39 1.22 -7.66
C SER A 144 -11.27 1.62 -8.85
N SER A 145 -12.56 1.31 -8.77
CA SER A 145 -13.47 1.65 -9.83
C SER A 145 -14.01 3.08 -9.66
N PHE A 146 -14.66 3.34 -8.53
CA PHE A 146 -15.29 4.64 -8.30
C PHE A 146 -14.35 5.65 -7.61
N LEU A 147 -13.83 5.26 -6.47
CA LEU A 147 -13.07 6.19 -5.61
C LEU A 147 -11.69 6.54 -6.18
N SER A 148 -11.33 5.92 -7.28
CA SER A 148 -10.04 6.15 -7.90
C SER A 148 -9.87 7.62 -8.31
N THR A 149 -10.85 8.15 -9.01
CA THR A 149 -10.80 9.54 -9.42
C THR A 149 -12.21 10.16 -9.48
N SER A 150 -13.24 9.32 -9.42
CA SER A 150 -14.61 9.81 -9.48
C SER A 150 -15.05 10.39 -8.13
N SER A 151 -14.46 11.54 -7.79
CA SER A 151 -14.76 12.25 -6.57
C SER A 151 -14.49 13.74 -6.77
N SER A 152 -15.44 14.57 -6.40
CA SER A 152 -15.32 16.03 -6.57
C SER A 152 -14.29 16.63 -5.61
N SER A 153 -13.66 15.80 -4.80
CA SER A 153 -12.66 16.25 -3.89
C SER A 153 -11.29 16.19 -4.57
N ALA A 154 -10.73 14.99 -4.64
CA ALA A 154 -9.41 14.76 -5.21
C ALA A 154 -9.29 15.26 -6.65
N SER A 155 -10.40 15.28 -7.36
CA SER A 155 -10.36 15.67 -8.76
C SER A 155 -10.87 17.10 -8.97
N TYR A 156 -11.12 17.85 -7.89
CA TYR A 156 -11.64 19.22 -8.06
C TYR A 156 -11.41 20.11 -6.83
N SER A 157 -12.22 19.91 -5.78
CA SER A 157 -12.16 20.74 -4.58
C SER A 157 -10.78 20.68 -3.90
N GLN A 158 -10.15 19.52 -3.98
CA GLN A 158 -8.86 19.31 -3.37
C GLN A 158 -7.72 19.55 -4.36
N ALA A 159 -8.09 19.95 -5.57
CA ALA A 159 -7.11 20.26 -6.60
C ALA A 159 -6.90 21.76 -6.65
N SER A 160 -5.95 22.23 -7.47
CA SER A 160 -5.63 23.66 -7.58
C SER A 160 -5.36 24.23 -6.18
N ALA A 161 -4.57 23.50 -5.42
CA ALA A 161 -4.32 23.83 -4.04
C ALA A 161 -2.98 24.53 -3.83
N SER A 162 -3.00 25.56 -3.02
CA SER A 162 -1.81 26.25 -2.62
C SER A 162 -1.41 25.74 -1.23
N SER A 163 -0.66 24.66 -1.22
CA SER A 163 -0.31 23.98 0.01
C SER A 163 0.74 24.71 0.82
N THR A 164 1.50 25.60 0.17
CA THR A 164 2.56 26.34 0.84
C THR A 164 2.03 27.13 2.04
N SER A 165 2.20 26.55 3.24
CA SER A 165 1.77 27.15 4.50
C SER A 165 0.25 27.35 4.55
N GLY A 166 -0.48 26.62 3.71
CA GLY A 166 -1.91 26.77 3.66
C GLY A 166 -2.64 25.47 3.42
N ALA A 167 -2.12 24.40 4.00
CA ALA A 167 -2.74 23.09 3.85
C ALA A 167 -2.30 22.16 4.98
N GLY A 168 -3.07 21.11 5.20
CA GLY A 168 -2.73 20.14 6.22
C GLY A 168 -1.72 19.13 5.75
N TYR A 169 -0.65 19.61 5.13
CA TYR A 169 0.45 18.78 4.60
C TYR A 169 0.01 17.96 3.38
N THR A 170 0.83 18.01 2.35
CA THR A 170 0.53 17.36 1.09
C THR A 170 0.54 15.83 1.19
N GLY A 171 -0.33 15.19 0.42
CA GLY A 171 -0.39 13.75 0.38
C GLY A 171 -1.53 13.19 1.20
N PRO A 172 -1.23 12.32 2.17
CA PRO A 172 -2.25 11.68 3.00
C PRO A 172 -3.08 12.68 3.78
N SER A 173 -4.37 12.74 3.46
CA SER A 173 -5.32 13.65 4.12
C SER A 173 -5.02 15.11 3.78
N GLY A 174 -4.26 15.31 2.72
CA GLY A 174 -3.93 16.65 2.28
C GLY A 174 -4.51 16.94 0.92
N PRO A 175 -4.09 18.04 0.29
CA PRO A 175 -4.56 18.41 -1.04
C PRO A 175 -4.04 17.45 -2.11
N SER A 176 -4.76 17.36 -3.21
CA SER A 176 -4.39 16.48 -4.29
C SER A 176 -3.44 17.16 -5.25
N THR A 177 -2.16 17.07 -4.95
CA THR A 177 -1.12 17.67 -5.78
C THR A 177 -0.77 16.75 -6.95
N GLY A 178 -1.20 15.50 -6.85
CA GLY A 178 -0.89 14.55 -7.89
C GLY A 178 -2.11 13.80 -8.40
N PRO A 179 -3.00 14.48 -9.16
CA PRO A 179 -4.17 13.84 -9.76
C PRO A 179 -3.77 12.99 -10.98
N SER A 180 -4.75 12.45 -11.67
CA SER A 180 -4.49 11.62 -12.83
C SER A 180 -4.11 12.47 -14.04
N GLY A 181 -5.09 13.12 -14.63
CA GLY A 181 -4.86 13.93 -15.80
C GLY A 181 -4.57 13.10 -17.03
N TYR A 182 -3.32 13.10 -17.44
CA TYR A 182 -2.90 12.33 -18.61
C TYR A 182 -1.68 11.48 -18.26
N PRO A 183 -1.56 10.29 -18.87
CA PRO A 183 -0.46 9.36 -18.60
C PRO A 183 0.91 10.03 -18.69
N GLY A 184 1.68 9.90 -17.63
CA GLY A 184 2.98 10.52 -17.56
C GLY A 184 3.26 11.00 -16.16
N PRO A 185 3.07 12.28 -15.90
CA PRO A 185 3.22 12.83 -14.57
C PRO A 185 1.91 12.72 -13.80
N LEU A 186 1.92 13.13 -12.56
CA LEU A 186 0.70 13.09 -11.79
C LEU A 186 0.11 14.47 -11.69
N GLY A 187 -0.60 14.85 -12.75
CA GLY A 187 -1.24 16.14 -12.80
C GLY A 187 -0.28 17.25 -13.12
N GLY A 188 0.68 17.45 -12.24
CA GLY A 188 1.67 18.49 -12.43
C GLY A 188 2.69 18.50 -11.31
N GLY A 189 2.22 18.30 -10.09
CA GLY A 189 3.11 18.30 -8.94
C GLY A 189 3.22 16.93 -8.31
N ALA A 190 3.83 16.00 -9.02
CA ALA A 190 4.01 14.65 -8.53
C ALA A 190 5.10 14.59 -7.46
N PRO A 191 4.83 13.90 -6.33
CA PRO A 191 5.81 13.74 -5.25
C PRO A 191 7.08 13.05 -5.76
N PHE A 192 8.22 13.53 -5.31
CA PHE A 192 9.51 13.00 -5.74
C PHE A 192 9.86 11.69 -5.02
N GLY A 193 8.88 10.82 -4.90
CA GLY A 193 9.09 9.52 -4.30
C GLY A 193 8.89 8.42 -5.31
N GLN A 194 8.46 8.82 -6.50
CA GLN A 194 8.20 7.88 -7.59
C GLN A 194 9.30 8.01 -8.63
N SER A 195 9.56 6.94 -9.36
CA SER A 195 10.59 6.94 -10.38
C SER A 195 10.05 7.52 -11.70
N GLY A 196 9.48 8.71 -11.63
CA GLY A 196 8.95 9.38 -12.81
C GLY A 196 7.54 8.94 -13.16
N PHE A 197 7.24 7.66 -12.88
CA PHE A 197 5.93 7.04 -13.16
C PHE A 197 5.73 6.82 -14.66
N GLY A 198 5.60 7.91 -15.38
CA GLY A 198 5.43 7.84 -16.81
C GLY A 198 6.18 8.95 -17.51
N GLY A 199 5.86 9.19 -18.76
CA GLY A 199 6.54 10.23 -19.49
C GLY A 199 7.74 9.70 -20.23
N ALA A 1 2.39 -6.45 16.98
CA ALA A 1 1.97 -5.45 15.98
C ALA A 1 3.06 -4.42 15.78
N GLY A 2 3.66 -4.42 14.61
CA GLY A 2 4.69 -3.46 14.29
C GLY A 2 5.98 -4.14 13.88
N PRO A 3 7.07 -3.95 14.64
CA PRO A 3 8.35 -4.57 14.35
C PRO A 3 8.40 -6.02 14.84
N GLN A 4 9.52 -6.69 14.57
CA GLN A 4 9.68 -8.07 14.97
C GLN A 4 11.08 -8.29 15.51
N GLY A 5 11.18 -8.46 16.82
CA GLY A 5 12.46 -8.67 17.45
C GLY A 5 13.38 -7.47 17.28
N GLY A 6 14.53 -7.71 16.69
CA GLY A 6 15.47 -6.64 16.46
C GLY A 6 15.27 -5.98 15.12
N PHE A 7 14.33 -6.52 14.35
CA PHE A 7 14.04 -5.99 13.04
C PHE A 7 13.03 -4.86 13.15
N GLY A 8 13.33 -3.76 12.49
CA GLY A 8 12.47 -2.60 12.55
C GLY A 8 11.55 -2.53 11.37
N ALA A 9 10.49 -3.32 11.39
CA ALA A 9 9.52 -3.30 10.33
C ALA A 9 8.82 -1.95 10.31
N THR A 10 8.53 -1.46 9.11
CA THR A 10 7.89 -0.14 8.89
C THR A 10 8.64 0.99 9.63
N GLY A 11 9.69 1.49 9.00
CA GLY A 11 10.46 2.56 9.60
C GLY A 11 11.28 3.30 8.57
N GLY A 12 11.94 4.36 9.01
CA GLY A 12 12.77 5.14 8.12
C GLY A 12 11.97 6.15 7.32
N ALA A 13 12.56 6.62 6.22
CA ALA A 13 11.90 7.60 5.35
C ALA A 13 10.61 7.07 4.75
N SER A 14 10.41 5.76 4.88
CA SER A 14 9.23 5.10 4.40
C SER A 14 7.98 5.76 4.96
N ALA A 15 8.03 6.11 6.26
CA ALA A 15 6.88 6.69 6.96
C ALA A 15 6.35 7.96 6.29
N GLY A 16 7.21 8.65 5.57
CA GLY A 16 6.79 9.85 4.89
C GLY A 16 6.23 9.58 3.51
N LEU A 17 6.93 8.73 2.76
CA LEU A 17 6.58 8.44 1.38
C LEU A 17 5.48 7.38 1.20
N ILE A 18 5.25 6.55 2.23
CA ILE A 18 4.25 5.46 2.17
C ILE A 18 2.91 5.90 1.52
N SER A 19 2.38 7.01 1.96
CA SER A 19 1.12 7.50 1.44
C SER A 19 1.30 8.33 0.17
N ARG A 20 2.53 8.80 -0.05
CA ARG A 20 2.82 9.69 -1.17
C ARG A 20 3.11 8.97 -2.49
N VAL A 21 3.78 7.82 -2.43
CA VAL A 21 4.24 7.15 -3.65
C VAL A 21 3.11 6.50 -4.48
N ALA A 22 2.99 5.18 -4.38
CA ALA A 22 2.07 4.42 -5.23
C ALA A 22 0.62 4.63 -4.86
N ASN A 23 0.31 4.46 -3.59
CA ASN A 23 -1.07 4.52 -3.12
C ASN A 23 -1.73 5.89 -3.35
N ALA A 24 -0.92 6.94 -3.45
CA ALA A 24 -1.47 8.28 -3.69
C ALA A 24 -2.23 8.35 -5.00
N LEU A 25 -1.64 7.80 -6.05
CA LEU A 25 -2.26 7.80 -7.37
C LEU A 25 -3.25 6.65 -7.51
N ALA A 26 -2.98 5.56 -6.78
CA ALA A 26 -3.86 4.40 -6.81
C ALA A 26 -5.22 4.74 -6.21
N ASN A 27 -5.20 5.49 -5.09
CA ASN A 27 -6.41 5.98 -4.41
C ASN A 27 -7.35 4.83 -4.01
N THR A 28 -6.81 3.61 -3.98
CA THR A 28 -7.58 2.43 -3.66
C THR A 28 -7.94 2.40 -2.15
N SER A 29 -8.82 1.48 -1.76
CA SER A 29 -9.26 1.36 -0.38
C SER A 29 -8.10 1.02 0.57
N THR A 30 -7.00 0.52 0.01
CA THR A 30 -5.83 0.08 0.80
C THR A 30 -5.28 1.20 1.70
N LEU A 31 -5.24 2.41 1.17
CA LEU A 31 -4.74 3.54 1.92
C LEU A 31 -5.89 4.31 2.54
N ARG A 32 -7.07 4.11 1.98
CA ARG A 32 -8.26 4.85 2.37
C ARG A 32 -8.82 4.39 3.72
N THR A 33 -8.91 3.07 3.94
CA THR A 33 -9.48 2.55 5.19
C THR A 33 -9.41 1.02 5.29
N VAL A 34 -9.35 0.36 4.16
CA VAL A 34 -9.27 -1.09 4.13
C VAL A 34 -7.82 -1.53 4.10
N LEU A 35 -7.50 -2.59 4.85
CA LEU A 35 -6.13 -3.11 4.91
C LEU A 35 -5.62 -3.45 3.52
N ARG A 36 -4.33 -3.24 3.30
CA ARG A 36 -3.73 -3.52 2.00
C ARG A 36 -3.89 -4.99 1.63
N THR A 37 -3.92 -5.25 0.35
CA THR A 37 -4.05 -6.58 -0.18
C THR A 37 -2.82 -7.41 0.13
N GLY A 38 -2.99 -8.42 0.96
CA GLY A 38 -1.89 -9.28 1.29
C GLY A 38 -1.06 -8.72 2.42
N VAL A 39 -1.73 -8.15 3.41
CA VAL A 39 -1.07 -7.60 4.60
C VAL A 39 -0.10 -8.62 5.23
N SER A 40 0.98 -8.11 5.79
CA SER A 40 2.01 -8.95 6.37
C SER A 40 1.76 -9.15 7.88
N GLN A 41 2.29 -10.26 8.41
CA GLN A 41 2.10 -10.59 9.83
C GLN A 41 2.80 -9.62 10.76
N GLN A 42 3.67 -8.78 10.22
CA GLN A 42 4.38 -7.80 11.05
C GLN A 42 3.40 -6.96 11.87
N ILE A 43 2.32 -6.54 11.24
CA ILE A 43 1.31 -5.73 11.90
C ILE A 43 0.31 -6.60 12.69
N ALA A 44 0.06 -7.80 12.20
CA ALA A 44 -0.93 -8.69 12.80
C ALA A 44 -0.36 -9.49 13.97
N SER A 45 0.80 -10.11 13.72
CA SER A 45 1.51 -10.94 14.70
C SER A 45 0.89 -12.33 14.84
N SER A 46 -0.35 -12.46 14.40
CA SER A 46 -1.10 -13.69 14.52
C SER A 46 -0.59 -14.81 13.58
N VAL A 47 -1.30 -15.01 12.47
CA VAL A 47 -0.99 -16.12 11.54
C VAL A 47 -0.93 -15.65 10.09
N VAL A 48 -1.57 -14.54 9.80
CA VAL A 48 -1.61 -14.01 8.44
C VAL A 48 -0.23 -13.44 8.02
N GLN A 49 0.60 -14.30 7.43
CA GLN A 49 1.92 -13.89 6.95
C GLN A 49 1.79 -13.15 5.63
N ARG A 50 1.26 -13.83 4.62
CA ARG A 50 1.04 -13.24 3.31
C ARG A 50 -0.45 -13.28 2.99
N ALA A 51 -1.23 -13.85 3.91
CA ALA A 51 -2.69 -14.01 3.75
C ALA A 51 -3.05 -15.04 2.68
N ALA A 52 -2.61 -14.78 1.46
CA ALA A 52 -2.92 -15.61 0.27
C ALA A 52 -2.81 -17.12 0.54
N GLN A 53 -1.58 -17.67 0.45
CA GLN A 53 -1.37 -19.11 0.64
C GLN A 53 0.09 -19.50 0.44
N SER A 54 0.71 -18.95 -0.61
CA SER A 54 2.10 -19.25 -0.97
C SER A 54 3.05 -19.12 0.23
N LEU A 55 3.27 -17.90 0.69
CA LEU A 55 4.15 -17.65 1.83
C LEU A 55 3.38 -17.81 3.15
N ALA A 56 2.07 -17.65 3.07
CA ALA A 56 1.21 -17.73 4.24
C ALA A 56 1.09 -19.15 4.76
N SER A 57 1.41 -20.11 3.89
CA SER A 57 1.32 -21.52 4.22
C SER A 57 1.98 -21.83 5.57
N THR A 58 1.15 -22.12 6.56
CA THR A 58 1.64 -22.41 7.89
C THR A 58 0.63 -23.29 8.66
N LEU A 59 -0.66 -22.98 8.53
CA LEU A 59 -1.71 -23.73 9.21
C LEU A 59 -2.72 -24.30 8.22
N GLY A 60 -2.32 -24.39 6.96
CA GLY A 60 -3.24 -24.86 5.93
C GLY A 60 -4.07 -23.73 5.39
N VAL A 61 -3.41 -22.78 4.75
CA VAL A 61 -4.07 -21.60 4.22
C VAL A 61 -4.52 -21.85 2.79
N ASP A 62 -5.83 -21.86 2.60
CA ASP A 62 -6.44 -22.08 1.30
C ASP A 62 -7.95 -21.99 1.42
N GLY A 63 -8.47 -20.78 1.31
CA GLY A 63 -9.91 -20.58 1.35
C GLY A 63 -10.48 -20.44 2.75
N ASN A 64 -10.29 -21.46 3.58
CA ASN A 64 -10.88 -21.51 4.93
C ASN A 64 -10.39 -20.36 5.79
N ASN A 65 -9.16 -20.48 6.28
CA ASN A 65 -8.59 -19.43 7.14
C ASN A 65 -7.96 -18.33 6.30
N LEU A 66 -8.35 -18.29 5.04
CA LEU A 66 -7.92 -17.25 4.14
C LEU A 66 -8.89 -16.07 4.26
N ALA A 67 -10.16 -16.35 4.05
CA ALA A 67 -11.19 -15.34 4.17
C ALA A 67 -11.51 -15.08 5.62
N ARG A 68 -11.49 -16.14 6.42
CA ARG A 68 -11.76 -16.03 7.84
C ARG A 68 -10.46 -16.12 8.59
N PHE A 69 -10.52 -15.90 9.89
CA PHE A 69 -9.34 -15.96 10.78
C PHE A 69 -8.27 -14.91 10.43
N ALA A 70 -7.71 -14.98 9.23
CA ALA A 70 -6.67 -14.05 8.81
C ALA A 70 -7.20 -12.63 8.79
N VAL A 71 -8.23 -12.40 7.99
CA VAL A 71 -8.85 -11.09 7.88
C VAL A 71 -9.49 -10.71 9.21
N GLN A 72 -10.14 -11.66 9.84
CA GLN A 72 -10.81 -11.44 11.11
C GLN A 72 -9.84 -10.97 12.19
N ALA A 73 -8.67 -11.60 12.24
CA ALA A 73 -7.66 -11.24 13.24
C ALA A 73 -7.27 -9.78 13.13
N VAL A 74 -7.00 -9.33 11.92
CA VAL A 74 -6.56 -7.96 11.69
C VAL A 74 -7.74 -6.98 11.76
N SER A 75 -8.87 -7.36 11.19
CA SER A 75 -10.04 -6.51 11.15
C SER A 75 -10.62 -6.26 12.55
N ARG A 76 -10.35 -7.19 13.46
CA ARG A 76 -10.83 -7.08 14.83
C ARG A 76 -9.71 -6.76 15.79
N LEU A 77 -8.54 -6.43 15.25
CA LEU A 77 -7.38 -6.14 16.06
C LEU A 77 -7.41 -4.68 16.50
N PRO A 78 -7.53 -4.43 17.81
CA PRO A 78 -7.59 -3.08 18.37
C PRO A 78 -6.28 -2.33 18.17
N ALA A 79 -6.38 -1.13 17.63
CA ALA A 79 -5.21 -0.31 17.38
C ALA A 79 -4.67 0.27 18.67
N GLY A 80 -3.47 -0.12 19.02
CA GLY A 80 -2.84 0.39 20.22
C GLY A 80 -2.55 1.86 20.12
N SER A 81 -1.90 2.25 19.03
CA SER A 81 -1.59 3.64 18.79
C SER A 81 -2.68 4.29 17.94
N ASP A 82 -2.89 3.75 16.74
CA ASP A 82 -3.89 4.26 15.82
C ASP A 82 -4.03 3.33 14.63
N THR A 83 -5.15 3.40 13.93
CA THR A 83 -5.39 2.56 12.77
C THR A 83 -4.38 2.89 11.65
N SER A 84 -3.89 4.13 11.65
CA SER A 84 -2.92 4.58 10.65
C SER A 84 -1.59 3.82 10.79
N ALA A 85 -1.37 3.21 11.96
CA ALA A 85 -0.16 2.45 12.22
C ALA A 85 -0.19 1.12 11.47
N TYR A 86 -1.38 0.68 11.10
CA TYR A 86 -1.56 -0.55 10.36
C TYR A 86 -1.14 -0.38 8.91
N ALA A 87 -1.45 -1.38 8.09
CA ALA A 87 -1.10 -1.34 6.68
C ALA A 87 -2.09 -0.47 5.91
N GLN A 88 -2.36 0.71 6.45
CA GLN A 88 -3.23 1.67 5.81
C GLN A 88 -2.40 2.60 4.95
N ALA A 89 -1.51 3.35 5.59
CA ALA A 89 -0.65 4.28 4.90
C ALA A 89 0.60 3.58 4.40
N PHE A 90 1.06 2.60 5.17
CA PHE A 90 2.28 1.85 4.85
C PHE A 90 2.09 0.91 3.67
N SER A 91 0.90 0.92 3.09
CA SER A 91 0.55 0.04 1.99
C SER A 91 1.58 0.09 0.85
N SER A 92 1.94 1.28 0.41
CA SER A 92 2.89 1.42 -0.71
C SER A 92 4.24 0.75 -0.43
N ALA A 93 4.72 0.88 0.79
CA ALA A 93 6.03 0.35 1.14
C ALA A 93 5.98 -1.14 1.45
N LEU A 94 4.83 -1.58 1.95
CA LEU A 94 4.65 -2.99 2.29
C LEU A 94 4.25 -3.82 1.08
N PHE A 95 3.54 -3.21 0.17
CA PHE A 95 3.08 -3.88 -1.04
C PHE A 95 4.14 -3.82 -2.13
N ASN A 96 4.92 -2.74 -2.12
CA ASN A 96 5.96 -2.49 -3.13
C ASN A 96 5.38 -2.58 -4.53
N ALA A 97 4.53 -1.61 -4.87
CA ALA A 97 3.85 -1.57 -6.17
C ALA A 97 4.83 -1.27 -7.31
N GLY A 98 6.10 -1.11 -6.99
CA GLY A 98 7.12 -0.84 -8.00
C GLY A 98 7.20 0.61 -8.39
N VAL A 99 6.19 1.37 -8.00
CA VAL A 99 6.14 2.79 -8.31
C VAL A 99 7.17 3.56 -7.48
N LEU A 100 7.61 2.93 -6.40
CA LEU A 100 8.59 3.54 -5.51
C LEU A 100 10.00 3.30 -6.00
N ASN A 101 10.91 4.17 -5.61
CA ASN A 101 12.30 4.08 -6.00
C ASN A 101 12.99 2.90 -5.33
N ALA A 102 13.72 2.12 -6.12
CA ALA A 102 14.42 0.96 -5.62
C ALA A 102 15.56 1.36 -4.70
N SER A 103 16.03 2.59 -4.87
CA SER A 103 17.13 3.11 -4.08
C SER A 103 16.70 3.23 -2.64
N ASN A 104 15.45 3.55 -2.46
CA ASN A 104 14.85 3.70 -1.16
C ASN A 104 14.89 2.37 -0.41
N ILE A 105 14.47 1.32 -1.09
CA ILE A 105 14.44 -0.02 -0.53
C ILE A 105 15.88 -0.53 -0.31
N ASP A 106 16.75 -0.21 -1.24
CA ASP A 106 18.16 -0.59 -1.16
C ASP A 106 18.86 0.14 0.00
N THR A 107 18.44 1.36 0.26
CA THR A 107 19.09 2.18 1.28
C THR A 107 18.55 1.92 2.68
N LEU A 108 17.27 2.11 2.88
CA LEU A 108 16.71 1.98 4.21
C LEU A 108 15.70 0.85 4.32
N GLY A 109 15.07 0.49 3.22
CA GLY A 109 14.08 -0.56 3.23
C GLY A 109 14.65 -1.89 3.72
N SER A 110 15.63 -2.40 3.02
CA SER A 110 16.22 -3.67 3.38
C SER A 110 17.16 -3.55 4.59
N ARG A 111 17.47 -2.32 4.98
CA ARG A 111 18.35 -2.09 6.13
C ARG A 111 17.58 -2.05 7.43
N VAL A 112 16.50 -1.29 7.45
CA VAL A 112 15.67 -1.15 8.63
C VAL A 112 14.65 -2.29 8.72
N LEU A 113 13.83 -2.42 7.68
CA LEU A 113 12.78 -3.45 7.63
C LEU A 113 13.42 -4.83 7.43
N SER A 114 14.38 -4.88 6.53
CA SER A 114 15.15 -6.09 6.24
C SER A 114 14.28 -7.30 5.85
N ALA A 115 14.07 -8.21 6.81
CA ALA A 115 13.37 -9.47 6.58
C ALA A 115 11.97 -9.25 5.99
N LEU A 116 11.33 -8.18 6.42
CA LEU A 116 9.99 -7.86 5.94
C LEU A 116 9.98 -7.68 4.43
N LEU A 117 10.83 -6.79 3.93
CA LEU A 117 10.86 -6.52 2.50
C LEU A 117 11.42 -7.70 1.74
N ASN A 118 12.31 -8.46 2.36
CA ASN A 118 12.86 -9.65 1.73
C ASN A 118 11.74 -10.62 1.39
N GLY A 119 10.82 -10.78 2.33
CA GLY A 119 9.68 -11.64 2.11
C GLY A 119 8.73 -11.05 1.10
N VAL A 120 8.53 -9.73 1.18
CA VAL A 120 7.64 -9.03 0.27
C VAL A 120 8.14 -9.11 -1.18
N SER A 121 9.46 -9.03 -1.35
CA SER A 121 10.08 -9.12 -2.68
C SER A 121 9.68 -10.41 -3.39
N SER A 122 9.50 -11.46 -2.62
CA SER A 122 9.09 -12.74 -3.16
C SER A 122 7.55 -12.80 -3.29
N ALA A 123 6.87 -12.18 -2.34
CA ALA A 123 5.42 -12.24 -2.28
C ALA A 123 4.73 -11.26 -3.25
N ALA A 124 4.56 -10.01 -2.83
CA ALA A 124 3.83 -9.03 -3.62
C ALA A 124 4.63 -8.59 -4.83
N GLN A 125 5.87 -8.23 -4.61
CA GLN A 125 6.75 -7.77 -5.67
C GLN A 125 7.05 -8.92 -6.62
N GLY A 126 7.03 -10.14 -6.10
CA GLY A 126 7.39 -11.29 -6.89
C GLY A 126 6.24 -11.85 -7.71
N LEU A 127 5.18 -12.30 -7.05
CA LEU A 127 4.09 -12.97 -7.77
C LEU A 127 2.79 -12.22 -7.62
N GLY A 128 2.73 -11.35 -6.64
CA GLY A 128 1.53 -10.61 -6.40
C GLY A 128 0.63 -11.31 -5.42
N ILE A 129 0.35 -10.66 -4.33
CA ILE A 129 -0.54 -11.21 -3.32
C ILE A 129 -1.99 -10.85 -3.62
N ASN A 130 -2.84 -11.86 -3.73
CA ASN A 130 -4.26 -11.64 -3.99
C ASN A 130 -5.10 -12.30 -2.92
N VAL A 131 -5.90 -11.51 -2.21
CA VAL A 131 -6.78 -12.03 -1.19
C VAL A 131 -8.18 -12.23 -1.78
N ASP A 132 -8.97 -13.09 -1.17
CA ASP A 132 -10.31 -13.42 -1.66
C ASP A 132 -11.27 -12.21 -1.58
N SER A 133 -12.47 -12.39 -2.11
CA SER A 133 -13.48 -11.35 -2.14
C SER A 133 -14.21 -11.24 -0.80
N GLY A 134 -13.51 -11.50 0.28
CA GLY A 134 -14.10 -11.32 1.59
C GLY A 134 -14.24 -9.86 1.89
N SER A 135 -13.24 -9.30 2.52
CA SER A 135 -13.23 -7.89 2.83
C SER A 135 -12.25 -7.13 1.92
N VAL A 136 -11.29 -7.86 1.36
CA VAL A 136 -10.21 -7.24 0.61
C VAL A 136 -10.51 -7.02 -0.87
N GLN A 137 -10.71 -8.11 -1.64
CA GLN A 137 -10.85 -7.99 -3.09
C GLN A 137 -12.07 -7.15 -3.48
N SER A 138 -13.16 -7.32 -2.77
CA SER A 138 -14.40 -6.60 -3.08
C SER A 138 -14.20 -5.07 -2.99
N ASP A 139 -13.52 -4.62 -1.95
CA ASP A 139 -13.29 -3.21 -1.76
C ASP A 139 -12.27 -2.66 -2.74
N ILE A 140 -11.15 -3.35 -2.86
CA ILE A 140 -10.07 -2.88 -3.72
C ILE A 140 -10.49 -2.86 -5.20
N SER A 141 -11.31 -3.83 -5.62
CA SER A 141 -11.75 -3.89 -7.02
C SER A 141 -12.61 -2.69 -7.38
N SER A 142 -13.41 -2.24 -6.44
CA SER A 142 -14.28 -1.10 -6.67
C SER A 142 -13.48 0.20 -6.67
N SER A 143 -12.53 0.29 -5.75
CA SER A 143 -11.73 1.50 -5.58
C SER A 143 -10.56 1.57 -6.58
N SER A 144 -10.16 0.43 -7.13
CA SER A 144 -9.06 0.37 -8.09
C SER A 144 -9.38 1.14 -9.36
N SER A 145 -10.65 1.44 -9.57
CA SER A 145 -11.12 2.18 -10.75
C SER A 145 -10.29 3.45 -11.05
N PHE A 146 -9.55 3.96 -10.06
CA PHE A 146 -8.68 5.11 -10.27
C PHE A 146 -7.50 4.75 -11.16
N LEU A 147 -7.24 3.48 -11.32
CA LEU A 147 -6.17 3.03 -12.18
C LEU A 147 -6.55 3.31 -13.64
N SER A 148 -7.85 3.52 -13.87
CA SER A 148 -8.35 3.85 -15.19
C SER A 148 -7.84 5.22 -15.59
N THR A 149 -7.93 6.20 -14.67
CA THR A 149 -7.43 7.54 -14.97
C THR A 149 -5.91 7.52 -15.03
N SER A 150 -5.30 6.61 -14.26
CA SER A 150 -3.86 6.43 -14.26
C SER A 150 -3.38 6.04 -15.66
N SER A 151 -4.27 5.44 -16.43
CA SER A 151 -4.00 5.08 -17.78
C SER A 151 -4.48 6.18 -18.73
N SER A 152 -5.72 6.62 -18.53
CA SER A 152 -6.32 7.69 -19.31
C SER A 152 -7.52 8.29 -18.56
N SER A 153 -7.45 9.58 -18.27
CA SER A 153 -8.56 10.27 -17.62
C SER A 153 -9.76 10.34 -18.56
N ALA A 154 -10.79 9.58 -18.25
CA ALA A 154 -11.98 9.50 -19.09
C ALA A 154 -12.83 10.78 -18.99
N SER A 155 -13.15 11.18 -17.78
CA SER A 155 -13.98 12.35 -17.57
C SER A 155 -13.13 13.63 -17.50
N TYR A 156 -11.80 13.46 -17.61
CA TYR A 156 -10.83 14.57 -17.59
C TYR A 156 -10.71 15.22 -16.19
N SER A 157 -11.82 15.36 -15.49
CA SER A 157 -11.85 15.95 -14.15
C SER A 157 -11.00 15.12 -13.18
N GLN A 158 -10.70 13.90 -13.56
CA GLN A 158 -9.87 13.01 -12.76
C GLN A 158 -8.42 13.49 -12.79
N ALA A 159 -8.11 14.32 -13.77
CA ALA A 159 -6.76 14.83 -13.95
C ALA A 159 -6.71 16.32 -13.71
N SER A 160 -7.82 16.89 -13.27
CA SER A 160 -7.87 18.32 -13.03
C SER A 160 -8.85 18.65 -11.91
N ALA A 161 -8.30 18.97 -10.75
CA ALA A 161 -9.10 19.36 -9.61
C ALA A 161 -8.73 20.77 -9.19
N SER A 162 -9.66 21.47 -8.55
CA SER A 162 -9.43 22.84 -8.17
C SER A 162 -8.54 22.93 -6.92
N SER A 163 -7.26 23.07 -7.14
CA SER A 163 -6.29 23.21 -6.08
C SER A 163 -6.15 24.68 -5.70
N THR A 164 -6.67 25.53 -6.57
CA THR A 164 -6.62 26.97 -6.39
C THR A 164 -7.66 27.43 -5.35
N SER A 165 -8.54 26.53 -4.97
CA SER A 165 -9.58 26.84 -3.99
C SER A 165 -9.14 26.45 -2.58
N GLY A 166 -7.88 26.03 -2.46
CA GLY A 166 -7.37 25.64 -1.17
C GLY A 166 -6.88 24.22 -1.16
N ALA A 167 -5.57 24.06 -1.20
CA ALA A 167 -4.96 22.75 -1.18
C ALA A 167 -4.01 22.62 0.00
N GLY A 168 -3.35 23.72 0.32
CA GLY A 168 -2.43 23.74 1.45
C GLY A 168 -1.12 23.05 1.15
N TYR A 169 -1.16 21.74 1.10
CA TYR A 169 0.04 20.95 0.87
C TYR A 169 -0.02 20.26 -0.49
N THR A 170 -1.21 19.87 -0.90
CA THR A 170 -1.42 19.16 -2.17
C THR A 170 -0.73 17.80 -2.15
N GLY A 171 -1.44 16.79 -1.67
CA GLY A 171 -0.89 15.47 -1.58
C GLY A 171 -1.87 14.49 -0.96
N PRO A 172 -1.37 13.46 -0.23
CA PRO A 172 -2.22 12.44 0.41
C PRO A 172 -3.35 13.04 1.26
N SER A 173 -3.03 14.09 1.97
CA SER A 173 -3.99 14.74 2.84
C SER A 173 -4.53 16.02 2.19
N GLY A 174 -4.52 16.05 0.88
CA GLY A 174 -5.01 17.20 0.15
C GLY A 174 -6.02 16.81 -0.92
N PRO A 175 -6.30 17.71 -1.86
CA PRO A 175 -7.24 17.44 -2.95
C PRO A 175 -6.62 16.51 -4.00
N SER A 176 -7.44 16.01 -4.92
CA SER A 176 -6.98 15.12 -5.97
C SER A 176 -6.27 15.91 -7.08
N THR A 177 -5.20 16.57 -6.72
CA THR A 177 -4.44 17.35 -7.66
C THR A 177 -3.24 16.57 -8.16
N GLY A 178 -3.41 15.95 -9.29
CA GLY A 178 -2.35 15.19 -9.89
C GLY A 178 -2.78 14.57 -11.19
N PRO A 179 -2.81 15.37 -12.29
CA PRO A 179 -3.17 14.90 -13.62
C PRO A 179 -2.63 13.52 -13.93
N SER A 180 -3.50 12.53 -13.89
CA SER A 180 -3.13 11.17 -14.12
C SER A 180 -2.69 10.99 -15.57
N GLY A 181 -1.40 10.83 -15.76
CA GLY A 181 -0.86 10.65 -17.09
C GLY A 181 0.62 10.90 -17.12
N TYR A 182 1.05 11.73 -18.05
CA TYR A 182 2.46 12.05 -18.23
C TYR A 182 2.60 13.47 -18.81
N PRO A 183 1.73 14.45 -18.42
CA PRO A 183 1.75 15.75 -19.02
C PRO A 183 2.76 16.66 -18.37
N GLY A 184 3.65 17.21 -19.18
CA GLY A 184 4.65 18.13 -18.69
C GLY A 184 5.72 17.45 -17.84
N PRO A 185 5.70 17.65 -16.51
CA PRO A 185 6.69 17.10 -15.61
C PRO A 185 6.32 15.69 -15.12
N LEU A 186 5.23 15.60 -14.38
CA LEU A 186 4.75 14.34 -13.86
C LEU A 186 3.23 14.36 -13.84
N GLY A 187 2.67 15.25 -13.04
CA GLY A 187 1.24 15.37 -12.97
C GLY A 187 0.80 16.44 -12.00
N GLY A 188 0.88 17.69 -12.43
CA GLY A 188 0.47 18.81 -11.59
C GLY A 188 1.48 19.12 -10.50
N GLY A 189 1.69 18.16 -9.64
CA GLY A 189 2.62 18.31 -8.57
C GLY A 189 3.28 17.00 -8.24
N ALA A 190 2.55 16.16 -7.50
CA ALA A 190 3.03 14.84 -7.10
C ALA A 190 4.19 14.95 -6.10
N PRO A 191 4.45 13.89 -5.31
CA PRO A 191 5.57 13.87 -4.36
C PRO A 191 6.91 13.80 -5.07
N PHE A 192 6.88 13.34 -6.33
CA PHE A 192 8.07 13.19 -7.18
C PHE A 192 8.95 12.02 -6.74
N GLY A 193 8.69 11.49 -5.55
CA GLY A 193 9.46 10.38 -5.03
C GLY A 193 9.06 9.05 -5.64
N GLN A 194 9.11 8.98 -6.95
CA GLN A 194 8.77 7.77 -7.68
C GLN A 194 10.02 7.17 -8.30
N SER A 195 9.87 5.99 -8.88
CA SER A 195 10.99 5.33 -9.54
C SER A 195 11.00 5.66 -11.03
N GLY A 196 10.21 6.63 -11.41
CA GLY A 196 10.10 6.97 -12.82
C GLY A 196 9.03 6.14 -13.47
N PHE A 197 7.88 6.10 -12.85
CA PHE A 197 6.76 5.31 -13.34
C PHE A 197 5.89 6.16 -14.26
N GLY A 198 5.91 7.45 -14.02
CA GLY A 198 5.16 8.36 -14.83
C GLY A 198 5.72 9.76 -14.75
N GLY A 199 5.87 10.40 -15.89
CA GLY A 199 6.39 11.74 -15.92
C GLY A 199 7.67 11.83 -16.71
N ALA A 1 1.06 -4.65 16.34
CA ALA A 1 2.27 -5.01 15.59
C ALA A 1 3.30 -5.64 16.52
N GLY A 2 4.32 -6.23 15.93
CA GLY A 2 5.35 -6.85 16.73
C GLY A 2 6.75 -6.49 16.25
N PRO A 3 7.32 -5.39 16.77
CA PRO A 3 8.68 -4.97 16.41
C PRO A 3 9.71 -5.96 16.95
N GLN A 4 10.78 -6.18 16.20
CA GLN A 4 11.79 -7.14 16.62
C GLN A 4 12.91 -6.47 17.39
N GLY A 5 13.29 -5.29 16.94
CA GLY A 5 14.41 -4.59 17.53
C GLY A 5 15.50 -4.44 16.52
N GLY A 6 16.06 -5.56 16.12
CA GLY A 6 17.02 -5.55 15.04
C GLY A 6 16.30 -5.36 13.72
N PHE A 7 15.08 -5.88 13.67
CA PHE A 7 14.23 -5.71 12.52
C PHE A 7 13.06 -4.80 12.89
N GLY A 8 12.96 -3.70 12.20
CA GLY A 8 11.90 -2.76 12.44
C GLY A 8 10.98 -2.66 11.26
N ALA A 9 10.10 -3.62 11.12
CA ALA A 9 9.18 -3.66 10.02
C ALA A 9 8.14 -2.57 10.14
N THR A 10 7.80 -1.96 9.01
CA THR A 10 6.80 -0.90 8.94
C THR A 10 7.32 0.39 9.62
N GLY A 11 7.99 1.23 8.84
CA GLY A 11 8.51 2.47 9.36
C GLY A 11 9.61 3.04 8.50
N GLY A 12 10.50 3.80 9.10
CA GLY A 12 11.60 4.39 8.39
C GLY A 12 11.22 5.71 7.74
N ALA A 13 12.06 6.18 6.82
CA ALA A 13 11.81 7.42 6.10
C ALA A 13 10.67 7.25 5.10
N SER A 14 10.23 6.00 4.96
CA SER A 14 9.14 5.65 4.08
C SER A 14 7.90 6.50 4.38
N ALA A 15 7.74 6.90 5.64
CA ALA A 15 6.60 7.69 6.09
C ALA A 15 6.42 8.97 5.26
N GLY A 16 7.48 9.44 4.65
CA GLY A 16 7.37 10.63 3.84
C GLY A 16 6.97 10.33 2.41
N LEU A 17 7.55 9.28 1.84
CA LEU A 17 7.31 8.94 0.44
C LEU A 17 6.04 8.09 0.23
N ILE A 18 5.60 7.39 1.29
CA ILE A 18 4.43 6.47 1.19
C ILE A 18 3.23 7.07 0.46
N SER A 19 2.83 8.25 0.85
CA SER A 19 1.67 8.90 0.26
C SER A 19 1.91 9.27 -1.19
N ARG A 20 3.17 9.38 -1.57
CA ARG A 20 3.56 9.76 -2.90
C ARG A 20 3.73 8.54 -3.82
N VAL A 21 3.96 7.39 -3.24
CA VAL A 21 4.16 6.15 -4.03
C VAL A 21 2.90 5.81 -4.87
N ALA A 22 3.03 4.84 -5.79
CA ALA A 22 1.96 4.42 -6.72
C ALA A 22 0.57 4.22 -6.08
N ASN A 23 0.53 4.01 -4.78
CA ASN A 23 -0.74 3.84 -4.08
C ASN A 23 -1.53 5.15 -4.03
N ALA A 24 -0.82 6.26 -4.18
CA ALA A 24 -1.42 7.59 -4.14
C ALA A 24 -2.55 7.76 -5.14
N LEU A 25 -2.27 7.48 -6.43
CA LEU A 25 -3.29 7.65 -7.48
C LEU A 25 -4.28 6.49 -7.43
N ALA A 26 -3.92 5.42 -6.75
CA ALA A 26 -4.83 4.31 -6.56
C ALA A 26 -5.91 4.74 -5.58
N ASN A 27 -5.46 5.33 -4.46
CA ASN A 27 -6.33 5.91 -3.40
C ASN A 27 -7.44 4.96 -2.96
N THR A 28 -7.28 3.69 -3.25
CA THR A 28 -8.26 2.70 -2.94
C THR A 28 -8.25 2.38 -1.43
N SER A 29 -9.21 1.58 -0.99
CA SER A 29 -9.37 1.16 0.39
C SER A 29 -8.06 0.71 1.04
N THR A 30 -7.14 0.20 0.22
CA THR A 30 -5.84 -0.33 0.68
C THR A 30 -5.03 0.67 1.52
N LEU A 31 -5.18 1.96 1.20
CA LEU A 31 -4.52 3.00 1.99
C LEU A 31 -5.57 3.84 2.72
N ARG A 32 -6.80 3.73 2.25
CA ARG A 32 -7.93 4.47 2.80
C ARG A 32 -8.28 4.00 4.22
N THR A 33 -8.56 2.71 4.39
CA THR A 33 -8.96 2.17 5.69
C THR A 33 -8.95 0.64 5.73
N VAL A 34 -9.34 0.02 4.61
CA VAL A 34 -9.38 -1.43 4.53
C VAL A 34 -7.97 -1.98 4.40
N LEU A 35 -7.69 -3.05 5.14
CA LEU A 35 -6.36 -3.64 5.18
C LEU A 35 -5.79 -3.87 3.80
N ARG A 36 -4.51 -3.59 3.67
CA ARG A 36 -3.78 -3.72 2.42
C ARG A 36 -3.83 -5.14 1.86
N THR A 37 -3.47 -5.26 0.59
CA THR A 37 -3.44 -6.53 -0.07
C THR A 37 -2.25 -7.34 0.39
N GLY A 38 -2.53 -8.40 1.11
CA GLY A 38 -1.48 -9.25 1.59
C GLY A 38 -0.80 -8.65 2.79
N VAL A 39 -1.60 -8.20 3.75
CA VAL A 39 -1.07 -7.66 4.99
C VAL A 39 -0.19 -8.71 5.67
N SER A 40 0.86 -8.26 6.31
CA SER A 40 1.83 -9.17 6.90
C SER A 40 1.65 -9.29 8.41
N GLN A 41 2.14 -10.41 8.95
CA GLN A 41 2.07 -10.69 10.39
C GLN A 41 2.84 -9.66 11.21
N GLN A 42 3.64 -8.85 10.55
CA GLN A 42 4.39 -7.82 11.23
C GLN A 42 3.44 -6.90 12.00
N ILE A 43 2.36 -6.48 11.34
CA ILE A 43 1.37 -5.63 11.98
C ILE A 43 0.33 -6.45 12.76
N ALA A 44 -0.03 -7.62 12.21
CA ALA A 44 -1.05 -8.47 12.80
C ALA A 44 -0.49 -9.34 13.92
N SER A 45 0.40 -10.26 13.56
CA SER A 45 1.10 -11.15 14.50
C SER A 45 0.21 -12.29 14.99
N SER A 46 -1.09 -12.14 14.82
CA SER A 46 -2.08 -13.12 15.22
C SER A 46 -1.86 -14.45 14.47
N VAL A 47 -2.23 -14.48 13.20
CA VAL A 47 -2.07 -15.68 12.38
C VAL A 47 -1.53 -15.31 11.01
N VAL A 48 -2.34 -14.55 10.27
CA VAL A 48 -2.04 -14.13 8.89
C VAL A 48 -0.57 -13.69 8.67
N GLN A 49 0.19 -14.54 7.98
CA GLN A 49 1.57 -14.23 7.64
C GLN A 49 1.60 -13.17 6.54
N ARG A 50 0.90 -13.46 5.45
CA ARG A 50 0.79 -12.53 4.34
C ARG A 50 -0.60 -12.62 3.69
N ALA A 51 -1.48 -13.45 4.27
CA ALA A 51 -2.83 -13.71 3.72
C ALA A 51 -2.74 -14.50 2.42
N ALA A 52 -1.99 -13.98 1.47
CA ALA A 52 -1.79 -14.64 0.21
C ALA A 52 -1.00 -15.91 0.44
N GLN A 53 -1.50 -16.98 -0.13
CA GLN A 53 -0.97 -18.33 0.06
C GLN A 53 0.51 -18.44 -0.29
N SER A 54 1.02 -17.48 -1.04
CA SER A 54 2.42 -17.47 -1.44
C SER A 54 3.34 -17.55 -0.23
N LEU A 55 3.40 -16.48 0.55
CA LEU A 55 4.24 -16.42 1.73
C LEU A 55 3.52 -16.96 2.96
N ALA A 56 2.18 -16.92 2.92
CA ALA A 56 1.36 -17.34 4.05
C ALA A 56 1.28 -18.85 4.19
N SER A 57 1.60 -19.57 3.13
CA SER A 57 1.55 -21.03 3.13
C SER A 57 2.38 -21.61 4.30
N THR A 58 1.72 -21.82 5.43
CA THR A 58 2.37 -22.33 6.61
C THR A 58 1.37 -23.11 7.48
N LEU A 59 0.12 -22.64 7.52
CA LEU A 59 -0.93 -23.28 8.30
C LEU A 59 -2.02 -23.81 7.39
N GLY A 60 -1.68 -23.99 6.13
CA GLY A 60 -2.67 -24.42 5.17
C GLY A 60 -3.62 -23.30 4.87
N VAL A 61 -3.07 -22.16 4.46
CA VAL A 61 -3.86 -20.98 4.21
C VAL A 61 -4.33 -20.95 2.79
N ASP A 62 -5.61 -21.18 2.58
CA ASP A 62 -6.19 -21.12 1.25
C ASP A 62 -7.70 -21.10 1.33
N GLY A 63 -8.25 -19.93 1.56
CA GLY A 63 -9.69 -19.78 1.66
C GLY A 63 -10.21 -20.14 3.05
N ASN A 64 -9.82 -21.31 3.51
CA ASN A 64 -10.25 -21.85 4.81
C ASN A 64 -9.94 -20.89 5.98
N ASN A 65 -8.71 -20.92 6.48
CA ASN A 65 -8.31 -20.05 7.58
C ASN A 65 -7.86 -18.70 7.05
N LEU A 66 -8.19 -18.45 5.79
CA LEU A 66 -7.91 -17.18 5.17
C LEU A 66 -9.06 -16.23 5.44
N ALA A 67 -10.26 -16.60 4.98
CA ALA A 67 -11.44 -15.79 5.21
C ALA A 67 -11.86 -15.89 6.67
N ARG A 68 -11.80 -17.09 7.19
CA ARG A 68 -12.08 -17.34 8.60
C ARG A 68 -10.79 -17.27 9.36
N PHE A 69 -10.87 -17.01 10.65
CA PHE A 69 -9.67 -16.97 11.52
C PHE A 69 -8.77 -15.75 11.23
N ALA A 70 -8.22 -15.69 10.01
CA ALA A 70 -7.29 -14.62 9.64
C ALA A 70 -7.97 -13.26 9.59
N VAL A 71 -8.94 -13.13 8.68
CA VAL A 71 -9.68 -11.88 8.53
C VAL A 71 -10.32 -11.47 9.84
N GLN A 72 -10.87 -12.43 10.56
CA GLN A 72 -11.55 -12.15 11.82
C GLN A 72 -10.55 -11.69 12.90
N ALA A 73 -9.36 -12.28 12.91
CA ALA A 73 -8.34 -11.91 13.90
C ALA A 73 -7.86 -10.48 13.68
N VAL A 74 -7.75 -10.09 12.42
CA VAL A 74 -7.33 -8.74 12.07
C VAL A 74 -8.50 -7.77 12.21
N SER A 75 -9.68 -8.25 11.89
CA SER A 75 -10.89 -7.46 11.97
C SER A 75 -11.24 -7.14 13.43
N ARG A 76 -10.81 -8.02 14.35
CA ARG A 76 -11.06 -7.82 15.77
C ARG A 76 -9.95 -7.03 16.43
N LEU A 77 -8.96 -6.65 15.65
CA LEU A 77 -7.88 -5.82 16.16
C LEU A 77 -8.41 -4.45 16.51
N PRO A 78 -8.04 -3.92 17.69
CA PRO A 78 -8.52 -2.62 18.15
C PRO A 78 -8.17 -1.51 17.17
N ALA A 79 -9.16 -0.74 16.79
CA ALA A 79 -8.95 0.36 15.88
C ALA A 79 -8.75 1.65 16.65
N GLY A 80 -8.42 1.48 17.91
CA GLY A 80 -8.18 2.61 18.78
C GLY A 80 -6.90 3.31 18.41
N SER A 81 -5.97 2.54 17.86
CA SER A 81 -4.70 3.08 17.41
C SER A 81 -4.88 3.71 16.04
N ASP A 82 -6.09 3.56 15.48
CA ASP A 82 -6.48 4.08 14.17
C ASP A 82 -5.93 3.23 13.04
N THR A 83 -6.61 3.25 11.91
CA THR A 83 -6.22 2.46 10.77
C THR A 83 -4.88 2.91 10.19
N SER A 84 -4.57 4.18 10.37
CA SER A 84 -3.32 4.76 9.88
C SER A 84 -2.11 4.10 10.56
N ALA A 85 -2.33 3.54 11.76
CA ALA A 85 -1.26 2.88 12.51
C ALA A 85 -0.95 1.51 11.91
N TYR A 86 -1.92 0.97 11.18
CA TYR A 86 -1.77 -0.31 10.54
C TYR A 86 -1.03 -0.18 9.23
N ALA A 87 -1.06 -1.22 8.41
CA ALA A 87 -0.37 -1.22 7.14
C ALA A 87 -1.13 -0.42 6.08
N GLN A 88 -1.75 0.68 6.49
CA GLN A 88 -2.48 1.55 5.60
C GLN A 88 -1.58 2.62 5.02
N ALA A 89 -0.99 3.42 5.90
CA ALA A 89 -0.11 4.47 5.47
C ALA A 89 1.15 3.88 4.83
N PHE A 90 1.69 2.87 5.49
CA PHE A 90 2.90 2.21 5.02
C PHE A 90 2.59 1.16 3.97
N SER A 91 1.35 1.12 3.49
CA SER A 91 0.93 0.16 2.49
C SER A 91 1.81 0.28 1.26
N SER A 92 2.12 1.50 0.88
CA SER A 92 2.95 1.76 -0.27
C SER A 92 4.32 1.10 -0.17
N ALA A 93 4.94 1.18 1.00
CA ALA A 93 6.27 0.64 1.21
C ALA A 93 6.24 -0.89 1.27
N LEU A 94 5.14 -1.43 1.78
CA LEU A 94 5.01 -2.87 1.91
C LEU A 94 4.51 -3.50 0.60
N PHE A 95 3.88 -2.69 -0.24
CA PHE A 95 3.39 -3.15 -1.53
C PHE A 95 4.48 -3.03 -2.58
N ASN A 96 5.25 -1.94 -2.48
CA ASN A 96 6.36 -1.62 -3.40
C ASN A 96 5.86 -1.28 -4.79
N ALA A 97 5.43 -2.31 -5.53
CA ALA A 97 4.93 -2.17 -6.92
C ALA A 97 6.08 -1.96 -7.92
N GLY A 98 7.15 -1.33 -7.47
CA GLY A 98 8.28 -1.05 -8.35
C GLY A 98 8.20 0.35 -8.93
N VAL A 99 7.11 1.03 -8.63
CA VAL A 99 6.86 2.38 -9.12
C VAL A 99 7.18 3.37 -8.00
N LEU A 100 8.26 3.11 -7.35
CA LEU A 100 8.75 3.94 -6.26
C LEU A 100 10.25 4.09 -6.41
N ASN A 101 10.91 4.65 -5.42
CA ASN A 101 12.35 4.79 -5.49
C ASN A 101 13.02 3.55 -4.90
N ALA A 102 13.73 2.83 -5.75
CA ALA A 102 14.40 1.61 -5.34
C ALA A 102 15.57 1.89 -4.41
N SER A 103 16.04 3.13 -4.42
CA SER A 103 17.14 3.54 -3.58
C SER A 103 16.72 3.42 -2.13
N ASN A 104 15.48 3.74 -1.88
CA ASN A 104 14.88 3.67 -0.56
C ASN A 104 14.95 2.24 -0.02
N ILE A 105 14.65 1.29 -0.87
CA ILE A 105 14.65 -0.12 -0.48
C ILE A 105 16.05 -0.60 -0.12
N ASP A 106 17.03 -0.24 -0.92
CA ASP A 106 18.41 -0.62 -0.67
C ASP A 106 19.01 0.17 0.50
N THR A 107 18.40 1.29 0.82
CA THR A 107 18.90 2.12 1.91
C THR A 107 18.31 1.71 3.26
N LEU A 108 17.00 1.81 3.41
CA LEU A 108 16.38 1.50 4.69
C LEU A 108 15.44 0.32 4.60
N GLY A 109 14.96 0.03 3.40
CA GLY A 109 14.02 -1.05 3.22
C GLY A 109 14.57 -2.39 3.71
N SER A 110 15.62 -2.84 3.09
CA SER A 110 16.23 -4.11 3.46
C SER A 110 17.07 -3.99 4.74
N ARG A 111 17.29 -2.76 5.19
CA ARG A 111 18.07 -2.52 6.39
C ARG A 111 17.20 -2.52 7.66
N VAL A 112 16.22 -1.62 7.70
CA VAL A 112 15.37 -1.48 8.87
C VAL A 112 14.30 -2.55 8.90
N LEU A 113 13.47 -2.60 7.86
CA LEU A 113 12.42 -3.59 7.76
C LEU A 113 13.05 -4.96 7.53
N SER A 114 14.00 -4.98 6.61
CA SER A 114 14.80 -6.14 6.28
C SER A 114 13.98 -7.39 5.97
N ALA A 115 13.77 -8.23 6.99
CA ALA A 115 13.08 -9.53 6.84
C ALA A 115 11.75 -9.40 6.10
N LEU A 116 11.03 -8.32 6.36
CA LEU A 116 9.75 -8.11 5.73
C LEU A 116 9.90 -7.86 4.24
N LEU A 117 10.66 -6.83 3.88
CA LEU A 117 10.80 -6.46 2.48
C LEU A 117 11.54 -7.50 1.67
N ASN A 118 12.41 -8.27 2.33
CA ASN A 118 13.13 -9.33 1.64
C ASN A 118 12.14 -10.37 1.11
N GLY A 119 11.10 -10.61 1.89
CA GLY A 119 10.06 -11.53 1.47
C GLY A 119 9.09 -10.87 0.51
N VAL A 120 8.88 -9.56 0.71
CA VAL A 120 7.98 -8.80 -0.16
C VAL A 120 8.50 -8.77 -1.59
N SER A 121 9.81 -8.54 -1.73
CA SER A 121 10.46 -8.49 -3.03
C SER A 121 10.19 -9.76 -3.83
N SER A 122 10.20 -10.89 -3.16
CA SER A 122 9.97 -12.16 -3.81
C SER A 122 8.48 -12.42 -4.04
N ALA A 123 7.66 -12.10 -3.05
CA ALA A 123 6.23 -12.37 -3.11
C ALA A 123 5.44 -11.29 -3.86
N ALA A 124 5.31 -10.12 -3.26
CA ALA A 124 4.49 -9.04 -3.82
C ALA A 124 5.15 -8.39 -5.03
N GLN A 125 6.43 -8.17 -4.92
CA GLN A 125 7.18 -7.56 -6.00
C GLN A 125 7.51 -8.60 -7.07
N GLY A 126 7.40 -9.87 -6.69
CA GLY A 126 7.68 -10.95 -7.59
C GLY A 126 6.49 -11.34 -8.44
N LEU A 127 5.48 -11.94 -7.81
CA LEU A 127 4.31 -12.42 -8.54
C LEU A 127 3.14 -11.47 -8.38
N GLY A 128 3.15 -10.71 -7.31
CA GLY A 128 2.08 -9.80 -7.04
C GLY A 128 1.08 -10.38 -6.07
N ILE A 129 1.17 -9.96 -4.83
CA ILE A 129 0.30 -10.45 -3.79
C ILE A 129 -1.06 -9.76 -3.83
N ASN A 130 -2.10 -10.56 -3.78
CA ASN A 130 -3.46 -10.06 -3.82
C ASN A 130 -4.35 -10.97 -2.99
N VAL A 131 -5.35 -10.41 -2.35
CA VAL A 131 -6.29 -11.19 -1.57
C VAL A 131 -7.59 -11.35 -2.34
N ASP A 132 -8.20 -12.52 -2.22
CA ASP A 132 -9.43 -12.83 -2.94
C ASP A 132 -10.62 -12.01 -2.47
N SER A 133 -11.79 -12.37 -2.97
CA SER A 133 -13.01 -11.63 -2.72
C SER A 133 -13.64 -11.95 -1.36
N GLY A 134 -12.81 -12.32 -0.39
CA GLY A 134 -13.33 -12.46 0.94
C GLY A 134 -13.75 -11.10 1.43
N SER A 135 -12.79 -10.32 1.87
CA SER A 135 -13.05 -8.95 2.25
C SER A 135 -12.43 -7.98 1.24
N VAL A 136 -11.11 -8.08 1.11
CA VAL A 136 -10.28 -7.14 0.32
C VAL A 136 -10.82 -6.83 -1.06
N GLN A 137 -10.90 -7.84 -1.94
CA GLN A 137 -11.30 -7.62 -3.32
C GLN A 137 -12.66 -6.93 -3.41
N SER A 138 -13.58 -7.33 -2.56
CA SER A 138 -14.93 -6.77 -2.57
C SER A 138 -14.96 -5.35 -2.02
N ASP A 139 -14.02 -5.01 -1.16
CA ASP A 139 -13.93 -3.66 -0.61
C ASP A 139 -13.23 -2.73 -1.58
N ILE A 140 -12.17 -3.23 -2.21
CA ILE A 140 -11.38 -2.40 -3.11
C ILE A 140 -12.03 -2.25 -4.50
N SER A 141 -12.82 -3.23 -4.91
CA SER A 141 -13.44 -3.21 -6.24
C SER A 141 -14.26 -1.93 -6.49
N SER A 142 -15.30 -1.75 -5.68
CA SER A 142 -16.19 -0.59 -5.80
C SER A 142 -15.44 0.71 -5.54
N SER A 143 -14.54 0.67 -4.57
CA SER A 143 -13.76 1.84 -4.20
C SER A 143 -12.83 2.27 -5.32
N SER A 144 -12.32 1.31 -6.06
CA SER A 144 -11.41 1.58 -7.16
C SER A 144 -12.14 2.26 -8.32
N SER A 145 -13.45 2.12 -8.36
CA SER A 145 -14.22 2.77 -9.39
C SER A 145 -14.25 4.28 -9.17
N PHE A 146 -14.74 4.68 -8.01
CA PHE A 146 -14.90 6.10 -7.69
C PHE A 146 -13.66 6.70 -6.99
N LEU A 147 -13.28 6.10 -5.88
CA LEU A 147 -12.27 6.66 -4.98
C LEU A 147 -10.84 6.68 -5.54
N SER A 148 -10.60 6.10 -6.71
CA SER A 148 -9.26 6.14 -7.29
C SER A 148 -8.83 7.56 -7.57
N THR A 149 -9.64 8.29 -8.31
CA THR A 149 -9.36 9.66 -8.60
C THR A 149 -10.37 10.57 -7.94
N SER A 150 -11.61 10.06 -7.79
CA SER A 150 -12.71 10.82 -7.20
C SER A 150 -12.96 12.10 -8.01
N SER A 151 -12.55 12.07 -9.26
CA SER A 151 -12.70 13.19 -10.14
C SER A 151 -13.80 12.90 -11.15
N SER A 152 -14.11 13.88 -11.98
CA SER A 152 -15.11 13.72 -13.01
C SER A 152 -14.58 12.82 -14.13
N SER A 153 -13.28 12.57 -14.08
CA SER A 153 -12.64 11.71 -15.04
C SER A 153 -12.57 10.26 -14.55
N ALA A 154 -13.10 10.02 -13.36
CA ALA A 154 -13.07 8.67 -12.77
C ALA A 154 -13.80 7.68 -13.66
N SER A 155 -13.13 6.56 -13.94
CA SER A 155 -13.64 5.49 -14.77
C SER A 155 -13.68 5.87 -16.27
N TYR A 156 -12.91 5.13 -17.07
CA TYR A 156 -12.85 5.30 -18.54
C TYR A 156 -12.10 6.56 -18.98
N SER A 157 -12.47 7.69 -18.43
CA SER A 157 -11.85 8.96 -18.79
C SER A 157 -10.40 9.04 -18.27
N GLN A 158 -10.20 8.58 -17.05
CA GLN A 158 -8.88 8.60 -16.42
C GLN A 158 -7.90 7.67 -17.14
N ALA A 159 -8.42 6.78 -17.96
CA ALA A 159 -7.60 5.84 -18.71
C ALA A 159 -6.92 6.52 -19.90
N SER A 160 -7.18 7.81 -20.05
CA SER A 160 -6.57 8.59 -21.12
C SER A 160 -5.11 8.90 -20.80
N ALA A 161 -4.75 8.73 -19.52
CA ALA A 161 -3.38 8.96 -19.07
C ALA A 161 -2.48 7.80 -19.49
N SER A 162 -1.23 7.84 -19.08
CA SER A 162 -0.26 6.80 -19.44
C SER A 162 -0.46 5.52 -18.60
N SER A 163 -1.71 5.19 -18.33
CA SER A 163 -2.04 4.03 -17.52
C SER A 163 -1.81 2.73 -18.30
N THR A 164 -2.21 2.72 -19.56
CA THR A 164 -2.05 1.54 -20.40
C THR A 164 -0.59 1.39 -20.88
N SER A 165 0.21 2.42 -20.62
CA SER A 165 1.62 2.42 -21.01
C SER A 165 2.41 1.41 -20.17
N GLY A 166 1.87 1.05 -19.02
CA GLY A 166 2.54 0.08 -18.18
C GLY A 166 2.25 0.34 -16.71
N ALA A 167 2.18 1.60 -16.34
CA ALA A 167 1.90 1.97 -14.98
C ALA A 167 0.45 2.37 -14.84
N GLY A 168 -0.36 1.47 -14.28
CA GLY A 168 -1.77 1.75 -14.10
C GLY A 168 -2.00 2.98 -13.24
N TYR A 169 -1.30 3.04 -12.13
CA TYR A 169 -1.38 4.15 -11.22
C TYR A 169 0.00 4.49 -10.69
N THR A 170 0.26 5.75 -10.47
CA THR A 170 1.54 6.19 -9.97
C THR A 170 1.31 7.03 -8.71
N GLY A 171 2.15 8.04 -8.48
CA GLY A 171 1.99 8.87 -7.30
C GLY A 171 0.77 9.75 -7.35
N PRO A 172 0.71 10.80 -6.51
CA PRO A 172 -0.43 11.74 -6.48
C PRO A 172 -0.62 12.42 -7.82
N SER A 173 0.40 12.36 -8.64
CA SER A 173 0.38 12.93 -9.95
C SER A 173 0.23 11.85 -11.02
N GLY A 174 0.12 10.60 -10.56
CA GLY A 174 -0.09 9.45 -11.45
C GLY A 174 0.80 9.43 -12.69
N PRO A 175 0.36 8.74 -13.75
CA PRO A 175 1.08 8.69 -15.00
C PRO A 175 0.70 9.86 -15.91
N SER A 176 1.25 11.04 -15.59
CA SER A 176 1.02 12.26 -16.36
C SER A 176 -0.43 12.73 -16.23
N THR A 177 -1.02 12.46 -15.08
CA THR A 177 -2.39 12.84 -14.82
C THR A 177 -2.44 13.99 -13.82
N GLY A 178 -1.43 14.05 -12.97
CA GLY A 178 -1.35 15.06 -11.96
C GLY A 178 -2.48 14.98 -10.96
N PRO A 179 -2.65 16.03 -10.16
CA PRO A 179 -3.73 16.11 -9.18
C PRO A 179 -5.05 16.44 -9.86
N SER A 180 -5.44 15.60 -10.83
CA SER A 180 -6.63 15.80 -11.63
C SER A 180 -6.47 17.05 -12.49
N GLY A 181 -5.22 17.39 -12.78
CA GLY A 181 -4.90 18.54 -13.57
C GLY A 181 -3.42 18.62 -13.87
N TYR A 182 -3.05 19.54 -14.75
CA TYR A 182 -1.66 19.73 -15.17
C TYR A 182 -1.10 18.46 -15.83
N PRO A 183 -1.81 17.90 -16.83
CA PRO A 183 -1.38 16.69 -17.50
C PRO A 183 -0.39 16.98 -18.62
N GLY A 184 0.39 16.00 -19.00
CA GLY A 184 1.38 16.20 -20.04
C GLY A 184 2.77 15.82 -19.59
N PRO A 185 3.38 16.58 -18.67
CA PRO A 185 4.73 16.28 -18.16
C PRO A 185 4.69 15.09 -17.19
N LEU A 186 4.05 15.28 -16.05
CA LEU A 186 3.90 14.24 -15.06
C LEU A 186 2.73 14.57 -14.14
N GLY A 187 2.61 15.84 -13.77
CA GLY A 187 1.47 16.26 -12.99
C GLY A 187 1.79 17.37 -12.01
N GLY A 188 2.67 18.27 -12.41
CA GLY A 188 3.01 19.40 -11.56
C GLY A 188 3.97 19.02 -10.46
N GLY A 189 3.45 18.52 -9.36
CA GLY A 189 4.29 18.14 -8.25
C GLY A 189 5.04 16.86 -8.50
N ALA A 190 4.29 15.75 -8.57
CA ALA A 190 4.84 14.41 -8.79
C ALA A 190 5.76 13.97 -7.63
N PRO A 191 5.87 12.65 -7.33
CA PRO A 191 6.77 12.15 -6.31
C PRO A 191 8.23 12.36 -6.68
N PHE A 192 8.98 13.00 -5.80
CA PHE A 192 10.42 13.22 -6.01
C PHE A 192 11.16 11.90 -5.88
N GLY A 193 10.48 10.89 -5.36
CA GLY A 193 11.09 9.60 -5.17
C GLY A 193 10.60 8.60 -6.19
N GLN A 194 11.14 8.68 -7.39
CA GLN A 194 10.77 7.76 -8.45
C GLN A 194 11.98 7.07 -9.04
N SER A 195 11.77 5.84 -9.47
CA SER A 195 12.84 5.07 -10.10
C SER A 195 12.80 5.30 -11.61
N GLY A 196 11.93 6.20 -12.05
CA GLY A 196 11.80 6.50 -13.45
C GLY A 196 10.47 6.06 -14.01
N PHE A 197 9.62 5.54 -13.13
CA PHE A 197 8.31 5.07 -13.54
C PHE A 197 7.28 6.19 -13.47
N GLY A 198 6.98 6.77 -14.61
CA GLY A 198 6.02 7.83 -14.67
C GLY A 198 6.22 8.72 -15.88
N GLY A 199 5.21 9.53 -16.18
CA GLY A 199 5.28 10.42 -17.32
C GLY A 199 4.37 9.97 -18.43
N ALA A 1 1.42 -5.94 15.72
CA ALA A 1 1.25 -6.73 16.95
C ALA A 1 2.61 -7.17 17.49
N GLY A 2 3.29 -8.03 16.75
CA GLY A 2 4.58 -8.50 17.18
C GLY A 2 5.59 -8.55 16.06
N PRO A 3 6.37 -7.47 15.87
CA PRO A 3 7.41 -7.41 14.83
C PRO A 3 8.63 -8.24 15.22
N GLN A 4 9.55 -8.40 14.29
CA GLN A 4 10.77 -9.17 14.55
C GLN A 4 11.83 -8.33 15.27
N GLY A 5 11.37 -7.36 16.06
CA GLY A 5 12.27 -6.50 16.80
C GLY A 5 13.17 -5.68 15.91
N GLY A 6 14.46 -6.00 15.92
CA GLY A 6 15.42 -5.30 15.09
C GLY A 6 15.21 -5.57 13.61
N PHE A 7 14.41 -6.56 13.32
CA PHE A 7 14.08 -6.92 11.96
C PHE A 7 12.64 -6.54 11.65
N GLY A 8 12.12 -5.60 12.42
CA GLY A 8 10.77 -5.14 12.23
C GLY A 8 10.68 -4.18 11.06
N ALA A 9 9.47 -3.84 10.66
CA ALA A 9 9.25 -2.97 9.52
C ALA A 9 9.48 -1.48 9.87
N THR A 10 9.07 -0.61 8.92
CA THR A 10 9.17 0.87 9.05
C THR A 10 10.62 1.35 9.18
N GLY A 11 11.13 1.95 8.09
CA GLY A 11 12.52 2.38 8.07
C GLY A 11 12.69 3.89 8.11
N GLY A 12 11.93 4.55 8.96
CA GLY A 12 12.06 5.99 9.16
C GLY A 12 11.65 6.83 7.95
N ALA A 13 12.56 7.02 7.01
CA ALA A 13 12.32 7.85 5.83
C ALA A 13 11.12 7.37 5.04
N SER A 14 10.96 6.06 4.96
CA SER A 14 9.85 5.47 4.24
C SER A 14 8.50 5.93 4.80
N ALA A 15 8.46 6.21 6.11
CA ALA A 15 7.21 6.61 6.77
C ALA A 15 6.76 8.01 6.35
N GLY A 16 7.68 8.78 5.81
CA GLY A 16 7.35 10.13 5.39
C GLY A 16 6.82 10.20 3.96
N LEU A 17 7.37 9.36 3.10
CA LEU A 17 7.00 9.36 1.68
C LEU A 17 5.75 8.51 1.36
N ILE A 18 5.43 7.55 2.23
CA ILE A 18 4.33 6.56 2.00
C ILE A 18 3.08 7.13 1.31
N SER A 19 2.52 8.21 1.83
CA SER A 19 1.27 8.75 1.31
C SER A 19 1.44 9.42 -0.07
N ARG A 20 2.65 9.87 -0.37
CA ARG A 20 2.92 10.57 -1.63
C ARG A 20 3.28 9.58 -2.75
N VAL A 21 3.76 8.40 -2.37
CA VAL A 21 4.16 7.38 -3.34
C VAL A 21 2.93 6.92 -4.18
N ALA A 22 3.18 6.05 -5.18
CA ALA A 22 2.15 5.54 -6.14
C ALA A 22 0.77 5.27 -5.51
N ASN A 23 0.72 4.93 -4.22
CA ASN A 23 -0.57 4.66 -3.57
C ASN A 23 -1.46 5.90 -3.54
N ALA A 24 -0.84 7.08 -3.60
CA ALA A 24 -1.60 8.33 -3.67
C ALA A 24 -2.43 8.36 -4.93
N LEU A 25 -1.89 7.78 -5.99
CA LEU A 25 -2.56 7.68 -7.26
C LEU A 25 -3.54 6.51 -7.23
N ALA A 26 -3.15 5.44 -6.53
CA ALA A 26 -4.00 4.26 -6.38
C ALA A 26 -5.32 4.66 -5.75
N ASN A 27 -5.26 5.43 -4.65
CA ASN A 27 -6.45 5.98 -3.99
C ASN A 27 -7.43 4.87 -3.53
N THR A 28 -6.97 3.64 -3.53
CA THR A 28 -7.80 2.52 -3.21
C THR A 28 -7.91 2.28 -1.69
N SER A 29 -8.85 1.42 -1.32
CA SER A 29 -9.12 1.05 0.07
C SER A 29 -7.87 0.61 0.82
N THR A 30 -6.88 0.10 0.08
CA THR A 30 -5.63 -0.42 0.65
C THR A 30 -4.94 0.57 1.59
N LEU A 31 -4.92 1.83 1.20
CA LEU A 31 -4.32 2.88 2.02
C LEU A 31 -5.41 3.62 2.78
N ARG A 32 -6.63 3.47 2.29
CA ARG A 32 -7.81 4.15 2.82
C ARG A 32 -8.17 3.68 4.24
N THR A 33 -8.54 2.42 4.36
CA THR A 33 -9.03 1.89 5.64
C THR A 33 -9.04 0.35 5.66
N VAL A 34 -9.11 -0.25 4.49
CA VAL A 34 -9.08 -1.69 4.38
C VAL A 34 -7.65 -2.16 4.26
N LEU A 35 -7.32 -3.23 4.97
CA LEU A 35 -5.97 -3.78 4.95
C LEU A 35 -5.49 -4.04 3.52
N ARG A 36 -4.23 -3.74 3.28
CA ARG A 36 -3.65 -3.87 1.95
C ARG A 36 -3.60 -5.32 1.50
N THR A 37 -3.40 -5.51 0.21
CA THR A 37 -3.30 -6.80 -0.36
C THR A 37 -1.99 -7.46 0.07
N GLY A 38 -2.12 -8.49 0.87
CA GLY A 38 -0.96 -9.16 1.39
C GLY A 38 -0.39 -8.42 2.56
N VAL A 39 -1.28 -7.98 3.44
CA VAL A 39 -0.92 -7.23 4.64
C VAL A 39 0.25 -7.88 5.38
N SER A 40 1.15 -7.06 5.84
CA SER A 40 2.33 -7.50 6.52
C SER A 40 2.00 -8.07 7.90
N GLN A 41 2.65 -9.19 8.24
CA GLN A 41 2.46 -9.86 9.52
C GLN A 41 2.90 -8.97 10.68
N GLN A 42 3.60 -7.90 10.36
CA GLN A 42 4.03 -6.92 11.35
C GLN A 42 2.83 -6.46 12.19
N ILE A 43 1.72 -6.22 11.49
CA ILE A 43 0.51 -5.75 12.16
C ILE A 43 -0.29 -6.93 12.75
N ALA A 44 -0.35 -8.04 12.01
CA ALA A 44 -1.13 -9.20 12.42
C ALA A 44 -0.38 -10.09 13.41
N SER A 45 0.68 -10.74 12.91
CA SER A 45 1.59 -11.57 13.73
C SER A 45 0.97 -12.90 14.20
N SER A 46 -0.32 -12.89 14.46
CA SER A 46 -1.01 -14.06 14.97
C SER A 46 -1.03 -15.20 13.93
N VAL A 47 -1.94 -15.11 12.98
CA VAL A 47 -2.09 -16.17 11.98
C VAL A 47 -1.83 -15.65 10.57
N VAL A 48 -2.12 -14.39 10.35
CA VAL A 48 -1.94 -13.77 9.06
C VAL A 48 -0.48 -13.46 8.82
N GLN A 49 0.22 -14.38 8.19
CA GLN A 49 1.60 -14.16 7.83
C GLN A 49 1.69 -13.32 6.56
N ARG A 50 0.81 -13.63 5.62
CA ARG A 50 0.77 -12.92 4.36
C ARG A 50 -0.64 -12.86 3.79
N ALA A 51 -1.59 -13.50 4.48
CA ALA A 51 -2.99 -13.63 4.02
C ALA A 51 -3.06 -14.58 2.83
N ALA A 52 -2.28 -14.29 1.80
CA ALA A 52 -2.21 -15.15 0.63
C ALA A 52 -1.67 -16.51 1.00
N GLN A 53 -2.38 -17.54 0.55
CA GLN A 53 -2.04 -18.94 0.86
C GLN A 53 -0.61 -19.30 0.48
N SER A 54 0.00 -18.48 -0.38
CA SER A 54 1.35 -18.74 -0.85
C SER A 54 2.35 -18.89 0.32
N LEU A 55 2.73 -17.77 0.92
CA LEU A 55 3.69 -17.79 2.00
C LEU A 55 3.00 -17.97 3.35
N ALA A 56 1.72 -17.60 3.43
CA ALA A 56 0.97 -17.69 4.68
C ALA A 56 0.65 -19.12 5.05
N SER A 57 0.73 -20.03 4.07
CA SER A 57 0.44 -21.44 4.32
C SER A 57 1.31 -21.99 5.45
N THR A 58 0.74 -22.00 6.64
CA THR A 58 1.43 -22.50 7.82
C THR A 58 0.51 -23.45 8.60
N LEU A 59 -0.79 -23.21 8.51
CA LEU A 59 -1.80 -24.03 9.18
C LEU A 59 -2.74 -24.63 8.15
N GLY A 60 -2.28 -24.67 6.90
CA GLY A 60 -3.11 -25.14 5.84
C GLY A 60 -4.07 -24.07 5.39
N VAL A 61 -3.54 -23.01 4.81
CA VAL A 61 -4.35 -21.88 4.37
C VAL A 61 -4.82 -22.10 2.94
N ASP A 62 -6.12 -22.33 2.79
CA ASP A 62 -6.73 -22.57 1.48
C ASP A 62 -8.23 -22.45 1.62
N GLY A 63 -8.73 -21.23 1.50
CA GLY A 63 -10.15 -20.97 1.68
C GLY A 63 -10.52 -20.92 3.15
N ASN A 64 -10.15 -21.97 3.88
CA ASN A 64 -10.46 -22.10 5.31
C ASN A 64 -9.83 -20.98 6.14
N ASN A 65 -8.52 -21.05 6.32
CA ASN A 65 -7.78 -20.09 7.12
C ASN A 65 -7.43 -18.88 6.26
N LEU A 66 -8.04 -18.82 5.10
CA LEU A 66 -7.84 -17.73 4.17
C LEU A 66 -8.82 -16.60 4.46
N ALA A 67 -10.10 -16.86 4.17
CA ALA A 67 -11.14 -15.87 4.41
C ALA A 67 -11.53 -15.85 5.87
N ARG A 68 -11.49 -17.03 6.47
CA ARG A 68 -11.82 -17.17 7.88
C ARG A 68 -10.55 -17.22 8.69
N PHE A 69 -10.67 -16.89 9.97
CA PHE A 69 -9.54 -16.89 10.91
C PHE A 69 -8.52 -15.79 10.61
N ALA A 70 -7.97 -15.78 9.41
CA ALA A 70 -6.96 -14.79 9.03
C ALA A 70 -7.56 -13.39 8.95
N VAL A 71 -8.49 -13.19 8.02
CA VAL A 71 -9.16 -11.91 7.86
C VAL A 71 -9.96 -11.57 9.10
N GLN A 72 -10.52 -12.60 9.71
CA GLN A 72 -11.33 -12.44 10.89
C GLN A 72 -10.49 -11.99 12.09
N ALA A 73 -9.21 -12.32 12.07
CA ALA A 73 -8.31 -11.92 13.15
C ALA A 73 -8.02 -10.43 13.07
N VAL A 74 -7.62 -9.97 11.89
CA VAL A 74 -7.32 -8.56 11.68
C VAL A 74 -8.59 -7.73 11.74
N SER A 75 -9.69 -8.31 11.29
CA SER A 75 -10.98 -7.66 11.32
C SER A 75 -11.49 -7.53 12.76
N ARG A 76 -10.85 -8.26 13.67
CA ARG A 76 -11.19 -8.22 15.08
C ARG A 76 -10.42 -7.12 15.79
N LEU A 77 -9.39 -6.62 15.12
CA LEU A 77 -8.56 -5.55 15.65
C LEU A 77 -9.19 -4.20 15.34
N PRO A 78 -9.73 -3.52 16.35
CA PRO A 78 -10.38 -2.23 16.16
C PRO A 78 -9.37 -1.11 15.99
N ALA A 79 -9.53 -0.33 14.95
CA ALA A 79 -8.65 0.78 14.68
C ALA A 79 -9.11 2.01 15.44
N GLY A 80 -8.67 2.13 16.69
CA GLY A 80 -9.04 3.26 17.50
C GLY A 80 -8.23 4.47 17.15
N SER A 81 -6.93 4.31 17.10
CA SER A 81 -6.03 5.39 16.77
C SER A 81 -6.28 5.88 15.34
N ASP A 82 -6.08 4.99 14.38
CA ASP A 82 -6.29 5.28 12.96
C ASP A 82 -5.98 4.03 12.14
N THR A 83 -6.50 3.96 10.94
CA THR A 83 -6.24 2.83 10.07
C THR A 83 -4.84 2.91 9.47
N SER A 84 -4.33 4.14 9.41
CA SER A 84 -3.00 4.39 8.89
C SER A 84 -1.94 3.72 9.76
N ALA A 85 -2.34 3.35 10.98
CA ALA A 85 -1.46 2.69 11.93
C ALA A 85 -1.11 1.29 11.46
N TYR A 86 -1.96 0.73 10.61
CA TYR A 86 -1.72 -0.58 10.05
C TYR A 86 -0.81 -0.49 8.84
N ALA A 87 -0.65 -1.60 8.14
CA ALA A 87 0.17 -1.66 6.95
C ALA A 87 -0.57 -1.05 5.76
N GLN A 88 -1.49 -0.15 6.06
CA GLN A 88 -2.33 0.48 5.06
C GLN A 88 -1.66 1.70 4.47
N ALA A 89 -1.29 2.65 5.31
CA ALA A 89 -0.61 3.84 4.83
C ALA A 89 0.76 3.49 4.31
N PHE A 90 1.34 2.44 4.87
CA PHE A 90 2.67 1.99 4.49
C PHE A 90 2.63 1.08 3.26
N SER A 91 1.44 0.89 2.68
CA SER A 91 1.27 0.01 1.51
C SER A 91 2.27 0.34 0.40
N SER A 92 2.58 1.61 0.25
CA SER A 92 3.52 2.05 -0.77
C SER A 92 4.87 1.32 -0.69
N ALA A 93 5.48 1.35 0.49
CA ALA A 93 6.79 0.74 0.68
C ALA A 93 6.69 -0.77 0.91
N LEU A 94 5.55 -1.22 1.39
CA LEU A 94 5.36 -2.63 1.70
C LEU A 94 4.93 -3.45 0.50
N PHE A 95 4.12 -2.86 -0.37
CA PHE A 95 3.62 -3.57 -1.55
C PHE A 95 4.60 -3.51 -2.71
N ASN A 96 5.21 -2.33 -2.91
CA ASN A 96 6.15 -2.10 -4.03
C ASN A 96 5.47 -2.30 -5.39
N ALA A 97 4.92 -1.21 -5.91
CA ALA A 97 4.21 -1.24 -7.20
C ALA A 97 5.16 -1.11 -8.38
N GLY A 98 6.45 -0.96 -8.09
CA GLY A 98 7.43 -0.83 -9.15
C GLY A 98 7.55 0.58 -9.67
N VAL A 99 6.71 1.46 -9.16
CA VAL A 99 6.72 2.86 -9.59
C VAL A 99 7.46 3.71 -8.57
N LEU A 100 7.72 3.12 -7.41
CA LEU A 100 8.37 3.83 -6.33
C LEU A 100 9.87 3.78 -6.51
N ASN A 101 10.57 4.60 -5.74
CA ASN A 101 12.00 4.65 -5.81
C ASN A 101 12.61 3.46 -5.09
N ALA A 102 13.10 2.51 -5.87
CA ALA A 102 13.70 1.29 -5.35
C ALA A 102 15.01 1.60 -4.65
N SER A 103 15.51 2.81 -4.86
CA SER A 103 16.73 3.25 -4.26
C SER A 103 16.52 3.40 -2.77
N ASN A 104 15.32 3.83 -2.40
CA ASN A 104 14.96 4.00 -1.01
C ASN A 104 14.87 2.64 -0.34
N ILE A 105 14.39 1.66 -1.09
CA ILE A 105 14.27 0.30 -0.60
C ILE A 105 15.64 -0.33 -0.37
N ASP A 106 16.56 -0.11 -1.30
CA ASP A 106 17.89 -0.70 -1.19
C ASP A 106 18.77 0.10 -0.21
N THR A 107 18.38 1.34 0.06
CA THR A 107 19.14 2.16 0.96
C THR A 107 18.81 1.85 2.42
N LEU A 108 17.55 1.99 2.79
CA LEU A 108 17.16 1.78 4.17
C LEU A 108 16.02 0.77 4.31
N GLY A 109 15.28 0.56 3.23
CA GLY A 109 14.16 -0.36 3.28
C GLY A 109 14.56 -1.77 3.70
N SER A 110 15.30 -2.45 2.85
CA SER A 110 15.72 -3.81 3.10
C SER A 110 16.71 -3.91 4.27
N ARG A 111 17.29 -2.78 4.65
CA ARG A 111 18.25 -2.75 5.73
C ARG A 111 17.58 -2.64 7.08
N VAL A 112 16.60 -1.75 7.20
CA VAL A 112 15.90 -1.55 8.46
C VAL A 112 14.75 -2.57 8.61
N LEU A 113 13.89 -2.68 7.59
CA LEU A 113 12.76 -3.60 7.63
C LEU A 113 13.23 -5.04 7.55
N SER A 114 14.31 -5.23 6.79
CA SER A 114 14.97 -6.53 6.64
C SER A 114 14.01 -7.70 6.35
N ALA A 115 13.65 -8.43 7.41
CA ALA A 115 12.86 -9.66 7.30
C ALA A 115 11.59 -9.48 6.49
N LEU A 116 10.95 -8.33 6.62
CA LEU A 116 9.71 -8.09 5.91
C LEU A 116 9.92 -7.97 4.41
N LEU A 117 10.71 -7.01 3.99
CA LEU A 117 10.91 -6.73 2.57
C LEU A 117 11.57 -7.87 1.84
N ASN A 118 12.47 -8.56 2.51
CA ASN A 118 13.17 -9.67 1.88
C ASN A 118 12.23 -10.84 1.64
N GLY A 119 11.16 -10.87 2.40
CA GLY A 119 10.14 -11.86 2.17
C GLY A 119 9.12 -11.38 1.16
N VAL A 120 8.89 -10.07 1.18
CA VAL A 120 7.91 -9.43 0.29
C VAL A 120 8.45 -9.28 -1.14
N SER A 121 9.76 -9.15 -1.25
CA SER A 121 10.44 -8.94 -2.53
C SER A 121 10.04 -9.99 -3.58
N SER A 122 9.99 -11.23 -3.17
CA SER A 122 9.64 -12.30 -4.09
C SER A 122 8.12 -12.46 -4.19
N ALA A 123 7.40 -12.07 -3.15
CA ALA A 123 5.96 -12.22 -3.11
C ALA A 123 5.22 -11.06 -3.80
N ALA A 124 5.11 -9.93 -3.09
CA ALA A 124 4.36 -8.77 -3.62
C ALA A 124 5.11 -8.11 -4.75
N GLN A 125 6.37 -7.84 -4.52
CA GLN A 125 7.21 -7.22 -5.52
C GLN A 125 7.51 -8.20 -6.65
N GLY A 126 7.38 -9.48 -6.36
CA GLY A 126 7.66 -10.51 -7.32
C GLY A 126 6.48 -10.81 -8.24
N LEU A 127 5.33 -11.16 -7.65
CA LEU A 127 4.16 -11.51 -8.44
C LEU A 127 2.93 -10.70 -8.03
N GLY A 128 2.92 -10.23 -6.80
CA GLY A 128 1.80 -9.47 -6.30
C GLY A 128 0.89 -10.28 -5.41
N ILE A 129 0.93 -10.00 -4.12
CA ILE A 129 0.10 -10.72 -3.16
C ILE A 129 -1.35 -10.25 -3.22
N ASN A 130 -2.26 -11.19 -3.39
CA ASN A 130 -3.68 -10.88 -3.43
C ASN A 130 -4.42 -11.62 -2.33
N VAL A 131 -5.30 -10.92 -1.65
CA VAL A 131 -6.09 -11.49 -0.58
C VAL A 131 -7.39 -12.08 -1.16
N ASP A 132 -8.17 -12.77 -0.34
CA ASP A 132 -9.40 -13.41 -0.77
C ASP A 132 -10.42 -12.39 -1.31
N SER A 133 -11.39 -12.90 -2.04
CA SER A 133 -12.40 -12.08 -2.68
C SER A 133 -13.50 -11.65 -1.70
N GLY A 134 -13.33 -11.95 -0.43
CA GLY A 134 -14.33 -11.63 0.55
C GLY A 134 -14.37 -10.16 0.90
N SER A 135 -13.45 -9.74 1.74
CA SER A 135 -13.44 -8.38 2.23
C SER A 135 -12.55 -7.44 1.40
N VAL A 136 -11.40 -7.93 0.98
CA VAL A 136 -10.41 -7.07 0.33
C VAL A 136 -10.78 -6.70 -1.11
N GLN A 137 -10.86 -7.70 -1.98
CA GLN A 137 -11.12 -7.44 -3.40
C GLN A 137 -12.44 -6.71 -3.62
N SER A 138 -13.46 -7.08 -2.86
CA SER A 138 -14.78 -6.47 -2.97
C SER A 138 -14.71 -4.96 -2.72
N ASP A 139 -13.98 -4.57 -1.69
CA ASP A 139 -13.90 -3.16 -1.31
C ASP A 139 -13.03 -2.39 -2.27
N ILE A 140 -11.83 -2.91 -2.52
CA ILE A 140 -10.87 -2.23 -3.39
C ILE A 140 -11.43 -2.03 -4.80
N SER A 141 -12.14 -3.02 -5.31
CA SER A 141 -12.73 -2.95 -6.64
C SER A 141 -13.79 -1.85 -6.71
N SER A 142 -14.59 -1.74 -5.66
CA SER A 142 -15.65 -0.76 -5.60
C SER A 142 -15.08 0.66 -5.44
N SER A 143 -14.08 0.79 -4.59
CA SER A 143 -13.47 2.08 -4.32
C SER A 143 -12.61 2.57 -5.49
N SER A 144 -11.84 1.66 -6.10
CA SER A 144 -10.95 2.02 -7.20
C SER A 144 -11.74 2.59 -8.39
N SER A 145 -12.86 1.99 -8.68
CA SER A 145 -13.66 2.40 -9.80
C SER A 145 -14.28 3.80 -9.58
N PHE A 146 -14.80 4.03 -8.38
CA PHE A 146 -15.48 5.29 -8.09
C PHE A 146 -14.55 6.39 -7.54
N LEU A 147 -13.88 6.12 -6.43
CA LEU A 147 -13.12 7.15 -5.72
C LEU A 147 -11.77 7.46 -6.38
N SER A 148 -11.07 6.43 -6.80
CA SER A 148 -9.71 6.58 -7.31
C SER A 148 -9.59 7.51 -8.51
N THR A 149 -10.60 7.56 -9.33
CA THR A 149 -10.54 8.40 -10.51
C THR A 149 -11.78 9.29 -10.66
N SER A 150 -12.96 8.68 -10.46
CA SER A 150 -14.27 9.37 -10.56
C SER A 150 -14.46 10.09 -11.92
N SER A 151 -13.97 11.31 -12.02
CA SER A 151 -14.07 12.06 -13.25
C SER A 151 -12.82 12.90 -13.44
N SER A 152 -11.96 12.45 -14.36
CA SER A 152 -10.68 13.09 -14.65
C SER A 152 -9.70 12.89 -13.50
N SER A 153 -9.87 13.63 -12.42
CA SER A 153 -8.99 13.54 -11.29
C SER A 153 -9.80 13.30 -10.02
N ALA A 154 -9.14 12.77 -9.01
CA ALA A 154 -9.77 12.47 -7.73
C ALA A 154 -10.13 13.74 -6.97
N SER A 155 -10.94 13.58 -5.94
CA SER A 155 -11.37 14.68 -5.12
C SER A 155 -10.17 15.34 -4.46
N TYR A 156 -10.24 16.65 -4.27
CA TYR A 156 -9.17 17.47 -3.67
C TYR A 156 -8.03 17.70 -4.65
N SER A 157 -7.72 16.68 -5.45
CA SER A 157 -6.66 16.75 -6.43
C SER A 157 -6.91 17.88 -7.43
N GLN A 158 -8.02 17.78 -8.17
CA GLN A 158 -8.38 18.79 -9.17
C GLN A 158 -8.79 20.10 -8.51
N ALA A 159 -9.08 20.04 -7.22
CA ALA A 159 -9.48 21.22 -6.47
C ALA A 159 -8.27 22.05 -6.09
N SER A 160 -7.12 21.41 -6.04
CA SER A 160 -5.91 22.10 -5.66
C SER A 160 -5.01 22.33 -6.89
N ALA A 161 -4.13 21.36 -7.18
CA ALA A 161 -3.20 21.43 -8.31
C ALA A 161 -2.38 22.73 -8.29
N SER A 162 -1.73 23.01 -9.42
CA SER A 162 -0.93 24.21 -9.59
C SER A 162 0.25 24.27 -8.62
N SER A 163 1.36 23.67 -8.99
CA SER A 163 2.56 23.71 -8.19
C SER A 163 3.23 25.08 -8.34
N THR A 164 2.68 25.89 -9.24
CA THR A 164 3.19 27.22 -9.50
C THR A 164 2.63 28.21 -8.47
N SER A 165 1.33 28.14 -8.22
CA SER A 165 0.68 29.02 -7.24
C SER A 165 1.21 28.72 -5.85
N GLY A 166 1.53 27.47 -5.63
CA GLY A 166 2.06 27.04 -4.37
C GLY A 166 2.83 25.76 -4.53
N ALA A 167 3.95 25.65 -3.87
CA ALA A 167 4.78 24.47 -4.00
C ALA A 167 5.05 23.87 -2.64
N GLY A 168 5.34 22.60 -2.64
CA GLY A 168 5.55 21.91 -1.40
C GLY A 168 4.31 21.17 -0.96
N TYR A 169 4.50 19.95 -0.50
CA TYR A 169 3.43 19.08 0.00
C TYR A 169 2.65 18.54 -1.18
N THR A 170 3.26 18.62 -2.36
CA THR A 170 2.62 18.22 -3.59
C THR A 170 2.03 16.83 -3.50
N GLY A 171 0.73 16.75 -3.73
CA GLY A 171 0.04 15.49 -3.67
C GLY A 171 -1.18 15.57 -2.77
N PRO A 172 -1.23 14.74 -1.73
CA PRO A 172 -2.38 14.69 -0.81
C PRO A 172 -2.33 15.77 0.29
N SER A 173 -1.23 16.49 0.38
CA SER A 173 -1.07 17.47 1.44
C SER A 173 -0.98 18.90 0.88
N GLY A 174 -1.01 19.02 -0.43
CA GLY A 174 -0.90 20.32 -1.05
C GLY A 174 -1.42 20.30 -2.47
N PRO A 175 -0.69 20.87 -3.44
CA PRO A 175 -1.11 20.88 -4.82
C PRO A 175 -0.93 19.52 -5.45
N SER A 176 -2.03 18.83 -5.67
CA SER A 176 -1.99 17.55 -6.33
C SER A 176 -1.57 17.75 -7.78
N THR A 177 -0.28 17.63 -8.02
CA THR A 177 0.27 17.86 -9.33
C THR A 177 0.35 16.55 -10.12
N GLY A 178 -0.40 15.56 -9.69
CA GLY A 178 -0.42 14.29 -10.35
C GLY A 178 -1.84 13.79 -10.58
N PRO A 179 -2.56 14.36 -11.58
CA PRO A 179 -3.94 13.99 -11.87
C PRO A 179 -4.04 12.80 -12.84
N SER A 180 -5.12 12.03 -12.70
CA SER A 180 -5.33 10.86 -13.54
C SER A 180 -6.07 11.24 -14.84
N GLY A 181 -6.34 12.53 -15.00
CA GLY A 181 -7.09 13.01 -16.15
C GLY A 181 -6.26 13.10 -17.40
N TYR A 182 -4.95 12.99 -17.24
CA TYR A 182 -4.03 13.07 -18.36
C TYR A 182 -3.10 11.87 -18.37
N PRO A 183 -2.60 11.47 -19.56
CA PRO A 183 -1.67 10.35 -19.67
C PRO A 183 -0.37 10.64 -18.93
N GLY A 184 -0.01 9.77 -18.01
CA GLY A 184 1.17 9.99 -17.22
C GLY A 184 0.94 11.07 -16.17
N PRO A 185 0.52 10.70 -14.94
CA PRO A 185 0.22 11.65 -13.87
C PRO A 185 1.49 12.22 -13.23
N LEU A 186 2.59 12.14 -13.94
CA LEU A 186 3.84 12.64 -13.45
C LEU A 186 4.05 14.08 -13.90
N GLY A 187 3.55 15.02 -13.12
CA GLY A 187 3.70 16.42 -13.45
C GLY A 187 5.06 16.94 -13.07
N GLY A 188 6.07 16.52 -13.81
CA GLY A 188 7.43 16.93 -13.53
C GLY A 188 7.98 16.23 -12.31
N GLY A 189 7.96 16.93 -11.18
CA GLY A 189 8.44 16.36 -9.95
C GLY A 189 7.33 15.70 -9.18
N ALA A 190 7.12 14.42 -9.44
CA ALA A 190 6.09 13.66 -8.78
C ALA A 190 6.72 12.82 -7.67
N PRO A 191 5.99 12.57 -6.57
CA PRO A 191 6.52 11.82 -5.43
C PRO A 191 6.22 10.33 -5.52
N PHE A 192 5.56 9.94 -6.59
CA PHE A 192 5.15 8.55 -6.80
C PHE A 192 6.36 7.62 -6.89
N GLY A 193 7.51 8.18 -7.22
CA GLY A 193 8.71 7.40 -7.34
C GLY A 193 9.51 7.77 -8.57
N GLN A 194 8.89 7.57 -9.73
CA GLN A 194 9.49 7.88 -11.01
C GLN A 194 10.83 7.14 -11.21
N SER A 195 10.86 5.90 -10.74
CA SER A 195 12.06 5.07 -10.83
C SER A 195 12.24 4.47 -12.23
N GLY A 196 11.67 5.12 -13.22
CA GLY A 196 11.76 4.62 -14.57
C GLY A 196 10.63 3.68 -14.89
N PHE A 197 9.41 4.11 -14.63
CA PHE A 197 8.23 3.30 -14.87
C PHE A 197 7.93 3.24 -16.36
N GLY A 198 8.13 4.35 -17.04
CA GLY A 198 7.85 4.39 -18.46
C GLY A 198 6.49 4.99 -18.75
N GLY A 199 5.68 4.27 -19.50
CA GLY A 199 4.37 4.75 -19.84
C GLY A 199 3.60 3.73 -20.62
N ALA A 1 3.97 -4.55 15.06
CA ALA A 1 3.31 -5.27 16.17
C ALA A 1 3.92 -6.66 16.35
N GLY A 2 3.98 -7.43 15.26
CA GLY A 2 4.54 -8.76 15.33
C GLY A 2 5.81 -8.90 14.50
N PRO A 3 6.99 -8.69 15.10
CA PRO A 3 8.26 -8.81 14.41
C PRO A 3 8.73 -10.28 14.33
N GLN A 4 9.82 -10.50 13.63
CA GLN A 4 10.38 -11.84 13.50
C GLN A 4 11.60 -12.00 14.40
N GLY A 5 11.38 -11.88 15.71
CA GLY A 5 12.45 -12.04 16.68
C GLY A 5 13.63 -11.11 16.42
N GLY A 6 13.38 -9.82 16.52
CA GLY A 6 14.43 -8.85 16.28
C GLY A 6 14.21 -8.11 14.99
N PHE A 7 13.82 -8.84 13.96
CA PHE A 7 13.54 -8.26 12.67
C PHE A 7 12.14 -7.67 12.66
N GLY A 8 12.03 -6.42 13.03
CA GLY A 8 10.76 -5.76 13.05
C GLY A 8 10.63 -4.78 11.92
N ALA A 9 9.67 -5.00 11.06
CA ALA A 9 9.47 -4.15 9.91
C ALA A 9 8.94 -2.79 10.31
N THR A 10 9.62 -1.76 9.88
CA THR A 10 9.27 -0.37 10.18
C THR A 10 9.98 0.57 9.22
N GLY A 11 9.42 1.74 9.00
CA GLY A 11 10.03 2.69 8.10
C GLY A 11 10.16 4.06 8.71
N GLY A 12 11.16 4.81 8.28
CA GLY A 12 11.36 6.15 8.78
C GLY A 12 11.38 7.18 7.68
N ALA A 13 12.39 7.10 6.81
CA ALA A 13 12.53 8.03 5.69
C ALA A 13 11.41 7.81 4.68
N SER A 14 10.96 6.58 4.57
CA SER A 14 9.89 6.23 3.67
C SER A 14 8.57 6.86 4.11
N ALA A 15 8.47 7.22 5.39
CA ALA A 15 7.24 7.79 5.96
C ALA A 15 6.82 9.09 5.26
N GLY A 16 7.75 9.70 4.56
CA GLY A 16 7.43 10.91 3.85
C GLY A 16 6.91 10.63 2.45
N LEU A 17 7.55 9.70 1.76
CA LEU A 17 7.22 9.39 0.37
C LEU A 17 6.07 8.39 0.23
N ILE A 18 5.81 7.61 1.27
CA ILE A 18 4.76 6.55 1.23
C ILE A 18 3.44 7.01 0.63
N SER A 19 2.97 8.16 1.07
CA SER A 19 1.70 8.68 0.63
C SER A 19 1.78 9.20 -0.82
N ARG A 20 2.98 9.49 -1.28
CA ARG A 20 3.20 9.99 -2.64
C ARG A 20 3.33 8.86 -3.64
N VAL A 21 3.90 7.74 -3.20
CA VAL A 21 4.13 6.56 -4.05
C VAL A 21 2.83 6.15 -4.81
N ALA A 22 2.98 5.25 -5.79
CA ALA A 22 1.89 4.78 -6.69
C ALA A 22 0.52 4.64 -6.00
N ASN A 23 0.50 4.36 -4.70
CA ASN A 23 -0.76 4.24 -3.96
C ASN A 23 -1.56 5.56 -4.00
N ALA A 24 -0.85 6.68 -4.12
CA ALA A 24 -1.48 8.00 -4.22
C ALA A 24 -2.31 8.07 -5.50
N LEU A 25 -1.71 7.59 -6.58
CA LEU A 25 -2.38 7.57 -7.87
C LEU A 25 -3.44 6.49 -7.89
N ALA A 26 -3.14 5.34 -7.25
CA ALA A 26 -4.08 4.24 -7.14
C ALA A 26 -5.35 4.73 -6.47
N ASN A 27 -5.16 5.57 -5.44
CA ASN A 27 -6.25 6.26 -4.73
C ASN A 27 -7.32 5.30 -4.22
N THR A 28 -6.97 4.03 -4.15
CA THR A 28 -7.86 2.99 -3.71
C THR A 28 -8.01 3.00 -2.18
N SER A 29 -9.00 2.30 -1.67
CA SER A 29 -9.26 2.21 -0.24
C SER A 29 -8.09 1.61 0.53
N THR A 30 -7.19 0.94 -0.20
CA THR A 30 -6.03 0.22 0.37
C THR A 30 -5.18 1.08 1.32
N LEU A 31 -5.07 2.35 1.01
CA LEU A 31 -4.26 3.25 1.83
C LEU A 31 -5.13 4.20 2.63
N ARG A 32 -6.36 4.39 2.18
CA ARG A 32 -7.26 5.35 2.81
C ARG A 32 -7.93 4.81 4.08
N THR A 33 -8.37 3.56 4.05
CA THR A 33 -9.05 2.99 5.21
C THR A 33 -9.01 1.45 5.21
N VAL A 34 -9.40 0.83 4.10
CA VAL A 34 -9.37 -0.62 4.00
C VAL A 34 -7.93 -1.09 3.94
N LEU A 35 -7.60 -2.06 4.78
CA LEU A 35 -6.22 -2.58 4.86
C LEU A 35 -5.68 -2.94 3.48
N ARG A 36 -4.41 -2.62 3.28
CA ARG A 36 -3.75 -2.88 2.01
C ARG A 36 -3.73 -4.36 1.66
N THR A 37 -3.54 -4.64 0.39
CA THR A 37 -3.51 -5.98 -0.10
C THR A 37 -2.18 -6.64 0.21
N GLY A 38 -2.22 -7.92 0.53
CA GLY A 38 -1.02 -8.65 0.86
C GLY A 38 -0.43 -8.20 2.17
N VAL A 39 -1.31 -7.79 3.09
CA VAL A 39 -0.90 -7.33 4.40
C VAL A 39 -0.03 -8.39 5.10
N SER A 40 0.90 -7.93 5.90
CA SER A 40 1.85 -8.81 6.55
C SER A 40 1.57 -8.97 8.03
N GLN A 41 2.14 -10.03 8.62
CA GLN A 41 1.96 -10.33 10.04
C GLN A 41 2.58 -9.26 10.92
N GLN A 42 3.42 -8.42 10.34
CA GLN A 42 4.08 -7.36 11.08
C GLN A 42 3.06 -6.48 11.81
N ILE A 43 1.98 -6.14 11.11
CA ILE A 43 0.93 -5.32 11.69
C ILE A 43 -0.11 -6.16 12.46
N ALA A 44 -0.42 -7.35 11.94
CA ALA A 44 -1.48 -8.19 12.51
C ALA A 44 -1.00 -9.03 13.68
N SER A 45 0.22 -9.55 13.58
CA SER A 45 0.83 -10.44 14.58
C SER A 45 0.30 -11.84 14.47
N SER A 46 -0.82 -11.98 13.82
CA SER A 46 -1.43 -13.24 13.64
C SER A 46 -0.71 -14.04 12.55
N VAL A 47 -1.40 -15.00 12.09
CA VAL A 47 -0.90 -15.96 11.10
C VAL A 47 -0.83 -15.36 9.69
N VAL A 48 -1.58 -14.30 9.46
CA VAL A 48 -1.66 -13.66 8.15
C VAL A 48 -0.33 -12.97 7.78
N GLN A 49 0.59 -13.72 7.24
CA GLN A 49 1.89 -13.19 6.82
C GLN A 49 1.82 -12.56 5.44
N ARG A 50 1.16 -13.23 4.52
CA ARG A 50 1.05 -12.77 3.14
C ARG A 50 -0.39 -12.84 2.65
N ALA A 51 -1.26 -13.48 3.43
CA ALA A 51 -2.67 -13.73 3.05
C ALA A 51 -2.75 -14.83 1.99
N ALA A 52 -1.78 -14.86 1.08
CA ALA A 52 -1.70 -15.91 0.07
C ALA A 52 -1.08 -17.15 0.66
N GLN A 53 -1.47 -18.28 0.13
CA GLN A 53 -1.08 -19.59 0.64
C GLN A 53 0.45 -19.79 0.70
N SER A 54 1.18 -19.20 -0.23
CA SER A 54 2.63 -19.40 -0.31
C SER A 54 3.36 -19.06 1.02
N LEU A 55 3.42 -17.78 1.36
CA LEU A 55 4.16 -17.34 2.54
C LEU A 55 3.31 -17.39 3.81
N ALA A 56 2.00 -17.32 3.66
CA ALA A 56 1.12 -17.30 4.82
C ALA A 56 0.87 -18.67 5.39
N SER A 57 1.12 -19.73 4.60
CA SER A 57 0.88 -21.09 5.07
C SER A 57 1.81 -21.46 6.22
N THR A 58 1.44 -21.00 7.39
CA THR A 58 2.16 -21.29 8.60
C THR A 58 1.42 -22.40 9.35
N LEU A 59 0.11 -22.45 9.15
CA LEU A 59 -0.74 -23.46 9.76
C LEU A 59 -1.47 -24.24 8.68
N GLY A 60 -0.97 -24.16 7.46
CA GLY A 60 -1.62 -24.84 6.36
C GLY A 60 -2.73 -24.00 5.78
N VAL A 61 -2.38 -22.89 5.14
CA VAL A 61 -3.37 -21.98 4.60
C VAL A 61 -3.76 -22.36 3.19
N ASP A 62 -5.03 -22.65 3.03
CA ASP A 62 -5.62 -23.04 1.74
C ASP A 62 -7.10 -23.31 1.93
N GLY A 63 -7.91 -22.29 1.74
CA GLY A 63 -9.35 -22.42 1.87
C GLY A 63 -9.82 -22.45 3.32
N ASN A 64 -9.28 -23.40 4.08
CA ASN A 64 -9.66 -23.62 5.48
C ASN A 64 -9.47 -22.36 6.31
N ASN A 65 -8.24 -22.09 6.72
CA ASN A 65 -7.94 -20.90 7.51
C ASN A 65 -7.66 -19.71 6.62
N LEU A 66 -8.14 -19.78 5.40
CA LEU A 66 -8.01 -18.70 4.45
C LEU A 66 -9.20 -17.75 4.58
N ALA A 67 -10.37 -18.20 4.12
CA ALA A 67 -11.59 -17.39 4.19
C ALA A 67 -12.08 -17.30 5.63
N ARG A 68 -11.45 -18.07 6.49
CA ARG A 68 -11.75 -18.07 7.90
C ARG A 68 -10.45 -17.93 8.66
N PHE A 69 -10.53 -17.74 9.98
CA PHE A 69 -9.33 -17.60 10.84
C PHE A 69 -8.51 -16.35 10.54
N ALA A 70 -7.98 -16.23 9.33
CA ALA A 70 -7.15 -15.09 8.94
C ALA A 70 -7.94 -13.79 9.07
N VAL A 71 -8.97 -13.67 8.26
CA VAL A 71 -9.86 -12.50 8.30
C VAL A 71 -10.51 -12.38 9.68
N GLN A 72 -10.89 -13.50 10.26
CA GLN A 72 -11.55 -13.50 11.57
C GLN A 72 -10.64 -12.94 12.66
N ALA A 73 -9.36 -13.25 12.57
CA ALA A 73 -8.40 -12.77 13.55
C ALA A 73 -8.10 -11.29 13.35
N VAL A 74 -7.81 -10.91 12.10
CA VAL A 74 -7.48 -9.51 11.79
C VAL A 74 -8.66 -8.58 12.05
N SER A 75 -9.85 -9.02 11.66
CA SER A 75 -11.04 -8.20 11.83
C SER A 75 -11.48 -8.16 13.30
N ARG A 76 -10.78 -8.93 14.14
CA ARG A 76 -11.09 -9.00 15.55
C ARG A 76 -10.14 -8.08 16.34
N LEU A 77 -9.24 -7.42 15.63
CA LEU A 77 -8.32 -6.47 16.24
C LEU A 77 -9.07 -5.22 16.66
N PRO A 78 -8.67 -4.61 17.79
CA PRO A 78 -9.31 -3.39 18.29
C PRO A 78 -8.99 -2.16 17.44
N ALA A 79 -9.96 -1.28 17.29
CA ALA A 79 -9.78 -0.09 16.49
C ALA A 79 -9.55 1.12 17.37
N GLY A 80 -9.09 0.88 18.56
CA GLY A 80 -8.81 1.94 19.50
C GLY A 80 -7.57 2.71 19.08
N SER A 81 -6.62 1.98 18.51
CA SER A 81 -5.38 2.57 18.02
C SER A 81 -5.62 3.29 16.69
N ASP A 82 -6.86 3.15 16.16
CA ASP A 82 -7.27 3.76 14.89
C ASP A 82 -6.70 2.99 13.70
N THR A 83 -7.34 3.13 12.54
CA THR A 83 -6.91 2.41 11.35
C THR A 83 -5.53 2.90 10.86
N SER A 84 -5.18 4.15 11.18
CA SER A 84 -3.90 4.71 10.76
C SER A 84 -2.72 3.98 11.41
N ALA A 85 -3.00 3.27 12.50
CA ALA A 85 -1.98 2.51 13.21
C ALA A 85 -1.58 1.27 12.40
N TYR A 86 -2.46 0.87 11.50
CA TYR A 86 -2.24 -0.30 10.66
C TYR A 86 -1.28 0.03 9.51
N ALA A 87 -1.22 -0.88 8.55
CA ALA A 87 -0.33 -0.74 7.40
C ALA A 87 -0.84 0.32 6.41
N GLN A 88 -1.78 1.13 6.85
CA GLN A 88 -2.37 2.15 6.00
C GLN A 88 -1.41 3.27 5.72
N ALA A 89 -0.62 3.63 6.72
CA ALA A 89 0.36 4.66 6.55
C ALA A 89 1.44 4.20 5.60
N PHE A 90 2.14 3.15 6.00
CA PHE A 90 3.24 2.60 5.21
C PHE A 90 2.76 1.64 4.12
N SER A 91 1.57 1.90 3.57
CA SER A 91 1.00 1.06 2.53
C SER A 91 2.00 0.84 1.39
N SER A 92 2.49 1.93 0.84
CA SER A 92 3.42 1.86 -0.28
C SER A 92 4.75 1.21 0.09
N ALA A 93 5.22 1.44 1.31
CA ALA A 93 6.51 0.90 1.75
C ALA A 93 6.44 -0.61 1.96
N LEU A 94 5.32 -1.07 2.49
CA LEU A 94 5.14 -2.48 2.78
C LEU A 94 4.67 -3.24 1.54
N PHE A 95 4.04 -2.52 0.61
CA PHE A 95 3.52 -3.14 -0.60
C PHE A 95 4.61 -3.21 -1.68
N ASN A 96 5.32 -2.10 -1.88
CA ASN A 96 6.39 -1.98 -2.89
C ASN A 96 5.97 -2.50 -4.25
N ALA A 97 5.25 -1.66 -4.99
CA ALA A 97 4.78 -2.02 -6.32
C ALA A 97 5.93 -2.01 -7.33
N GLY A 98 7.06 -1.42 -6.94
CA GLY A 98 8.20 -1.31 -7.83
C GLY A 98 8.17 -0.04 -8.63
N VAL A 99 7.17 0.78 -8.37
CA VAL A 99 7.02 2.06 -9.07
C VAL A 99 7.72 3.18 -8.29
N LEU A 100 8.04 2.91 -7.04
CA LEU A 100 8.68 3.88 -6.19
C LEU A 100 10.19 3.86 -6.37
N ASN A 101 10.87 4.73 -5.64
CA ASN A 101 12.30 4.87 -5.75
C ASN A 101 13.03 3.72 -5.08
N ALA A 102 13.91 3.06 -5.84
CA ALA A 102 14.67 1.93 -5.35
C ALA A 102 15.75 2.38 -4.37
N SER A 103 16.08 3.66 -4.40
CA SER A 103 17.10 4.22 -3.51
C SER A 103 16.59 4.13 -2.09
N ASN A 104 15.29 4.30 -1.95
CA ASN A 104 14.60 4.22 -0.68
C ASN A 104 14.79 2.81 -0.09
N ILE A 105 14.50 1.80 -0.89
CA ILE A 105 14.62 0.42 -0.45
C ILE A 105 16.08 0.06 -0.19
N ASP A 106 16.97 0.56 -1.02
CA ASP A 106 18.40 0.32 -0.88
C ASP A 106 18.94 0.97 0.38
N THR A 107 18.35 2.09 0.76
CA THR A 107 18.82 2.82 1.92
C THR A 107 18.32 2.21 3.23
N LEU A 108 17.01 2.18 3.44
CA LEU A 108 16.48 1.67 4.70
C LEU A 108 15.52 0.52 4.50
N GLY A 109 15.04 0.34 3.28
CA GLY A 109 14.06 -0.69 3.01
C GLY A 109 14.50 -2.09 3.42
N SER A 110 15.44 -2.65 2.70
CA SER A 110 15.92 -4.00 2.97
C SER A 110 16.75 -4.05 4.26
N ARG A 111 17.09 -2.89 4.79
CA ARG A 111 17.90 -2.81 5.99
C ARG A 111 17.05 -2.89 7.25
N VAL A 112 16.06 -2.02 7.34
CA VAL A 112 15.20 -1.97 8.52
C VAL A 112 14.08 -3.01 8.42
N LEU A 113 13.32 -2.97 7.33
CA LEU A 113 12.23 -3.92 7.12
C LEU A 113 12.80 -5.33 7.02
N SER A 114 14.03 -5.40 6.48
CA SER A 114 14.84 -6.63 6.37
C SER A 114 14.03 -7.90 6.04
N ALA A 115 13.62 -8.63 7.07
CA ALA A 115 12.93 -9.91 6.92
C ALA A 115 11.60 -9.76 6.20
N LEU A 116 10.99 -8.58 6.29
CA LEU A 116 9.71 -8.36 5.64
C LEU A 116 9.86 -8.35 4.13
N LEU A 117 10.78 -7.55 3.63
CA LEU A 117 10.97 -7.43 2.18
C LEU A 117 11.37 -8.74 1.55
N ASN A 118 12.04 -9.59 2.34
CA ASN A 118 12.43 -10.92 1.87
C ASN A 118 11.19 -11.72 1.47
N GLY A 119 10.12 -11.53 2.22
CA GLY A 119 8.88 -12.20 1.90
C GLY A 119 8.04 -11.40 0.92
N VAL A 120 8.13 -10.07 1.02
CA VAL A 120 7.36 -9.17 0.14
C VAL A 120 7.71 -9.36 -1.33
N SER A 121 8.97 -9.73 -1.61
CA SER A 121 9.44 -9.93 -2.98
C SER A 121 8.47 -10.81 -3.80
N SER A 122 8.13 -11.97 -3.26
CA SER A 122 7.23 -12.88 -3.93
C SER A 122 5.76 -12.50 -3.65
N ALA A 123 5.56 -11.77 -2.57
CA ALA A 123 4.21 -11.42 -2.15
C ALA A 123 3.65 -10.20 -2.92
N ALA A 124 3.81 -9.02 -2.36
CA ALA A 124 3.23 -7.82 -2.94
C ALA A 124 4.07 -7.26 -4.07
N GLN A 125 5.38 -7.38 -3.94
CA GLN A 125 6.31 -6.86 -4.93
C GLN A 125 6.11 -7.56 -6.27
N GLY A 126 5.68 -8.82 -6.20
CA GLY A 126 5.47 -9.59 -7.39
C GLY A 126 4.26 -9.12 -8.18
N LEU A 127 3.11 -9.69 -7.89
CA LEU A 127 1.89 -9.37 -8.62
C LEU A 127 0.89 -8.65 -7.72
N GLY A 128 1.18 -8.59 -6.44
CA GLY A 128 0.27 -7.97 -5.51
C GLY A 128 -0.75 -8.97 -5.00
N ILE A 129 -0.49 -9.48 -3.81
CA ILE A 129 -1.36 -10.50 -3.22
C ILE A 129 -2.74 -9.95 -2.84
N ASN A 130 -3.76 -10.74 -3.11
CA ASN A 130 -5.11 -10.39 -2.75
C ASN A 130 -5.40 -10.92 -1.35
N VAL A 131 -6.03 -10.10 -0.53
CA VAL A 131 -6.34 -10.47 0.83
C VAL A 131 -7.51 -11.46 0.89
N ASP A 132 -7.46 -12.36 1.86
CA ASP A 132 -8.51 -13.37 2.06
C ASP A 132 -9.81 -12.74 2.37
N SER A 133 -9.69 -11.71 3.09
CA SER A 133 -10.77 -10.93 3.55
C SER A 133 -11.55 -10.41 2.37
N GLY A 134 -12.71 -10.98 2.17
CA GLY A 134 -13.59 -10.52 1.12
C GLY A 134 -13.92 -9.05 1.28
N SER A 135 -13.68 -8.54 2.48
CA SER A 135 -13.93 -7.14 2.77
C SER A 135 -12.98 -6.26 1.96
N VAL A 136 -11.76 -6.73 1.80
CA VAL A 136 -10.76 -6.01 1.04
C VAL A 136 -11.01 -6.20 -0.45
N GLN A 137 -11.15 -7.46 -0.83
CA GLN A 137 -11.32 -7.84 -2.22
C GLN A 137 -12.54 -7.20 -2.88
N SER A 138 -13.69 -7.30 -2.23
CA SER A 138 -14.92 -6.75 -2.79
C SER A 138 -14.87 -5.22 -2.89
N ASP A 139 -14.11 -4.59 -2.01
CA ASP A 139 -14.00 -3.14 -2.04
C ASP A 139 -13.02 -2.71 -3.13
N ILE A 140 -11.80 -3.25 -3.06
CA ILE A 140 -10.76 -2.89 -4.02
C ILE A 140 -11.20 -3.19 -5.45
N SER A 141 -11.97 -4.28 -5.62
CA SER A 141 -12.47 -4.67 -6.94
C SER A 141 -13.14 -3.50 -7.66
N SER A 142 -14.03 -2.82 -6.97
CA SER A 142 -14.74 -1.69 -7.54
C SER A 142 -13.95 -0.39 -7.41
N SER A 143 -13.33 -0.18 -6.25
CA SER A 143 -12.57 1.03 -5.98
C SER A 143 -11.43 1.24 -6.99
N SER A 144 -10.77 0.17 -7.38
CA SER A 144 -9.64 0.25 -8.33
C SER A 144 -10.10 0.73 -9.72
N SER A 145 -11.37 0.58 -10.01
CA SER A 145 -11.90 0.98 -11.30
C SER A 145 -12.19 2.49 -11.34
N PHE A 146 -12.99 2.96 -10.40
CA PHE A 146 -13.41 4.37 -10.37
C PHE A 146 -12.32 5.27 -9.78
N LEU A 147 -11.76 4.87 -8.65
CA LEU A 147 -10.79 5.68 -7.94
C LEU A 147 -9.38 5.53 -8.54
N SER A 148 -9.29 4.82 -9.67
CA SER A 148 -8.00 4.53 -10.33
C SER A 148 -7.15 5.79 -10.56
N THR A 149 -7.80 6.93 -10.73
CA THR A 149 -7.09 8.19 -10.93
C THR A 149 -8.02 9.36 -10.54
N SER A 150 -8.99 9.05 -9.67
CA SER A 150 -10.03 9.99 -9.27
C SER A 150 -9.48 11.31 -8.71
N SER A 151 -8.78 11.24 -7.60
CA SER A 151 -8.25 12.43 -6.96
C SER A 151 -6.90 12.83 -7.57
N SER A 152 -6.77 12.61 -8.86
CA SER A 152 -5.58 12.97 -9.58
C SER A 152 -5.97 13.70 -10.87
N SER A 153 -6.20 12.96 -11.93
CA SER A 153 -6.63 13.54 -13.19
C SER A 153 -7.36 12.49 -14.04
N ALA A 154 -8.37 11.84 -13.45
CA ALA A 154 -9.18 10.87 -14.18
C ALA A 154 -9.99 11.56 -15.25
N SER A 155 -10.23 12.82 -15.01
CA SER A 155 -10.88 13.67 -15.96
C SER A 155 -9.86 14.65 -16.52
N TYR A 156 -9.98 14.98 -17.77
CA TYR A 156 -9.07 15.92 -18.41
C TYR A 156 -9.13 17.27 -17.70
N SER A 157 -10.31 17.60 -17.19
CA SER A 157 -10.52 18.86 -16.49
C SER A 157 -9.79 18.88 -15.14
N GLN A 158 -9.28 17.72 -14.72
CA GLN A 158 -8.59 17.62 -13.44
C GLN A 158 -7.09 17.76 -13.65
N ALA A 159 -6.66 17.75 -14.91
CA ALA A 159 -5.26 17.92 -15.25
C ALA A 159 -4.86 19.37 -15.04
N SER A 160 -5.85 20.23 -15.05
CA SER A 160 -5.64 21.66 -14.85
C SER A 160 -5.84 22.02 -13.37
N ALA A 161 -5.42 21.11 -12.49
CA ALA A 161 -5.52 21.33 -11.06
C ALA A 161 -4.42 22.26 -10.58
N SER A 162 -4.60 22.84 -9.42
CA SER A 162 -3.64 23.76 -8.85
C SER A 162 -2.36 23.03 -8.40
N SER A 163 -1.41 22.94 -9.31
CA SER A 163 -0.14 22.31 -9.05
C SER A 163 0.99 23.14 -9.64
N THR A 164 0.68 24.39 -9.98
CA THR A 164 1.62 25.30 -10.59
C THR A 164 2.80 25.60 -9.64
N SER A 165 2.54 25.55 -8.36
CA SER A 165 3.55 25.82 -7.35
C SER A 165 4.42 24.57 -7.08
N GLY A 166 4.13 23.49 -7.81
CA GLY A 166 4.89 22.28 -7.64
C GLY A 166 4.15 21.29 -6.77
N ALA A 167 3.04 21.75 -6.17
CA ALA A 167 2.18 20.95 -5.29
C ALA A 167 2.83 20.65 -3.95
N GLY A 168 4.05 20.15 -3.97
CA GLY A 168 4.76 19.86 -2.75
C GLY A 168 4.41 18.50 -2.17
N TYR A 169 3.18 18.37 -1.69
CA TYR A 169 2.72 17.12 -1.12
C TYR A 169 2.47 16.09 -2.20
N THR A 170 1.55 16.40 -3.11
CA THR A 170 1.21 15.51 -4.22
C THR A 170 0.75 14.12 -3.72
N GLY A 171 -0.51 14.01 -3.35
CA GLY A 171 -1.04 12.74 -2.89
C GLY A 171 -1.61 12.81 -1.49
N PRO A 172 -0.75 12.77 -0.45
CA PRO A 172 -1.17 12.79 0.97
C PRO A 172 -2.09 13.95 1.29
N SER A 173 -1.75 15.11 0.79
CA SER A 173 -2.52 16.31 0.99
C SER A 173 -2.40 17.17 -0.26
N GLY A 174 -2.50 16.53 -1.41
CA GLY A 174 -2.34 17.23 -2.65
C GLY A 174 -3.28 16.72 -3.71
N PRO A 175 -3.15 17.21 -4.95
CA PRO A 175 -4.02 16.82 -6.06
C PRO A 175 -3.56 15.52 -6.72
N SER A 176 -2.59 14.85 -6.08
CA SER A 176 -2.03 13.59 -6.57
C SER A 176 -1.64 13.70 -8.04
N THR A 177 -1.01 14.83 -8.39
CA THR A 177 -0.63 15.10 -9.75
C THR A 177 0.35 14.05 -10.29
N GLY A 178 0.18 13.73 -11.56
CA GLY A 178 0.99 12.73 -12.22
C GLY A 178 0.15 12.03 -13.28
N PRO A 179 -0.22 12.76 -14.36
CA PRO A 179 -1.10 12.24 -15.40
C PRO A 179 -0.56 11.00 -16.10
N SER A 180 -1.26 9.89 -15.94
CA SER A 180 -0.88 8.65 -16.57
C SER A 180 -1.34 8.68 -18.04
N GLY A 181 -0.47 8.23 -18.94
CA GLY A 181 -0.80 8.23 -20.34
C GLY A 181 -0.43 9.53 -21.04
N TYR A 182 0.61 10.17 -20.55
CA TYR A 182 1.08 11.40 -21.13
C TYR A 182 2.59 11.36 -21.33
N PRO A 183 3.11 12.08 -22.34
CA PRO A 183 4.54 12.12 -22.61
C PRO A 183 5.26 13.08 -21.68
N GLY A 184 6.46 12.70 -21.28
CA GLY A 184 7.24 13.53 -20.39
C GLY A 184 6.83 13.39 -18.94
N PRO A 185 7.05 12.21 -18.33
CA PRO A 185 6.71 11.96 -16.93
C PRO A 185 7.64 12.71 -15.98
N LEU A 186 7.32 12.62 -14.69
CA LEU A 186 8.07 13.28 -13.61
C LEU A 186 7.99 14.81 -13.74
N GLY A 187 7.01 15.29 -14.50
CA GLY A 187 6.81 16.70 -14.67
C GLY A 187 5.53 17.14 -14.00
N GLY A 188 5.64 17.94 -12.96
CA GLY A 188 4.48 18.32 -12.19
C GLY A 188 4.13 17.22 -11.22
N GLY A 189 3.78 16.07 -11.77
CA GLY A 189 3.54 14.90 -10.98
C GLY A 189 4.72 13.99 -11.10
N ALA A 190 5.25 13.56 -9.98
CA ALA A 190 6.46 12.77 -9.99
C ALA A 190 6.33 11.36 -9.39
N PRO A 191 5.78 11.19 -8.17
CA PRO A 191 5.80 9.90 -7.47
C PRO A 191 4.97 8.80 -8.13
N PHE A 192 4.55 9.03 -9.36
CA PHE A 192 3.76 8.04 -10.07
C PHE A 192 4.66 7.15 -10.95
N GLY A 193 5.93 7.51 -11.03
CA GLY A 193 6.88 6.74 -11.81
C GLY A 193 8.30 7.08 -11.43
N GLN A 194 8.65 6.80 -10.20
CA GLN A 194 9.94 7.19 -9.65
C GLN A 194 11.05 6.27 -10.12
N SER A 195 10.73 5.01 -10.32
CA SER A 195 11.70 4.05 -10.79
C SER A 195 11.80 4.09 -12.31
N GLY A 196 11.35 5.19 -12.89
CA GLY A 196 11.34 5.32 -14.33
C GLY A 196 10.20 4.53 -14.91
N PHE A 197 9.21 4.27 -14.06
CA PHE A 197 8.05 3.49 -14.43
C PHE A 197 7.18 4.27 -15.41
N GLY A 198 6.75 3.60 -16.45
CA GLY A 198 5.89 4.23 -17.44
C GLY A 198 6.67 5.00 -18.48
N GLY A 199 6.04 5.29 -19.60
CA GLY A 199 6.69 6.03 -20.63
C GLY A 199 5.85 6.09 -21.88
N ALA A 1 2.57 -4.82 15.27
CA ALA A 1 2.28 -5.56 16.51
C ALA A 1 3.56 -6.09 17.13
N GLY A 2 4.29 -6.93 16.40
CA GLY A 2 5.50 -7.48 16.93
C GLY A 2 6.50 -7.79 15.84
N PRO A 3 7.54 -6.96 15.69
CA PRO A 3 8.59 -7.17 14.69
C PRO A 3 9.52 -8.32 15.09
N GLN A 4 10.49 -8.61 14.24
CA GLN A 4 11.40 -9.69 14.49
C GLN A 4 12.60 -9.18 15.29
N GLY A 5 13.19 -10.05 16.10
CA GLY A 5 14.31 -9.67 16.92
C GLY A 5 15.50 -9.21 16.10
N GLY A 6 15.65 -7.90 15.99
CA GLY A 6 16.75 -7.34 15.24
C GLY A 6 16.33 -6.87 13.87
N PHE A 7 15.06 -7.10 13.54
CA PHE A 7 14.52 -6.69 12.26
C PHE A 7 13.15 -6.04 12.45
N GLY A 8 13.17 -4.75 12.68
CA GLY A 8 11.94 -4.00 12.89
C GLY A 8 11.37 -3.47 11.59
N ALA A 9 10.10 -3.72 11.37
CA ALA A 9 9.44 -3.29 10.15
C ALA A 9 8.92 -1.86 10.30
N THR A 10 8.22 -1.39 9.26
CA THR A 10 7.66 -0.03 9.19
C THR A 10 8.72 1.05 9.48
N GLY A 11 9.42 1.47 8.42
CA GLY A 11 10.47 2.46 8.55
C GLY A 11 9.92 3.86 8.76
N GLY A 12 10.78 4.76 9.21
CA GLY A 12 10.35 6.11 9.49
C GLY A 12 10.43 7.02 8.27
N ALA A 13 11.48 6.87 7.49
CA ALA A 13 11.66 7.71 6.30
C ALA A 13 10.61 7.38 5.24
N SER A 14 10.40 6.10 5.01
CA SER A 14 9.41 5.66 4.05
C SER A 14 7.99 5.98 4.53
N ALA A 15 7.83 6.16 5.84
CA ALA A 15 6.51 6.43 6.44
C ALA A 15 5.91 7.73 5.91
N GLY A 16 6.73 8.58 5.34
CA GLY A 16 6.24 9.82 4.78
C GLY A 16 5.81 9.64 3.33
N LEU A 17 6.58 8.87 2.59
CA LEU A 17 6.32 8.67 1.16
C LEU A 17 5.29 7.57 0.87
N ILE A 18 5.10 6.65 1.82
CA ILE A 18 4.19 5.50 1.64
C ILE A 18 2.83 5.88 1.01
N SER A 19 2.20 6.91 1.54
CA SER A 19 0.92 7.33 1.03
C SER A 19 1.06 8.27 -0.16
N ARG A 20 2.23 8.87 -0.29
CA ARG A 20 2.48 9.86 -1.32
C ARG A 20 2.92 9.27 -2.67
N VAL A 21 3.53 8.10 -2.65
CA VAL A 21 4.06 7.53 -3.90
C VAL A 21 2.96 6.99 -4.85
N ALA A 22 2.86 5.66 -4.95
CA ALA A 22 1.93 5.05 -5.89
C ALA A 22 0.52 5.04 -5.37
N ASN A 23 0.36 4.86 -4.07
CA ASN A 23 -0.95 4.79 -3.46
C ASN A 23 -1.71 6.12 -3.54
N ALA A 24 -0.98 7.21 -3.65
CA ALA A 24 -1.60 8.53 -3.78
C ALA A 24 -2.39 8.62 -5.07
N LEU A 25 -1.78 8.15 -6.15
CA LEU A 25 -2.42 8.16 -7.45
C LEU A 25 -3.37 6.98 -7.60
N ALA A 26 -3.18 5.98 -6.76
CA ALA A 26 -4.05 4.81 -6.76
C ALA A 26 -5.41 5.19 -6.19
N ASN A 27 -5.38 6.05 -5.16
CA ASN A 27 -6.58 6.58 -4.52
C ASN A 27 -7.49 5.46 -3.98
N THR A 28 -6.93 4.27 -3.85
CA THR A 28 -7.66 3.11 -3.39
C THR A 28 -7.88 3.18 -1.86
N SER A 29 -8.74 2.32 -1.35
CA SER A 29 -9.08 2.29 0.08
C SER A 29 -7.95 1.74 0.95
N THR A 30 -6.96 1.09 0.33
CA THR A 30 -5.83 0.49 1.05
C THR A 30 -5.18 1.47 2.05
N LEU A 31 -4.80 2.62 1.55
CA LEU A 31 -4.16 3.64 2.38
C LEU A 31 -5.19 4.38 3.23
N ARG A 32 -6.44 4.31 2.80
CA ARG A 32 -7.52 5.03 3.45
C ARG A 32 -7.97 4.37 4.75
N THR A 33 -8.29 3.08 4.71
CA THR A 33 -8.81 2.40 5.91
C THR A 33 -8.88 0.88 5.77
N VAL A 34 -8.86 0.39 4.56
CA VAL A 34 -8.91 -1.04 4.31
C VAL A 34 -7.50 -1.63 4.33
N LEU A 35 -7.35 -2.76 4.99
CA LEU A 35 -6.06 -3.44 5.08
C LEU A 35 -5.47 -3.71 3.70
N ARG A 36 -4.15 -3.71 3.62
CA ARG A 36 -3.47 -3.89 2.35
C ARG A 36 -3.50 -5.34 1.90
N THR A 37 -3.20 -5.56 0.65
CA THR A 37 -3.13 -6.88 0.11
C THR A 37 -1.86 -7.56 0.55
N GLY A 38 -2.00 -8.53 1.42
CA GLY A 38 -0.86 -9.23 1.92
C GLY A 38 -0.34 -8.67 3.20
N VAL A 39 -1.26 -8.24 4.08
CA VAL A 39 -0.90 -7.78 5.42
C VAL A 39 0.05 -8.79 6.09
N SER A 40 1.20 -8.29 6.52
CA SER A 40 2.26 -9.13 7.02
C SER A 40 2.13 -9.47 8.51
N GLN A 41 2.92 -10.44 8.96
CA GLN A 41 2.91 -10.89 10.36
C GLN A 41 3.48 -9.83 11.30
N GLN A 42 4.13 -8.82 10.74
CA GLN A 42 4.69 -7.76 11.56
C GLN A 42 3.57 -7.02 12.29
N ILE A 43 2.61 -6.54 11.53
CA ILE A 43 1.46 -5.84 12.09
C ILE A 43 0.36 -6.81 12.52
N ALA A 44 0.23 -7.93 11.80
CA ALA A 44 -0.81 -8.92 12.11
C ALA A 44 -0.43 -9.78 13.31
N SER A 45 0.66 -10.51 13.15
CA SER A 45 1.30 -11.36 14.21
C SER A 45 0.50 -12.60 14.64
N SER A 46 -0.82 -12.53 14.59
CA SER A 46 -1.64 -13.64 15.03
C SER A 46 -1.48 -14.88 14.15
N VAL A 47 -2.06 -14.83 12.96
CA VAL A 47 -1.99 -15.97 12.03
C VAL A 47 -1.70 -15.53 10.60
N VAL A 48 -2.09 -14.32 10.26
CA VAL A 48 -1.91 -13.80 8.93
C VAL A 48 -0.49 -13.30 8.72
N GLN A 49 0.34 -14.10 8.07
CA GLN A 49 1.70 -13.68 7.75
C GLN A 49 1.69 -12.84 6.50
N ARG A 50 0.81 -13.17 5.57
CA ARG A 50 0.68 -12.42 4.35
C ARG A 50 -0.70 -12.63 3.70
N ALA A 51 -1.58 -13.38 4.38
CA ALA A 51 -2.91 -13.75 3.84
C ALA A 51 -2.76 -14.71 2.66
N ALA A 52 -1.96 -14.33 1.67
CA ALA A 52 -1.68 -15.16 0.52
C ALA A 52 -0.97 -16.42 0.95
N GLN A 53 -1.39 -17.53 0.37
CA GLN A 53 -0.94 -18.87 0.74
C GLN A 53 0.57 -19.04 0.75
N SER A 54 1.27 -18.25 -0.05
CA SER A 54 2.72 -18.37 -0.12
C SER A 54 3.39 -18.10 1.22
N LEU A 55 3.32 -16.88 1.69
CA LEU A 55 3.96 -16.51 2.94
C LEU A 55 3.05 -16.76 4.15
N ALA A 56 1.73 -16.76 3.93
CA ALA A 56 0.76 -16.91 5.02
C ALA A 56 0.61 -18.33 5.51
N SER A 57 1.01 -19.30 4.71
CA SER A 57 0.84 -20.69 5.07
C SER A 57 1.64 -21.04 6.34
N THR A 58 1.00 -20.84 7.48
CA THR A 58 1.57 -21.14 8.76
C THR A 58 0.84 -22.31 9.41
N LEU A 59 -0.46 -22.40 9.12
CA LEU A 59 -1.29 -23.48 9.64
C LEU A 59 -1.92 -24.24 8.48
N GLY A 60 -1.34 -24.10 7.30
CA GLY A 60 -1.90 -24.71 6.12
C GLY A 60 -3.02 -23.86 5.54
N VAL A 61 -2.66 -22.70 5.03
CA VAL A 61 -3.63 -21.75 4.52
C VAL A 61 -3.91 -21.99 3.04
N ASP A 62 -5.16 -22.27 2.73
CA ASP A 62 -5.59 -22.50 1.36
C ASP A 62 -7.11 -22.56 1.31
N GLY A 63 -7.74 -21.40 1.24
CA GLY A 63 -9.19 -21.31 1.17
C GLY A 63 -9.84 -21.44 2.54
N ASN A 64 -9.39 -22.44 3.31
CA ASN A 64 -9.92 -22.74 4.63
C ASN A 64 -9.88 -21.52 5.58
N ASN A 65 -8.74 -21.27 6.20
CA ASN A 65 -8.57 -20.12 7.09
C ASN A 65 -8.14 -18.90 6.31
N LEU A 66 -8.46 -18.91 5.02
CA LEU A 66 -8.12 -17.82 4.13
C LEU A 66 -9.18 -16.74 4.14
N ALA A 67 -10.38 -17.08 3.65
CA ALA A 67 -11.49 -16.13 3.61
C ALA A 67 -12.06 -15.93 4.99
N ARG A 68 -11.98 -16.97 5.79
CA ARG A 68 -12.49 -16.95 7.14
C ARG A 68 -11.32 -16.99 8.10
N PHE A 69 -11.58 -16.69 9.36
CA PHE A 69 -10.54 -16.69 10.42
C PHE A 69 -9.50 -15.58 10.22
N ALA A 70 -8.78 -15.60 9.11
CA ALA A 70 -7.74 -14.61 8.80
C ALA A 70 -8.30 -13.19 8.86
N VAL A 71 -9.28 -12.92 8.00
CA VAL A 71 -9.93 -11.61 7.94
C VAL A 71 -10.59 -11.30 9.27
N GLN A 72 -11.19 -12.30 9.88
CA GLN A 72 -11.88 -12.09 11.14
C GLN A 72 -10.91 -11.72 12.28
N ALA A 73 -9.72 -12.28 12.24
CA ALA A 73 -8.71 -12.00 13.27
C ALA A 73 -8.17 -10.57 13.14
N VAL A 74 -7.81 -10.18 11.93
CA VAL A 74 -7.28 -8.85 11.69
C VAL A 74 -8.36 -7.79 11.85
N SER A 75 -9.57 -8.12 11.46
CA SER A 75 -10.68 -7.19 11.56
C SER A 75 -11.12 -7.04 13.03
N ARG A 76 -10.81 -8.06 13.84
CA ARG A 76 -11.12 -8.04 15.27
C ARG A 76 -9.98 -7.35 16.04
N LEU A 77 -8.85 -7.20 15.38
CA LEU A 77 -7.70 -6.58 15.98
C LEU A 77 -7.91 -5.08 16.11
N PRO A 78 -7.80 -4.53 17.32
CA PRO A 78 -7.99 -3.10 17.58
C PRO A 78 -6.76 -2.27 17.22
N ALA A 79 -6.98 -0.99 16.97
CA ALA A 79 -5.92 -0.06 16.65
C ALA A 79 -5.86 1.05 17.69
N GLY A 80 -4.73 1.17 18.35
CA GLY A 80 -4.61 2.13 19.45
C GLY A 80 -4.58 3.57 18.99
N SER A 81 -3.60 3.90 18.18
CA SER A 81 -3.42 5.26 17.73
C SER A 81 -4.36 5.60 16.57
N ASP A 82 -4.22 4.87 15.47
CA ASP A 82 -5.03 5.12 14.29
C ASP A 82 -5.16 3.84 13.49
N THR A 83 -6.16 3.79 12.62
CA THR A 83 -6.38 2.63 11.78
C THR A 83 -5.28 2.55 10.71
N SER A 84 -4.82 3.71 10.23
CA SER A 84 -3.80 3.79 9.19
C SER A 84 -2.43 3.31 9.71
N ALA A 85 -2.29 3.25 11.05
CA ALA A 85 -1.05 2.81 11.69
C ALA A 85 -0.68 1.39 11.28
N TYR A 86 -1.66 0.66 10.81
CA TYR A 86 -1.47 -0.69 10.35
C TYR A 86 -0.71 -0.69 9.01
N ALA A 87 -0.78 -1.79 8.31
CA ALA A 87 -0.11 -1.92 7.02
C ALA A 87 -0.86 -1.20 5.91
N GLN A 88 -1.74 -0.30 6.29
CA GLN A 88 -2.59 0.41 5.34
C GLN A 88 -1.84 1.55 4.69
N ALA A 89 -1.32 2.46 5.50
CA ALA A 89 -0.57 3.58 4.98
C ALA A 89 0.71 3.10 4.31
N PHE A 90 1.30 2.06 4.88
CA PHE A 90 2.56 1.49 4.37
C PHE A 90 2.30 0.53 3.20
N SER A 91 1.09 0.57 2.67
CA SER A 91 0.71 -0.34 1.60
C SER A 91 1.60 -0.20 0.36
N SER A 92 1.90 1.03 -0.05
CA SER A 92 2.67 1.26 -1.27
C SER A 92 4.08 0.67 -1.19
N ALA A 93 4.73 0.83 -0.04
CA ALA A 93 6.09 0.34 0.13
C ALA A 93 6.14 -1.18 0.20
N LEU A 94 5.12 -1.78 0.79
CA LEU A 94 5.06 -3.22 0.95
C LEU A 94 4.49 -3.89 -0.30
N PHE A 95 3.79 -3.12 -1.12
CA PHE A 95 3.20 -3.62 -2.34
C PHE A 95 4.20 -3.58 -3.47
N ASN A 96 5.01 -2.53 -3.47
CA ASN A 96 6.04 -2.31 -4.49
C ASN A 96 5.43 -2.29 -5.88
N ALA A 97 4.87 -1.15 -6.25
CA ALA A 97 4.21 -0.98 -7.54
C ALA A 97 5.23 -0.83 -8.67
N GLY A 98 6.50 -0.62 -8.31
CA GLY A 98 7.54 -0.44 -9.31
C GLY A 98 7.67 1.00 -9.73
N VAL A 99 6.70 1.81 -9.35
CA VAL A 99 6.67 3.22 -9.69
C VAL A 99 7.41 4.02 -8.63
N LEU A 100 7.64 3.39 -7.48
CA LEU A 100 8.30 4.04 -6.37
C LEU A 100 9.79 3.96 -6.51
N ASN A 101 10.49 4.82 -5.79
CA ASN A 101 11.93 4.85 -5.81
C ASN A 101 12.51 3.60 -5.19
N ALA A 102 13.04 2.74 -6.03
CA ALA A 102 13.63 1.49 -5.59
C ALA A 102 14.90 1.73 -4.80
N SER A 103 15.44 2.93 -4.91
CA SER A 103 16.65 3.29 -4.21
C SER A 103 16.34 3.51 -2.74
N ASN A 104 15.10 3.89 -2.45
CA ASN A 104 14.67 4.11 -1.08
C ASN A 104 14.56 2.77 -0.38
N ILE A 105 14.15 1.76 -1.13
CA ILE A 105 14.09 0.39 -0.63
C ILE A 105 15.49 -0.10 -0.32
N ASP A 106 16.44 0.36 -1.13
CA ASP A 106 17.84 0.05 -0.93
C ASP A 106 18.38 0.82 0.28
N THR A 107 17.83 2.02 0.50
CA THR A 107 18.28 2.90 1.57
C THR A 107 17.94 2.34 2.94
N LEU A 108 16.65 2.20 3.23
CA LEU A 108 16.22 1.76 4.54
C LEU A 108 15.40 0.49 4.50
N GLY A 109 14.82 0.20 3.35
CA GLY A 109 13.98 -0.97 3.22
C GLY A 109 14.69 -2.25 3.62
N SER A 110 15.70 -2.61 2.86
CA SER A 110 16.44 -3.85 3.11
C SER A 110 17.31 -3.73 4.37
N ARG A 111 17.45 -2.51 4.87
CA ARG A 111 18.26 -2.29 6.06
C ARG A 111 17.45 -2.47 7.33
N VAL A 112 16.42 -1.66 7.50
CA VAL A 112 15.61 -1.66 8.70
C VAL A 112 14.60 -2.80 8.69
N LEU A 113 13.76 -2.84 7.65
CA LEU A 113 12.71 -3.85 7.54
C LEU A 113 13.33 -5.25 7.47
N SER A 114 14.22 -5.43 6.51
CA SER A 114 14.97 -6.67 6.31
C SER A 114 14.05 -7.90 6.16
N ALA A 115 13.68 -8.51 7.30
CA ALA A 115 12.86 -9.72 7.31
C ALA A 115 11.54 -9.52 6.58
N LEU A 116 11.02 -8.31 6.66
CA LEU A 116 9.78 -8.00 5.99
C LEU A 116 9.95 -8.05 4.49
N LEU A 117 10.99 -7.39 3.97
CA LEU A 117 11.21 -7.35 2.53
C LEU A 117 11.59 -8.71 2.00
N ASN A 118 12.15 -9.56 2.85
CA ASN A 118 12.45 -10.93 2.44
C ASN A 118 11.17 -11.65 2.07
N GLY A 119 10.10 -11.34 2.80
CA GLY A 119 8.82 -11.93 2.53
C GLY A 119 8.03 -11.14 1.49
N VAL A 120 8.44 -9.90 1.27
CA VAL A 120 7.77 -9.04 0.29
C VAL A 120 8.30 -9.24 -1.14
N SER A 121 9.62 -9.34 -1.27
CA SER A 121 10.30 -9.37 -2.56
C SER A 121 9.77 -10.46 -3.53
N SER A 122 9.87 -11.71 -3.14
CA SER A 122 9.45 -12.79 -4.02
C SER A 122 7.93 -12.90 -4.06
N ALA A 123 7.28 -12.42 -3.01
CA ALA A 123 5.84 -12.51 -2.91
C ALA A 123 5.13 -11.37 -3.65
N ALA A 124 5.05 -10.21 -3.04
CA ALA A 124 4.30 -9.08 -3.60
C ALA A 124 4.99 -8.47 -4.79
N GLN A 125 6.28 -8.26 -4.69
CA GLN A 125 7.04 -7.67 -5.77
C GLN A 125 7.17 -8.67 -6.91
N GLY A 126 7.28 -9.94 -6.56
CA GLY A 126 7.44 -10.98 -7.55
C GLY A 126 6.18 -11.32 -8.31
N LEU A 127 5.16 -11.81 -7.62
CA LEU A 127 3.94 -12.27 -8.28
C LEU A 127 2.77 -11.34 -8.03
N GLY A 128 2.82 -10.61 -6.93
CA GLY A 128 1.73 -9.72 -6.62
C GLY A 128 0.71 -10.41 -5.76
N ILE A 129 0.82 -10.20 -4.47
CA ILE A 129 -0.04 -10.86 -3.52
C ILE A 129 -1.39 -10.19 -3.40
N ASN A 130 -2.42 -11.00 -3.37
CA ASN A 130 -3.78 -10.55 -3.23
C ASN A 130 -4.52 -11.40 -2.21
N VAL A 131 -5.30 -10.74 -1.38
CA VAL A 131 -6.10 -11.44 -0.39
C VAL A 131 -7.37 -11.98 -1.05
N ASP A 132 -7.96 -13.01 -0.46
CA ASP A 132 -9.16 -13.64 -1.00
C ASP A 132 -10.32 -12.63 -1.09
N SER A 133 -11.38 -13.02 -1.77
CA SER A 133 -12.52 -12.16 -2.02
C SER A 133 -13.40 -11.93 -0.78
N GLY A 134 -12.78 -11.79 0.38
CA GLY A 134 -13.54 -11.49 1.57
C GLY A 134 -13.94 -10.04 1.59
N SER A 135 -13.15 -9.21 2.22
CA SER A 135 -13.39 -7.78 2.24
C SER A 135 -12.40 -7.06 1.34
N VAL A 136 -11.14 -7.47 1.42
CA VAL A 136 -10.03 -6.81 0.73
C VAL A 136 -10.30 -6.64 -0.76
N GLN A 137 -10.45 -7.75 -1.44
CA GLN A 137 -10.63 -7.77 -2.88
C GLN A 137 -11.87 -6.97 -3.29
N SER A 138 -12.93 -7.06 -2.50
CA SER A 138 -14.16 -6.36 -2.79
C SER A 138 -13.95 -4.84 -2.70
N ASP A 139 -13.33 -4.40 -1.61
CA ASP A 139 -13.07 -2.99 -1.38
C ASP A 139 -12.14 -2.41 -2.43
N ILE A 140 -11.08 -3.14 -2.75
CA ILE A 140 -10.09 -2.66 -3.71
C ILE A 140 -10.59 -2.76 -5.14
N SER A 141 -11.45 -3.73 -5.43
CA SER A 141 -11.96 -3.94 -6.78
C SER A 141 -12.64 -2.67 -7.32
N SER A 142 -13.47 -2.08 -6.49
CA SER A 142 -14.19 -0.88 -6.88
C SER A 142 -13.33 0.38 -6.73
N SER A 143 -12.59 0.45 -5.63
CA SER A 143 -11.76 1.61 -5.31
C SER A 143 -10.56 1.76 -6.26
N SER A 144 -10.18 0.69 -6.92
CA SER A 144 -9.05 0.72 -7.85
C SER A 144 -9.36 1.51 -9.13
N SER A 145 -10.65 1.75 -9.38
CA SER A 145 -11.08 2.50 -10.57
C SER A 145 -10.33 3.85 -10.71
N PHE A 146 -9.83 4.37 -9.59
CA PHE A 146 -9.09 5.62 -9.58
C PHE A 146 -7.75 5.53 -10.31
N LEU A 147 -7.35 4.32 -10.68
CA LEU A 147 -6.10 4.14 -11.44
C LEU A 147 -6.19 4.88 -12.77
N SER A 148 -7.39 5.25 -13.17
CA SER A 148 -7.60 6.03 -14.37
C SER A 148 -7.00 7.43 -14.19
N THR A 149 -7.06 7.92 -12.96
CA THR A 149 -6.57 9.22 -12.60
C THR A 149 -5.04 9.22 -12.54
N SER A 150 -4.48 8.06 -12.26
CA SER A 150 -3.05 7.94 -12.08
C SER A 150 -2.30 8.29 -13.37
N SER A 151 -3.01 8.30 -14.49
CA SER A 151 -2.41 8.61 -15.77
C SER A 151 -2.93 9.94 -16.34
N SER A 152 -4.09 10.40 -15.88
CA SER A 152 -4.66 11.64 -16.37
C SER A 152 -5.76 12.15 -15.44
N SER A 153 -5.89 13.47 -15.35
CA SER A 153 -6.92 14.09 -14.52
C SER A 153 -8.27 14.08 -15.22
N ALA A 154 -8.84 12.90 -15.36
CA ALA A 154 -10.13 12.74 -16.04
C ALA A 154 -11.25 13.43 -15.28
N SER A 155 -11.10 13.53 -13.97
CA SER A 155 -12.11 14.14 -13.11
C SER A 155 -12.29 15.64 -13.40
N TYR A 156 -11.20 16.31 -13.73
CA TYR A 156 -11.25 17.74 -14.04
C TYR A 156 -10.89 18.00 -15.49
N SER A 157 -10.90 16.93 -16.29
CA SER A 157 -10.59 17.00 -17.72
C SER A 157 -9.23 17.67 -17.97
N GLN A 158 -8.29 17.47 -17.03
CA GLN A 158 -6.92 18.03 -17.06
C GLN A 158 -6.91 19.54 -17.37
N ALA A 159 -7.98 20.22 -17.01
CA ALA A 159 -8.07 21.65 -17.24
C ALA A 159 -7.47 22.43 -16.08
N SER A 160 -8.23 22.59 -15.01
CA SER A 160 -7.76 23.31 -13.85
C SER A 160 -8.23 22.62 -12.58
N ALA A 161 -7.28 22.18 -11.77
CA ALA A 161 -7.59 21.51 -10.53
C ALA A 161 -6.89 22.19 -9.38
N SER A 162 -6.53 23.47 -9.59
CA SER A 162 -5.82 24.29 -8.61
C SER A 162 -4.58 23.57 -8.07
N SER A 163 -3.95 22.79 -8.92
CA SER A 163 -2.81 22.00 -8.54
C SER A 163 -1.50 22.74 -8.77
N THR A 164 -0.73 22.86 -7.71
CA THR A 164 0.58 23.46 -7.76
C THR A 164 1.47 22.77 -6.74
N SER A 165 2.20 21.74 -7.18
CA SER A 165 3.03 20.92 -6.29
C SER A 165 2.16 20.21 -5.26
N GLY A 166 0.88 20.11 -5.57
CA GLY A 166 -0.08 19.50 -4.69
C GLY A 166 -1.33 20.35 -4.63
N ALA A 167 -2.20 20.06 -3.69
CA ALA A 167 -3.43 20.82 -3.54
C ALA A 167 -3.61 21.24 -2.10
N GLY A 168 -4.44 22.25 -1.90
CA GLY A 168 -4.71 22.72 -0.56
C GLY A 168 -5.74 21.88 0.14
N TYR A 169 -6.67 21.33 -0.63
CA TYR A 169 -7.72 20.48 -0.09
C TYR A 169 -7.18 19.09 0.23
N THR A 170 -6.18 18.66 -0.53
CA THR A 170 -5.55 17.37 -0.34
C THR A 170 -4.11 17.43 -0.85
N GLY A 171 -3.19 16.85 -0.10
CA GLY A 171 -1.78 16.92 -0.46
C GLY A 171 -1.39 16.21 -1.76
N PRO A 172 -0.99 14.93 -1.68
CA PRO A 172 -0.50 14.17 -2.85
C PRO A 172 -1.62 13.51 -3.67
N SER A 173 -2.84 13.96 -3.48
CA SER A 173 -3.96 13.37 -4.18
C SER A 173 -5.16 14.31 -4.11
N GLY A 174 -6.34 13.79 -4.36
CA GLY A 174 -7.53 14.60 -4.30
C GLY A 174 -8.01 15.03 -5.67
N PRO A 175 -7.81 16.31 -6.03
CA PRO A 175 -8.24 16.85 -7.32
C PRO A 175 -7.30 16.44 -8.47
N SER A 176 -6.85 15.19 -8.44
CA SER A 176 -5.95 14.63 -9.46
C SER A 176 -4.74 15.53 -9.71
N THR A 177 -4.17 16.04 -8.63
CA THR A 177 -3.01 16.92 -8.72
C THR A 177 -1.73 16.12 -8.85
N GLY A 178 -1.18 16.08 -10.05
CA GLY A 178 0.06 15.38 -10.29
C GLY A 178 -0.15 13.99 -10.85
N PRO A 179 -0.74 13.86 -12.06
CA PRO A 179 -0.95 12.57 -12.69
C PRO A 179 0.33 12.06 -13.33
N SER A 180 0.45 10.76 -13.45
CA SER A 180 1.66 10.18 -14.02
C SER A 180 1.40 9.63 -15.43
N GLY A 181 2.39 8.99 -16.02
CA GLY A 181 2.22 8.41 -17.33
C GLY A 181 2.85 9.25 -18.43
N TYR A 182 2.34 10.45 -18.60
CA TYR A 182 2.84 11.34 -19.65
C TYR A 182 4.15 11.99 -19.22
N PRO A 183 4.98 12.46 -20.18
CA PRO A 183 6.26 13.12 -19.90
C PRO A 183 6.10 14.24 -18.88
N GLY A 184 6.87 14.17 -17.82
CA GLY A 184 6.77 15.14 -16.76
C GLY A 184 5.64 14.81 -15.80
N PRO A 185 5.69 13.64 -15.12
CA PRO A 185 4.64 13.21 -14.18
C PRO A 185 4.52 14.14 -12.98
N LEU A 186 5.60 14.86 -12.70
CA LEU A 186 5.60 15.77 -11.58
C LEU A 186 5.13 17.16 -12.04
N GLY A 187 4.71 17.24 -13.30
CA GLY A 187 4.25 18.49 -13.86
C GLY A 187 2.97 18.98 -13.21
N GLY A 188 2.11 18.04 -12.86
CA GLY A 188 0.85 18.39 -12.21
C GLY A 188 1.04 18.70 -10.73
N GLY A 189 2.22 18.37 -10.21
CA GLY A 189 2.50 18.62 -8.81
C GLY A 189 2.51 17.35 -7.99
N ALA A 190 3.15 16.32 -8.51
CA ALA A 190 3.23 15.04 -7.82
C ALA A 190 4.53 14.93 -7.03
N PRO A 191 4.55 14.14 -5.94
CA PRO A 191 5.75 13.91 -5.14
C PRO A 191 6.85 13.23 -5.96
N PHE A 192 8.10 13.54 -5.64
CA PHE A 192 9.23 12.99 -6.38
C PHE A 192 9.58 11.57 -5.91
N GLY A 193 8.60 10.89 -5.32
CA GLY A 193 8.82 9.54 -4.86
C GLY A 193 8.74 8.53 -6.00
N GLN A 194 8.44 9.04 -7.20
CA GLN A 194 8.35 8.21 -8.38
C GLN A 194 9.73 8.02 -8.99
N SER A 195 9.93 6.88 -9.64
CA SER A 195 11.20 6.58 -10.31
C SER A 195 11.18 7.03 -11.77
N GLY A 196 10.25 7.89 -12.10
CA GLY A 196 10.13 8.39 -13.45
C GLY A 196 8.87 7.90 -14.10
N PHE A 197 8.83 6.59 -14.34
CA PHE A 197 7.66 5.91 -14.93
C PHE A 197 7.42 6.31 -16.39
N GLY A 198 7.05 7.56 -16.61
CA GLY A 198 6.76 8.02 -17.95
C GLY A 198 8.00 8.44 -18.71
N GLY A 199 8.78 7.47 -19.14
CA GLY A 199 9.97 7.76 -19.90
C GLY A 199 11.07 6.77 -19.61
#